data_7JSX
#
_entry.id   7JSX
#
loop_
_entity.id
_entity.type
_entity.pdbx_description
1 polymer 'Ribulose bisphosphate carboxylase large chain'
2 polymer 'Ribulose bisphosphate carboxylase small chain 2, chloroplastic'
3 polymer EPYC1
4 water water
#
loop_
_entity_poly.entity_id
_entity_poly.type
_entity_poly.pdbx_seq_one_letter_code
_entity_poly.pdbx_strand_id
1 'polypeptide(L)'
;MVPQTETKAGAGFKAGVKDYRLTYYTPDYVVRDTDILAAFRMTPQPGVPPEECGAAVAAESSTGTWTTVWTDGLTSLDRY
KGRCYDIEPVPGEDNQYIAYVAYPIDLFEEGSVTNMFTSIVGNVFGFKALRALRLEDLRIPPAYVKTFVGPPHGIQVERD
KLNKYGRGLLGCTIKPKLGLSAKNYGRAVYECLRGGLDFTKDDENVNSQPFMRWRDRFLFVAEAIYKAQAETGEVKGHYL
NATAGTCEEMMKRAV(SMC)AKELGVPIIMHDYLTGGFTANTSLAIYCRDNGLLLHIHRAMHAVIDRQRNHGIHFRVLAK
ALRMSGGDHLHSGTVVGKLEGEREVTLGFVDLMRDDYVEKDRSRGIYFTQDWCSMPGVMPVASGGIHVWHMPALVEIFGD
DACLQFGGGTLGHPWGNAPGAAANRVALEACTQARNEGRDLAREGGDVIRSACKWSPELAAACEVWKEIKFEFDTIDKL
;
A,C,E,G,I,K,M,O
2 'polypeptide(L)'
;MAAVIAKSSVSAAVARPARSSVRPMAALKPAVKAAPVAAPAQANQMMVWTPVNNKMFETFSYLPPLSDEQIAAQVDYIVA
NGWIPCLEFAESDKAYVSNESAIRFGSVSCLYYDNRYWTMWKLPMFGCRDPMQVLREIVACTKAFPDAYVRLVAFDNQKQ
VQIMGFLVQRPKSARDWQPANKRSV
;
B,D,F,H,J,L,N,P
3 'polypeptide(L)' RSSSASKKAVTPSRSALPSNWKQELESLRS q,r,s,t,u,v,w,x
#
# COMPACT_ATOMS: atom_id res chain seq x y z
N LYS A 18 -2.86 49.35 -12.25
CA LYS A 18 -4.24 48.97 -12.54
C LYS A 18 -4.97 49.89 -13.52
N ASP A 19 -4.99 49.49 -14.81
CA ASP A 19 -5.70 50.20 -15.88
C ASP A 19 -5.22 51.64 -15.99
N TYR A 20 -3.93 51.79 -16.30
CA TYR A 20 -3.37 53.12 -16.44
C TYR A 20 -3.67 53.66 -17.82
N ARG A 21 -4.04 52.74 -18.73
CA ARG A 21 -4.14 52.80 -20.19
C ARG A 21 -2.77 52.87 -20.86
N LEU A 22 -1.71 53.27 -20.16
CA LEU A 22 -0.48 53.48 -20.90
C LEU A 22 0.54 52.43 -20.53
N THR A 23 0.40 51.87 -19.34
CA THR A 23 1.21 50.71 -19.01
C THR A 23 0.74 49.48 -19.79
N TYR A 24 -0.58 49.33 -19.96
CA TYR A 24 -1.13 48.01 -20.32
C TYR A 24 -1.55 47.95 -21.77
N TYR A 25 -1.85 49.08 -22.35
CA TYR A 25 -2.15 49.16 -23.74
C TYR A 25 -0.87 49.58 -24.44
N THR A 26 -0.21 48.63 -25.10
CA THR A 26 1.09 48.81 -25.69
C THR A 26 1.00 48.40 -27.15
N PRO A 27 0.41 49.25 -27.99
CA PRO A 27 0.18 48.79 -29.37
C PRO A 27 1.45 48.34 -30.09
N ASP A 28 2.58 48.95 -29.77
CA ASP A 28 3.87 48.62 -30.36
C ASP A 28 4.42 47.22 -30.03
N TYR A 29 3.83 46.57 -29.03
CA TYR A 29 4.30 45.27 -28.54
C TYR A 29 4.40 44.19 -29.60
N VAL A 30 5.53 43.49 -29.56
CA VAL A 30 5.79 42.43 -30.52
C VAL A 30 5.43 41.14 -29.82
N VAL A 31 4.50 40.41 -30.41
CA VAL A 31 4.08 39.19 -29.78
C VAL A 31 5.18 38.14 -29.91
N ARG A 32 5.43 37.51 -28.77
CA ARG A 32 6.39 36.41 -28.61
C ARG A 32 5.87 35.01 -28.97
N ASP A 33 6.78 34.13 -29.34
CA ASP A 33 6.46 32.76 -29.70
C ASP A 33 5.82 31.99 -28.55
N THR A 34 6.29 32.25 -27.33
CA THR A 34 5.74 31.58 -26.17
C THR A 34 4.54 32.27 -25.52
N ASP A 35 4.14 33.45 -25.98
CA ASP A 35 2.98 34.10 -25.39
C ASP A 35 1.69 33.35 -25.66
N ILE A 36 0.82 33.41 -24.70
CA ILE A 36 -0.57 33.03 -24.84
C ILE A 36 -1.37 34.26 -25.27
N LEU A 37 -2.08 34.17 -26.36
CA LEU A 37 -2.83 35.32 -26.82
C LEU A 37 -4.32 35.10 -26.55
N ALA A 38 -5.02 36.15 -26.30
CA ALA A 38 -6.45 36.12 -26.09
C ALA A 38 -7.10 37.19 -26.95
N ALA A 39 -8.25 36.85 -27.53
CA ALA A 39 -9.08 37.85 -28.20
C ALA A 39 -10.41 38.00 -27.45
N PHE A 40 -10.58 39.13 -26.82
CA PHE A 40 -11.80 39.50 -26.13
C PHE A 40 -12.70 40.42 -26.95
N ARG A 41 -13.90 39.94 -27.23
CA ARG A 41 -14.98 40.83 -27.68
C ARG A 41 -15.52 41.60 -26.48
N MET A 42 -15.45 42.90 -26.58
CA MET A 42 -15.48 43.80 -25.46
C MET A 42 -16.59 44.84 -25.68
N THR A 43 -17.44 45.04 -24.68
CA THR A 43 -18.50 46.06 -24.74
C THR A 43 -18.34 47.08 -23.62
N PRO A 44 -17.64 48.17 -23.89
CA PRO A 44 -17.38 49.16 -22.84
C PRO A 44 -18.64 49.89 -22.38
N GLN A 45 -18.64 50.29 -21.12
CA GLN A 45 -19.67 51.19 -20.64
C GLN A 45 -19.59 52.51 -21.41
N PRO A 46 -20.74 53.12 -21.70
CA PRO A 46 -20.77 54.31 -22.55
C PRO A 46 -19.99 55.47 -21.96
N GLY A 47 -19.15 56.06 -22.80
CA GLY A 47 -18.19 57.04 -22.36
C GLY A 47 -16.83 56.53 -21.96
N VAL A 48 -16.62 55.22 -21.90
CA VAL A 48 -15.33 54.66 -21.52
C VAL A 48 -14.60 54.29 -22.82
N PRO A 49 -13.41 54.83 -23.05
CA PRO A 49 -12.78 54.63 -24.35
C PRO A 49 -12.26 53.22 -24.49
N PRO A 50 -12.13 52.72 -25.72
CA PRO A 50 -11.73 51.31 -25.93
C PRO A 50 -10.34 50.97 -25.41
N GLU A 51 -9.43 51.94 -25.44
CA GLU A 51 -8.07 51.71 -25.01
C GLU A 51 -7.99 51.54 -23.51
N GLU A 52 -8.88 52.22 -22.80
CA GLU A 52 -8.96 52.05 -21.36
C GLU A 52 -9.54 50.68 -20.99
N CYS A 53 -10.49 50.19 -21.78
CA CYS A 53 -11.08 48.89 -21.47
C CYS A 53 -10.13 47.74 -21.79
N GLY A 54 -9.49 47.79 -22.97
CA GLY A 54 -8.50 46.80 -23.33
C GLY A 54 -7.38 46.69 -22.33
N ALA A 55 -6.92 47.84 -21.84
CA ALA A 55 -5.88 47.91 -20.81
C ALA A 55 -6.33 47.32 -19.49
N ALA A 56 -7.57 47.62 -19.08
CA ALA A 56 -8.16 47.04 -17.86
C ALA A 56 -8.26 45.52 -17.92
N VAL A 57 -8.65 44.97 -19.08
CA VAL A 57 -8.71 43.52 -19.25
C VAL A 57 -7.31 42.93 -19.22
N ALA A 58 -6.34 43.62 -19.84
CA ALA A 58 -4.94 43.22 -19.76
C ALA A 58 -4.45 43.21 -18.31
N ALA A 59 -4.75 44.29 -17.60
CA ALA A 59 -4.38 44.46 -16.20
C ALA A 59 -5.02 43.53 -15.15
N GLU A 60 -6.33 43.26 -15.28
CA GLU A 60 -7.06 42.44 -14.31
C GLU A 60 -6.86 43.01 -12.90
N SER A 61 -7.13 44.31 -12.81
CA SER A 61 -6.95 45.19 -11.66
C SER A 61 -7.54 44.56 -10.40
N SER A 62 -6.96 44.88 -9.24
CA SER A 62 -7.44 44.19 -8.06
C SER A 62 -8.68 44.90 -7.50
N THR A 63 -9.15 45.96 -8.18
CA THR A 63 -10.44 46.57 -7.94
C THR A 63 -11.33 46.46 -9.20
N GLY A 64 -12.42 45.71 -9.06
CA GLY A 64 -13.31 45.42 -10.19
C GLY A 64 -14.52 46.34 -10.17
N THR A 65 -14.79 46.94 -8.99
CA THR A 65 -15.84 47.93 -8.79
C THR A 65 -15.41 49.36 -9.19
N TRP A 66 -14.20 49.74 -8.85
CA TRP A 66 -13.71 51.10 -9.09
C TRP A 66 -13.48 51.57 -10.52
N THR A 67 -12.88 50.71 -11.33
CA THR A 67 -12.49 50.99 -12.73
C THR A 67 -11.46 52.14 -12.83
N THR A 68 -10.60 52.26 -11.82
CA THR A 68 -9.56 53.28 -11.77
C THR A 68 -8.33 52.78 -11.01
N VAL A 69 -7.16 53.31 -11.35
CA VAL A 69 -5.96 52.91 -10.63
C VAL A 69 -6.08 53.38 -9.19
N TRP A 70 -5.66 52.54 -8.25
CA TRP A 70 -5.68 52.88 -6.85
C TRP A 70 -4.34 52.57 -6.21
N THR A 71 -3.98 51.27 -6.17
CA THR A 71 -2.68 50.79 -5.72
C THR A 71 -1.90 50.35 -6.96
N ASP A 72 -0.88 51.14 -7.33
CA ASP A 72 -0.15 50.91 -8.57
C ASP A 72 1.33 50.73 -8.28
N GLY A 73 1.90 49.65 -8.81
CA GLY A 73 3.31 49.24 -8.74
C GLY A 73 3.56 47.91 -8.06
N LEU A 74 3.63 46.83 -8.85
CA LEU A 74 3.73 45.48 -8.31
C LEU A 74 4.81 44.69 -9.03
N THR A 75 5.25 43.60 -8.41
CA THR A 75 6.01 42.62 -9.17
C THR A 75 5.10 41.55 -9.73
N SER A 76 3.80 41.58 -9.42
CA SER A 76 2.86 40.84 -10.23
C SER A 76 2.40 41.62 -11.43
N LEU A 77 2.58 42.94 -11.43
CA LEU A 77 2.19 43.75 -12.57
C LEU A 77 3.38 44.25 -13.38
N ASP A 78 4.58 43.80 -13.02
CA ASP A 78 5.77 44.24 -13.72
C ASP A 78 6.30 43.35 -14.84
N ARG A 79 6.43 42.06 -14.59
CA ARG A 79 6.93 41.12 -15.59
C ARG A 79 5.93 40.04 -16.00
N TYR A 80 4.91 39.83 -15.18
CA TYR A 80 3.93 38.79 -15.45
C TYR A 80 2.61 39.34 -15.94
N LYS A 81 2.66 40.58 -16.42
CA LYS A 81 1.49 41.27 -16.94
C LYS A 81 1.08 40.92 -18.37
N GLY A 82 -0.21 40.68 -18.53
CA GLY A 82 -0.79 40.48 -19.83
C GLY A 82 -0.74 41.86 -20.47
N ARG A 83 -0.56 41.91 -21.76
CA ARG A 83 -0.53 43.18 -22.44
C ARG A 83 -1.62 43.21 -23.48
N CYS A 84 -2.28 44.34 -23.62
CA CYS A 84 -3.25 44.49 -24.68
C CYS A 84 -2.40 45.17 -25.73
N TYR A 85 -2.28 44.54 -26.90
CA TYR A 85 -1.40 45.02 -27.96
C TYR A 85 -2.14 45.47 -29.22
N ASP A 86 -3.46 45.38 -29.26
CA ASP A 86 -4.26 45.71 -30.45
C ASP A 86 -5.73 45.77 -30.06
N ILE A 87 -6.43 46.79 -30.48
CA ILE A 87 -7.86 46.82 -30.23
C ILE A 87 -8.51 47.05 -31.57
N GLU A 88 -9.41 46.15 -31.97
CA GLU A 88 -10.08 46.30 -33.24
C GLU A 88 -11.59 46.25 -33.08
N PRO A 89 -12.29 47.18 -33.75
CA PRO A 89 -13.74 47.27 -33.73
C PRO A 89 -14.38 46.15 -34.53
N VAL A 90 -15.60 45.77 -34.16
CA VAL A 90 -16.33 44.72 -34.85
C VAL A 90 -17.26 45.42 -35.84
N PRO A 91 -17.16 45.07 -37.15
CA PRO A 91 -17.94 45.69 -38.23
C PRO A 91 -19.45 45.44 -38.08
N GLY A 92 -20.22 46.50 -38.24
CA GLY A 92 -21.65 46.41 -38.06
C GLY A 92 -22.10 46.68 -36.65
N GLU A 93 -21.18 46.68 -35.70
CA GLU A 93 -21.46 46.96 -34.31
C GLU A 93 -20.94 48.37 -34.03
N ASP A 94 -21.49 49.01 -33.02
CA ASP A 94 -21.13 50.40 -32.77
C ASP A 94 -20.36 50.56 -31.47
N ASN A 95 -20.59 49.66 -30.52
CA ASN A 95 -19.93 49.75 -29.23
C ASN A 95 -19.16 48.48 -28.89
N GLN A 96 -18.74 47.69 -29.86
CA GLN A 96 -18.00 46.46 -29.62
C GLN A 96 -16.63 46.47 -30.27
N TYR A 97 -15.63 45.98 -29.54
CA TYR A 97 -14.26 45.94 -30.01
C TYR A 97 -13.66 44.56 -29.73
N ILE A 98 -12.71 44.14 -30.54
CA ILE A 98 -11.86 43.01 -30.24
C ILE A 98 -10.58 43.53 -29.61
N ALA A 99 -10.34 43.19 -28.36
CA ALA A 99 -9.06 43.48 -27.71
C ALA A 99 -8.19 42.21 -27.66
N TYR A 100 -6.97 42.32 -28.17
CA TYR A 100 -5.96 41.27 -28.20
C TYR A 100 -5.00 41.42 -27.03
N VAL A 101 -4.89 40.39 -26.22
CA VAL A 101 -4.06 40.45 -25.02
C VAL A 101 -3.01 39.38 -25.11
N ALA A 102 -1.78 39.75 -24.90
CA ALA A 102 -0.69 38.80 -24.78
C ALA A 102 -0.39 38.52 -23.32
N TYR A 103 -0.23 37.26 -22.97
CA TYR A 103 0.17 36.85 -21.63
C TYR A 103 1.51 36.11 -21.71
N PRO A 104 2.49 36.45 -20.89
CA PRO A 104 3.75 35.68 -20.90
C PRO A 104 3.53 34.26 -20.33
N ILE A 105 4.22 33.30 -20.92
CA ILE A 105 4.06 31.89 -20.62
C ILE A 105 4.44 31.59 -19.15
N ASP A 106 5.31 32.40 -18.57
CA ASP A 106 5.64 32.31 -17.16
C ASP A 106 4.47 32.48 -16.21
N LEU A 107 3.37 33.08 -16.65
CA LEU A 107 2.19 33.19 -15.83
C LEU A 107 1.51 31.85 -15.53
N PHE A 108 1.75 30.81 -16.30
CA PHE A 108 0.85 29.69 -16.33
C PHE A 108 1.48 28.42 -15.71
N GLU A 109 0.71 27.68 -14.92
CA GLU A 109 1.16 26.38 -14.45
C GLU A 109 1.17 25.36 -15.60
N GLU A 110 2.34 24.75 -15.84
CA GLU A 110 2.53 23.78 -16.93
C GLU A 110 1.52 22.64 -16.83
N GLY A 111 0.74 22.45 -17.87
CA GLY A 111 -0.15 21.30 -17.88
C GLY A 111 -1.44 21.49 -17.12
N SER A 112 -1.83 22.70 -16.78
CA SER A 112 -3.00 22.89 -15.93
C SER A 112 -4.01 23.79 -16.66
N VAL A 113 -4.96 23.20 -17.34
CA VAL A 113 -6.05 23.97 -17.94
C VAL A 113 -6.74 24.81 -16.88
N THR A 114 -6.98 24.21 -15.67
CA THR A 114 -7.58 24.93 -14.55
C THR A 114 -6.88 26.26 -14.30
N ASN A 115 -5.56 26.26 -14.32
CA ASN A 115 -4.83 27.46 -13.96
C ASN A 115 -4.82 28.47 -15.12
N MET A 116 -4.89 27.95 -16.33
CA MET A 116 -4.97 28.79 -17.50
C MET A 116 -6.27 29.59 -17.44
N PHE A 117 -7.38 28.91 -17.11
CA PHE A 117 -8.68 29.56 -16.99
C PHE A 117 -8.67 30.55 -15.85
N THR A 118 -8.05 30.16 -14.75
CA THR A 118 -8.00 31.05 -13.60
C THR A 118 -7.26 32.35 -13.93
N SER A 119 -6.15 32.28 -14.68
CA SER A 119 -5.33 33.44 -15.01
C SER A 119 -6.02 34.36 -16.02
N ILE A 120 -6.71 33.80 -17.01
CA ILE A 120 -7.27 34.60 -18.10
C ILE A 120 -8.72 35.05 -17.78
N VAL A 121 -9.58 34.17 -17.36
CA VAL A 121 -10.99 34.51 -17.16
C VAL A 121 -11.38 34.59 -15.69
N GLY A 122 -10.40 34.58 -14.78
CA GLY A 122 -10.69 34.49 -13.36
C GLY A 122 -11.50 35.66 -12.82
N ASN A 123 -11.15 36.88 -13.23
CA ASN A 123 -11.71 38.09 -12.65
C ASN A 123 -12.30 39.13 -13.63
N VAL A 124 -11.81 39.26 -14.86
CA VAL A 124 -12.13 40.42 -15.70
C VAL A 124 -13.58 40.48 -16.17
N PHE A 125 -14.34 39.39 -16.02
CA PHE A 125 -15.69 39.46 -16.58
C PHE A 125 -16.62 40.26 -15.69
N GLY A 126 -16.25 40.52 -14.45
CA GLY A 126 -16.91 41.41 -13.55
C GLY A 126 -16.50 42.87 -13.57
N PHE A 127 -15.61 43.30 -14.45
CA PHE A 127 -15.02 44.63 -14.32
C PHE A 127 -16.07 45.68 -14.70
N LYS A 128 -16.22 46.72 -13.89
CA LYS A 128 -17.38 47.60 -14.05
C LYS A 128 -17.26 48.51 -15.27
N ALA A 129 -16.05 48.75 -15.76
CA ALA A 129 -15.83 49.57 -16.95
C ALA A 129 -16.37 48.89 -18.21
N LEU A 130 -16.61 47.58 -18.15
CA LEU A 130 -17.15 46.78 -19.22
C LEU A 130 -18.63 46.61 -18.93
N ARG A 131 -19.44 46.68 -19.95
CA ARG A 131 -20.82 46.22 -19.83
C ARG A 131 -20.94 44.73 -20.12
N ALA A 132 -20.21 44.24 -21.11
CA ALA A 132 -20.20 42.83 -21.50
C ALA A 132 -18.81 42.47 -22.01
N LEU A 133 -18.47 41.21 -21.88
CA LEU A 133 -17.15 40.73 -22.25
C LEU A 133 -17.27 39.28 -22.70
N ARG A 134 -16.84 38.99 -23.91
CA ARG A 134 -16.79 37.63 -24.40
C ARG A 134 -15.39 37.27 -24.86
N LEU A 135 -14.89 36.12 -24.41
CA LEU A 135 -13.61 35.53 -24.83
C LEU A 135 -13.81 34.64 -26.05
N GLU A 136 -13.31 35.13 -27.17
CA GLU A 136 -13.57 34.53 -28.48
C GLU A 136 -12.58 33.44 -28.81
N ASP A 137 -11.30 33.64 -28.54
CA ASP A 137 -10.27 32.74 -29.05
C ASP A 137 -9.01 32.86 -28.18
N LEU A 138 -8.21 31.85 -28.24
CA LEU A 138 -6.94 31.83 -27.56
C LEU A 138 -5.89 31.26 -28.48
N ARG A 139 -4.74 31.84 -28.47
CA ARG A 139 -3.59 31.26 -29.15
C ARG A 139 -2.78 30.53 -28.07
N ILE A 140 -2.75 29.22 -28.14
CA ILE A 140 -1.96 28.41 -27.23
C ILE A 140 -0.62 28.14 -27.90
N PRO A 141 0.48 28.65 -27.38
CA PRO A 141 1.77 28.48 -28.04
C PRO A 141 2.28 27.05 -27.91
N PRO A 142 3.07 26.60 -28.91
CA PRO A 142 3.79 25.32 -28.80
C PRO A 142 4.51 25.08 -27.48
N ALA A 143 5.09 26.09 -26.87
CA ALA A 143 5.78 25.87 -25.62
C ALA A 143 4.80 25.53 -24.48
N TYR A 144 3.56 26.04 -24.51
CA TYR A 144 2.60 25.67 -23.52
C TYR A 144 1.91 24.34 -23.86
N VAL A 145 1.54 24.15 -25.15
CA VAL A 145 0.91 22.93 -25.64
C VAL A 145 1.68 21.68 -25.21
N LYS A 146 3.02 21.71 -25.26
CA LYS A 146 3.81 20.51 -24.99
C LYS A 146 3.86 20.16 -23.50
N THR A 147 3.41 21.04 -22.60
CA THR A 147 3.35 20.66 -21.18
C THR A 147 2.15 19.75 -20.83
N PHE A 148 1.21 19.52 -21.74
CA PHE A 148 -0.03 18.80 -21.46
C PHE A 148 0.09 17.37 -21.95
N VAL A 149 -0.46 16.47 -21.17
CA VAL A 149 -0.61 15.11 -21.65
C VAL A 149 -1.53 15.08 -22.85
N GLY A 150 -2.64 15.80 -22.79
CA GLY A 150 -3.59 15.81 -23.85
C GLY A 150 -4.48 14.56 -23.97
N PRO A 151 -5.15 14.42 -25.12
CA PRO A 151 -6.10 13.32 -25.32
C PRO A 151 -5.44 11.96 -25.14
N PRO A 152 -6.13 11.02 -24.51
CA PRO A 152 -5.53 9.72 -24.24
C PRO A 152 -5.10 9.02 -25.51
N HIS A 153 -5.88 9.07 -26.57
CA HIS A 153 -5.57 8.43 -27.85
C HIS A 153 -5.64 9.38 -29.05
N GLY A 154 -6.69 10.14 -29.19
CA GLY A 154 -6.87 10.93 -30.38
C GLY A 154 -7.39 10.06 -31.52
N ILE A 155 -7.89 10.77 -32.52
CA ILE A 155 -8.65 10.13 -33.55
C ILE A 155 -7.92 9.01 -34.24
N GLN A 156 -6.67 9.22 -34.60
CA GLN A 156 -5.95 8.17 -35.30
C GLN A 156 -5.76 6.90 -34.46
N VAL A 157 -5.36 7.04 -33.21
CA VAL A 157 -5.15 5.90 -32.34
C VAL A 157 -6.47 5.18 -32.14
N GLU A 158 -7.52 5.96 -32.07
CA GLU A 158 -8.87 5.45 -31.87
C GLU A 158 -9.34 4.60 -33.05
N ARG A 159 -9.19 5.11 -34.28
CA ARG A 159 -9.52 4.32 -35.47
C ARG A 159 -8.69 3.03 -35.54
N ASP A 160 -7.40 3.08 -35.20
CA ASP A 160 -6.62 1.85 -35.20
C ASP A 160 -7.11 0.88 -34.13
N LYS A 161 -7.46 1.39 -32.96
CA LYS A 161 -7.88 0.48 -31.89
C LYS A 161 -9.27 -0.06 -32.18
N LEU A 162 -10.13 0.74 -32.78
CA LEU A 162 -11.46 0.27 -33.12
C LEU A 162 -11.51 -0.49 -34.45
N ASN A 163 -10.46 -0.48 -35.25
CA ASN A 163 -10.42 -1.12 -36.58
C ASN A 163 -11.49 -0.59 -37.54
N LYS A 164 -11.69 0.73 -37.59
CA LYS A 164 -12.82 1.32 -38.29
C LYS A 164 -12.34 2.50 -39.11
N TYR A 165 -12.37 2.39 -40.41
CA TYR A 165 -11.72 3.31 -41.33
C TYR A 165 -12.67 3.74 -42.43
N GLY A 166 -12.52 4.98 -42.88
CA GLY A 166 -13.14 5.48 -44.10
C GLY A 166 -14.61 5.85 -44.04
N ARG A 167 -15.19 6.05 -42.87
CA ARG A 167 -16.55 6.53 -42.66
C ARG A 167 -16.62 7.17 -41.27
N GLY A 168 -17.67 7.95 -41.03
CA GLY A 168 -18.00 8.34 -39.67
C GLY A 168 -18.34 7.18 -38.75
N LEU A 169 -18.22 7.40 -37.46
CA LEU A 169 -18.70 6.44 -36.47
C LEU A 169 -20.15 6.78 -36.15
N LEU A 170 -20.87 5.83 -35.58
CA LEU A 170 -22.27 6.04 -35.23
C LEU A 170 -22.54 5.69 -33.79
N GLY A 171 -23.29 6.54 -33.12
CA GLY A 171 -23.66 6.32 -31.74
C GLY A 171 -25.07 6.78 -31.49
N CYS A 172 -25.68 6.29 -30.44
CA CYS A 172 -27.01 6.72 -30.06
C CYS A 172 -27.10 6.81 -28.54
N THR A 173 -27.89 7.76 -28.04
CA THR A 173 -28.07 7.88 -26.61
C THR A 173 -29.13 6.88 -26.21
N ILE A 174 -28.98 6.23 -25.07
CA ILE A 174 -29.96 5.24 -24.67
C ILE A 174 -31.11 5.82 -23.85
N LYS A 175 -32.31 5.73 -24.40
CA LYS A 175 -33.53 6.16 -23.72
C LYS A 175 -34.47 4.98 -23.86
N PRO A 176 -34.58 4.16 -22.81
CA PRO A 176 -35.39 2.93 -22.92
C PRO A 176 -36.89 3.21 -22.81
N LYS A 177 -37.67 2.41 -23.49
CA LYS A 177 -39.11 2.58 -23.43
C LYS A 177 -39.72 1.72 -22.32
N LEU A 178 -38.93 0.93 -21.62
CA LEU A 178 -39.57 0.03 -20.64
C LEU A 178 -39.20 0.32 -19.18
N GLY A 179 -38.11 1.02 -18.95
CA GLY A 179 -37.68 1.34 -17.59
C GLY A 179 -36.32 1.98 -17.65
N LEU A 180 -35.91 2.64 -16.56
CA LEU A 180 -34.54 3.07 -16.51
C LEU A 180 -33.65 2.13 -15.71
N SER A 181 -34.11 0.93 -15.46
CA SER A 181 -33.29 -0.02 -14.73
C SER A 181 -32.04 -0.38 -15.53
N ALA A 182 -31.04 -0.88 -14.83
CA ALA A 182 -29.76 -1.17 -15.45
C ALA A 182 -29.89 -2.29 -16.48
N LYS A 183 -30.68 -3.30 -16.16
CA LYS A 183 -30.93 -4.42 -17.04
C LYS A 183 -31.65 -4.02 -18.33
N ASN A 184 -32.69 -3.20 -18.22
CA ASN A 184 -33.38 -2.68 -19.40
C ASN A 184 -32.52 -1.70 -20.16
N TYR A 185 -31.68 -0.96 -19.44
CA TYR A 185 -30.76 -0.10 -20.10
C TYR A 185 -29.84 -0.92 -20.99
N GLY A 186 -29.31 -2.02 -20.46
CA GLY A 186 -28.41 -2.89 -21.20
C GLY A 186 -29.08 -3.60 -22.37
N ARG A 187 -30.35 -3.98 -22.23
CA ARG A 187 -31.10 -4.59 -23.34
C ARG A 187 -31.17 -3.66 -24.54
N ALA A 188 -31.49 -2.39 -24.27
CA ALA A 188 -31.53 -1.39 -25.31
C ALA A 188 -30.15 -1.13 -25.93
N VAL A 189 -29.10 -1.11 -25.11
CA VAL A 189 -27.74 -1.00 -25.64
C VAL A 189 -27.47 -2.12 -26.60
N TYR A 190 -27.67 -3.34 -26.13
CA TYR A 190 -27.34 -4.51 -26.91
C TYR A 190 -28.12 -4.45 -28.20
N GLU A 191 -29.38 -4.07 -28.11
CA GLU A 191 -30.20 -3.97 -29.30
C GLU A 191 -29.66 -2.90 -30.24
N CYS A 192 -29.28 -1.74 -29.70
CA CYS A 192 -28.74 -0.70 -30.55
C CYS A 192 -27.43 -1.09 -31.19
N LEU A 193 -26.54 -1.67 -30.40
CA LEU A 193 -25.24 -2.05 -30.91
C LEU A 193 -25.27 -3.15 -31.99
N ARG A 194 -26.18 -4.11 -31.87
CA ARG A 194 -26.26 -5.28 -32.76
C ARG A 194 -26.66 -4.93 -34.19
N GLY A 195 -27.51 -3.92 -34.35
CA GLY A 195 -27.98 -3.45 -35.64
C GLY A 195 -26.98 -2.74 -36.52
N GLY A 196 -25.84 -2.30 -35.98
CA GLY A 196 -24.86 -1.58 -36.80
C GLY A 196 -24.19 -0.35 -36.18
N LEU A 197 -24.59 0.09 -34.99
CA LEU A 197 -23.97 1.29 -34.44
C LEU A 197 -22.63 0.92 -33.84
N ASP A 198 -21.68 1.82 -33.96
CA ASP A 198 -20.41 1.67 -33.25
C ASP A 198 -20.59 1.85 -31.74
N PHE A 199 -21.31 2.85 -31.32
CA PHE A 199 -21.41 3.26 -29.92
C PHE A 199 -22.84 3.52 -29.53
N THR A 200 -23.08 3.35 -28.28
CA THR A 200 -24.20 3.96 -27.61
C THR A 200 -23.65 4.79 -26.46
N LYS A 201 -24.54 5.50 -25.82
CA LYS A 201 -24.21 6.65 -24.99
C LYS A 201 -25.08 6.66 -23.73
N ASP A 202 -24.44 6.54 -22.55
CA ASP A 202 -25.04 7.02 -21.31
C ASP A 202 -25.53 8.45 -21.51
N ASP A 203 -26.74 8.71 -21.10
CA ASP A 203 -27.10 10.11 -20.90
C ASP A 203 -26.24 10.81 -19.84
N GLU A 204 -25.95 12.07 -20.12
CA GLU A 204 -25.05 12.88 -19.30
C GLU A 204 -25.49 12.96 -17.81
N ASN A 205 -26.80 12.85 -17.51
CA ASN A 205 -27.20 12.88 -16.10
C ASN A 205 -27.19 11.50 -15.41
N VAL A 206 -27.09 10.42 -16.16
CA VAL A 206 -27.10 9.06 -15.65
C VAL A 206 -25.72 8.91 -15.01
N ASN A 207 -25.63 9.02 -13.70
CA ASN A 207 -24.35 8.77 -13.10
C ASN A 207 -24.59 7.53 -12.24
N SER A 208 -25.25 7.67 -11.11
CA SER A 208 -25.61 6.55 -10.25
C SER A 208 -26.76 7.06 -9.38
N GLN A 209 -27.90 6.64 -9.64
CA GLN A 209 -29.18 7.06 -9.06
C GLN A 209 -29.86 5.94 -8.26
N PRO A 210 -30.91 6.21 -7.48
CA PRO A 210 -31.67 5.08 -6.89
C PRO A 210 -32.28 4.15 -7.94
N PHE A 211 -32.76 4.67 -9.07
CA PHE A 211 -33.34 3.77 -10.09
C PHE A 211 -32.27 2.92 -10.82
N MET A 212 -30.99 3.30 -10.75
CA MET A 212 -29.93 2.61 -11.50
C MET A 212 -28.57 2.99 -10.93
N ARG A 213 -27.98 2.12 -10.12
CA ARG A 213 -26.69 2.38 -9.50
C ARG A 213 -25.62 2.06 -10.51
N TRP A 214 -24.53 2.81 -10.47
CA TRP A 214 -23.52 2.76 -11.54
C TRP A 214 -22.94 1.35 -11.78
N ARG A 215 -22.63 0.62 -10.74
CA ARG A 215 -21.87 -0.61 -10.98
C ARG A 215 -22.77 -1.67 -11.66
N ASP A 216 -24.05 -1.72 -11.28
CA ASP A 216 -25.05 -2.53 -11.99
C ASP A 216 -25.17 -2.12 -13.49
N ARG A 217 -25.28 -0.83 -13.77
CA ARG A 217 -25.25 -0.33 -15.14
C ARG A 217 -24.00 -0.81 -15.91
N PHE A 218 -22.83 -0.72 -15.29
CA PHE A 218 -21.58 -1.06 -15.96
C PHE A 218 -21.59 -2.54 -16.34
N LEU A 219 -22.03 -3.40 -15.42
CA LEU A 219 -22.02 -4.84 -15.62
C LEU A 219 -22.97 -5.26 -16.75
N PHE A 220 -24.23 -4.83 -16.69
CA PHE A 220 -25.20 -5.10 -17.76
C PHE A 220 -24.79 -4.47 -19.11
N VAL A 221 -24.24 -3.26 -19.13
CA VAL A 221 -23.73 -2.72 -20.39
C VAL A 221 -22.56 -3.57 -20.94
N ALA A 222 -21.66 -4.05 -20.05
CA ALA A 222 -20.56 -4.91 -20.52
C ALA A 222 -21.09 -6.22 -21.12
N GLU A 223 -22.13 -6.80 -20.56
CA GLU A 223 -22.74 -7.97 -21.17
C GLU A 223 -23.33 -7.63 -22.55
N ALA A 224 -24.02 -6.50 -22.66
CA ALA A 224 -24.59 -6.05 -23.93
C ALA A 224 -23.52 -5.81 -25.00
N ILE A 225 -22.45 -5.07 -24.66
CA ILE A 225 -21.36 -4.76 -25.60
C ILE A 225 -20.74 -6.06 -26.14
N TYR A 226 -20.44 -7.00 -25.23
CA TYR A 226 -19.83 -8.26 -25.64
C TYR A 226 -20.83 -9.14 -26.42
N LYS A 227 -22.11 -9.09 -26.09
CA LYS A 227 -23.10 -9.84 -26.88
C LYS A 227 -23.19 -9.31 -28.32
N ALA A 228 -23.36 -7.99 -28.48
CA ALA A 228 -23.41 -7.41 -29.82
C ALA A 228 -22.09 -7.58 -30.58
N GLN A 229 -20.96 -7.57 -29.87
CA GLN A 229 -19.65 -7.81 -30.49
C GLN A 229 -19.50 -9.26 -30.98
N ALA A 230 -19.89 -10.22 -30.16
CA ALA A 230 -19.94 -11.62 -30.61
C ALA A 230 -20.86 -11.78 -31.83
N GLU A 231 -21.97 -11.09 -31.84
CA GLU A 231 -22.96 -11.21 -32.91
C GLU A 231 -22.50 -10.53 -34.20
N THR A 232 -22.01 -9.30 -34.12
CA THR A 232 -21.63 -8.55 -35.32
C THR A 232 -20.23 -8.91 -35.81
N GLY A 233 -19.37 -9.39 -34.94
CA GLY A 233 -17.96 -9.49 -35.23
C GLY A 233 -17.19 -8.17 -35.29
N GLU A 234 -17.82 -7.01 -35.06
CA GLU A 234 -17.15 -5.71 -35.03
C GLU A 234 -16.92 -5.27 -33.58
N VAL A 235 -15.89 -4.44 -33.37
CA VAL A 235 -15.68 -3.81 -32.07
C VAL A 235 -16.87 -2.89 -31.72
N LYS A 236 -17.37 -2.99 -30.50
CA LYS A 236 -18.50 -2.21 -30.02
C LYS A 236 -18.15 -1.50 -28.71
N GLY A 237 -18.76 -0.35 -28.47
CA GLY A 237 -18.63 0.35 -27.22
C GLY A 237 -19.93 0.97 -26.74
N HIS A 238 -19.91 1.38 -25.50
CA HIS A 238 -20.95 2.23 -24.93
C HIS A 238 -20.21 3.24 -24.07
N TYR A 239 -20.51 4.50 -24.20
CA TYR A 239 -19.89 5.52 -23.37
C TYR A 239 -20.42 5.42 -21.93
N LEU A 240 -19.66 4.80 -21.07
CA LEU A 240 -20.05 4.64 -19.68
C LEU A 240 -19.67 5.89 -18.86
N ASN A 241 -20.70 6.60 -18.43
CA ASN A 241 -20.53 7.82 -17.68
C ASN A 241 -19.80 7.59 -16.32
N ALA A 242 -18.60 8.09 -16.22
CA ALA A 242 -17.75 8.13 -15.04
C ALA A 242 -17.89 9.40 -14.16
N THR A 243 -18.53 10.45 -14.64
CA THR A 243 -18.86 11.66 -13.84
C THR A 243 -19.41 11.35 -12.44
N ALA A 244 -18.80 11.90 -11.42
CA ALA A 244 -19.16 11.54 -10.04
C ALA A 244 -19.14 12.80 -9.17
N GLY A 245 -19.65 12.70 -7.93
CA GLY A 245 -19.45 13.77 -6.96
C GLY A 245 -18.00 14.00 -6.56
N THR A 246 -17.19 12.97 -6.54
CA THR A 246 -15.82 13.12 -6.09
C THR A 246 -14.81 12.40 -6.97
N CYS A 247 -13.56 12.82 -6.87
CA CYS A 247 -12.49 12.24 -7.63
C CYS A 247 -12.35 10.75 -7.31
N GLU A 248 -12.47 10.37 -6.04
CA GLU A 248 -12.37 8.96 -5.66
C GLU A 248 -13.50 8.11 -6.28
N GLU A 249 -14.75 8.59 -6.21
CA GLU A 249 -15.86 7.89 -6.86
C GLU A 249 -15.69 7.82 -8.38
N MET A 250 -15.28 8.91 -9.00
CA MET A 250 -14.98 8.93 -10.43
C MET A 250 -13.93 7.87 -10.81
N MET A 251 -12.83 7.77 -10.06
CA MET A 251 -11.78 6.77 -10.34
C MET A 251 -12.25 5.35 -10.00
N LYS A 252 -13.09 5.18 -8.98
CA LYS A 252 -13.78 3.88 -8.80
C LYS A 252 -14.51 3.44 -10.07
N ARG A 253 -15.13 4.35 -10.78
CA ARG A 253 -15.85 3.95 -11.96
C ARG A 253 -14.91 3.66 -13.13
N ALA A 254 -13.93 4.52 -13.34
CA ALA A 254 -12.92 4.31 -14.38
C ALA A 254 -12.18 2.97 -14.20
N VAL A 255 -11.78 2.65 -12.97
CA VAL A 255 -11.19 1.35 -12.60
C VAL A 255 -12.13 0.13 -12.95
N SMC A 256 -13.40 0.22 -12.60
CA SMC A 256 -14.42 -0.80 -12.96
CB SMC A 256 -15.83 -0.51 -12.47
SG SMC A 256 -17.13 -1.62 -13.02
CS SMC A 256 -16.50 -3.17 -12.50
C SMC A 256 -14.46 -1.07 -14.49
O SMC A 256 -14.39 -2.18 -14.89
N ALA A 257 -14.43 -0.02 -15.29
CA ALA A 257 -14.44 -0.13 -16.76
C ALA A 257 -13.18 -0.82 -17.27
N LYS A 258 -12.04 -0.37 -16.77
CA LYS A 258 -10.76 -1.06 -16.96
C LYS A 258 -10.87 -2.54 -16.71
N GLU A 259 -11.43 -2.93 -15.55
CA GLU A 259 -11.48 -4.34 -15.16
C GLU A 259 -12.49 -5.13 -15.98
N LEU A 260 -13.56 -4.49 -16.42
CA LEU A 260 -14.45 -5.14 -17.36
C LEU A 260 -13.82 -5.28 -18.74
N GLY A 261 -12.71 -4.63 -18.99
CA GLY A 261 -12.06 -4.61 -20.28
C GLY A 261 -12.82 -3.90 -21.37
N VAL A 262 -13.74 -3.01 -21.02
CA VAL A 262 -14.58 -2.33 -21.99
C VAL A 262 -13.85 -1.13 -22.61
N PRO A 263 -14.24 -0.67 -23.81
CA PRO A 263 -13.36 0.25 -24.55
C PRO A 263 -13.40 1.70 -24.14
N ILE A 264 -14.51 2.21 -23.62
CA ILE A 264 -14.73 3.66 -23.54
C ILE A 264 -15.54 4.07 -22.31
N ILE A 265 -15.16 5.18 -21.74
CA ILE A 265 -15.91 5.85 -20.69
C ILE A 265 -16.16 7.28 -21.12
N MET A 266 -16.88 7.98 -20.30
CA MET A 266 -17.43 9.28 -20.55
C MET A 266 -17.31 10.25 -19.39
N HIS A 267 -17.06 11.50 -19.68
CA HIS A 267 -17.06 12.52 -18.63
C HIS A 267 -17.71 13.82 -19.07
N ASP A 268 -18.38 14.49 -18.14
CA ASP A 268 -19.03 15.81 -18.36
C ASP A 268 -18.06 16.87 -17.85
N TYR A 269 -17.17 17.32 -18.71
CA TYR A 269 -15.96 17.99 -18.22
C TYR A 269 -16.25 19.35 -17.61
N LEU A 270 -17.36 20.00 -17.99
CA LEU A 270 -17.64 21.35 -17.47
C LEU A 270 -18.34 21.34 -16.13
N THR A 271 -19.03 20.24 -15.81
CA THR A 271 -19.71 20.13 -14.54
C THR A 271 -18.89 19.35 -13.51
N GLY A 272 -18.18 18.31 -13.95
CA GLY A 272 -17.11 17.73 -13.14
C GLY A 272 -15.93 18.66 -12.89
N GLY A 273 -15.47 19.32 -13.91
CA GLY A 273 -14.40 20.28 -13.76
C GLY A 273 -13.15 19.86 -14.50
N PHE A 274 -12.34 20.86 -14.86
CA PHE A 274 -11.07 20.57 -15.52
C PHE A 274 -10.12 19.79 -14.64
N THR A 275 -10.12 20.03 -13.31
CA THR A 275 -9.18 19.28 -12.47
C THR A 275 -9.50 17.78 -12.55
N ALA A 276 -10.75 17.38 -12.34
CA ALA A 276 -11.17 15.99 -12.49
C ALA A 276 -11.00 15.47 -13.92
N ASN A 277 -11.33 16.26 -14.96
CA ASN A 277 -11.22 15.77 -16.33
C ASN A 277 -9.78 15.40 -16.71
N THR A 278 -8.81 16.24 -16.35
CA THR A 278 -7.41 15.98 -16.60
C THR A 278 -6.92 14.74 -15.84
N SER A 279 -7.26 14.60 -14.58
CA SER A 279 -7.01 13.35 -13.84
C SER A 279 -7.56 12.15 -14.58
N LEU A 280 -8.79 12.25 -15.05
CA LEU A 280 -9.39 11.12 -15.74
C LEU A 280 -8.69 10.82 -17.06
N ALA A 281 -8.41 11.87 -17.88
CA ALA A 281 -7.68 11.71 -19.15
C ALA A 281 -6.30 11.03 -18.95
N ILE A 282 -5.59 11.35 -17.88
CA ILE A 282 -4.33 10.68 -17.56
C ILE A 282 -4.55 9.20 -17.18
N TYR A 283 -5.59 8.91 -16.39
CA TYR A 283 -5.92 7.52 -16.08
C TYR A 283 -6.20 6.75 -17.38
N CYS A 284 -6.93 7.36 -18.29
CA CYS A 284 -7.29 6.73 -19.54
C CYS A 284 -6.04 6.50 -20.43
N ARG A 285 -5.12 7.46 -20.48
CA ARG A 285 -3.87 7.23 -21.19
C ARG A 285 -3.10 6.08 -20.55
N ASP A 286 -3.00 6.06 -19.22
CA ASP A 286 -2.26 5.01 -18.51
C ASP A 286 -2.90 3.61 -18.63
N ASN A 287 -4.20 3.49 -18.88
CA ASN A 287 -4.85 2.17 -18.89
C ASN A 287 -5.54 1.84 -20.25
N GLY A 288 -5.24 2.55 -21.31
CA GLY A 288 -5.76 2.41 -22.66
C GLY A 288 -7.27 2.59 -22.82
N LEU A 289 -7.96 3.25 -21.91
CA LEU A 289 -9.38 3.57 -22.13
C LEU A 289 -9.51 4.79 -23.05
N LEU A 290 -10.47 4.75 -23.94
CA LEU A 290 -10.96 5.94 -24.65
C LEU A 290 -11.88 6.82 -23.80
N LEU A 291 -11.80 8.14 -24.00
CA LEU A 291 -12.54 9.09 -23.16
C LEU A 291 -13.50 9.96 -24.00
N HIS A 292 -14.77 9.66 -23.93
CA HIS A 292 -15.81 10.50 -24.54
C HIS A 292 -16.17 11.71 -23.66
N ILE A 293 -16.23 12.89 -24.23
CA ILE A 293 -16.45 14.07 -23.41
C ILE A 293 -17.80 14.74 -23.75
N HIS A 294 -18.64 14.87 -22.77
CA HIS A 294 -19.90 15.56 -22.95
C HIS A 294 -19.87 16.99 -22.43
N ARG A 295 -20.55 17.88 -23.10
CA ARG A 295 -20.34 19.31 -22.86
C ARG A 295 -21.52 19.97 -22.15
N ALA A 296 -22.16 19.25 -21.23
CA ALA A 296 -23.30 19.80 -20.47
C ALA A 296 -22.89 21.06 -19.72
N MET A 297 -23.77 22.08 -19.78
CA MET A 297 -23.68 23.45 -19.25
C MET A 297 -22.92 24.40 -20.16
N HIS A 298 -22.42 23.94 -21.30
CA HIS A 298 -21.69 24.82 -22.20
C HIS A 298 -22.54 26.06 -22.57
N ALA A 299 -23.89 25.91 -22.70
CA ALA A 299 -24.70 27.05 -23.13
C ALA A 299 -24.96 28.05 -22.01
N VAL A 300 -24.71 27.68 -20.77
CA VAL A 300 -24.65 28.65 -19.69
C VAL A 300 -23.57 29.69 -19.98
N ILE A 301 -22.45 29.25 -20.52
CA ILE A 301 -21.23 30.04 -20.79
C ILE A 301 -21.14 30.54 -22.25
N ASP A 302 -21.51 29.73 -23.20
CA ASP A 302 -21.07 29.94 -24.57
C ASP A 302 -22.15 30.46 -25.50
N ARG A 303 -23.35 30.70 -25.03
CA ARG A 303 -24.43 30.96 -25.98
C ARG A 303 -24.53 32.44 -26.36
N GLN A 304 -24.54 33.34 -25.39
CA GLN A 304 -24.79 34.74 -25.69
C GLN A 304 -23.61 35.36 -26.43
N ARG A 305 -23.89 36.01 -27.53
CA ARG A 305 -22.80 36.57 -28.29
C ARG A 305 -22.01 37.60 -27.51
N ASN A 306 -22.66 38.40 -26.69
CA ASN A 306 -21.89 39.49 -26.09
C ASN A 306 -21.16 39.10 -24.79
N HIS A 307 -21.46 37.96 -24.19
CA HIS A 307 -20.86 37.64 -22.90
C HIS A 307 -20.57 36.14 -22.74
N GLY A 308 -19.50 35.83 -22.07
CA GLY A 308 -19.14 34.47 -21.81
C GLY A 308 -17.86 34.08 -22.51
N ILE A 309 -17.80 32.82 -22.87
CA ILE A 309 -16.63 32.20 -23.47
C ILE A 309 -17.16 31.35 -24.60
N HIS A 310 -16.78 31.70 -25.81
CA HIS A 310 -17.15 30.95 -27.01
C HIS A 310 -16.69 29.51 -26.90
N PHE A 311 -17.50 28.61 -27.44
CA PHE A 311 -17.22 27.17 -27.37
C PHE A 311 -15.85 26.77 -27.94
N ARG A 312 -15.35 27.46 -28.96
CA ARG A 312 -14.06 27.10 -29.56
C ARG A 312 -12.94 27.18 -28.52
N VAL A 313 -13.03 28.11 -27.58
CA VAL A 313 -12.09 28.19 -26.48
C VAL A 313 -12.25 26.98 -25.56
N LEU A 314 -13.49 26.63 -25.21
CA LEU A 314 -13.82 25.49 -24.35
C LEU A 314 -13.44 24.16 -24.99
N ALA A 315 -13.51 24.09 -26.32
CA ALA A 315 -13.05 22.93 -27.09
C ALA A 315 -11.53 22.80 -27.07
N LYS A 316 -10.84 23.94 -27.24
CA LYS A 316 -9.39 24.03 -27.18
C LYS A 316 -8.92 23.62 -25.77
N ALA A 317 -9.58 24.13 -24.74
CA ALA A 317 -9.34 23.71 -23.35
C ALA A 317 -9.46 22.21 -23.21
N LEU A 318 -10.57 21.63 -23.71
CA LEU A 318 -10.79 20.20 -23.67
C LEU A 318 -9.69 19.43 -24.36
N ARG A 319 -9.30 19.83 -25.56
CA ARG A 319 -8.20 19.17 -26.25
C ARG A 319 -6.89 19.15 -25.43
N MET A 320 -6.63 20.20 -24.69
CA MET A 320 -5.49 20.26 -23.79
C MET A 320 -5.71 19.37 -22.56
N SER A 321 -6.88 19.49 -21.90
CA SER A 321 -7.19 18.68 -20.70
C SER A 321 -7.24 17.20 -21.04
N GLY A 322 -7.87 16.86 -22.14
CA GLY A 322 -7.79 15.56 -22.68
C GLY A 322 -9.15 14.96 -22.88
N GLY A 323 -9.47 14.63 -24.10
CA GLY A 323 -10.64 13.85 -24.44
C GLY A 323 -10.50 13.24 -25.80
N ASP A 324 -10.93 12.00 -26.00
CA ASP A 324 -10.85 11.40 -27.34
C ASP A 324 -12.04 11.80 -28.24
N HIS A 325 -13.24 12.00 -27.72
CA HIS A 325 -14.39 12.55 -28.48
C HIS A 325 -14.94 13.79 -27.79
N LEU A 326 -15.52 14.72 -28.52
CA LEU A 326 -16.21 15.83 -27.91
C LEU A 326 -17.53 16.20 -28.59
N HIS A 327 -18.60 16.25 -27.80
CA HIS A 327 -19.88 16.77 -28.29
C HIS A 327 -19.71 18.15 -28.88
N SER A 328 -20.05 18.25 -30.12
CA SER A 328 -19.73 19.45 -30.86
C SER A 328 -20.97 20.12 -31.45
N GLY A 329 -22.12 19.74 -30.99
CA GLY A 329 -23.35 20.31 -31.48
C GLY A 329 -24.05 19.59 -32.61
N THR A 330 -25.01 20.26 -33.17
CA THR A 330 -25.60 19.89 -34.44
C THR A 330 -25.39 21.02 -35.42
N VAL A 331 -25.40 20.68 -36.70
CA VAL A 331 -25.50 21.67 -37.76
C VAL A 331 -26.87 21.61 -38.45
N VAL A 332 -27.77 20.77 -37.98
CA VAL A 332 -29.15 20.83 -38.42
C VAL A 332 -29.80 22.12 -37.95
N GLY A 333 -30.54 22.76 -38.85
CA GLY A 333 -31.23 23.99 -38.50
C GLY A 333 -30.38 25.23 -38.37
N LYS A 334 -29.12 25.19 -38.81
CA LYS A 334 -28.26 26.35 -38.69
C LYS A 334 -28.02 26.96 -40.05
N LEU A 335 -27.88 28.29 -40.06
CA LEU A 335 -27.55 29.00 -41.28
C LEU A 335 -26.08 28.77 -41.64
N GLU A 336 -25.71 29.15 -42.88
CA GLU A 336 -24.36 28.97 -43.41
C GLU A 336 -23.32 29.67 -42.55
N GLY A 337 -23.66 30.84 -41.99
CA GLY A 337 -22.73 31.56 -41.15
C GLY A 337 -22.49 30.91 -39.80
N GLU A 338 -23.53 30.36 -39.20
CA GLU A 338 -23.37 29.57 -37.99
C GLU A 338 -22.69 28.24 -38.27
N ARG A 339 -22.85 27.71 -39.48
CA ARG A 339 -22.11 26.52 -39.88
C ARG A 339 -20.62 26.83 -40.05
N GLU A 340 -20.28 27.97 -40.72
CA GLU A 340 -18.88 28.35 -40.84
C GLU A 340 -18.16 28.40 -39.48
N VAL A 341 -18.85 28.88 -38.44
CA VAL A 341 -18.30 28.91 -37.09
C VAL A 341 -18.05 27.49 -36.57
N THR A 342 -19.05 26.62 -36.73
CA THR A 342 -18.96 25.24 -36.27
C THR A 342 -17.80 24.51 -36.94
N LEU A 343 -17.66 24.70 -38.25
CA LEU A 343 -16.55 24.08 -38.94
C LEU A 343 -15.20 24.67 -38.50
N GLY A 344 -15.18 25.92 -38.05
CA GLY A 344 -13.96 26.48 -37.52
C GLY A 344 -13.49 25.71 -36.30
N PHE A 345 -14.38 25.50 -35.32
CA PHE A 345 -13.92 24.86 -34.11
C PHE A 345 -13.73 23.37 -34.31
N VAL A 346 -14.40 22.79 -35.31
CA VAL A 346 -14.16 21.39 -35.65
C VAL A 346 -12.75 21.20 -36.18
N ASP A 347 -12.25 22.17 -36.94
CA ASP A 347 -10.85 22.16 -37.36
C ASP A 347 -9.89 22.37 -36.20
N LEU A 348 -10.23 23.22 -35.22
CA LEU A 348 -9.38 23.38 -34.04
C LEU A 348 -9.36 22.11 -33.19
N MET A 349 -10.43 21.34 -33.23
CA MET A 349 -10.51 20.09 -32.49
C MET A 349 -9.66 19.02 -33.14
N ARG A 350 -9.64 18.98 -34.46
CA ARG A 350 -9.15 17.81 -35.16
C ARG A 350 -7.76 17.96 -35.75
N ASP A 351 -7.43 19.14 -36.25
CA ASP A 351 -6.25 19.34 -37.08
C ASP A 351 -4.99 19.64 -36.29
N ASP A 352 -3.85 19.46 -36.96
CA ASP A 352 -2.57 19.82 -36.38
C ASP A 352 -2.27 21.31 -36.48
N TYR A 353 -2.59 21.96 -37.58
CA TYR A 353 -2.24 23.35 -37.80
C TYR A 353 -3.46 24.09 -38.33
N VAL A 354 -3.92 25.11 -37.64
CA VAL A 354 -5.07 25.87 -38.15
C VAL A 354 -4.67 27.32 -38.38
N GLU A 355 -4.90 27.79 -39.60
CA GLU A 355 -4.64 29.19 -39.98
C GLU A 355 -5.75 30.13 -39.56
N LYS A 356 -5.33 31.32 -39.18
CA LYS A 356 -6.18 32.48 -38.99
C LYS A 356 -7.22 32.67 -40.09
N ASP A 357 -8.47 32.78 -39.70
CA ASP A 357 -9.58 32.82 -40.64
C ASP A 357 -10.76 33.45 -39.91
N ARG A 358 -10.93 34.76 -40.07
CA ARG A 358 -11.91 35.51 -39.30
C ARG A 358 -13.34 35.11 -39.62
N SER A 359 -13.63 34.82 -40.88
CA SER A 359 -14.99 34.47 -41.27
C SER A 359 -15.41 33.13 -40.73
N ARG A 360 -14.46 32.28 -40.36
CA ARG A 360 -14.77 31.10 -39.58
C ARG A 360 -14.59 31.32 -38.10
N GLY A 361 -14.44 32.56 -37.66
CA GLY A 361 -14.27 32.88 -36.25
C GLY A 361 -12.92 32.49 -35.65
N ILE A 362 -11.94 32.17 -36.47
CA ILE A 362 -10.62 31.79 -36.00
C ILE A 362 -9.74 33.03 -35.98
N TYR A 363 -9.37 33.46 -34.76
CA TYR A 363 -8.69 34.76 -34.62
C TYR A 363 -7.18 34.61 -34.58
N PHE A 364 -6.68 33.40 -34.43
CA PHE A 364 -5.28 33.19 -34.20
C PHE A 364 -4.88 31.98 -35.01
N THR A 365 -3.66 31.97 -35.52
CA THR A 365 -3.10 30.74 -36.04
C THR A 365 -2.77 29.81 -34.86
N GLN A 366 -3.32 28.61 -34.86
CA GLN A 366 -3.09 27.63 -33.79
C GLN A 366 -2.25 26.50 -34.35
N ASP A 367 -1.10 26.25 -33.72
CA ASP A 367 -0.21 25.14 -34.01
C ASP A 367 -0.33 24.11 -32.86
N TRP A 368 -1.00 23.00 -33.11
CA TRP A 368 -1.13 22.01 -32.04
C TRP A 368 0.13 21.23 -31.77
N CYS A 369 1.16 21.31 -32.62
CA CYS A 369 2.51 20.76 -32.36
C CYS A 369 2.47 19.25 -32.05
N SER A 370 1.73 18.51 -32.86
CA SER A 370 1.41 17.09 -32.88
C SER A 370 0.56 16.57 -31.70
N MET A 371 -0.03 17.41 -30.87
CA MET A 371 -1.07 16.99 -29.94
C MET A 371 -2.21 16.33 -30.73
N PRO A 372 -2.60 15.11 -30.36
CA PRO A 372 -3.65 14.38 -31.11
C PRO A 372 -4.96 15.15 -31.15
N GLY A 373 -5.64 15.03 -32.27
CA GLY A 373 -6.93 15.64 -32.45
C GLY A 373 -8.03 14.91 -31.69
N VAL A 374 -9.14 15.58 -31.55
CA VAL A 374 -10.34 15.09 -30.90
C VAL A 374 -11.43 14.90 -31.98
N MET A 375 -12.17 13.84 -31.83
CA MET A 375 -13.22 13.56 -32.73
C MET A 375 -14.47 14.31 -32.30
N PRO A 376 -14.98 15.19 -33.16
CA PRO A 376 -16.30 15.80 -32.90
C PRO A 376 -17.44 14.80 -32.97
N VAL A 377 -18.37 14.96 -32.08
CA VAL A 377 -19.63 14.21 -32.07
C VAL A 377 -20.80 15.13 -32.43
N ALA A 378 -21.40 14.86 -33.56
CA ALA A 378 -22.50 15.66 -34.09
C ALA A 378 -23.83 15.01 -33.79
N SER A 379 -24.75 15.81 -33.34
CA SER A 379 -26.14 15.39 -33.36
C SER A 379 -26.60 15.27 -34.83
N GLY A 380 -26.88 14.06 -35.28
CA GLY A 380 -27.70 13.87 -36.45
C GLY A 380 -29.14 14.16 -36.14
N GLY A 381 -29.93 14.41 -37.16
CA GLY A 381 -31.28 14.77 -36.91
C GLY A 381 -32.18 13.61 -36.48
N ILE A 382 -33.49 13.92 -36.51
CA ILE A 382 -34.53 12.95 -36.22
C ILE A 382 -34.46 11.80 -37.22
N HIS A 383 -34.07 12.10 -38.43
CA HIS A 383 -34.20 11.10 -39.47
C HIS A 383 -32.89 10.88 -40.22
N VAL A 384 -32.95 9.98 -41.20
CA VAL A 384 -31.79 9.53 -41.97
C VAL A 384 -31.54 10.35 -43.22
N TRP A 385 -32.41 11.30 -43.54
CA TRP A 385 -32.27 12.13 -44.72
C TRP A 385 -31.26 13.25 -44.52
N HIS A 386 -30.85 13.50 -43.30
CA HIS A 386 -29.75 14.41 -43.07
C HIS A 386 -28.41 13.77 -43.29
N MET A 387 -28.34 12.44 -43.45
CA MET A 387 -27.06 11.75 -43.65
C MET A 387 -26.19 12.32 -44.76
N PRO A 388 -26.68 12.67 -45.98
CA PRO A 388 -25.78 13.28 -46.99
C PRO A 388 -25.16 14.60 -46.57
N ALA A 389 -25.92 15.48 -45.93
CA ALA A 389 -25.37 16.74 -45.44
C ALA A 389 -24.29 16.52 -44.39
N LEU A 390 -24.53 15.62 -43.41
CA LEU A 390 -23.54 15.34 -42.35
C LEU A 390 -22.23 14.79 -42.91
N VAL A 391 -22.30 13.90 -43.89
CA VAL A 391 -21.10 13.32 -44.46
C VAL A 391 -20.32 14.35 -45.25
N GLU A 392 -21.03 15.23 -45.96
CA GLU A 392 -20.40 16.30 -46.72
C GLU A 392 -19.75 17.33 -45.81
N ILE A 393 -20.40 17.68 -44.71
CA ILE A 393 -19.89 18.76 -43.87
C ILE A 393 -18.74 18.24 -42.99
N PHE A 394 -18.96 17.12 -42.29
CA PHE A 394 -17.97 16.68 -41.33
C PHE A 394 -16.84 15.91 -41.99
N GLY A 395 -17.07 15.26 -43.11
CA GLY A 395 -16.18 14.23 -43.62
C GLY A 395 -16.20 12.97 -42.76
N ASP A 396 -15.18 12.14 -42.91
CA ASP A 396 -15.21 10.86 -42.20
C ASP A 396 -14.89 10.99 -40.71
N ASP A 397 -14.09 11.96 -40.27
CA ASP A 397 -13.61 11.96 -38.88
C ASP A 397 -14.59 12.64 -37.95
N ALA A 398 -15.65 11.90 -37.61
CA ALA A 398 -16.72 12.37 -36.76
C ALA A 398 -17.57 11.20 -36.30
N CYS A 399 -18.17 11.31 -35.15
CA CYS A 399 -19.24 10.42 -34.78
C CYS A 399 -20.55 11.14 -35.04
N LEU A 400 -21.43 10.49 -35.70
CA LEU A 400 -22.76 11.02 -35.89
C LEU A 400 -23.67 10.35 -34.87
N GLN A 401 -24.25 11.13 -33.98
CA GLN A 401 -25.17 10.61 -32.99
C GLN A 401 -26.59 10.78 -33.46
N PHE A 402 -27.36 9.73 -33.35
CA PHE A 402 -28.74 9.72 -33.76
C PHE A 402 -29.61 9.64 -32.51
N GLY A 403 -30.47 10.63 -32.33
CA GLY A 403 -31.18 10.79 -31.08
C GLY A 403 -32.46 9.99 -31.05
N GLY A 404 -33.06 9.81 -32.22
CA GLY A 404 -34.19 8.95 -32.43
C GLY A 404 -34.28 8.39 -33.85
N GLY A 405 -33.20 8.48 -34.64
CA GLY A 405 -33.18 7.80 -35.94
C GLY A 405 -33.37 6.30 -35.77
N THR A 406 -32.53 5.72 -34.95
CA THR A 406 -32.59 4.31 -34.58
C THR A 406 -33.91 3.95 -33.86
N LEU A 407 -34.48 4.87 -33.06
CA LEU A 407 -35.57 4.44 -32.15
C LEU A 407 -36.93 5.01 -32.57
N GLY A 408 -36.94 6.07 -33.35
CA GLY A 408 -38.19 6.44 -33.97
C GLY A 408 -38.53 5.55 -35.14
N HIS A 409 -37.58 4.72 -35.57
CA HIS A 409 -37.81 3.71 -36.60
C HIS A 409 -38.95 2.80 -36.18
N PRO A 410 -39.87 2.48 -37.09
CA PRO A 410 -41.06 1.73 -36.68
C PRO A 410 -40.77 0.30 -36.29
N TRP A 411 -39.70 -0.30 -36.80
CA TRP A 411 -39.40 -1.70 -36.48
C TRP A 411 -38.52 -1.87 -35.23
N GLY A 412 -38.09 -0.81 -34.58
CA GLY A 412 -37.39 -0.91 -33.30
C GLY A 412 -35.93 -0.52 -33.40
N ASN A 413 -35.18 -0.76 -32.31
CA ASN A 413 -33.79 -0.28 -32.22
C ASN A 413 -32.87 -0.93 -33.28
N ALA A 414 -32.82 -2.24 -33.38
CA ALA A 414 -31.85 -2.87 -34.28
C ALA A 414 -32.07 -2.52 -35.76
N PRO A 415 -33.29 -2.55 -36.33
CA PRO A 415 -33.45 -2.08 -37.73
C PRO A 415 -33.21 -0.59 -37.89
N GLY A 416 -33.49 0.19 -36.84
CA GLY A 416 -33.16 1.59 -36.88
C GLY A 416 -31.67 1.84 -36.95
N ALA A 417 -30.90 1.11 -36.15
CA ALA A 417 -29.45 1.14 -36.25
C ALA A 417 -29.02 0.72 -37.63
N ALA A 418 -29.64 -0.33 -38.16
CA ALA A 418 -29.26 -0.85 -39.47
C ALA A 418 -29.59 0.15 -40.58
N ALA A 419 -30.69 0.86 -40.43
CA ALA A 419 -31.05 1.91 -41.40
C ALA A 419 -30.07 3.07 -41.36
N ASN A 420 -29.63 3.51 -40.18
CA ASN A 420 -28.60 4.54 -40.09
C ASN A 420 -27.28 4.11 -40.71
N ARG A 421 -26.87 2.86 -40.48
CA ARG A 421 -25.60 2.37 -40.98
C ARG A 421 -25.60 2.23 -42.50
N VAL A 422 -26.71 1.76 -43.07
CA VAL A 422 -26.87 1.66 -44.53
C VAL A 422 -26.79 3.05 -45.18
N ALA A 423 -27.52 4.02 -44.63
CA ALA A 423 -27.53 5.38 -45.14
C ALA A 423 -26.15 6.04 -45.07
N LEU A 424 -25.42 5.84 -43.96
CA LEU A 424 -24.08 6.37 -43.82
C LEU A 424 -23.15 5.74 -44.85
N GLU A 425 -23.26 4.44 -45.03
CA GLU A 425 -22.36 3.73 -45.91
C GLU A 425 -22.64 4.04 -47.39
N ALA A 426 -23.93 4.21 -47.75
CA ALA A 426 -24.29 4.56 -49.13
C ALA A 426 -23.86 5.99 -49.47
N CYS A 427 -24.04 6.92 -48.53
CA CYS A 427 -23.52 8.28 -48.69
C CYS A 427 -22.00 8.29 -48.77
N THR A 428 -21.32 7.43 -48.00
CA THR A 428 -19.88 7.34 -48.06
C THR A 428 -19.42 6.81 -49.42
N GLN A 429 -20.04 5.72 -49.87
CA GLN A 429 -19.79 5.17 -51.19
C GLN A 429 -19.99 6.20 -52.29
N ALA A 430 -21.10 6.94 -52.24
CA ALA A 430 -21.41 7.93 -53.26
C ALA A 430 -20.45 9.10 -53.26
N ARG A 431 -20.05 9.58 -52.08
CA ARG A 431 -18.99 10.57 -51.93
C ARG A 431 -17.67 10.10 -52.54
N ASN A 432 -17.27 8.85 -52.30
CA ASN A 432 -15.99 8.39 -52.83
C ASN A 432 -16.04 8.27 -54.35
N GLU A 433 -17.23 7.99 -54.87
CA GLU A 433 -17.45 7.86 -56.31
C GLU A 433 -17.41 9.19 -57.04
N GLY A 434 -17.37 10.29 -56.30
CA GLY A 434 -17.35 11.60 -56.89
C GLY A 434 -18.69 12.29 -56.99
N ARG A 435 -19.76 11.73 -56.44
CA ARG A 435 -21.06 12.36 -56.50
C ARG A 435 -21.15 13.53 -55.52
N ASP A 436 -21.96 14.51 -55.89
CA ASP A 436 -22.18 15.72 -55.12
C ASP A 436 -23.31 15.44 -54.13
N LEU A 437 -22.97 15.34 -52.84
CA LEU A 437 -23.98 14.99 -51.85
C LEU A 437 -24.93 16.14 -51.56
N ALA A 438 -24.51 17.37 -51.84
CA ALA A 438 -25.40 18.52 -51.70
C ALA A 438 -26.56 18.42 -52.68
N ARG A 439 -26.28 17.93 -53.88
CA ARG A 439 -27.32 17.84 -54.89
C ARG A 439 -28.00 16.48 -54.87
N GLU A 440 -27.21 15.42 -54.87
CA GLU A 440 -27.65 14.09 -55.20
C GLU A 440 -27.91 13.21 -54.00
N GLY A 441 -27.93 13.78 -52.79
CA GLY A 441 -28.01 12.95 -51.60
C GLY A 441 -29.36 12.30 -51.42
N GLY A 442 -30.43 13.00 -51.78
CA GLY A 442 -31.74 12.39 -51.84
C GLY A 442 -31.83 11.25 -52.82
N ASP A 443 -31.17 11.40 -53.97
CA ASP A 443 -31.09 10.31 -54.93
C ASP A 443 -30.25 9.13 -54.42
N VAL A 444 -29.23 9.40 -53.59
CA VAL A 444 -28.44 8.31 -53.00
C VAL A 444 -29.25 7.50 -52.02
N ILE A 445 -30.01 8.18 -51.16
CA ILE A 445 -30.82 7.50 -50.16
C ILE A 445 -31.94 6.68 -50.80
N ARG A 446 -32.67 7.26 -51.76
CA ARG A 446 -33.75 6.56 -52.45
C ARG A 446 -33.24 5.33 -53.20
N SER A 447 -32.05 5.40 -53.74
CA SER A 447 -31.45 4.26 -54.41
C SER A 447 -31.04 3.16 -53.43
N ALA A 448 -30.67 3.52 -52.19
CA ALA A 448 -30.35 2.49 -51.21
C ALA A 448 -31.62 1.91 -50.59
N CYS A 449 -32.72 2.67 -50.59
CA CYS A 449 -34.02 2.16 -50.15
C CYS A 449 -34.53 0.99 -50.99
N LYS A 450 -34.11 0.90 -52.26
CA LYS A 450 -34.58 -0.17 -53.14
C LYS A 450 -34.13 -1.54 -52.65
N TRP A 451 -32.89 -1.65 -52.21
CA TRP A 451 -32.44 -2.94 -51.71
C TRP A 451 -32.44 -3.08 -50.17
N SER A 452 -32.61 -2.01 -49.41
CA SER A 452 -32.59 -2.17 -47.95
C SER A 452 -33.99 -1.97 -47.41
N PRO A 453 -34.65 -3.02 -46.94
CA PRO A 453 -35.99 -2.83 -46.35
C PRO A 453 -35.99 -2.00 -45.09
N GLU A 454 -34.92 -2.02 -44.29
CA GLU A 454 -34.88 -1.21 -43.08
C GLU A 454 -34.80 0.27 -43.43
N LEU A 455 -33.91 0.63 -44.34
CA LEU A 455 -33.84 2.02 -44.78
C LEU A 455 -35.13 2.47 -45.49
N ALA A 456 -35.75 1.58 -46.26
CA ALA A 456 -37.03 1.92 -46.90
C ALA A 456 -38.14 2.19 -45.88
N ALA A 457 -38.16 1.44 -44.77
CA ALA A 457 -39.14 1.69 -43.73
C ALA A 457 -38.85 2.97 -42.94
N ALA A 458 -37.58 3.36 -42.82
CA ALA A 458 -37.28 4.62 -42.16
C ALA A 458 -37.68 5.81 -43.02
N CYS A 459 -37.49 5.68 -44.32
CA CYS A 459 -37.89 6.73 -45.23
C CYS A 459 -39.41 6.93 -45.23
N GLU A 460 -40.16 5.84 -45.14
CA GLU A 460 -41.62 5.92 -45.14
C GLU A 460 -42.12 6.95 -44.14
N VAL A 461 -41.50 6.97 -42.96
CA VAL A 461 -41.61 8.07 -41.99
C VAL A 461 -41.21 9.39 -42.65
N MET B 46 49.65 27.81 17.45
CA MET B 46 48.53 27.04 16.92
C MET B 46 47.37 27.35 17.84
N MET B 47 46.31 27.91 17.29
CA MET B 47 45.19 28.43 18.05
C MET B 47 43.95 27.57 17.79
N VAL B 48 42.93 27.64 18.64
CA VAL B 48 41.71 26.83 18.52
C VAL B 48 40.52 27.75 18.25
N TRP B 49 39.84 27.54 17.12
CA TRP B 49 38.61 28.26 16.83
C TRP B 49 37.56 27.93 17.89
N THR B 50 37.10 28.91 18.61
CA THR B 50 36.29 28.59 19.79
C THR B 50 34.85 28.20 19.40
N PRO B 51 34.31 27.15 20.00
CA PRO B 51 32.89 26.79 19.84
C PRO B 51 31.96 27.55 20.79
N VAL B 52 32.47 28.33 21.73
CA VAL B 52 31.64 28.94 22.77
C VAL B 52 31.30 30.36 22.35
N ASN B 53 30.03 30.71 22.42
CA ASN B 53 29.53 32.08 22.22
C ASN B 53 30.07 32.73 20.95
N ASN B 54 30.12 31.98 19.88
CA ASN B 54 30.84 32.40 18.70
C ASN B 54 29.91 32.32 17.48
N LYS B 55 28.69 32.78 17.64
CA LYS B 55 27.69 32.80 16.57
C LYS B 55 28.05 33.74 15.40
N MET B 56 27.71 33.32 14.18
CA MET B 56 27.96 34.09 12.96
C MET B 56 26.63 34.49 12.29
N PHE B 57 26.66 35.56 11.51
CA PHE B 57 25.41 36.05 10.96
C PHE B 57 25.42 36.21 9.46
N GLU B 58 26.02 35.21 8.82
CA GLU B 58 26.23 35.08 7.37
C GLU B 58 27.25 36.06 6.76
N THR B 59 26.90 36.65 5.63
CA THR B 59 27.89 37.46 4.94
C THR B 59 28.51 38.62 5.74
N PHE B 60 29.84 38.64 5.70
CA PHE B 60 30.74 39.61 6.36
C PHE B 60 30.93 39.39 7.87
N SER B 61 30.25 38.41 8.46
CA SER B 61 30.41 38.20 9.91
C SER B 61 31.79 37.65 10.30
N TYR B 62 32.58 37.21 9.36
CA TYR B 62 33.92 36.76 9.71
C TYR B 62 34.93 37.92 9.58
N LEU B 63 34.49 39.10 9.18
CA LEU B 63 35.30 40.32 9.13
C LEU B 63 35.11 41.09 10.43
N PRO B 64 35.98 42.06 10.76
CA PRO B 64 35.64 43.02 11.82
C PRO B 64 34.36 43.75 11.48
N PRO B 65 33.63 44.26 12.49
CA PRO B 65 32.37 45.00 12.22
C PRO B 65 32.61 46.18 11.29
N LEU B 66 31.77 46.27 10.28
CA LEU B 66 31.94 47.30 9.31
C LEU B 66 31.79 48.65 9.98
N SER B 67 32.67 49.55 9.61
CA SER B 67 32.65 50.93 10.09
C SER B 67 31.66 51.71 9.24
N ASP B 68 31.37 52.94 9.63
CA ASP B 68 30.42 53.75 8.88
C ASP B 68 30.89 53.95 7.44
N GLU B 69 32.18 54.20 7.24
CA GLU B 69 32.72 54.33 5.89
C GLU B 69 32.57 53.00 5.14
N GLN B 70 32.82 51.89 5.83
CA GLN B 70 32.65 50.57 5.21
C GLN B 70 31.20 50.32 4.84
N ILE B 71 30.26 50.68 5.70
CA ILE B 71 28.85 50.53 5.37
C ILE B 71 28.47 51.43 4.20
N ALA B 72 28.99 52.65 4.19
CA ALA B 72 28.72 53.62 3.13
C ALA B 72 29.22 53.12 1.78
N ALA B 73 30.38 52.48 1.76
CA ALA B 73 30.91 51.93 0.53
C ALA B 73 30.09 50.74 0.02
N GLN B 74 29.59 49.89 0.92
CA GLN B 74 28.66 48.83 0.51
C GLN B 74 27.36 49.41 -0.03
N VAL B 75 26.85 50.49 0.57
CA VAL B 75 25.64 51.14 0.08
C VAL B 75 25.86 51.75 -1.32
N ASP B 76 27.05 52.29 -1.55
CA ASP B 76 27.43 52.71 -2.90
C ASP B 76 27.39 51.57 -3.90
N TYR B 77 27.77 50.37 -3.46
CA TYR B 77 27.69 49.16 -4.30
C TYR B 77 26.23 48.81 -4.61
N ILE B 78 25.39 48.96 -3.61
CA ILE B 78 23.94 48.73 -3.76
C ILE B 78 23.31 49.75 -4.73
N VAL B 79 23.64 51.02 -4.56
CA VAL B 79 23.00 52.08 -5.34
C VAL B 79 23.41 52.02 -6.82
N ALA B 80 24.72 51.86 -7.08
CA ALA B 80 25.23 51.78 -8.44
C ALA B 80 24.61 50.65 -9.24
N ASN B 81 24.31 49.54 -8.58
CA ASN B 81 23.66 48.44 -9.23
C ASN B 81 22.18 48.62 -9.44
N GLY B 82 21.59 49.73 -8.99
CA GLY B 82 20.14 49.87 -9.01
C GLY B 82 19.41 49.03 -8.00
N TRP B 83 20.07 48.59 -6.95
CA TRP B 83 19.44 47.72 -5.99
C TRP B 83 18.72 48.53 -4.93
N ILE B 84 17.80 47.87 -4.24
CA ILE B 84 16.98 48.54 -3.24
C ILE B 84 17.46 48.12 -1.86
N PRO B 85 18.10 49.02 -1.10
CA PRO B 85 18.45 48.71 0.29
C PRO B 85 17.23 48.62 1.19
N CYS B 86 17.33 47.79 2.22
CA CYS B 86 16.32 47.67 3.26
C CYS B 86 17.02 47.24 4.54
N LEU B 87 16.53 47.66 5.68
CA LEU B 87 17.08 47.19 6.94
C LEU B 87 16.16 46.18 7.59
N GLU B 88 16.73 45.24 8.30
CA GLU B 88 16.02 44.26 9.09
C GLU B 88 16.67 44.07 10.45
N PHE B 89 15.86 43.71 11.43
CA PHE B 89 16.34 43.58 12.78
C PHE B 89 15.65 42.40 13.49
N ALA B 90 16.31 41.89 14.50
CA ALA B 90 15.93 40.77 15.36
C ALA B 90 16.51 40.94 16.76
N GLU B 91 15.71 40.54 17.74
CA GLU B 91 16.19 40.45 19.10
C GLU B 91 17.12 39.20 19.11
N SER B 92 17.98 39.07 20.10
CA SER B 92 18.95 37.98 20.10
C SER B 92 18.36 36.57 20.02
N ASP B 93 17.23 36.34 20.68
CA ASP B 93 16.56 35.04 20.68
C ASP B 93 15.91 34.68 19.31
N LYS B 94 15.82 35.64 18.42
CA LYS B 94 15.27 35.38 17.10
C LYS B 94 16.33 35.61 16.03
N ALA B 95 17.53 35.99 16.44
CA ALA B 95 18.58 36.28 15.48
C ALA B 95 19.14 35.12 14.66
N TYR B 96 19.33 33.95 15.27
CA TYR B 96 19.92 32.83 14.53
C TYR B 96 18.98 31.63 14.28
N VAL B 97 19.32 30.80 13.30
CA VAL B 97 18.43 29.70 12.94
C VAL B 97 18.10 28.75 14.08
N SER B 98 16.84 28.35 14.10
CA SER B 98 16.32 27.45 15.12
C SER B 98 15.29 26.50 14.50
N ASN B 99 14.96 25.43 15.21
CA ASN B 99 14.02 24.40 14.76
C ASN B 99 12.74 24.25 15.56
N GLU B 100 12.32 25.24 16.34
CA GLU B 100 11.26 24.94 17.30
C GLU B 100 9.88 24.68 16.68
N SER B 101 9.53 25.32 15.55
CA SER B 101 8.26 25.05 14.87
C SER B 101 8.11 23.62 14.35
N ALA B 102 9.23 22.89 14.19
CA ALA B 102 9.21 21.54 13.64
C ALA B 102 8.51 20.53 14.53
N ILE B 103 8.23 20.88 15.80
CA ILE B 103 7.42 20.06 16.68
C ILE B 103 6.04 19.79 16.06
N ARG B 104 5.49 20.74 15.29
CA ARG B 104 4.17 20.61 14.67
C ARG B 104 4.18 19.74 13.42
N PHE B 105 5.33 19.40 12.90
CA PHE B 105 5.44 18.83 11.56
C PHE B 105 5.40 17.31 11.57
N GLY B 106 4.90 16.75 10.47
CA GLY B 106 5.27 15.42 10.03
C GLY B 106 6.71 15.37 9.46
N SER B 107 6.99 14.65 8.40
CA SER B 107 8.39 14.53 7.95
C SER B 107 8.82 15.56 6.91
N VAL B 108 8.53 16.82 7.11
CA VAL B 108 8.80 17.82 6.08
C VAL B 108 9.70 18.91 6.66
N SER B 109 10.60 18.57 7.58
CA SER B 109 11.49 19.65 8.09
C SER B 109 12.63 20.06 7.13
N CYS B 110 12.86 19.32 6.06
CA CYS B 110 13.96 19.53 5.13
C CYS B 110 14.03 20.97 4.59
N LEU B 111 15.11 21.67 4.93
CA LEU B 111 15.35 23.08 4.61
C LEU B 111 14.33 24.04 5.22
N TYR B 112 13.51 23.61 6.14
CA TYR B 112 12.76 24.51 6.98
C TYR B 112 13.63 24.93 8.16
N TYR B 113 13.67 26.22 8.42
CA TYR B 113 14.22 26.66 9.70
C TYR B 113 13.52 27.94 10.12
N ASP B 114 13.30 28.11 11.40
CA ASP B 114 12.73 29.34 11.90
C ASP B 114 13.86 30.38 12.05
N ASN B 115 13.48 31.65 12.09
CA ASN B 115 14.30 32.86 12.30
C ASN B 115 15.17 33.26 11.07
N ARG B 116 14.98 32.66 9.90
CA ARG B 116 15.53 33.24 8.69
C ARG B 116 14.91 34.60 8.40
N TYR B 117 13.61 34.69 8.46
CA TYR B 117 12.94 35.99 8.41
C TYR B 117 13.32 36.80 9.65
N TRP B 118 13.75 38.01 9.44
CA TRP B 118 13.80 39.02 10.51
C TRP B 118 12.66 40.03 10.34
N THR B 119 12.62 41.06 11.16
CA THR B 119 11.55 42.06 11.08
C THR B 119 12.05 43.29 10.29
N MET B 120 11.31 43.69 9.27
CA MET B 120 11.71 44.83 8.46
C MET B 120 11.62 46.14 9.25
N TRP B 121 12.57 47.05 9.01
CA TRP B 121 12.59 48.37 9.63
C TRP B 121 12.04 49.29 8.56
N LYS B 122 10.87 49.85 8.83
CA LYS B 122 10.17 50.74 7.90
C LYS B 122 9.96 50.04 6.56
N LEU B 123 10.34 50.70 5.49
CA LEU B 123 10.14 50.11 4.16
C LEU B 123 11.40 50.09 3.31
N PRO B 124 11.42 49.20 2.30
CA PRO B 124 12.52 49.22 1.34
C PRO B 124 12.63 50.62 0.77
N MET B 125 13.85 51.09 0.70
CA MET B 125 14.14 52.49 0.37
C MET B 125 14.16 52.62 -1.14
N PHE B 126 12.97 52.65 -1.72
CA PHE B 126 12.82 52.79 -3.16
C PHE B 126 13.35 54.16 -3.55
N GLY B 127 14.18 54.19 -4.59
CA GLY B 127 14.79 55.41 -5.09
C GLY B 127 15.97 55.90 -4.28
N CYS B 128 16.50 55.07 -3.39
CA CYS B 128 17.69 55.45 -2.63
C CYS B 128 18.87 55.63 -3.57
N ARG B 129 19.43 56.82 -3.52
CA ARG B 129 20.59 57.19 -4.30
C ARG B 129 21.73 57.65 -3.43
N ASP B 130 21.45 58.23 -2.27
CA ASP B 130 22.49 58.71 -1.41
C ASP B 130 22.69 57.79 -0.22
N PRO B 131 23.93 57.46 0.13
CA PRO B 131 24.14 56.52 1.23
C PRO B 131 23.88 57.05 2.62
N MET B 132 23.63 58.35 2.78
CA MET B 132 23.52 58.92 4.11
C MET B 132 22.15 58.64 4.71
N GLN B 133 21.18 58.33 3.86
CA GLN B 133 19.86 57.92 4.33
C GLN B 133 19.91 56.55 5.03
N VAL B 134 20.67 55.61 4.47
CA VAL B 134 20.79 54.29 5.08
C VAL B 134 21.52 54.41 6.39
N LEU B 135 22.57 55.24 6.43
CA LEU B 135 23.34 55.44 7.66
C LEU B 135 22.52 56.10 8.75
N ARG B 136 21.62 57.00 8.34
CA ARG B 136 20.69 57.62 9.26
C ARG B 136 19.67 56.59 9.78
N GLU B 137 19.14 55.77 8.87
CA GLU B 137 18.19 54.74 9.25
C GLU B 137 18.81 53.67 10.13
N ILE B 138 20.09 53.36 9.92
CA ILE B 138 20.79 52.41 10.80
C ILE B 138 20.85 52.94 12.21
N VAL B 139 21.21 54.22 12.37
CA VAL B 139 21.23 54.87 13.68
C VAL B 139 19.84 54.87 14.31
N ALA B 140 18.80 55.21 13.54
CA ALA B 140 17.45 55.24 14.08
C ALA B 140 16.98 53.86 14.55
N CYS B 141 17.26 52.81 13.78
CA CYS B 141 16.87 51.45 14.18
C CYS B 141 17.57 51.02 15.46
N THR B 142 18.86 51.28 15.56
CA THR B 142 19.62 50.87 16.73
C THR B 142 19.24 51.70 17.94
N LYS B 143 18.84 52.95 17.73
CA LYS B 143 18.34 53.77 18.81
C LYS B 143 17.00 53.25 19.34
N ALA B 144 16.10 52.88 18.44
CA ALA B 144 14.82 52.30 18.87
C ALA B 144 15.01 50.89 19.42
N PHE B 145 15.99 50.15 18.95
CA PHE B 145 16.14 48.76 19.36
C PHE B 145 17.57 48.49 19.75
N PRO B 146 17.96 48.85 20.99
CA PRO B 146 19.38 48.72 21.37
C PRO B 146 19.81 47.30 21.61
N ASP B 147 18.90 46.40 21.94
CA ASP B 147 19.24 45.01 22.14
C ASP B 147 19.12 44.15 20.87
N ALA B 148 19.00 44.75 19.70
CA ALA B 148 18.72 44.06 18.45
C ALA B 148 19.93 43.99 17.52
N TYR B 149 20.15 42.84 16.93
CA TYR B 149 20.98 42.77 15.72
C TYR B 149 20.29 43.52 14.58
N VAL B 150 21.04 44.17 13.70
CA VAL B 150 20.48 44.89 12.55
C VAL B 150 21.21 44.46 11.29
N ARG B 151 20.49 44.07 10.29
CA ARG B 151 21.10 43.67 9.05
C ARG B 151 20.62 44.54 7.90
N LEU B 152 21.52 44.76 6.98
CA LEU B 152 21.24 45.53 5.79
C LEU B 152 21.05 44.58 4.62
N VAL B 153 19.91 44.63 3.99
CA VAL B 153 19.67 43.72 2.89
C VAL B 153 19.52 44.56 1.63
N ALA B 154 19.52 43.91 0.51
CA ALA B 154 19.32 44.58 -0.76
C ALA B 154 18.55 43.67 -1.70
N PHE B 155 17.67 44.27 -2.46
CA PHE B 155 16.78 43.58 -3.39
C PHE B 155 17.09 44.04 -4.80
N ASP B 156 17.10 43.13 -5.74
CA ASP B 156 17.30 43.44 -7.14
C ASP B 156 15.99 43.24 -7.86
N ASN B 157 15.38 44.34 -8.26
CA ASN B 157 14.04 44.29 -8.82
C ASN B 157 14.05 43.71 -10.24
N GLN B 158 15.22 43.68 -10.89
CA GLN B 158 15.33 42.96 -12.15
C GLN B 158 15.15 41.47 -11.94
N LYS B 159 15.97 40.85 -11.13
CA LYS B 159 15.89 39.43 -10.89
C LYS B 159 14.83 39.10 -9.83
N GLN B 160 14.13 40.12 -9.28
CA GLN B 160 13.06 40.01 -8.27
C GLN B 160 13.42 39.06 -7.12
N VAL B 161 14.47 39.39 -6.38
CA VAL B 161 15.02 38.51 -5.36
C VAL B 161 15.96 39.31 -4.45
N GLN B 162 15.97 38.98 -3.16
CA GLN B 162 17.02 39.44 -2.27
C GLN B 162 18.38 39.07 -2.80
N ILE B 163 19.30 40.03 -2.83
CA ILE B 163 20.60 39.84 -3.44
C ILE B 163 21.75 40.16 -2.49
N MET B 164 21.53 40.90 -1.41
CA MET B 164 22.53 41.04 -0.35
C MET B 164 21.90 40.89 1.01
N GLY B 165 22.75 40.65 1.98
CA GLY B 165 22.38 40.68 3.37
C GLY B 165 23.62 40.49 4.21
N PHE B 166 23.96 41.49 4.99
CA PHE B 166 25.10 41.48 5.86
C PHE B 166 24.73 42.32 7.06
N LEU B 167 25.42 42.06 8.14
CA LEU B 167 25.10 42.61 9.42
C LEU B 167 25.77 43.98 9.60
N VAL B 168 25.05 44.93 10.17
CA VAL B 168 25.62 46.23 10.45
C VAL B 168 25.66 46.55 11.93
N GLN B 169 25.01 45.79 12.78
CA GLN B 169 25.06 46.08 14.19
C GLN B 169 24.81 44.83 14.99
N ARG B 170 25.69 44.59 15.94
CA ARG B 170 25.54 43.56 16.94
C ARG B 170 25.22 44.27 18.24
N PRO B 171 24.29 43.77 19.05
CA PRO B 171 24.02 44.45 20.31
C PRO B 171 25.10 44.10 21.33
N LYS B 172 25.52 45.12 22.07
CA LYS B 172 26.47 44.97 23.19
C LYS B 172 26.00 43.91 24.18
N SER B 173 24.71 43.92 24.51
CA SER B 173 24.19 43.00 25.51
C SER B 173 24.11 41.55 25.02
N ALA B 174 24.35 41.32 23.73
CA ALA B 174 24.41 39.95 23.25
C ALA B 174 25.72 39.30 23.66
N ARG B 175 25.62 38.23 24.41
CA ARG B 175 26.80 37.43 24.69
C ARG B 175 27.02 36.31 23.68
N ASP B 176 26.13 36.14 22.71
CA ASP B 176 26.15 35.04 21.73
C ASP B 176 27.34 35.07 20.77
N TRP B 177 28.05 36.18 20.63
CA TRP B 177 29.03 36.38 19.57
C TRP B 177 30.38 36.85 20.10
N GLN B 178 31.39 36.70 19.33
CA GLN B 178 32.72 37.02 19.86
C GLN B 178 33.31 38.23 19.19
N PRO B 179 33.96 39.12 19.99
CA PRO B 179 34.51 40.38 19.47
C PRO B 179 35.85 40.25 18.76
N ALA B 180 35.92 39.31 17.83
CA ALA B 180 37.02 39.14 16.88
C ALA B 180 38.36 38.88 17.54
N ASN B 181 38.33 38.40 18.80
CA ASN B 181 39.34 37.65 19.54
C ASN B 181 38.76 36.27 19.87
N LYS B 182 38.31 35.60 18.80
CA LYS B 182 37.61 34.33 18.69
C LYS B 182 38.50 33.15 18.27
N ARG B 183 39.78 33.39 18.07
CA ARG B 183 40.89 32.45 18.13
C ARG B 183 40.76 31.17 17.33
N LYS C 18 -41.54 15.57 -25.19
CA LYS C 18 -40.70 16.73 -25.34
C LYS C 18 -41.47 18.03 -25.59
N ASP C 19 -41.72 18.80 -24.52
CA ASP C 19 -42.42 20.09 -24.58
C ASP C 19 -43.80 19.94 -25.21
N TYR C 20 -44.66 19.20 -24.53
CA TYR C 20 -46.02 18.99 -25.02
C TYR C 20 -46.92 20.10 -24.53
N ARG C 21 -46.46 20.81 -23.50
CA ARG C 21 -47.06 21.86 -22.69
C ARG C 21 -48.13 21.31 -21.75
N LEU C 22 -48.66 20.12 -21.99
CA LEU C 22 -49.71 19.65 -21.09
C LEU C 22 -49.18 18.54 -20.23
N THR C 23 -48.16 17.85 -20.72
CA THR C 23 -47.48 16.90 -19.87
C THR C 23 -46.63 17.63 -18.83
N TYR C 24 -45.96 18.72 -19.21
CA TYR C 24 -44.86 19.24 -18.40
C TYR C 24 -45.22 20.47 -17.65
N TYR C 25 -46.20 21.20 -18.13
CA TYR C 25 -46.73 22.33 -17.42
C TYR C 25 -47.97 21.85 -16.70
N THR C 26 -47.85 21.66 -15.39
CA THR C 26 -48.88 21.06 -14.56
C THR C 26 -49.15 22.01 -13.41
N PRO C 27 -49.95 23.06 -13.65
CA PRO C 27 -50.05 24.13 -12.66
C PRO C 27 -50.85 23.78 -11.41
N ASP C 28 -51.44 22.61 -11.34
CA ASP C 28 -52.07 22.16 -10.11
C ASP C 28 -51.25 21.09 -9.36
N TYR C 29 -50.00 20.83 -9.78
CA TYR C 29 -49.09 19.95 -9.06
C TYR C 29 -48.84 20.46 -7.64
N VAL C 30 -48.91 19.58 -6.67
CA VAL C 30 -48.49 19.92 -5.32
C VAL C 30 -47.02 19.54 -5.12
N VAL C 31 -46.24 20.53 -4.72
CA VAL C 31 -44.82 20.38 -4.47
C VAL C 31 -44.59 19.45 -3.29
N ARG C 32 -43.85 18.39 -3.51
CA ARG C 32 -43.44 17.48 -2.46
C ARG C 32 -42.29 18.07 -1.63
N ASP C 33 -42.12 17.56 -0.41
CA ASP C 33 -41.06 18.04 0.47
C ASP C 33 -39.68 17.62 0.00
N THR C 34 -39.58 16.51 -0.67
CA THR C 34 -38.30 16.00 -1.12
C THR C 34 -37.92 16.51 -2.51
N ASP C 35 -38.78 17.24 -3.20
CA ASP C 35 -38.46 17.80 -4.50
C ASP C 35 -37.40 18.88 -4.43
N ILE C 36 -36.61 18.93 -5.46
CA ILE C 36 -35.71 20.03 -5.74
C ILE C 36 -36.45 21.05 -6.59
N LEU C 37 -36.51 22.28 -6.17
CA LEU C 37 -37.21 23.27 -6.93
C LEU C 37 -36.23 24.20 -7.62
N ALA C 38 -36.58 24.69 -8.76
CA ALA C 38 -35.77 25.65 -9.49
C ALA C 38 -36.64 26.81 -9.91
N ALA C 39 -36.10 28.01 -9.84
CA ALA C 39 -36.75 29.19 -10.42
C ALA C 39 -35.89 29.72 -11.57
N PHE C 40 -36.39 29.58 -12.75
CA PHE C 40 -35.79 30.11 -13.97
C PHE C 40 -36.41 31.42 -14.42
N ARG C 41 -35.61 32.46 -14.48
CA ARG C 41 -35.95 33.66 -15.23
C ARG C 41 -35.77 33.40 -16.71
N MET C 42 -36.83 33.54 -17.45
CA MET C 42 -36.99 32.97 -18.76
C MET C 42 -37.36 34.05 -19.77
N THR C 43 -36.66 34.09 -20.90
CA THR C 43 -36.94 35.06 -21.97
C THR C 43 -37.30 34.33 -23.25
N PRO C 44 -38.59 34.09 -23.49
CA PRO C 44 -39.01 33.33 -24.68
C PRO C 44 -38.75 34.07 -25.98
N GLN C 45 -38.49 33.31 -27.02
CA GLN C 45 -38.49 33.87 -28.36
C GLN C 45 -39.86 34.46 -28.68
N PRO C 46 -39.89 35.58 -29.42
CA PRO C 46 -41.16 36.27 -29.66
C PRO C 46 -42.16 35.42 -30.41
N GLY C 47 -43.38 35.40 -29.89
CA GLY C 47 -44.41 34.51 -30.38
C GLY C 47 -44.50 33.15 -29.70
N VAL C 48 -43.58 32.81 -28.81
CA VAL C 48 -43.59 31.52 -28.13
C VAL C 48 -44.23 31.73 -26.77
N PRO C 49 -45.33 31.05 -26.44
CA PRO C 49 -46.06 31.38 -25.23
C PRO C 49 -45.31 30.93 -24.01
N PRO C 50 -45.52 31.57 -22.85
CA PRO C 50 -44.73 31.25 -21.64
C PRO C 50 -44.91 29.84 -21.13
N GLU C 51 -46.08 29.26 -21.31
CA GLU C 51 -46.36 27.92 -20.83
C GLU C 51 -45.61 26.89 -21.62
N GLU C 52 -45.38 27.18 -22.90
CA GLU C 52 -44.59 26.29 -23.73
C GLU C 52 -43.12 26.35 -23.38
N CYS C 53 -42.62 27.53 -22.99
CA CYS C 53 -41.21 27.62 -22.61
C CYS C 53 -40.94 26.98 -21.27
N GLY C 54 -41.80 27.26 -20.28
CA GLY C 54 -41.67 26.63 -18.98
C GLY C 54 -41.71 25.13 -19.04
N ALA C 55 -42.59 24.59 -19.88
CA ALA C 55 -42.69 23.15 -20.12
C ALA C 55 -41.45 22.59 -20.78
N ALA C 56 -40.90 23.29 -21.77
CA ALA C 56 -39.67 22.90 -22.43
C ALA C 56 -38.48 22.84 -21.46
N VAL C 57 -38.37 23.82 -20.55
CA VAL C 57 -37.31 23.81 -19.54
C VAL C 57 -37.52 22.65 -18.57
N ALA C 58 -38.78 22.39 -18.19
CA ALA C 58 -39.10 21.24 -17.36
C ALA C 58 -38.71 19.93 -18.06
N ALA C 59 -38.96 19.86 -19.36
CA ALA C 59 -38.78 18.60 -20.08
C ALA C 59 -37.30 18.27 -20.41
N GLU C 60 -36.45 19.27 -20.66
CA GLU C 60 -35.08 19.10 -21.23
C GLU C 60 -35.12 18.15 -22.42
N SER C 61 -35.89 18.54 -23.43
CA SER C 61 -36.12 17.78 -24.64
C SER C 61 -34.80 17.35 -25.28
N SER C 62 -34.80 16.21 -25.95
CA SER C 62 -33.53 15.73 -26.48
C SER C 62 -33.22 16.40 -27.82
N THR C 63 -34.11 17.31 -28.27
CA THR C 63 -33.85 18.23 -29.38
C THR C 63 -33.89 19.68 -28.89
N GLY C 64 -32.73 20.34 -29.01
CA GLY C 64 -32.57 21.69 -28.49
C GLY C 64 -32.69 22.71 -29.61
N THR C 65 -32.50 22.24 -30.86
CA THR C 65 -32.67 23.03 -32.08
C THR C 65 -34.14 23.10 -32.56
N TRP C 66 -34.85 21.99 -32.49
CA TRP C 66 -36.23 21.92 -33.00
C TRP C 66 -37.32 22.74 -32.31
N THR C 67 -37.31 22.69 -30.97
CA THR C 67 -38.33 23.33 -30.10
C THR C 67 -39.74 22.75 -30.30
N THR C 68 -39.81 21.48 -30.68
CA THR C 68 -41.08 20.78 -30.88
C THR C 68 -40.95 19.29 -30.52
N VAL C 69 -42.04 18.68 -30.11
CA VAL C 69 -42.00 17.27 -29.79
C VAL C 69 -41.71 16.47 -31.05
N TRP C 70 -40.89 15.43 -30.91
CA TRP C 70 -40.55 14.55 -32.02
C TRP C 70 -40.66 13.10 -31.58
N THR C 71 -39.88 12.72 -30.55
CA THR C 71 -39.87 11.37 -29.98
C THR C 71 -40.47 11.49 -28.58
N ASP C 72 -41.73 11.07 -28.43
CA ASP C 72 -42.45 11.28 -27.19
C ASP C 72 -42.91 9.95 -26.61
N GLY C 73 -42.58 9.74 -25.33
CA GLY C 73 -42.89 8.59 -24.51
C GLY C 73 -41.67 7.83 -23.99
N LEU C 74 -41.21 8.18 -22.78
CA LEU C 74 -39.97 7.64 -22.23
C LEU C 74 -40.13 7.31 -20.75
N THR C 75 -39.40 6.29 -20.31
CA THR C 75 -39.31 6.09 -18.87
C THR C 75 -38.28 7.00 -18.24
N SER C 76 -37.55 7.79 -19.03
CA SER C 76 -36.88 8.95 -18.47
C SER C 76 -37.79 10.14 -18.38
N LEU C 77 -38.93 10.14 -19.10
CA LEU C 77 -39.91 11.24 -19.11
C LEU C 77 -41.31 10.86 -18.61
N ASP C 78 -41.46 9.91 -17.69
CA ASP C 78 -42.80 9.64 -17.16
C ASP C 78 -42.85 9.88 -15.65
N ARG C 79 -41.81 9.46 -14.89
CA ARG C 79 -41.76 9.59 -13.43
C ARG C 79 -40.47 10.29 -13.01
N TYR C 80 -39.55 10.49 -13.94
CA TYR C 80 -38.30 11.15 -13.64
C TYR C 80 -38.25 12.51 -14.32
N LYS C 81 -39.43 13.07 -14.49
CA LYS C 81 -39.58 14.36 -15.14
C LYS C 81 -39.77 15.55 -14.22
N GLY C 82 -39.04 16.62 -14.50
CA GLY C 82 -39.22 17.88 -13.80
C GLY C 82 -40.54 18.44 -14.33
N ARG C 83 -41.35 19.07 -13.49
CA ARG C 83 -42.63 19.63 -13.93
C ARG C 83 -42.68 21.13 -13.71
N CYS C 84 -43.12 21.89 -14.72
CA CYS C 84 -43.24 23.32 -14.51
C CYS C 84 -44.57 23.58 -13.83
N TYR C 85 -44.54 23.93 -12.55
CA TYR C 85 -45.79 24.00 -11.79
C TYR C 85 -46.32 25.42 -11.61
N ASP C 86 -45.63 26.44 -12.11
CA ASP C 86 -46.01 27.84 -11.92
C ASP C 86 -45.18 28.71 -12.84
N ILE C 87 -45.85 29.62 -13.55
CA ILE C 87 -45.20 30.65 -14.33
C ILE C 87 -45.75 32.00 -13.89
N GLU C 88 -44.87 32.91 -13.50
CA GLU C 88 -45.23 34.26 -13.11
C GLU C 88 -44.57 35.30 -13.98
N PRO C 89 -45.25 36.41 -14.27
CA PRO C 89 -44.60 37.54 -14.94
C PRO C 89 -43.65 38.28 -14.04
N VAL C 90 -42.65 38.90 -14.64
CA VAL C 90 -41.66 39.71 -13.95
C VAL C 90 -42.11 41.16 -14.04
N PRO C 91 -42.26 41.88 -12.91
CA PRO C 91 -42.80 43.25 -12.97
C PRO C 91 -41.81 44.24 -13.58
N GLY C 92 -42.32 45.06 -14.50
CA GLY C 92 -41.47 46.01 -15.17
C GLY C 92 -40.80 45.47 -16.41
N GLU C 93 -40.92 44.18 -16.64
CA GLU C 93 -40.39 43.52 -17.82
C GLU C 93 -41.59 43.10 -18.65
N ASP C 94 -41.39 42.94 -19.95
CA ASP C 94 -42.51 42.65 -20.82
C ASP C 94 -42.42 41.25 -21.40
N ASN C 95 -41.21 40.74 -21.55
CA ASN C 95 -41.03 39.42 -22.13
C ASN C 95 -40.29 38.46 -21.19
N GLN C 96 -40.33 38.69 -19.88
CA GLN C 96 -39.63 37.83 -18.93
C GLN C 96 -40.59 37.21 -17.94
N TYR C 97 -40.36 35.93 -17.64
CA TYR C 97 -41.20 35.17 -16.72
C TYR C 97 -40.31 34.42 -15.75
N ILE C 98 -40.84 34.13 -14.57
CA ILE C 98 -40.24 33.17 -13.66
C ILE C 98 -40.97 31.86 -13.82
N ALA C 99 -40.28 30.83 -14.28
CA ALA C 99 -40.81 29.48 -14.31
C ALA C 99 -40.24 28.65 -13.16
N TYR C 100 -41.14 28.06 -12.38
CA TYR C 100 -40.85 27.19 -11.25
C TYR C 100 -40.91 25.73 -11.66
N VAL C 101 -39.82 25.02 -11.46
CA VAL C 101 -39.75 23.62 -11.89
C VAL C 101 -39.47 22.76 -10.68
N ALA C 102 -40.25 21.73 -10.52
CA ALA C 102 -40.01 20.72 -9.51
C ALA C 102 -39.29 19.52 -10.12
N TYR C 103 -38.27 19.03 -9.46
CA TYR C 103 -37.56 17.83 -9.87
C TYR C 103 -37.67 16.77 -8.76
N PRO C 104 -38.04 15.54 -9.06
CA PRO C 104 -38.07 14.51 -8.02
C PRO C 104 -36.63 14.15 -7.55
N ILE C 105 -36.50 13.90 -6.27
CA ILE C 105 -35.21 13.67 -5.62
C ILE C 105 -34.53 12.42 -6.19
N ASP C 106 -35.29 11.47 -6.70
CA ASP C 106 -34.76 10.31 -7.39
C ASP C 106 -33.92 10.61 -8.61
N LEU C 107 -34.04 11.79 -9.19
CA LEU C 107 -33.19 12.17 -10.30
C LEU C 107 -31.72 12.35 -9.92
N PHE C 108 -31.38 12.54 -8.67
CA PHE C 108 -30.11 13.13 -8.32
C PHE C 108 -29.18 12.11 -7.62
N GLU C 109 -27.91 12.11 -7.99
CA GLU C 109 -26.93 11.31 -7.26
C GLU C 109 -26.66 11.93 -5.88
N GLU C 110 -26.86 11.13 -4.83
CA GLU C 110 -26.70 11.58 -3.44
C GLU C 110 -25.30 12.15 -3.21
N GLY C 111 -25.23 13.38 -2.77
CA GLY C 111 -23.94 13.94 -2.42
C GLY C 111 -23.13 14.45 -3.58
N SER C 112 -23.71 14.66 -4.75
CA SER C 112 -22.93 15.05 -5.92
C SER C 112 -23.45 16.36 -6.47
N VAL C 113 -22.84 17.47 -6.08
CA VAL C 113 -23.16 18.75 -6.68
C VAL C 113 -23.00 18.70 -8.19
N THR C 114 -21.91 18.05 -8.67
CA THR C 114 -21.68 17.86 -10.09
C THR C 114 -22.91 17.31 -10.81
N ASN C 115 -23.55 16.33 -10.22
CA ASN C 115 -24.65 15.68 -10.89
C ASN C 115 -25.93 16.52 -10.80
N MET C 116 -26.06 17.34 -9.78
CA MET C 116 -27.26 18.19 -9.72
C MET C 116 -27.22 19.30 -10.77
N PHE C 117 -26.05 19.92 -10.99
CA PHE C 117 -25.94 20.86 -12.08
C PHE C 117 -26.07 20.19 -13.43
N THR C 118 -25.57 18.97 -13.58
CA THR C 118 -25.76 18.28 -14.86
C THR C 118 -27.26 18.05 -15.14
N SER C 119 -28.01 17.67 -14.11
CA SER C 119 -29.42 17.39 -14.28
C SER C 119 -30.22 18.66 -14.53
N ILE C 120 -29.90 19.76 -13.85
CA ILE C 120 -30.72 20.96 -13.92
C ILE C 120 -30.28 21.91 -15.07
N VAL C 121 -29.00 22.22 -15.18
CA VAL C 121 -28.52 23.22 -16.14
C VAL C 121 -27.79 22.61 -17.31
N GLY C 122 -27.77 21.28 -17.39
CA GLY C 122 -26.89 20.58 -18.32
C GLY C 122 -27.17 20.94 -19.77
N ASN C 123 -28.44 21.05 -20.14
CA ASN C 123 -28.85 21.24 -21.51
C ASN C 123 -29.80 22.42 -21.79
N VAL C 124 -30.59 22.89 -20.84
CA VAL C 124 -31.71 23.80 -21.15
C VAL C 124 -31.26 25.17 -21.62
N PHE C 125 -30.01 25.57 -21.38
CA PHE C 125 -29.69 26.95 -21.67
C PHE C 125 -29.47 27.17 -23.15
N GLY C 126 -29.29 26.14 -23.92
CA GLY C 126 -29.27 26.16 -25.36
C GLY C 126 -30.59 26.02 -26.10
N PHE C 127 -31.72 25.96 -25.43
CA PHE C 127 -32.95 25.57 -26.12
C PHE C 127 -33.42 26.73 -27.00
N LYS C 128 -33.79 26.43 -28.24
CA LYS C 128 -33.98 27.51 -29.22
C LYS C 128 -35.25 28.30 -28.99
N ALA C 129 -36.24 27.73 -28.30
CA ALA C 129 -37.47 28.43 -27.98
C ALA C 129 -37.26 29.57 -26.98
N LEU C 130 -36.12 29.55 -26.28
CA LEU C 130 -35.72 30.56 -25.33
C LEU C 130 -34.75 31.48 -26.05
N ARG C 131 -34.85 32.76 -25.81
CA ARG C 131 -33.81 33.68 -26.20
C ARG C 131 -32.73 33.78 -25.12
N ALA C 132 -33.14 33.80 -23.86
CA ALA C 132 -32.25 33.90 -22.70
C ALA C 132 -32.87 33.13 -21.53
N LEU C 133 -32.01 32.63 -20.66
CA LEU C 133 -32.45 31.83 -19.54
C LEU C 133 -31.49 32.05 -18.39
N ARG C 134 -32.01 32.46 -17.24
CA ARG C 134 -31.20 32.59 -16.04
C ARG C 134 -31.82 31.76 -14.91
N LEU C 135 -30.98 30.97 -14.25
CA LEU C 135 -31.33 30.21 -13.05
C LEU C 135 -31.10 31.05 -11.78
N GLU C 136 -32.20 31.44 -11.17
CA GLU C 136 -32.20 32.40 -10.07
C GLU C 136 -31.98 31.74 -8.73
N ASP C 137 -32.63 30.61 -8.47
CA ASP C 137 -32.67 30.05 -7.13
C ASP C 137 -32.98 28.57 -7.20
N LEU C 138 -32.61 27.87 -6.16
CA LEU C 138 -32.92 26.47 -6.02
C LEU C 138 -33.40 26.20 -4.61
N ARG C 139 -34.39 25.40 -4.49
CA ARG C 139 -34.79 24.88 -3.19
C ARG C 139 -34.16 23.50 -3.05
N ILE C 140 -33.20 23.37 -2.15
CA ILE C 140 -32.57 22.09 -1.86
C ILE C 140 -33.31 21.48 -0.69
N PRO C 141 -33.98 20.36 -0.86
CA PRO C 141 -34.77 19.78 0.24
C PRO C 141 -33.87 19.15 1.29
N PRO C 142 -34.33 19.15 2.55
CA PRO C 142 -33.65 18.39 3.62
C PRO C 142 -33.25 16.96 3.26
N ALA C 143 -34.04 16.25 2.48
CA ALA C 143 -33.65 14.90 2.13
C ALA C 143 -32.42 14.87 1.20
N TYR C 144 -32.23 15.89 0.36
CA TYR C 144 -31.05 15.95 -0.45
C TYR C 144 -29.87 16.54 0.31
N VAL C 145 -30.10 17.62 1.08
CA VAL C 145 -29.08 18.28 1.90
C VAL C 145 -28.32 17.28 2.76
N LYS C 146 -29.01 16.30 3.36
CA LYS C 146 -28.35 15.39 4.30
C LYS C 146 -27.47 14.36 3.61
N THR C 147 -27.51 14.23 2.29
CA THR C 147 -26.58 13.33 1.60
C THR C 147 -25.16 13.91 1.44
N PHE C 148 -24.94 15.19 1.75
CA PHE C 148 -23.68 15.87 1.50
C PHE C 148 -22.86 15.93 2.78
N VAL C 149 -21.57 15.74 2.62
CA VAL C 149 -20.67 16.00 3.72
C VAL C 149 -20.72 17.48 4.11
N GLY C 150 -20.72 18.35 3.11
CA GLY C 150 -20.72 19.77 3.36
C GLY C 150 -19.40 20.37 3.84
N PRO C 151 -19.48 21.60 4.37
CA PRO C 151 -18.28 22.34 4.78
C PRO C 151 -17.47 21.57 5.83
N PRO C 152 -16.16 21.58 5.73
CA PRO C 152 -15.34 20.81 6.66
C PRO C 152 -15.57 21.22 8.09
N HIS C 153 -15.70 22.50 8.38
CA HIS C 153 -15.93 23.01 9.74
C HIS C 153 -17.13 23.93 9.87
N GLY C 154 -17.27 24.90 9.01
CA GLY C 154 -18.30 25.90 9.17
C GLY C 154 -17.90 26.93 10.22
N ILE C 155 -18.64 28.02 10.18
CA ILE C 155 -18.32 29.26 10.88
C ILE C 155 -18.04 29.03 12.37
N GLN C 156 -18.94 28.38 13.08
CA GLN C 156 -18.81 28.13 14.52
C GLN C 156 -17.52 27.38 14.87
N VAL C 157 -17.34 26.20 14.27
CA VAL C 157 -16.18 25.38 14.54
C VAL C 157 -14.94 26.17 14.24
N GLU C 158 -14.96 26.92 13.13
CA GLU C 158 -13.84 27.76 12.74
C GLU C 158 -13.46 28.78 13.83
N ARG C 159 -14.47 29.49 14.35
CA ARG C 159 -14.23 30.42 15.46
C ARG C 159 -13.68 29.71 16.70
N ASP C 160 -14.19 28.53 17.03
CA ASP C 160 -13.64 27.78 18.15
C ASP C 160 -12.19 27.36 17.86
N LYS C 161 -11.90 26.93 16.65
CA LYS C 161 -10.54 26.47 16.36
C LYS C 161 -9.59 27.64 16.29
N LEU C 162 -10.05 28.78 15.79
CA LEU C 162 -9.20 29.95 15.71
C LEU C 162 -9.18 30.76 17.02
N ASN C 163 -10.03 30.47 17.98
CA ASN C 163 -10.15 31.22 19.26
C ASN C 163 -10.46 32.71 19.04
N LYS C 164 -11.38 33.03 18.15
CA LYS C 164 -11.60 34.41 17.71
C LYS C 164 -13.09 34.69 17.67
N TYR C 165 -13.56 35.54 18.56
CA TYR C 165 -14.98 35.75 18.83
C TYR C 165 -15.33 37.23 18.83
N GLY C 166 -16.53 37.54 18.38
CA GLY C 166 -17.15 38.84 18.58
C GLY C 166 -16.71 39.96 17.66
N ARG C 167 -16.07 39.67 16.53
CA ARG C 167 -15.68 40.62 15.50
C ARG C 167 -15.54 39.86 14.18
N GLY C 168 -15.52 40.58 13.06
CA GLY C 168 -15.06 40.01 11.81
C GLY C 168 -13.60 39.56 11.83
N LEU C 169 -13.27 38.66 10.93
CA LEU C 169 -11.87 38.27 10.71
C LEU C 169 -11.29 39.22 9.66
N LEU C 170 -10.00 39.42 9.69
CA LEU C 170 -9.38 40.37 8.79
C LEU C 170 -8.35 39.69 7.92
N GLY C 171 -8.51 39.84 6.61
CA GLY C 171 -7.54 39.35 5.68
C GLY C 171 -6.98 40.42 4.78
N CYS C 172 -5.98 40.05 4.00
CA CYS C 172 -5.46 40.85 2.91
C CYS C 172 -4.79 39.98 1.86
N THR C 173 -4.86 40.39 0.61
CA THR C 173 -4.15 39.69 -0.46
C THR C 173 -2.70 40.17 -0.52
N ILE C 174 -1.77 39.24 -0.68
CA ILE C 174 -0.35 39.57 -0.76
C ILE C 174 -0.01 39.85 -2.21
N LYS C 175 0.40 41.07 -2.48
CA LYS C 175 1.00 41.49 -3.75
C LYS C 175 2.37 42.12 -3.45
N PRO C 176 3.46 41.33 -3.41
CA PRO C 176 4.74 41.88 -2.90
C PRO C 176 5.30 42.97 -3.80
N LYS C 177 5.94 43.92 -3.16
CA LYS C 177 6.56 45.00 -3.86
C LYS C 177 7.88 44.56 -4.49
N LEU C 178 8.55 43.52 -3.97
CA LEU C 178 9.96 43.29 -4.30
C LEU C 178 10.20 42.11 -5.25
N GLY C 179 9.26 41.19 -5.36
CA GLY C 179 9.39 40.04 -6.24
C GLY C 179 8.21 39.11 -6.03
N LEU C 180 7.99 38.20 -6.95
CA LEU C 180 7.03 37.16 -6.67
C LEU C 180 7.66 35.87 -6.18
N SER C 181 8.92 35.93 -5.76
CA SER C 181 9.56 34.73 -5.27
C SER C 181 8.89 34.27 -3.98
N ALA C 182 9.09 32.99 -3.66
CA ALA C 182 8.43 32.38 -2.52
C ALA C 182 8.88 33.02 -1.21
N LYS C 183 10.18 33.30 -1.12
CA LYS C 183 10.77 33.93 0.05
C LYS C 183 10.25 35.35 0.29
N ASN C 184 10.17 36.16 -0.76
CA ASN C 184 9.58 37.49 -0.66
C ASN C 184 8.09 37.44 -0.43
N TYR C 185 7.46 36.42 -0.98
CA TYR C 185 6.05 36.23 -0.73
C TYR C 185 5.84 36.02 0.77
N GLY C 186 6.66 35.15 1.37
CA GLY C 186 6.57 34.83 2.79
C GLY C 186 6.92 36.01 3.69
N ARG C 187 7.88 36.86 3.29
CA ARG C 187 8.21 38.08 4.05
C ARG C 187 7.01 39.00 4.18
N ALA C 188 6.33 39.21 3.06
CA ALA C 188 5.12 40.01 3.06
C ALA C 188 3.99 39.39 3.89
N VAL C 189 3.83 38.08 3.82
CA VAL C 189 2.86 37.39 4.67
C VAL C 189 3.17 37.67 6.12
N TYR C 190 4.43 37.51 6.51
CA TYR C 190 4.83 37.77 7.88
C TYR C 190 4.50 39.20 8.29
N GLU C 191 4.82 40.18 7.45
CA GLU C 191 4.64 41.59 7.85
C GLU C 191 3.16 41.94 8.06
N CYS C 192 2.28 41.47 7.18
CA CYS C 192 0.84 41.67 7.32
C CYS C 192 0.27 40.98 8.55
N LEU C 193 0.56 39.68 8.71
CA LEU C 193 0.03 38.92 9.83
C LEU C 193 0.49 39.46 11.19
N ARG C 194 1.75 39.85 11.28
CA ARG C 194 2.29 40.34 12.56
C ARG C 194 1.58 41.61 13.07
N GLY C 195 1.16 42.47 12.15
CA GLY C 195 0.47 43.69 12.46
C GLY C 195 -0.94 43.58 13.00
N GLY C 196 -1.59 42.42 12.87
CA GLY C 196 -2.95 42.29 13.34
C GLY C 196 -3.94 41.51 12.46
N LEU C 197 -3.57 41.10 11.25
CA LEU C 197 -4.54 40.41 10.42
C LEU C 197 -4.64 38.97 10.87
N ASP C 198 -5.83 38.43 10.78
CA ASP C 198 -6.02 36.99 10.98
C ASP C 198 -5.40 36.18 9.84
N PHE C 199 -5.64 36.57 8.61
CA PHE C 199 -5.29 35.79 7.43
C PHE C 199 -4.63 36.66 6.38
N THR C 200 -3.84 36.03 5.60
CA THR C 200 -3.45 36.51 4.30
C THR C 200 -3.86 35.46 3.28
N LYS C 201 -3.69 35.80 2.03
CA LYS C 201 -4.36 35.14 0.92
C LYS C 201 -3.39 35.00 -0.27
N ASP C 202 -3.10 33.75 -0.65
CA ASP C 202 -2.64 33.46 -2.00
C ASP C 202 -3.57 34.12 -3.02
N ASP C 203 -3.00 34.79 -3.96
CA ASP C 203 -3.81 35.11 -5.14
C ASP C 203 -4.29 33.86 -5.89
N GLU C 204 -5.51 33.95 -6.40
CA GLU C 204 -6.19 32.83 -7.05
C GLU C 204 -5.39 32.23 -8.22
N ASN C 205 -4.56 33.01 -8.91
CA ASN C 205 -3.76 32.42 -10.00
C ASN C 205 -2.42 31.81 -9.55
N VAL C 206 -1.97 32.11 -8.33
CA VAL C 206 -0.71 31.62 -7.78
C VAL C 206 -0.99 30.16 -7.49
N ASN C 207 -0.54 29.25 -8.36
CA ASN C 207 -0.70 27.87 -8.01
C ASN C 207 0.73 27.37 -7.87
N SER C 208 1.44 27.16 -8.95
CA SER C 208 2.84 26.76 -8.94
C SER C 208 3.39 27.12 -10.32
N GLN C 209 4.14 28.13 -10.39
CA GLN C 209 4.68 28.76 -11.59
C GLN C 209 6.21 28.64 -11.67
N PRO C 210 6.86 28.98 -12.80
CA PRO C 210 8.34 29.05 -12.76
C PRO C 210 8.88 30.09 -11.78
N PHE C 211 8.23 31.23 -11.60
CA PHE C 211 8.73 32.22 -10.64
C PHE C 211 8.55 31.78 -9.17
N MET C 212 7.68 30.80 -8.90
CA MET C 212 7.36 30.40 -7.52
C MET C 212 6.67 29.04 -7.53
N ARG C 213 7.40 27.98 -7.22
CA ARG C 213 6.86 26.63 -7.21
C ARG C 213 6.15 26.44 -5.90
N TRP C 214 5.06 25.65 -5.93
CA TRP C 214 4.15 25.57 -4.78
C TRP C 214 4.84 25.13 -3.47
N ARG C 215 5.70 24.15 -3.53
CA ARG C 215 6.17 23.59 -2.26
C ARG C 215 7.11 24.58 -1.54
N ASP C 216 7.93 25.30 -2.31
CA ASP C 216 8.71 26.43 -1.79
C ASP C 216 7.81 27.52 -1.15
N ARG C 217 6.74 27.93 -1.85
CA ARG C 217 5.76 28.84 -1.29
C ARG C 217 5.18 28.33 0.05
N PHE C 218 4.83 27.06 0.11
CA PHE C 218 4.20 26.50 1.31
C PHE C 218 5.15 26.59 2.48
N LEU C 219 6.42 26.24 2.26
CA LEU C 219 7.42 26.20 3.32
C LEU C 219 7.71 27.60 3.88
N PHE C 220 8.00 28.57 3.02
CA PHE C 220 8.21 29.96 3.45
C PHE C 220 6.94 30.58 4.07
N VAL C 221 5.75 30.31 3.54
CA VAL C 221 4.54 30.80 4.22
C VAL C 221 4.39 30.16 5.63
N ALA C 222 4.71 28.85 5.77
CA ALA C 222 4.63 28.21 7.09
C ALA C 222 5.61 28.85 8.09
N GLU C 223 6.80 29.23 7.64
CA GLU C 223 7.72 29.95 8.51
C GLU C 223 7.14 31.32 8.90
N ALA C 224 6.56 32.04 7.95
CA ALA C 224 5.94 33.33 8.22
C ALA C 224 4.77 33.23 9.20
N ILE C 225 3.84 32.30 8.98
CA ILE C 225 2.67 32.09 9.85
C ILE C 225 3.13 31.82 11.29
N TYR C 226 4.08 30.91 11.46
CA TYR C 226 4.58 30.57 12.79
C TYR C 226 5.39 31.73 13.41
N LYS C 227 6.10 32.49 12.60
CA LYS C 227 6.81 33.67 13.15
C LYS C 227 5.82 34.71 13.68
N ALA C 228 4.84 35.10 12.87
CA ALA C 228 3.83 36.06 13.32
C ALA C 228 2.99 35.52 14.48
N GLN C 229 2.76 34.21 14.53
CA GLN C 229 2.04 33.58 15.64
C GLN C 229 2.86 33.63 16.94
N ALA C 230 4.14 33.28 16.87
CA ALA C 230 5.02 33.47 18.02
C ALA C 230 5.04 34.92 18.50
N GLU C 231 5.04 35.86 17.57
CA GLU C 231 5.15 37.27 17.90
C GLU C 231 3.85 37.82 18.48
N THR C 232 2.71 37.55 17.86
CA THR C 232 1.43 38.10 18.29
C THR C 232 0.82 37.31 19.45
N GLY C 233 1.16 36.05 19.59
CA GLY C 233 0.42 35.14 20.46
C GLY C 233 -0.98 34.75 19.98
N GLU C 234 -1.46 35.21 18.82
CA GLU C 234 -2.75 34.83 18.26
C GLU C 234 -2.56 33.78 17.16
N VAL C 235 -3.59 32.95 16.96
CA VAL C 235 -3.60 32.04 15.81
C VAL C 235 -3.59 32.82 14.48
N LYS C 236 -2.74 32.40 13.56
CA LYS C 236 -2.59 33.04 12.25
C LYS C 236 -2.71 32.02 11.13
N GLY C 237 -3.19 32.45 9.97
CA GLY C 237 -3.23 31.62 8.80
C GLY C 237 -2.87 32.38 7.53
N HIS C 238 -2.65 31.63 6.49
CA HIS C 238 -2.54 32.14 5.13
C HIS C 238 -3.29 31.13 4.28
N TYR C 239 -4.16 31.59 3.40
CA TYR C 239 -4.87 30.70 2.51
C TYR C 239 -3.91 30.17 1.44
N LEU C 240 -3.42 28.97 1.61
CA LEU C 240 -2.50 28.35 0.67
C LEU C 240 -3.28 27.69 -0.48
N ASN C 241 -3.14 28.27 -1.66
CA ASN C 241 -3.82 27.80 -2.85
C ASN C 241 -3.40 26.35 -3.22
N ALA C 242 -4.31 25.42 -3.10
CA ALA C 242 -4.23 24.03 -3.49
C ALA C 242 -4.75 23.72 -4.91
N THR C 243 -5.45 24.62 -5.56
CA THR C 243 -5.85 24.50 -6.99
C THR C 243 -4.74 23.98 -7.91
N ALA C 244 -5.00 22.93 -8.64
CA ALA C 244 -3.96 22.28 -9.44
C ALA C 244 -4.55 21.86 -10.80
N GLY C 245 -3.68 21.43 -11.73
CA GLY C 245 -4.17 20.77 -12.94
C GLY C 245 -4.87 19.44 -12.71
N THR C 246 -4.47 18.70 -11.70
CA THR C 246 -5.03 17.38 -11.48
C THR C 246 -5.35 17.11 -10.02
N CYS C 247 -6.23 16.14 -9.81
CA CYS C 247 -6.63 15.76 -8.48
C CYS C 247 -5.43 15.28 -7.67
N GLU C 248 -4.52 14.51 -8.28
CA GLU C 248 -3.34 14.04 -7.58
C GLU C 248 -2.42 15.19 -7.15
N GLU C 249 -2.16 16.15 -8.04
CA GLU C 249 -1.39 17.33 -7.66
C GLU C 249 -2.07 18.17 -6.59
N MET C 250 -3.37 18.38 -6.71
CA MET C 250 -4.16 19.05 -5.69
C MET C 250 -4.01 18.39 -4.31
N MET C 251 -4.14 17.06 -4.23
CA MET C 251 -4.01 16.33 -2.97
C MET C 251 -2.56 16.31 -2.47
N LYS C 252 -1.57 16.28 -3.38
CA LYS C 252 -0.18 16.55 -2.96
C LYS C 252 -0.04 17.86 -2.20
N ARG C 253 -0.75 18.88 -2.61
CA ARG C 253 -0.61 20.15 -1.92
C ARG C 253 -1.36 20.16 -0.58
N ALA C 254 -2.58 19.64 -0.57
CA ALA C 254 -3.36 19.51 0.66
C ALA C 254 -2.62 18.68 1.73
N VAL C 255 -2.03 17.55 1.32
CA VAL C 255 -1.16 16.73 2.20
C VAL C 255 0.07 17.53 2.78
N SMC C 256 0.76 18.28 1.94
CA SMC C 256 1.86 19.17 2.38
CB SMC C 256 2.53 19.96 1.26
SG SMC C 256 3.75 21.17 1.75
CS SMC C 256 4.86 20.19 2.69
C SMC C 256 1.42 20.15 3.49
O SMC C 256 2.06 20.23 4.50
N ALA C 257 0.25 20.75 3.34
CA ALA C 257 -0.30 21.68 4.35
C ALA C 257 -0.60 20.99 5.65
N LYS C 258 -1.28 19.84 5.55
CA LYS C 258 -1.46 18.91 6.67
C LYS C 258 -0.16 18.67 7.41
N GLU C 259 0.91 18.31 6.68
CA GLU C 259 2.18 17.95 7.33
C GLU C 259 2.91 19.15 7.90
N LEU C 260 2.75 20.32 7.30
CA LEU C 260 3.26 21.53 7.91
C LEU C 260 2.45 21.92 9.15
N GLY C 261 1.32 21.30 9.39
CA GLY C 261 0.43 21.64 10.47
C GLY C 261 -0.22 22.99 10.37
N VAL C 262 -0.32 23.57 9.17
CA VAL C 262 -0.85 24.91 8.99
C VAL C 262 -2.40 24.89 8.93
N PRO C 263 -3.08 26.00 9.23
CA PRO C 263 -4.52 25.90 9.49
C PRO C 263 -5.41 25.82 8.27
N ILE C 264 -5.04 26.40 7.14
CA ILE C 264 -6.00 26.67 6.07
C ILE C 264 -5.39 26.55 4.67
N ILE C 265 -6.17 26.03 3.78
CA ILE C 265 -5.85 25.99 2.35
C ILE C 265 -7.01 26.62 1.60
N MET C 266 -6.84 26.71 0.31
CA MET C 266 -7.67 27.45 -0.60
C MET C 266 -7.95 26.71 -1.90
N HIS C 267 -9.16 26.85 -2.41
CA HIS C 267 -9.48 26.29 -3.73
C HIS C 267 -10.35 27.20 -4.57
N ASP C 268 -10.12 27.20 -5.88
CA ASP C 268 -10.91 27.99 -6.86
C ASP C 268 -11.95 27.04 -7.45
N TYR C 269 -13.10 26.96 -6.81
CA TYR C 269 -13.98 25.81 -7.02
C TYR C 269 -14.60 25.79 -8.39
N LEU C 270 -14.73 26.94 -9.05
CA LEU C 270 -15.40 26.98 -10.36
C LEU C 270 -14.46 26.65 -11.51
N THR C 271 -13.16 26.84 -11.32
CA THR C 271 -12.19 26.54 -12.34
C THR C 271 -11.55 25.17 -12.13
N GLY C 272 -11.28 24.79 -10.89
CA GLY C 272 -11.00 23.40 -10.55
C GLY C 272 -12.16 22.45 -10.79
N GLY C 273 -13.34 22.81 -10.37
CA GLY C 273 -14.53 22.01 -10.61
C GLY C 273 -15.13 21.50 -9.32
N PHE C 274 -16.43 21.22 -9.37
CA PHE C 274 -17.11 20.64 -8.23
C PHE C 274 -16.59 19.27 -7.87
N THR C 275 -16.19 18.45 -8.85
CA THR C 275 -15.70 17.11 -8.49
C THR C 275 -14.44 17.24 -7.63
N ALA C 276 -13.45 18.01 -8.05
CA ALA C 276 -12.26 18.27 -7.24
C ALA C 276 -12.57 19.00 -5.94
N ASN C 277 -13.46 20.00 -5.94
CA ASN C 277 -13.75 20.75 -4.71
C ASN C 277 -14.33 19.84 -3.59
N THR C 278 -15.27 18.97 -3.94
CA THR C 278 -15.85 18.05 -3.00
C THR C 278 -14.82 17.04 -2.47
N SER C 279 -13.99 16.48 -3.33
CA SER C 279 -12.84 15.67 -2.88
C SER C 279 -11.98 16.43 -1.89
N LEU C 280 -11.67 17.68 -2.20
CA LEU C 280 -10.83 18.46 -1.30
C LEU C 280 -11.52 18.73 0.03
N ALA C 281 -12.79 19.16 -0.01
CA ALA C 281 -13.58 19.41 1.22
C ALA C 281 -13.64 18.16 2.13
N ILE C 282 -13.76 16.98 1.56
CA ILE C 282 -13.72 15.73 2.35
C ILE C 282 -12.33 15.48 2.95
N TYR C 283 -11.24 15.74 2.18
CA TYR C 283 -9.90 15.64 2.75
C TYR C 283 -9.75 16.59 3.94
N CYS C 284 -10.27 17.81 3.80
CA CYS C 284 -10.16 18.80 4.84
C CYS C 284 -10.99 18.41 6.09
N ARG C 285 -12.17 17.84 5.91
CA ARG C 285 -12.91 17.31 7.05
C ARG C 285 -12.13 16.19 7.73
N ASP C 286 -11.57 15.26 6.94
CA ASP C 286 -10.82 14.13 7.49
C ASP C 286 -9.50 14.54 8.18
N ASN C 287 -8.89 15.67 7.84
CA ASN C 287 -7.58 16.03 8.41
C ASN C 287 -7.59 17.38 9.18
N GLY C 288 -8.76 17.91 9.52
CA GLY C 288 -8.98 19.16 10.24
C GLY C 288 -8.46 20.43 9.56
N LEU C 289 -8.23 20.45 8.26
CA LEU C 289 -7.89 21.70 7.58
C LEU C 289 -9.16 22.52 7.31
N LEU C 290 -9.06 23.81 7.49
CA LEU C 290 -10.04 24.78 6.96
C LEU C 290 -9.89 25.03 5.46
N LEU C 291 -11.02 25.25 4.78
CA LEU C 291 -11.02 25.37 3.31
C LEU C 291 -11.58 26.74 2.86
N HIS C 292 -10.72 27.62 2.44
CA HIS C 292 -11.13 28.91 1.85
C HIS C 292 -11.49 28.74 0.36
N ILE C 293 -12.59 29.29 -0.07
CA ILE C 293 -13.04 29.07 -1.45
C ILE C 293 -13.05 30.38 -2.24
N HIS C 294 -12.32 30.41 -3.32
CA HIS C 294 -12.30 31.57 -4.19
C HIS C 294 -13.17 31.37 -5.42
N ARG C 295 -13.83 32.41 -5.87
CA ARG C 295 -14.90 32.25 -6.84
C ARG C 295 -14.53 32.76 -8.24
N ALA C 296 -13.27 32.59 -8.64
CA ALA C 296 -12.81 33.02 -9.97
C ALA C 296 -13.64 32.37 -11.07
N MET C 297 -14.02 33.19 -12.06
CA MET C 297 -14.87 32.94 -13.24
C MET C 297 -16.36 33.05 -12.94
N HIS C 298 -16.74 33.35 -11.70
CA HIS C 298 -18.16 33.48 -11.37
C HIS C 298 -18.84 34.50 -12.30
N ALA C 299 -18.14 35.58 -12.71
CA ALA C 299 -18.76 36.63 -13.53
C ALA C 299 -18.95 36.20 -14.99
N VAL C 300 -18.26 35.16 -15.42
CA VAL C 300 -18.55 34.54 -16.71
C VAL C 300 -19.98 34.03 -16.72
N ILE C 301 -20.43 33.47 -15.60
CA ILE C 301 -21.74 32.80 -15.41
C ILE C 301 -22.79 33.72 -14.77
N ASP C 302 -22.42 34.52 -13.80
CA ASP C 302 -23.38 35.10 -12.90
C ASP C 302 -23.68 36.55 -13.11
N ARG C 303 -23.06 37.21 -14.08
CA ARG C 303 -23.16 38.66 -14.12
C ARG C 303 -24.42 39.14 -14.88
N GLN C 304 -24.67 38.62 -16.07
CA GLN C 304 -25.74 39.17 -16.88
C GLN C 304 -27.10 38.82 -16.29
N ARG C 305 -27.93 39.83 -16.18
CA ARG C 305 -29.25 39.66 -15.58
C ARG C 305 -30.15 38.72 -16.38
N ASN C 306 -29.97 38.62 -17.68
CA ASN C 306 -30.88 37.78 -18.45
C ASN C 306 -30.40 36.33 -18.64
N HIS C 307 -29.12 36.03 -18.43
CA HIS C 307 -28.61 34.72 -18.77
C HIS C 307 -27.54 34.24 -17.80
N GLY C 308 -27.53 32.95 -17.55
CA GLY C 308 -26.56 32.35 -16.69
C GLY C 308 -27.17 31.79 -15.43
N ILE C 309 -26.40 31.84 -14.37
CA ILE C 309 -26.75 31.26 -13.09
C ILE C 309 -26.35 32.30 -12.06
N HIS C 310 -27.33 32.82 -11.34
CA HIS C 310 -27.10 33.79 -10.28
C HIS C 310 -26.18 33.20 -9.22
N PHE C 311 -25.34 34.06 -8.67
CA PHE C 311 -24.36 33.66 -7.66
C PHE C 311 -24.95 32.93 -6.45
N ARG C 312 -26.17 33.28 -6.02
CA ARG C 312 -26.78 32.64 -4.86
C ARG C 312 -26.92 31.12 -5.06
N VAL C 313 -27.17 30.70 -6.29
CA VAL C 313 -27.21 29.30 -6.63
C VAL C 313 -25.80 28.69 -6.50
N LEU C 314 -24.79 29.37 -7.04
CA LEU C 314 -23.38 28.93 -7.01
C LEU C 314 -22.84 28.92 -5.58
N ALA C 315 -23.33 29.81 -4.72
CA ALA C 315 -23.02 29.83 -3.30
C ALA C 315 -23.64 28.65 -2.56
N LYS C 316 -24.91 28.35 -2.88
CA LYS C 316 -25.65 27.22 -2.34
C LYS C 316 -24.95 25.91 -2.76
N ALA C 317 -24.56 25.82 -4.03
CA ALA C 317 -23.76 24.70 -4.53
C ALA C 317 -22.48 24.53 -3.72
N LEU C 318 -21.75 25.63 -3.52
CA LEU C 318 -20.52 25.61 -2.73
C LEU C 318 -20.77 25.13 -1.30
N ARG C 319 -21.79 25.64 -0.64
CA ARG C 319 -22.12 25.17 0.71
C ARG C 319 -22.37 23.65 0.77
N MET C 320 -22.97 23.10 -0.26
CA MET C 320 -23.18 21.66 -0.36
C MET C 320 -21.86 20.94 -0.67
N SER C 321 -21.09 21.43 -1.67
CA SER C 321 -19.81 20.81 -2.05
C SER C 321 -18.81 20.90 -0.91
N GLY C 322 -18.73 22.04 -0.27
CA GLY C 322 -18.01 22.19 0.94
C GLY C 322 -16.98 23.27 0.86
N GLY C 323 -17.12 24.26 1.70
CA GLY C 323 -16.11 25.27 1.90
C GLY C 323 -16.31 25.98 3.22
N ASP C 324 -15.25 26.29 3.94
CA ASP C 324 -15.42 27.02 5.20
C ASP C 324 -15.54 28.55 5.00
N HIS C 325 -14.89 29.15 4.01
CA HIS C 325 -15.10 30.57 3.63
C HIS C 325 -15.47 30.68 2.16
N LEU C 326 -16.22 31.70 1.78
CA LEU C 326 -16.47 31.96 0.37
C LEU C 326 -16.40 33.44 0.00
N HIS C 327 -15.58 33.74 -1.00
CA HIS C 327 -15.58 35.09 -1.58
C HIS C 327 -16.96 35.50 -2.03
N SER C 328 -17.42 36.57 -1.46
CA SER C 328 -18.80 36.93 -1.62
C SER C 328 -18.98 38.32 -2.23
N GLY C 329 -17.94 38.87 -2.77
CA GLY C 329 -18.01 40.18 -3.37
C GLY C 329 -17.62 41.35 -2.49
N THR C 330 -17.90 42.52 -3.00
CA THR C 330 -17.88 43.74 -2.21
C THR C 330 -19.25 44.34 -2.23
N VAL C 331 -19.56 45.13 -1.20
CA VAL C 331 -20.72 46.00 -1.20
C VAL C 331 -20.34 47.47 -1.35
N VAL C 332 -19.05 47.78 -1.44
CA VAL C 332 -18.61 49.11 -1.82
C VAL C 332 -19.08 49.42 -3.23
N GLY C 333 -19.62 50.63 -3.40
CA GLY C 333 -20.06 51.06 -4.71
C GLY C 333 -21.34 50.45 -5.24
N LYS C 334 -22.12 49.80 -4.39
CA LYS C 334 -23.37 49.21 -4.84
C LYS C 334 -24.56 49.97 -4.28
N LEU C 335 -25.64 49.99 -5.05
CA LEU C 335 -26.88 50.61 -4.59
C LEU C 335 -27.56 49.70 -3.56
N GLU C 336 -28.55 50.28 -2.85
CA GLU C 336 -29.29 49.56 -1.80
C GLU C 336 -29.97 48.30 -2.34
N GLY C 337 -30.44 48.34 -3.58
CA GLY C 337 -31.09 47.19 -4.17
C GLY C 337 -30.14 46.06 -4.51
N GLU C 338 -28.94 46.40 -4.98
CA GLU C 338 -27.91 45.38 -5.18
C GLU C 338 -27.34 44.89 -3.85
N ARG C 339 -27.46 45.70 -2.81
CA ARG C 339 -27.07 45.34 -1.46
C ARG C 339 -28.08 44.41 -0.79
N GLU C 340 -29.38 44.61 -1.06
CA GLU C 340 -30.42 43.65 -0.67
C GLU C 340 -30.15 42.25 -1.22
N VAL C 341 -29.73 42.16 -2.48
CA VAL C 341 -29.41 40.87 -3.11
C VAL C 341 -28.23 40.20 -2.42
N THR C 342 -27.16 40.96 -2.21
CA THR C 342 -25.95 40.44 -1.57
C THR C 342 -26.25 39.92 -0.18
N LEU C 343 -27.03 40.66 0.60
CA LEU C 343 -27.39 40.18 1.91
C LEU C 343 -28.29 38.96 1.85
N GLY C 344 -29.07 38.79 0.77
CA GLY C 344 -29.85 37.59 0.61
C GLY C 344 -28.95 36.36 0.54
N PHE C 345 -27.93 36.41 -0.32
CA PHE C 345 -27.14 35.19 -0.49
C PHE C 345 -26.19 35.01 0.68
N VAL C 346 -25.86 36.10 1.39
CA VAL C 346 -25.06 35.99 2.60
C VAL C 346 -25.83 35.23 3.68
N ASP C 347 -27.15 35.45 3.76
CA ASP C 347 -27.99 34.64 4.65
C ASP C 347 -28.10 33.19 4.20
N LEU C 348 -28.15 32.93 2.89
CA LEU C 348 -28.16 31.54 2.40
C LEU C 348 -26.84 30.84 2.69
N MET C 349 -25.76 31.58 2.74
CA MET C 349 -24.45 31.04 3.04
C MET C 349 -24.33 30.68 4.51
N ARG C 350 -24.88 31.51 5.37
CA ARG C 350 -24.52 31.47 6.78
C ARG C 350 -25.57 30.80 7.66
N ASP C 351 -26.83 30.99 7.37
CA ASP C 351 -27.93 30.66 8.28
C ASP C 351 -28.41 29.22 8.14
N ASP C 352 -29.11 28.76 9.18
CA ASP C 352 -29.75 27.47 9.14
C ASP C 352 -31.08 27.46 8.38
N TYR C 353 -31.90 28.48 8.52
CA TYR C 353 -33.22 28.51 7.92
C TYR C 353 -33.42 29.86 7.24
N VAL C 354 -33.68 29.89 5.95
CA VAL C 354 -33.92 31.17 5.29
C VAL C 354 -35.32 31.18 4.69
N GLU C 355 -36.11 32.18 5.07
CA GLU C 355 -37.46 32.38 4.54
C GLU C 355 -37.46 33.06 3.17
N LYS C 356 -38.40 32.62 2.34
CA LYS C 356 -38.78 33.28 1.10
C LYS C 356 -38.92 34.79 1.23
N ASP C 357 -38.23 35.51 0.36
CA ASP C 357 -38.14 36.98 0.44
C ASP C 357 -37.72 37.47 -0.94
N ARG C 358 -38.72 37.84 -1.75
CA ARG C 358 -38.48 38.17 -3.15
C ARG C 358 -37.62 39.42 -3.32
N SER C 359 -37.81 40.41 -2.46
CA SER C 359 -37.07 41.66 -2.59
C SER C 359 -35.60 41.49 -2.26
N ARG C 360 -35.25 40.44 -1.53
CA ARG C 360 -33.86 40.05 -1.38
C ARG C 360 -33.48 38.99 -2.40
N GLY C 361 -34.29 38.72 -3.40
CA GLY C 361 -34.02 37.73 -4.42
C GLY C 361 -34.08 36.28 -3.95
N ILE C 362 -34.66 36.01 -2.82
CA ILE C 362 -34.80 34.68 -2.30
C ILE C 362 -36.17 34.13 -2.72
N TYR C 363 -36.16 33.12 -3.59
CA TYR C 363 -37.42 32.66 -4.20
C TYR C 363 -38.01 31.46 -3.48
N PHE C 364 -37.25 30.85 -2.59
CA PHE C 364 -37.66 29.60 -1.98
C PHE C 364 -37.28 29.69 -0.51
N THR C 365 -38.08 29.11 0.34
CA THR C 365 -37.64 28.87 1.70
C THR C 365 -36.58 27.77 1.70
N GLN C 366 -35.41 28.04 2.22
CA GLN C 366 -34.30 27.07 2.27
C GLN C 366 -34.09 26.65 3.72
N ASP C 367 -34.19 25.35 3.99
CA ASP C 367 -33.89 24.74 5.27
C ASP C 367 -32.55 23.98 5.15
N TRP C 368 -31.49 24.52 5.74
CA TRP C 368 -30.21 23.83 5.63
C TRP C 368 -30.10 22.60 6.52
N CYS C 369 -31.03 22.40 7.46
CA CYS C 369 -31.14 21.13 8.23
C CYS C 369 -29.84 20.80 8.98
N SER C 370 -29.28 21.79 9.64
CA SER C 370 -28.05 21.89 10.43
C SER C 370 -26.73 21.72 9.65
N MET C 371 -26.74 21.73 8.33
CA MET C 371 -25.51 21.88 7.56
C MET C 371 -24.80 23.18 7.97
N PRO C 372 -23.52 23.12 8.35
CA PRO C 372 -22.79 24.31 8.83
C PRO C 372 -22.77 25.41 7.78
N GLY C 373 -22.85 26.63 8.27
CA GLY C 373 -22.76 27.79 7.42
C GLY C 373 -21.34 28.06 6.94
N VAL C 374 -21.26 28.89 5.93
CA VAL C 374 -20.03 29.33 5.33
C VAL C 374 -19.83 30.83 5.64
N MET C 375 -18.63 31.19 6.04
CA MET C 375 -18.21 32.56 6.26
C MET C 375 -18.05 33.31 4.93
N PRO C 376 -18.86 34.31 4.64
CA PRO C 376 -18.58 35.21 3.52
C PRO C 376 -17.30 36.02 3.70
N VAL C 377 -16.59 36.18 2.63
CA VAL C 377 -15.41 37.04 2.56
C VAL C 377 -15.70 38.26 1.68
N ALA C 378 -15.70 39.42 2.29
CA ALA C 378 -16.00 40.67 1.63
C ALA C 378 -14.74 41.43 1.27
N SER C 379 -14.70 41.92 0.07
CA SER C 379 -13.72 42.94 -0.26
C SER C 379 -14.07 44.22 0.55
N GLY C 380 -13.21 44.58 1.49
CA GLY C 380 -13.19 45.94 2.01
C GLY C 380 -12.59 46.86 0.99
N GLY C 381 -12.85 48.13 1.13
CA GLY C 381 -12.37 49.06 0.14
C GLY C 381 -10.87 49.34 0.22
N ILE C 382 -10.50 50.37 -0.53
CA ILE C 382 -9.14 50.88 -0.56
C ILE C 382 -8.74 51.35 0.83
N HIS C 383 -9.68 51.86 1.59
CA HIS C 383 -9.31 52.52 2.81
C HIS C 383 -10.09 51.97 4.01
N VAL C 384 -9.81 52.55 5.18
CA VAL C 384 -10.34 52.09 6.45
C VAL C 384 -11.63 52.78 6.85
N TRP C 385 -12.06 53.77 6.07
CA TRP C 385 -13.29 54.50 6.34
C TRP C 385 -14.53 53.74 5.94
N HIS C 386 -14.38 52.68 5.17
CA HIS C 386 -15.51 51.80 4.93
C HIS C 386 -15.77 50.85 6.08
N MET C 387 -14.86 50.75 7.06
CA MET C 387 -15.04 49.84 8.18
C MET C 387 -16.38 49.94 8.90
N PRO C 388 -16.95 51.14 9.22
CA PRO C 388 -18.28 51.17 9.86
C PRO C 388 -19.39 50.58 9.02
N ALA C 389 -19.42 50.83 7.72
CA ALA C 389 -20.43 50.24 6.85
C ALA C 389 -20.31 48.73 6.80
N LEU C 390 -19.09 48.19 6.65
CA LEU C 390 -18.87 46.74 6.60
C LEU C 390 -19.33 46.03 7.87
N VAL C 391 -19.06 46.62 9.03
CA VAL C 391 -19.43 45.99 10.29
C VAL C 391 -20.95 46.02 10.47
N GLU C 392 -21.58 47.10 10.03
CA GLU C 392 -23.02 47.22 10.13
C GLU C 392 -23.74 46.29 9.15
N ILE C 393 -23.21 46.10 7.97
CA ILE C 393 -23.91 45.29 6.97
C ILE C 393 -23.67 43.80 7.24
N PHE C 394 -22.41 43.41 7.42
CA PHE C 394 -22.14 41.97 7.53
C PHE C 394 -22.39 41.46 8.94
N GLY C 395 -22.27 42.28 9.94
CA GLY C 395 -22.15 41.84 11.31
C GLY C 395 -20.80 41.15 11.56
N ASP C 396 -20.72 40.39 12.63
CA ASP C 396 -19.43 39.85 13.01
C ASP C 396 -19.02 38.63 12.17
N ASP C 397 -19.95 37.84 11.61
CA ASP C 397 -19.57 36.58 10.94
C ASP C 397 -19.20 36.80 9.49
N ALA C 398 -17.99 37.31 9.28
CA ALA C 398 -17.46 37.62 7.95
C ALA C 398 -15.96 37.85 8.06
N CYS C 399 -15.25 37.57 6.98
CA CYS C 399 -13.89 38.05 6.85
C CYS C 399 -13.93 39.30 5.98
N LEU C 400 -13.32 40.32 6.44
CA LEU C 400 -13.15 41.51 5.63
C LEU C 400 -11.76 41.47 5.02
N GLN C 401 -11.70 41.44 3.71
CA GLN C 401 -10.42 41.44 3.02
C GLN C 401 -10.08 42.84 2.58
N PHE C 402 -8.85 43.23 2.83
CA PHE C 402 -8.37 44.54 2.49
C PHE C 402 -7.32 44.39 1.39
N GLY C 403 -7.59 45.04 0.26
CA GLY C 403 -6.81 44.81 -0.95
C GLY C 403 -5.57 45.66 -1.00
N GLY C 404 -5.65 46.85 -0.42
CA GLY C 404 -4.54 47.75 -0.21
C GLY C 404 -4.71 48.65 1.00
N GLY C 405 -5.65 48.36 1.91
CA GLY C 405 -5.72 49.10 3.16
C GLY C 405 -4.43 48.97 3.94
N THR C 406 -4.03 47.74 4.18
CA THR C 406 -2.76 47.40 4.81
C THR C 406 -1.54 47.90 4.01
N LEU C 407 -1.62 47.94 2.67
CA LEU C 407 -0.39 48.13 1.89
C LEU C 407 -0.34 49.48 1.17
N GLY C 408 -1.49 50.12 0.99
CA GLY C 408 -1.44 51.50 0.60
C GLY C 408 -1.08 52.41 1.75
N HIS C 409 -1.09 51.87 2.97
CA HIS C 409 -0.68 52.59 4.17
C HIS C 409 0.75 53.07 3.99
N PRO C 410 1.04 54.33 4.36
CA PRO C 410 2.36 54.87 4.07
C PRO C 410 3.47 54.26 4.87
N TRP C 411 3.19 53.69 6.04
CA TRP C 411 4.25 53.11 6.86
C TRP C 411 4.50 51.62 6.56
N GLY C 412 3.76 50.99 5.67
CA GLY C 412 4.06 49.63 5.24
C GLY C 412 3.02 48.63 5.69
N ASN C 413 3.33 47.33 5.47
CA ASN C 413 2.34 46.28 5.72
C ASN C 413 1.93 46.18 7.21
N ALA C 414 2.86 46.06 8.13
CA ALA C 414 2.47 45.83 9.52
C ALA C 414 1.67 47.00 10.15
N PRO C 415 2.04 48.28 9.98
CA PRO C 415 1.13 49.34 10.51
C PRO C 415 -0.19 49.42 9.76
N GLY C 416 -0.19 49.06 8.48
CA GLY C 416 -1.42 48.99 7.74
C GLY C 416 -2.36 47.93 8.27
N ALA C 417 -1.82 46.74 8.58
CA ALA C 417 -2.58 45.72 9.25
C ALA C 417 -3.08 46.23 10.58
N ALA C 418 -2.21 46.92 11.31
CA ALA C 418 -2.57 47.41 12.63
C ALA C 418 -3.64 48.48 12.55
N ALA C 419 -3.60 49.31 11.52
CA ALA C 419 -4.65 50.32 11.30
C ALA C 419 -5.99 49.68 10.97
N ASN C 420 -6.01 48.63 10.13
CA ASN C 420 -7.26 47.92 9.88
C ASN C 420 -7.83 47.25 11.13
N ARG C 421 -6.98 46.66 11.96
CA ARG C 421 -7.43 45.95 13.15
C ARG C 421 -8.00 46.92 14.20
N VAL C 422 -7.36 48.07 14.37
CA VAL C 422 -7.85 49.12 15.27
C VAL C 422 -9.22 49.63 14.84
N ALA C 423 -9.37 49.94 13.55
CA ALA C 423 -10.62 50.43 12.99
C ALA C 423 -11.75 49.42 13.12
N LEU C 424 -11.47 48.12 12.87
CA LEU C 424 -12.45 47.07 13.05
C LEU C 424 -12.88 46.96 14.50
N GLU C 425 -11.91 46.99 15.40
CA GLU C 425 -12.19 46.79 16.81
C GLU C 425 -12.93 48.00 17.41
N ALA C 426 -12.61 49.23 16.97
CA ALA C 426 -13.31 50.42 17.46
C ALA C 426 -14.73 50.48 16.94
N CYS C 427 -14.95 50.11 15.68
CA CYS C 427 -16.29 49.97 15.13
C CYS C 427 -17.07 48.86 15.83
N THR C 428 -16.40 47.76 16.21
CA THR C 428 -17.06 46.70 16.94
C THR C 428 -17.48 47.16 18.33
N GLN C 429 -16.55 47.80 19.04
CA GLN C 429 -16.83 48.39 20.35
C GLN C 429 -18.00 49.37 20.29
N ALA C 430 -18.01 50.25 19.29
CA ALA C 430 -19.05 51.26 19.17
C ALA C 430 -20.41 50.65 18.84
N ARG C 431 -20.44 49.66 17.96
CA ARG C 431 -21.64 48.87 17.69
C ARG C 431 -22.19 48.20 18.95
N ASN C 432 -21.33 47.60 19.77
CA ASN C 432 -21.83 46.92 20.98
C ASN C 432 -22.37 47.92 21.99
N GLU C 433 -21.77 49.10 22.06
CA GLU C 433 -22.22 50.23 22.89
C GLU C 433 -23.49 50.88 22.39
N GLY C 434 -24.11 50.41 21.33
CA GLY C 434 -25.38 50.90 20.87
C GLY C 434 -25.31 52.07 19.91
N ARG C 435 -24.13 52.46 19.45
CA ARG C 435 -24.02 53.56 18.51
C ARG C 435 -24.43 53.15 17.11
N ASP C 436 -24.94 54.10 16.36
CA ASP C 436 -25.41 53.90 14.99
C ASP C 436 -24.23 54.09 14.06
N LEU C 437 -23.74 53.00 13.46
CA LEU C 437 -22.56 53.11 12.61
C LEU C 437 -22.87 53.76 11.28
N ALA C 438 -24.13 53.76 10.84
CA ALA C 438 -24.51 54.48 9.64
C ALA C 438 -24.29 55.98 9.82
N ARG C 439 -24.59 56.48 11.01
CA ARG C 439 -24.47 57.90 11.24
C ARG C 439 -23.10 58.26 11.80
N GLU C 440 -22.67 57.55 12.83
CA GLU C 440 -21.59 57.93 13.71
C GLU C 440 -20.27 57.25 13.39
N GLY C 441 -20.17 56.57 12.25
CA GLY C 441 -18.98 55.78 12.00
C GLY C 441 -17.74 56.60 11.72
N GLY C 442 -17.92 57.73 11.02
CA GLY C 442 -16.84 58.69 10.88
C GLY C 442 -16.37 59.25 12.20
N ASP C 443 -17.31 59.51 13.11
CA ASP C 443 -16.95 59.95 14.45
C ASP C 443 -16.27 58.85 15.26
N VAL C 444 -16.57 57.58 15.00
CA VAL C 444 -15.87 56.48 15.68
C VAL C 444 -14.43 56.37 15.21
N ILE C 445 -14.20 56.48 13.92
CA ILE C 445 -12.86 56.37 13.36
C ILE C 445 -11.97 57.54 13.81
N ARG C 446 -12.48 58.78 13.70
CA ARG C 446 -11.72 59.97 14.13
C ARG C 446 -11.36 59.92 15.61
N SER C 447 -12.22 59.37 16.43
CA SER C 447 -11.95 59.22 17.84
C SER C 447 -10.88 58.15 18.10
N ALA C 448 -10.79 57.11 17.25
CA ALA C 448 -9.73 56.13 17.43
C ALA C 448 -8.41 56.64 16.87
N CYS C 449 -8.46 57.56 15.90
CA CYS C 449 -7.26 58.22 15.37
C CYS C 449 -6.48 59.00 16.42
N LYS C 450 -7.17 59.48 17.47
CA LYS C 450 -6.50 60.29 18.49
C LYS C 450 -5.48 59.49 19.28
N TRP C 451 -5.78 58.25 19.60
CA TRP C 451 -4.81 57.44 20.31
C TRP C 451 -4.04 56.45 19.43
N SER C 452 -4.43 56.19 18.19
CA SER C 452 -3.69 55.23 17.38
C SER C 452 -2.92 55.98 16.30
N PRO C 453 -1.61 56.05 16.38
CA PRO C 453 -0.85 56.71 15.30
C PRO C 453 -0.93 56.00 13.97
N GLU C 454 -1.07 54.67 13.96
CA GLU C 454 -1.18 53.95 12.70
C GLU C 454 -2.49 54.28 12.01
N LEU C 455 -3.59 54.24 12.73
CA LEU C 455 -4.88 54.62 12.15
C LEU C 455 -4.90 56.10 11.74
N ALA C 456 -4.27 56.97 12.52
CA ALA C 456 -4.19 58.39 12.17
C ALA C 456 -3.42 58.60 10.88
N ALA C 457 -2.35 57.83 10.64
CA ALA C 457 -1.63 57.93 9.38
C ALA C 457 -2.40 57.34 8.20
N ALA C 458 -3.25 56.34 8.43
CA ALA C 458 -4.05 55.82 7.33
C ALA C 458 -5.15 56.80 6.94
N CYS C 459 -5.68 57.56 7.90
CA CYS C 459 -6.74 58.51 7.60
C CYS C 459 -6.21 59.83 7.05
N GLU C 460 -4.91 60.06 7.13
CA GLU C 460 -4.26 61.17 6.44
C GLU C 460 -4.36 61.01 4.93
N VAL C 461 -4.15 59.80 4.44
CA VAL C 461 -4.51 59.38 3.09
C VAL C 461 -5.99 59.64 2.80
N MET D 46 -37.35 -45.81 -7.08
CA MET D 46 -36.46 -44.71 -6.75
C MET D 46 -35.73 -44.38 -8.04
N MET D 47 -35.88 -43.16 -8.51
CA MET D 47 -35.42 -42.74 -9.82
C MET D 47 -34.28 -41.71 -9.63
N VAL D 48 -33.48 -41.48 -10.67
CA VAL D 48 -32.32 -40.56 -10.62
C VAL D 48 -32.57 -39.39 -11.55
N TRP D 49 -32.57 -38.18 -11.01
CA TRP D 49 -32.66 -36.97 -11.82
C TRP D 49 -31.44 -36.89 -12.74
N THR D 50 -31.65 -36.89 -14.02
CA THR D 50 -30.51 -37.06 -14.92
C THR D 50 -29.69 -35.76 -15.05
N PRO D 51 -28.36 -35.85 -14.99
CA PRO D 51 -27.48 -34.71 -15.29
C PRO D 51 -27.18 -34.53 -16.77
N VAL D 52 -27.63 -35.43 -17.64
CA VAL D 52 -27.22 -35.38 -19.05
C VAL D 52 -28.33 -34.71 -19.85
N ASN D 53 -27.94 -33.74 -20.68
CA ASN D 53 -28.84 -33.09 -21.65
C ASN D 53 -30.15 -32.62 -21.02
N ASN D 54 -30.07 -32.05 -19.85
CA ASN D 54 -31.25 -31.79 -19.05
C ASN D 54 -31.27 -30.32 -18.63
N LYS D 55 -30.97 -29.45 -19.57
CA LYS D 55 -30.97 -27.99 -19.34
C LYS D 55 -32.37 -27.40 -19.05
N MET D 56 -32.42 -26.42 -18.16
CA MET D 56 -33.66 -25.74 -17.77
C MET D 56 -33.64 -24.26 -18.19
N PHE D 57 -34.79 -23.66 -18.36
CA PHE D 57 -34.81 -22.30 -18.87
C PHE D 57 -35.59 -21.33 -18.02
N GLU D 58 -35.41 -21.48 -16.71
CA GLU D 58 -36.05 -20.73 -15.63
C GLU D 58 -37.54 -21.00 -15.43
N THR D 59 -38.33 -19.96 -15.19
CA THR D 59 -39.72 -20.18 -14.84
C THR D 59 -40.54 -21.01 -15.84
N PHE D 60 -41.21 -22.01 -15.29
CA PHE D 60 -42.09 -23.02 -15.93
C PHE D 60 -41.35 -24.14 -16.67
N SER D 61 -40.03 -24.14 -16.69
CA SER D 61 -39.30 -25.20 -17.41
C SER D 61 -39.37 -26.56 -16.70
N TYR D 62 -39.82 -26.60 -15.47
CA TYR D 62 -39.99 -27.89 -14.82
C TYR D 62 -41.40 -28.43 -15.04
N LEU D 63 -42.27 -27.72 -15.74
CA LEU D 63 -43.61 -28.18 -16.13
C LEU D 63 -43.54 -28.76 -17.53
N PRO D 64 -44.55 -29.54 -17.97
CA PRO D 64 -44.65 -29.86 -19.41
C PRO D 64 -44.74 -28.59 -20.22
N PRO D 65 -44.32 -28.61 -21.51
CA PRO D 65 -44.39 -27.40 -22.35
C PRO D 65 -45.81 -26.86 -22.42
N LEU D 66 -45.93 -25.56 -22.27
CA LEU D 66 -47.25 -24.99 -22.15
C LEU D 66 -47.94 -25.09 -23.50
N SER D 67 -49.14 -25.64 -23.50
CA SER D 67 -49.97 -25.64 -24.69
C SER D 67 -50.41 -24.23 -25.04
N ASP D 68 -51.05 -24.12 -26.21
CA ASP D 68 -51.54 -22.82 -26.68
C ASP D 68 -52.56 -22.24 -25.72
N GLU D 69 -53.43 -23.08 -25.14
CA GLU D 69 -54.36 -22.61 -24.13
C GLU D 69 -53.65 -22.20 -22.85
N GLN D 70 -52.59 -22.91 -22.50
CA GLN D 70 -51.80 -22.52 -21.34
C GLN D 70 -51.05 -21.22 -21.60
N ILE D 71 -50.56 -21.00 -22.81
CA ILE D 71 -49.91 -19.73 -23.12
C ILE D 71 -50.92 -18.60 -23.12
N ALA D 72 -52.10 -18.85 -23.66
CA ALA D 72 -53.18 -17.86 -23.73
C ALA D 72 -53.63 -17.43 -22.34
N ALA D 73 -53.70 -18.37 -21.42
CA ALA D 73 -54.09 -18.04 -20.06
C ALA D 73 -53.00 -17.22 -19.32
N GLN D 74 -51.72 -17.52 -19.57
CA GLN D 74 -50.65 -16.67 -19.04
C GLN D 74 -50.70 -15.26 -19.64
N VAL D 75 -51.02 -15.14 -20.94
CA VAL D 75 -51.14 -13.83 -21.57
C VAL D 75 -52.32 -13.04 -20.98
N ASP D 76 -53.41 -13.73 -20.67
CA ASP D 76 -54.50 -13.11 -19.92
C ASP D 76 -54.06 -12.58 -18.58
N TYR D 77 -53.18 -13.29 -17.88
CA TYR D 77 -52.64 -12.76 -16.63
C TYR D 77 -51.80 -11.51 -16.90
N ILE D 78 -50.99 -11.52 -17.96
CA ILE D 78 -50.19 -10.35 -18.35
C ILE D 78 -51.08 -9.14 -18.66
N VAL D 79 -52.13 -9.35 -19.44
CA VAL D 79 -52.96 -8.25 -19.90
C VAL D 79 -53.77 -7.63 -18.76
N ALA D 80 -54.38 -8.46 -17.92
CA ALA D 80 -55.17 -7.99 -16.78
C ALA D 80 -54.35 -7.13 -15.83
N ASN D 81 -53.08 -7.45 -15.66
CA ASN D 81 -52.22 -6.66 -14.82
C ASN D 81 -51.72 -5.38 -15.46
N GLY D 82 -52.09 -5.09 -16.70
CA GLY D 82 -51.52 -3.97 -17.42
C GLY D 82 -50.09 -4.15 -17.84
N TRP D 83 -49.61 -5.37 -17.94
CA TRP D 83 -48.24 -5.61 -18.27
C TRP D 83 -48.03 -5.66 -19.77
N ILE D 84 -46.79 -5.48 -20.19
CA ILE D 84 -46.47 -5.42 -21.61
C ILE D 84 -45.78 -6.71 -22.00
N PRO D 85 -46.42 -7.59 -22.78
CA PRO D 85 -45.75 -8.78 -23.29
C PRO D 85 -44.70 -8.44 -24.34
N CYS D 86 -43.67 -9.26 -24.42
CA CYS D 86 -42.64 -9.17 -25.44
C CYS D 86 -42.09 -10.56 -25.66
N LEU D 87 -41.67 -10.88 -26.86
CA LEU D 87 -41.03 -12.17 -27.12
C LEU D 87 -39.53 -11.99 -27.30
N GLU D 88 -38.78 -12.98 -26.89
CA GLU D 88 -37.35 -13.06 -27.07
C GLU D 88 -36.92 -14.44 -27.53
N PHE D 89 -35.83 -14.49 -28.26
CA PHE D 89 -35.37 -15.74 -28.82
C PHE D 89 -33.83 -15.79 -28.81
N ALA D 90 -33.35 -17.02 -28.82
CA ALA D 90 -31.93 -17.34 -28.87
C ALA D 90 -31.69 -18.68 -29.55
N GLU D 91 -30.54 -18.79 -30.19
CA GLU D 91 -30.10 -20.05 -30.76
C GLU D 91 -29.58 -20.92 -29.59
N SER D 92 -29.48 -22.23 -29.79
CA SER D 92 -29.09 -23.11 -28.68
C SER D 92 -27.76 -22.77 -28.02
N ASP D 93 -26.77 -22.34 -28.80
CA ASP D 93 -25.46 -21.94 -28.26
C ASP D 93 -25.49 -20.66 -27.38
N LYS D 94 -26.50 -19.83 -27.55
CA LYS D 94 -26.67 -18.63 -26.74
C LYS D 94 -27.88 -18.71 -25.83
N ALA D 95 -28.48 -19.86 -25.61
CA ALA D 95 -29.72 -19.83 -24.88
C ALA D 95 -29.46 -19.94 -23.39
N TYR D 96 -28.47 -20.70 -22.96
CA TYR D 96 -28.20 -20.82 -21.51
C TYR D 96 -26.94 -20.07 -21.00
N VAL D 97 -26.88 -19.80 -19.69
CA VAL D 97 -25.79 -19.00 -19.14
C VAL D 97 -24.40 -19.57 -19.38
N SER D 98 -23.48 -18.67 -19.69
CA SER D 98 -22.09 -19.02 -19.98
C SER D 98 -21.14 -17.94 -19.43
N ASN D 99 -19.86 -18.26 -19.33
CA ASN D 99 -18.83 -17.38 -18.79
C ASN D 99 -17.74 -16.93 -19.76
N GLU D 100 -17.95 -16.99 -21.07
CA GLU D 100 -16.79 -16.84 -21.96
C GLU D 100 -16.20 -15.43 -22.00
N SER D 101 -17.01 -14.37 -21.84
CA SER D 101 -16.49 -12.99 -21.79
C SER D 101 -15.56 -12.73 -20.62
N ALA D 102 -15.60 -13.54 -19.58
CA ALA D 102 -14.80 -13.32 -18.37
C ALA D 102 -13.31 -13.48 -18.60
N ILE D 103 -12.90 -14.03 -19.74
CA ILE D 103 -11.50 -14.07 -20.12
C ILE D 103 -10.90 -12.66 -20.17
N ARG D 104 -11.70 -11.64 -20.53
CA ARG D 104 -11.23 -10.26 -20.63
C ARG D 104 -11.13 -9.56 -19.28
N PHE D 105 -11.65 -10.13 -18.24
CA PHE D 105 -11.86 -9.43 -16.97
C PHE D 105 -10.69 -9.57 -16.02
N GLY D 106 -10.49 -8.56 -15.19
CA GLY D 106 -9.87 -8.70 -13.90
C GLY D 106 -10.76 -9.44 -12.87
N SER D 107 -10.82 -9.06 -11.62
CA SER D 107 -11.60 -9.85 -10.65
C SER D 107 -13.03 -9.40 -10.46
N VAL D 108 -13.77 -9.15 -11.51
CA VAL D 108 -15.10 -8.59 -11.40
C VAL D 108 -16.11 -9.53 -12.07
N SER D 109 -15.89 -10.83 -12.03
CA SER D 109 -16.91 -11.71 -12.67
C SER D 109 -18.18 -11.92 -11.82
N CYS D 110 -18.20 -11.50 -10.56
CA CYS D 110 -19.30 -11.71 -9.63
C CYS D 110 -20.66 -11.26 -10.18
N LEU D 111 -21.55 -12.22 -10.37
CA LEU D 111 -22.88 -12.05 -10.96
C LEU D 111 -22.87 -11.55 -12.42
N TYR D 112 -21.74 -11.56 -13.07
CA TYR D 112 -21.69 -11.43 -14.52
C TYR D 112 -21.92 -12.80 -15.15
N TYR D 113 -22.80 -12.86 -16.13
CA TYR D 113 -22.84 -14.04 -16.96
C TYR D 113 -23.30 -13.64 -18.37
N ASP D 114 -22.75 -14.27 -19.37
CA ASP D 114 -23.20 -14.03 -20.73
C ASP D 114 -24.47 -14.86 -20.99
N ASN D 115 -25.23 -14.46 -22.00
CA ASN D 115 -26.46 -15.07 -22.55
C ASN D 115 -27.71 -14.91 -21.65
N ARG D 116 -27.68 -14.07 -20.61
CA ARG D 116 -28.92 -13.65 -19.97
C ARG D 116 -29.77 -12.86 -20.93
N TYR D 117 -29.20 -11.88 -21.59
CA TYR D 117 -29.88 -11.20 -22.68
C TYR D 117 -30.14 -12.19 -23.83
N TRP D 118 -31.36 -12.26 -24.27
CA TRP D 118 -31.67 -12.86 -25.57
C TRP D 118 -31.97 -11.77 -26.61
N THR D 119 -32.39 -12.15 -27.80
CA THR D 119 -32.67 -11.18 -28.86
C THR D 119 -34.18 -10.92 -28.94
N MET D 120 -34.56 -9.66 -28.94
CA MET D 120 -35.96 -9.27 -29.01
C MET D 120 -36.63 -9.57 -30.37
N TRP D 121 -37.85 -10.07 -30.33
CA TRP D 121 -38.58 -10.34 -31.55
C TRP D 121 -39.49 -9.13 -31.69
N LYS D 122 -39.25 -8.35 -32.74
CA LYS D 122 -39.99 -7.13 -33.02
C LYS D 122 -39.95 -6.20 -31.82
N LEU D 123 -41.10 -5.71 -31.39
CA LEU D 123 -41.13 -4.79 -30.26
C LEU D 123 -42.09 -5.20 -29.15
N PRO D 124 -41.87 -4.67 -27.94
CA PRO D 124 -42.84 -4.88 -26.87
C PRO D 124 -44.20 -4.44 -27.36
N MET D 125 -45.18 -5.28 -27.09
CA MET D 125 -46.52 -5.14 -27.65
C MET D 125 -47.29 -4.17 -26.78
N PHE D 126 -46.99 -2.89 -26.95
CA PHE D 126 -47.65 -1.84 -26.20
C PHE D 126 -49.12 -1.83 -26.59
N GLY D 127 -49.98 -1.79 -25.58
CA GLY D 127 -51.42 -1.80 -25.77
C GLY D 127 -52.01 -3.15 -26.10
N CYS D 128 -51.26 -4.23 -25.90
CA CYS D 128 -51.79 -5.56 -26.10
C CYS D 128 -52.90 -5.85 -25.12
N ARG D 129 -54.06 -6.16 -25.65
CA ARG D 129 -55.23 -6.50 -24.90
C ARG D 129 -55.75 -7.88 -25.23
N ASP D 130 -55.54 -8.35 -26.46
CA ASP D 130 -56.03 -9.63 -26.87
C ASP D 130 -54.91 -10.65 -26.94
N PRO D 131 -55.10 -11.85 -26.40
CA PRO D 131 -54.01 -12.84 -26.40
C PRO D 131 -53.68 -13.46 -27.73
N MET D 132 -54.48 -13.23 -28.76
CA MET D 132 -54.28 -13.94 -30.02
C MET D 132 -53.14 -13.31 -30.82
N GLN D 133 -52.82 -12.06 -30.52
CA GLN D 133 -51.66 -11.41 -31.13
C GLN D 133 -50.35 -12.04 -30.66
N VAL D 134 -50.23 -12.36 -29.38
CA VAL D 134 -49.03 -13.00 -28.87
C VAL D 134 -48.89 -14.38 -29.46
N LEU D 135 -50.01 -15.11 -29.55
CA LEU D 135 -50.00 -16.46 -30.12
C LEU D 135 -49.62 -16.45 -31.59
N ARG D 136 -50.04 -15.41 -32.30
CA ARG D 136 -49.66 -15.23 -33.69
C ARG D 136 -48.16 -14.90 -33.80
N GLU D 137 -47.69 -14.01 -32.94
CA GLU D 137 -46.29 -13.65 -32.92
C GLU D 137 -45.38 -14.79 -32.52
N ILE D 138 -45.86 -15.67 -31.63
CA ILE D 138 -45.09 -16.86 -31.27
C ILE D 138 -44.90 -17.76 -32.48
N VAL D 139 -45.98 -18.00 -33.24
CA VAL D 139 -45.91 -18.77 -34.46
C VAL D 139 -44.98 -18.13 -35.48
N ALA D 140 -45.07 -16.82 -35.66
CA ALA D 140 -44.20 -16.12 -36.62
C ALA D 140 -42.72 -16.21 -36.24
N CYS D 141 -42.39 -16.05 -34.95
CA CYS D 141 -41.00 -16.15 -34.51
C CYS D 141 -40.44 -17.55 -34.75
N THR D 142 -41.21 -18.57 -34.39
CA THR D 142 -40.75 -19.94 -34.55
C THR D 142 -40.66 -20.34 -36.01
N LYS D 143 -41.51 -19.75 -36.85
CA LYS D 143 -41.42 -19.98 -38.27
C LYS D 143 -40.17 -19.35 -38.87
N ALA D 144 -39.85 -18.12 -38.46
CA ALA D 144 -38.60 -17.50 -38.91
C ALA D 144 -37.38 -18.16 -38.28
N PHE D 145 -37.50 -18.69 -37.08
CA PHE D 145 -36.33 -19.21 -36.37
C PHE D 145 -36.64 -20.59 -35.82
N PRO D 146 -36.56 -21.63 -36.67
CA PRO D 146 -36.98 -22.96 -36.20
C PRO D 146 -35.99 -23.62 -35.25
N ASP D 147 -34.73 -23.24 -35.30
CA ASP D 147 -33.76 -23.79 -34.38
C ASP D 147 -33.59 -22.97 -33.09
N ALA D 148 -34.51 -22.05 -32.79
CA ALA D 148 -34.39 -21.12 -31.67
C ALA D 148 -35.32 -21.46 -30.51
N TYR D 149 -34.82 -21.36 -29.30
CA TYR D 149 -35.70 -21.23 -28.14
C TYR D 149 -36.44 -19.89 -28.19
N VAL D 150 -37.67 -19.83 -27.73
CA VAL D 150 -38.46 -18.58 -27.71
C VAL D 150 -39.03 -18.39 -26.32
N ARG D 151 -38.82 -17.24 -25.74
CA ARG D 151 -39.37 -16.96 -24.44
C ARG D 151 -40.29 -15.76 -24.48
N LEU D 152 -41.31 -15.82 -23.65
CA LEU D 152 -42.28 -14.75 -23.51
C LEU D 152 -41.98 -13.98 -22.24
N VAL D 153 -41.74 -12.70 -22.39
CA VAL D 153 -41.41 -11.92 -21.21
C VAL D 153 -42.52 -10.90 -21.03
N ALA D 154 -42.52 -10.25 -19.89
CA ALA D 154 -43.49 -9.22 -19.61
C ALA D 154 -42.85 -8.14 -18.77
N PHE D 155 -43.21 -6.91 -19.06
CA PHE D 155 -42.66 -5.73 -18.42
C PHE D 155 -43.78 -5.00 -17.70
N ASP D 156 -43.50 -4.51 -16.51
CA ASP D 156 -44.45 -3.73 -15.74
C ASP D 156 -43.98 -2.30 -15.73
N ASN D 157 -44.70 -1.45 -16.45
CA ASN D 157 -44.27 -0.08 -16.65
C ASN D 157 -44.45 0.75 -15.38
N GLN D 158 -45.28 0.28 -14.44
CA GLN D 158 -45.33 0.92 -13.13
C GLN D 158 -44.02 0.76 -12.39
N LYS D 159 -43.60 -0.46 -12.14
CA LYS D 159 -42.38 -0.71 -11.42
C LYS D 159 -41.15 -0.61 -12.33
N GLN D 160 -41.34 -0.32 -13.64
CA GLN D 160 -40.29 -0.18 -14.67
C GLN D 160 -39.24 -1.29 -14.64
N VAL D 161 -39.67 -2.52 -14.86
CA VAL D 161 -38.83 -3.70 -14.68
C VAL D 161 -39.48 -4.90 -15.38
N GLN D 162 -38.67 -5.76 -15.98
CA GLN D 162 -39.14 -7.08 -16.37
C GLN D 162 -39.75 -7.81 -15.20
N ILE D 163 -40.94 -8.38 -15.41
CA ILE D 163 -41.69 -9.00 -14.33
C ILE D 163 -42.07 -10.45 -14.63
N MET D 164 -42.03 -10.89 -15.89
CA MET D 164 -42.16 -12.31 -16.19
C MET D 164 -41.15 -12.72 -17.24
N GLY D 165 -40.94 -14.02 -17.32
CA GLY D 165 -40.19 -14.64 -18.38
C GLY D 165 -40.27 -16.14 -18.24
N PHE D 166 -40.85 -16.78 -19.23
CA PHE D 166 -41.02 -18.20 -19.28
C PHE D 166 -40.95 -18.60 -20.73
N LEU D 167 -40.60 -19.84 -20.94
CA LEU D 167 -40.32 -20.36 -22.25
C LEU D 167 -41.60 -20.81 -22.94
N VAL D 168 -41.74 -20.52 -24.21
CA VAL D 168 -42.87 -21.00 -24.98
C VAL D 168 -42.49 -21.95 -26.08
N GLN D 169 -41.22 -22.06 -26.43
CA GLN D 169 -40.86 -22.96 -27.49
C GLN D 169 -39.45 -23.43 -27.33
N ARG D 170 -39.28 -24.72 -27.45
CA ARG D 170 -38.00 -25.35 -27.56
C ARG D 170 -37.80 -25.80 -29.00
N PRO D 171 -36.60 -25.69 -29.54
CA PRO D 171 -36.37 -26.26 -30.87
C PRO D 171 -36.22 -27.77 -30.76
N LYS D 172 -36.88 -28.47 -31.67
CA LYS D 172 -36.74 -29.92 -31.84
C LYS D 172 -35.28 -30.32 -32.00
N SER D 173 -34.52 -29.56 -32.77
CA SER D 173 -33.13 -29.92 -33.05
C SER D 173 -32.21 -29.71 -31.83
N ALA D 174 -32.70 -29.09 -30.78
CA ALA D 174 -31.91 -28.98 -29.56
C ALA D 174 -31.87 -30.32 -28.84
N ARG D 175 -30.68 -30.84 -28.68
CA ARG D 175 -30.52 -32.02 -27.83
C ARG D 175 -30.21 -31.65 -26.37
N ASP D 176 -30.04 -30.38 -26.06
CA ASP D 176 -29.66 -29.89 -24.71
C ASP D 176 -30.69 -30.18 -23.61
N TRP D 177 -31.92 -30.52 -23.94
CA TRP D 177 -33.00 -30.56 -22.96
C TRP D 177 -33.79 -31.86 -23.00
N GLN D 178 -34.49 -32.16 -21.96
CA GLN D 178 -35.15 -33.46 -21.92
C GLN D 178 -36.64 -33.34 -22.02
N PRO D 179 -37.29 -34.24 -22.79
CA PRO D 179 -38.73 -34.19 -23.06
C PRO D 179 -39.60 -34.75 -21.94
N ALA D 180 -39.34 -34.32 -20.71
CA ALA D 180 -40.14 -34.58 -19.52
C ALA D 180 -40.29 -36.06 -19.20
N ASN D 181 -39.33 -36.87 -19.69
CA ASN D 181 -38.94 -38.20 -19.25
C ASN D 181 -37.47 -38.14 -18.82
N LYS D 182 -37.22 -37.20 -17.90
CA LYS D 182 -35.97 -36.73 -17.32
C LYS D 182 -35.68 -37.28 -15.90
N ARG D 183 -36.58 -38.07 -15.36
CA ARG D 183 -36.37 -39.06 -14.30
C ARG D 183 -35.68 -38.58 -13.05
N LYS E 18 -35.00 15.79 33.51
CA LYS E 18 -35.20 14.36 33.60
C LYS E 18 -36.59 13.96 34.12
N ASP E 19 -37.51 13.65 33.19
CA ASP E 19 -38.87 13.20 33.49
C ASP E 19 -39.60 14.23 34.36
N TYR E 20 -39.81 15.40 33.80
CA TYR E 20 -40.53 16.45 34.52
C TYR E 20 -42.02 16.28 34.34
N ARG E 21 -42.39 15.53 33.28
CA ARG E 21 -43.67 15.28 32.67
C ARG E 21 -44.20 16.49 31.90
N LEU E 22 -43.72 17.69 32.16
CA LEU E 22 -44.30 18.81 31.41
C LEU E 22 -43.31 19.32 30.40
N THR E 23 -42.04 19.04 30.64
CA THR E 23 -41.05 19.32 29.63
C THR E 23 -41.15 18.32 28.48
N TYR E 24 -41.39 17.05 28.79
CA TYR E 24 -41.11 15.98 27.81
C TYR E 24 -42.38 15.42 27.23
N TYR E 25 -43.46 15.52 27.94
CA TYR E 25 -44.76 15.14 27.44
C TYR E 25 -45.42 16.39 26.92
N THR E 26 -45.44 16.55 25.60
CA THR E 26 -45.90 17.75 24.93
C THR E 26 -46.98 17.36 23.94
N PRO E 27 -48.19 17.13 24.41
CA PRO E 27 -49.20 16.51 23.53
C PRO E 27 -49.74 17.42 22.43
N ASP E 28 -49.35 18.67 22.38
CA ASP E 28 -49.70 19.54 21.27
C ASP E 28 -48.53 19.77 20.29
N TYR E 29 -47.41 19.07 20.44
CA TYR E 29 -46.29 19.13 19.50
C TYR E 29 -46.74 18.70 18.10
N VAL E 30 -46.35 19.45 17.10
CA VAL E 30 -46.56 19.02 15.72
C VAL E 30 -45.31 18.28 15.23
N VAL E 31 -45.53 17.06 14.77
CA VAL E 31 -44.48 16.20 14.25
C VAL E 31 -43.90 16.80 12.98
N ARG E 32 -42.60 17.01 12.98
CA ARG E 32 -41.88 17.47 11.79
C ARG E 32 -41.64 16.31 10.82
N ASP E 33 -41.39 16.64 9.55
CA ASP E 33 -41.15 15.63 8.53
C ASP E 33 -39.81 14.94 8.69
N THR E 34 -38.84 15.62 9.26
CA THR E 34 -37.53 15.06 9.43
C THR E 34 -37.36 14.32 10.75
N ASP E 35 -38.34 14.36 11.64
CA ASP E 35 -38.26 13.63 12.91
C ASP E 35 -38.28 12.12 12.71
N ILE E 36 -37.57 11.46 13.57
CA ILE E 36 -37.67 10.03 13.76
C ILE E 36 -38.73 9.75 14.82
N LEU E 37 -39.70 8.94 14.50
CA LEU E 37 -40.74 8.67 15.47
C LEU E 37 -40.57 7.25 16.02
N ALA E 38 -40.94 7.07 17.24
CA ALA E 38 -40.91 5.76 17.88
C ALA E 38 -42.25 5.51 18.55
N ALA E 39 -42.73 4.28 18.47
CA ALA E 39 -43.88 3.84 19.24
C ALA E 39 -43.45 2.77 20.25
N PHE E 40 -43.48 3.13 21.49
CA PHE E 40 -43.20 2.24 22.61
C PHE E 40 -44.45 1.70 23.28
N ARG E 41 -44.61 0.39 23.26
CA ARG E 41 -45.55 -0.28 24.16
C ARG E 41 -44.95 -0.34 25.56
N MET E 42 -45.65 0.24 26.48
CA MET E 42 -45.12 0.68 27.75
C MET E 42 -45.94 0.07 28.89
N THR E 43 -45.28 -0.52 29.87
CA THR E 43 -45.94 -1.08 31.05
C THR E 43 -45.45 -0.41 32.32
N PRO E 44 -46.14 0.63 32.77
CA PRO E 44 -45.69 1.38 33.95
C PRO E 44 -45.77 0.56 35.23
N GLN E 45 -44.88 0.87 36.16
CA GLN E 45 -45.00 0.35 37.51
C GLN E 45 -46.31 0.85 38.12
N PRO E 46 -46.96 0.00 38.93
CA PRO E 46 -48.29 0.36 39.46
C PRO E 46 -48.24 1.59 40.34
N GLY E 47 -49.13 2.52 40.04
CA GLY E 47 -49.11 3.83 40.65
C GLY E 47 -48.38 4.91 39.87
N VAL E 48 -47.66 4.59 38.81
CA VAL E 48 -46.93 5.58 38.02
C VAL E 48 -47.82 5.95 36.84
N PRO E 49 -48.16 7.22 36.67
CA PRO E 49 -49.13 7.57 35.64
C PRO E 49 -48.51 7.47 34.26
N PRO E 50 -49.32 7.26 33.22
CA PRO E 50 -48.76 7.05 31.87
C PRO E 50 -48.00 8.22 31.31
N GLU E 51 -48.37 9.43 31.70
CA GLU E 51 -47.74 10.63 31.19
C GLU E 51 -46.35 10.80 31.75
N GLU E 52 -46.16 10.34 32.99
CA GLU E 52 -44.84 10.34 33.58
C GLU E 52 -43.93 9.31 32.92
N CYS E 53 -44.47 8.16 32.53
CA CYS E 53 -43.63 7.14 31.91
C CYS E 53 -43.26 7.52 30.49
N GLY E 54 -44.23 8.00 29.70
CA GLY E 54 -43.95 8.46 28.35
C GLY E 54 -42.90 9.55 28.31
N ALA E 55 -42.99 10.48 29.25
CA ALA E 55 -42.01 11.55 29.39
C ALA E 55 -40.63 11.05 29.76
N ALA E 56 -40.56 10.08 30.67
CA ALA E 56 -39.30 9.45 31.06
C ALA E 56 -38.62 8.74 29.89
N VAL E 57 -39.39 8.04 29.05
CA VAL E 57 -38.84 7.39 27.85
C VAL E 57 -38.37 8.43 26.86
N ALA E 58 -39.13 9.54 26.71
CA ALA E 58 -38.70 10.65 25.88
C ALA E 58 -37.40 11.25 26.39
N ALA E 59 -37.26 11.37 27.70
CA ALA E 59 -36.13 12.09 28.28
C ALA E 59 -34.82 11.27 28.31
N GLU E 60 -34.87 9.95 28.44
CA GLU E 60 -33.69 9.07 28.73
C GLU E 60 -32.84 9.68 29.84
N SER E 61 -33.47 9.84 31.00
CA SER E 61 -32.86 10.48 32.17
C SER E 61 -31.54 9.81 32.52
N SER E 62 -30.60 10.59 33.07
CA SER E 62 -29.30 9.99 33.31
C SER E 62 -29.30 9.21 34.62
N THR E 63 -30.46 9.16 35.30
CA THR E 63 -30.72 8.28 36.43
C THR E 63 -31.87 7.32 36.09
N GLY E 64 -31.55 6.02 36.06
CA GLY E 64 -32.49 5.00 35.62
C GLY E 64 -33.02 4.22 36.80
N THR E 65 -32.30 4.29 37.93
CA THR E 65 -32.71 3.73 39.21
C THR E 65 -33.69 4.63 40.00
N TRP E 66 -33.45 5.93 39.96
CA TRP E 66 -34.27 6.89 40.73
C TRP E 66 -35.72 7.10 40.32
N THR E 67 -35.94 7.22 39.01
CA THR E 67 -37.24 7.53 38.38
C THR E 67 -37.79 8.91 38.78
N THR E 68 -36.87 9.85 39.06
CA THR E 68 -37.22 11.22 39.44
C THR E 68 -36.19 12.24 38.94
N VAL E 69 -36.61 13.48 38.74
CA VAL E 69 -35.69 14.51 38.31
C VAL E 69 -34.67 14.77 39.42
N TRP E 70 -33.42 14.98 39.04
CA TRP E 70 -32.37 15.26 40.01
C TRP E 70 -31.52 16.42 39.54
N THR E 71 -30.86 16.26 38.39
CA THR E 71 -30.04 17.28 37.75
C THR E 71 -30.78 17.70 36.47
N ASP E 72 -31.40 18.88 36.51
CA ASP E 72 -32.27 19.32 35.42
C ASP E 72 -31.76 20.63 34.84
N GLY E 73 -31.63 20.66 33.52
CA GLY E 73 -31.20 21.78 32.67
C GLY E 73 -29.93 21.53 31.88
N LEU E 74 -30.06 21.06 30.63
CA LEU E 74 -28.94 20.66 29.80
C LEU E 74 -29.05 21.24 28.41
N THR E 75 -27.93 21.28 27.70
CA THR E 75 -28.03 21.49 26.26
C THR E 75 -28.08 20.18 25.51
N SER E 76 -27.99 19.05 26.22
CA SER E 76 -28.44 17.81 25.61
C SER E 76 -29.91 17.58 25.80
N LEU E 77 -30.57 18.31 26.74
CA LEU E 77 -32.01 18.20 27.01
C LEU E 77 -32.80 19.48 26.73
N ASP E 78 -32.40 20.34 25.79
CA ASP E 78 -33.24 21.51 25.48
C ASP E 78 -33.73 21.46 24.02
N ARG E 79 -32.85 21.09 23.07
CA ARG E 79 -33.18 21.09 21.63
C ARG E 79 -32.87 19.72 21.03
N TYR E 80 -32.19 18.87 21.78
CA TYR E 80 -31.83 17.55 21.30
C TYR E 80 -32.63 16.50 22.07
N LYS E 81 -33.81 16.92 22.50
CA LYS E 81 -34.69 16.06 23.26
C LYS E 81 -35.82 15.41 22.48
N GLY E 82 -36.00 14.10 22.70
CA GLY E 82 -37.13 13.38 22.15
C GLY E 82 -38.34 13.85 22.96
N ARG E 83 -39.49 14.03 22.34
CA ARG E 83 -40.68 14.48 23.05
C ARG E 83 -41.81 13.47 22.97
N CYS E 84 -42.45 13.17 24.09
CA CYS E 84 -43.56 12.23 24.02
C CYS E 84 -44.79 13.03 23.61
N TYR E 85 -45.25 12.84 22.38
CA TYR E 85 -46.30 13.72 21.88
C TYR E 85 -47.69 13.10 21.91
N ASP E 86 -47.84 11.85 22.34
CA ASP E 86 -49.10 11.13 22.33
C ASP E 86 -48.97 9.86 23.15
N ILE E 87 -49.92 9.62 24.03
CA ILE E 87 -50.06 8.36 24.76
C ILE E 87 -51.45 7.81 24.53
N GLU E 88 -51.54 6.57 24.04
CA GLU E 88 -52.81 5.90 23.83
C GLU E 88 -52.91 4.63 24.65
N PRO E 89 -54.10 4.29 25.15
CA PRO E 89 -54.32 2.97 25.78
C PRO E 89 -54.32 1.85 24.76
N VAL E 90 -53.93 0.68 25.22
CA VAL E 90 -53.93 -0.54 24.42
C VAL E 90 -55.23 -1.27 24.70
N PRO E 91 -56.05 -1.56 23.68
CA PRO E 91 -57.37 -2.14 23.93
C PRO E 91 -57.30 -3.58 24.41
N GLY E 92 -58.04 -3.88 25.47
CA GLY E 92 -58.01 -5.19 26.07
C GLY E 92 -56.98 -5.34 27.15
N GLU E 93 -56.04 -4.41 27.24
CA GLU E 93 -55.01 -4.42 28.26
C GLU E 93 -55.40 -3.36 29.27
N ASP E 94 -54.89 -3.48 30.49
CA ASP E 94 -55.31 -2.57 31.54
C ASP E 94 -54.16 -1.69 32.01
N ASN E 95 -52.94 -2.15 31.85
CA ASN E 95 -51.79 -1.38 32.28
C ASN E 95 -50.77 -1.16 31.15
N GLN E 96 -51.19 -1.20 29.91
CA GLN E 96 -50.28 -0.99 28.78
C GLN E 96 -50.71 0.19 27.94
N TYR E 97 -49.74 0.98 27.50
CA TYR E 97 -49.96 2.18 26.70
C TYR E 97 -48.98 2.19 25.53
N ILE E 98 -49.37 2.80 24.42
CA ILE E 98 -48.46 3.15 23.35
C ILE E 98 -48.04 4.59 23.56
N ALA E 99 -46.76 4.81 23.81
CA ALA E 99 -46.19 6.15 23.84
C ALA E 99 -45.43 6.45 22.54
N TYR E 100 -45.79 7.56 21.89
CA TYR E 100 -45.19 8.05 20.66
C TYR E 100 -44.14 9.11 20.96
N VAL E 101 -42.92 8.88 20.51
CA VAL E 101 -41.83 9.80 20.82
C VAL E 101 -41.25 10.30 19.52
N ALA E 102 -41.12 11.60 19.43
CA ALA E 102 -40.43 12.22 18.31
C ALA E 102 -38.99 12.55 18.68
N TYR E 103 -38.06 12.23 17.82
CA TYR E 103 -36.66 12.57 17.99
C TYR E 103 -36.21 13.49 16.86
N PRO E 104 -35.56 14.61 17.12
CA PRO E 104 -35.05 15.45 16.02
C PRO E 104 -33.89 14.75 15.28
N ILE E 105 -33.87 14.92 13.97
CA ILE E 105 -32.93 14.24 13.09
C ILE E 105 -31.47 14.62 13.42
N ASP E 106 -31.26 15.80 13.99
CA ASP E 106 -29.95 16.21 14.47
C ASP E 106 -29.36 15.31 15.54
N LEU E 107 -30.14 14.50 16.23
CA LEU E 107 -29.62 13.56 17.18
C LEU E 107 -28.79 12.44 16.55
N PHE E 108 -28.92 12.16 15.27
CA PHE E 108 -28.50 10.89 14.75
C PHE E 108 -27.28 11.03 13.82
N GLU E 109 -26.33 10.11 13.93
CA GLU E 109 -25.23 10.05 12.97
C GLU E 109 -25.73 9.53 11.61
N GLU E 110 -25.52 10.33 10.56
CA GLU E 110 -25.96 10.00 9.20
C GLU E 110 -25.43 8.64 8.76
N GLY E 111 -26.32 7.73 8.42
CA GLY E 111 -25.87 6.47 7.87
C GLY E 111 -25.44 5.45 8.90
N SER E 112 -25.79 5.62 10.17
CA SER E 112 -25.28 4.71 11.20
C SER E 112 -26.46 4.09 11.94
N VAL E 113 -26.88 2.90 11.52
CA VAL E 113 -27.89 2.15 12.27
C VAL E 113 -27.45 1.97 13.71
N THR E 114 -26.16 1.64 13.93
CA THR E 114 -25.59 1.50 15.27
C THR E 114 -25.96 2.71 16.16
N ASN E 115 -25.82 3.90 15.62
CA ASN E 115 -26.01 5.08 16.43
C ASN E 115 -27.49 5.37 16.65
N MET E 116 -28.35 4.96 15.73
CA MET E 116 -29.78 5.18 15.96
C MET E 116 -30.33 4.28 17.07
N PHE E 117 -29.91 3.01 17.11
CA PHE E 117 -30.27 2.17 18.23
C PHE E 117 -29.66 2.63 19.52
N THR E 118 -28.43 3.15 19.49
CA THR E 118 -27.84 3.68 20.72
C THR E 118 -28.67 4.87 21.25
N SER E 119 -29.11 5.73 20.36
CA SER E 119 -29.88 6.90 20.76
C SER E 119 -31.27 6.53 21.25
N ILE E 120 -31.94 5.57 20.60
CA ILE E 120 -33.32 5.25 20.93
C ILE E 120 -33.44 4.16 22.02
N VAL E 121 -32.74 3.06 21.88
CA VAL E 121 -32.90 1.94 22.80
C VAL E 121 -31.71 1.77 23.73
N GLY E 122 -30.82 2.76 23.77
CA GLY E 122 -29.57 2.60 24.51
C GLY E 122 -29.76 2.39 26.00
N ASN E 123 -30.67 3.15 26.61
CA ASN E 123 -30.82 3.20 28.05
C ASN E 123 -32.24 2.97 28.62
N VAL E 124 -33.31 3.34 27.92
CA VAL E 124 -34.65 3.43 28.55
C VAL E 124 -35.24 2.07 28.95
N PHE E 125 -34.67 0.96 28.48
CA PHE E 125 -35.34 -0.29 28.78
C PHE E 125 -35.06 -0.73 30.22
N GLY E 126 -34.08 -0.16 30.86
CA GLY E 126 -33.80 -0.32 32.27
C GLY E 126 -34.49 0.64 33.23
N PHE E 127 -35.36 1.52 32.77
CA PHE E 127 -35.82 2.60 33.65
C PHE E 127 -36.78 2.03 34.69
N LYS E 128 -36.60 2.40 35.96
CA LYS E 128 -37.30 1.69 37.02
C LYS E 128 -38.78 2.03 37.08
N ALA E 129 -39.19 3.16 36.54
CA ALA E 129 -40.60 3.56 36.51
C ALA E 129 -41.42 2.66 35.58
N LEU E 130 -40.76 1.93 34.69
CA LEU E 130 -41.37 1.00 33.77
C LEU E 130 -41.19 -0.38 34.36
N ARG E 131 -42.19 -1.20 34.23
CA ARG E 131 -42.03 -2.62 34.50
C ARG E 131 -41.56 -3.36 33.24
N ALA E 132 -42.11 -2.99 32.08
CA ALA E 132 -41.75 -3.60 30.80
C ALA E 132 -41.86 -2.53 29.71
N LEU E 133 -41.08 -2.69 28.67
CA LEU E 133 -41.03 -1.72 27.59
C LEU E 133 -40.73 -2.46 26.29
N ARG E 134 -41.59 -2.32 25.30
CA ARG E 134 -41.34 -2.87 23.99
C ARG E 134 -41.41 -1.78 22.92
N LEU E 135 -40.40 -1.74 22.06
CA LEU E 135 -40.33 -0.85 20.89
C LEU E 135 -40.98 -1.51 19.67
N GLU E 136 -42.14 -0.98 19.31
CA GLU E 136 -43.01 -1.60 18.31
C GLU E 136 -42.64 -1.16 16.89
N ASP E 137 -42.37 0.11 16.68
CA ASP E 137 -42.25 0.64 15.33
C ASP E 137 -41.42 1.91 15.34
N LEU E 138 -40.88 2.24 14.20
CA LEU E 138 -40.15 3.45 14.02
C LEU E 138 -40.55 4.10 12.71
N ARG E 139 -40.70 5.38 12.71
CA ARG E 139 -40.87 6.12 11.48
C ARG E 139 -39.49 6.68 11.11
N ILE E 140 -38.92 6.17 10.04
CA ILE E 140 -37.63 6.66 9.55
C ILE E 140 -37.94 7.70 8.48
N PRO E 141 -37.61 8.96 8.69
CA PRO E 141 -37.96 10.00 7.72
C PRO E 141 -37.09 9.91 6.48
N PRO E 142 -37.64 10.34 5.33
CA PRO E 142 -36.83 10.49 4.09
C PRO E 142 -35.51 11.20 4.27
N ALA E 143 -35.41 12.20 5.11
CA ALA E 143 -34.14 12.86 5.30
C ALA E 143 -33.10 11.96 5.97
N TYR E 144 -33.51 11.04 6.83
CA TYR E 144 -32.58 10.11 7.42
C TYR E 144 -32.31 8.92 6.49
N VAL E 145 -33.37 8.38 5.87
CA VAL E 145 -33.27 7.26 4.92
C VAL E 145 -32.20 7.50 3.86
N LYS E 146 -32.11 8.74 3.32
CA LYS E 146 -31.20 9.00 2.21
C LYS E 146 -29.74 9.07 2.66
N THR E 147 -29.44 9.11 3.95
CA THR E 147 -28.04 9.05 4.38
C THR E 147 -27.42 7.62 4.31
N PHE E 148 -28.21 6.59 4.06
CA PHE E 148 -27.76 5.19 4.13
C PHE E 148 -27.47 4.68 2.74
N VAL E 149 -26.41 3.91 2.63
CA VAL E 149 -26.18 3.18 1.40
C VAL E 149 -27.31 2.20 1.15
N GLY E 150 -27.73 1.48 2.19
CA GLY E 150 -28.76 0.50 2.06
C GLY E 150 -28.35 -0.82 1.38
N PRO E 151 -29.35 -1.60 0.98
CA PRO E 151 -29.11 -2.93 0.41
C PRO E 151 -28.21 -2.85 -0.82
N PRO E 152 -27.28 -3.79 -0.97
CA PRO E 152 -26.35 -3.73 -2.10
C PRO E 152 -27.06 -3.76 -3.42
N HIS E 153 -28.10 -4.56 -3.59
CA HIS E 153 -28.86 -4.67 -4.84
C HIS E 153 -30.36 -4.48 -4.66
N GLY E 154 -30.97 -5.14 -3.73
CA GLY E 154 -32.40 -5.12 -3.62
C GLY E 154 -33.04 -6.06 -4.64
N ILE E 155 -34.30 -6.33 -4.38
CA ILE E 155 -35.08 -7.39 -5.04
C ILE E 155 -34.99 -7.31 -6.57
N GLN E 156 -35.29 -6.17 -7.14
CA GLN E 156 -35.29 -5.96 -8.60
C GLN E 156 -33.95 -6.30 -9.24
N VAL E 157 -32.90 -5.63 -8.76
CA VAL E 157 -31.56 -5.82 -9.31
C VAL E 157 -31.19 -7.27 -9.19
N GLU E 158 -31.52 -7.88 -8.04
CA GLU E 158 -31.25 -9.29 -7.80
C GLU E 158 -31.91 -10.19 -8.87
N ARG E 159 -33.21 -9.96 -9.13
CA ARG E 159 -33.89 -10.72 -10.19
C ARG E 159 -33.24 -10.49 -11.56
N ASP E 160 -32.82 -9.25 -11.87
CA ASP E 160 -32.14 -9.03 -13.13
C ASP E 160 -30.79 -9.75 -13.17
N LYS E 161 -30.06 -9.74 -12.06
CA LYS E 161 -28.74 -10.36 -12.07
C LYS E 161 -28.88 -11.89 -12.08
N LEU E 162 -29.89 -12.41 -11.41
CA LEU E 162 -30.11 -13.84 -11.41
C LEU E 162 -30.89 -14.34 -12.63
N ASN E 163 -31.47 -13.47 -13.43
CA ASN E 163 -32.31 -13.82 -14.61
C ASN E 163 -33.51 -14.69 -14.22
N LYS E 164 -34.21 -14.35 -13.15
CA LYS E 164 -35.25 -15.23 -12.59
C LYS E 164 -36.47 -14.40 -12.25
N TYR E 165 -37.56 -14.61 -12.97
CA TYR E 165 -38.73 -13.74 -12.95
C TYR E 165 -40.00 -14.57 -12.78
N GLY E 166 -40.97 -13.98 -12.09
CA GLY E 166 -42.34 -14.47 -12.07
C GLY E 166 -42.65 -15.64 -11.16
N ARG E 167 -41.79 -15.96 -10.19
CA ARG E 167 -41.98 -17.00 -9.18
C ARG E 167 -41.11 -16.66 -7.97
N GLY E 168 -41.40 -17.27 -6.83
CA GLY E 168 -40.45 -17.27 -5.73
C GLY E 168 -39.12 -17.95 -6.07
N LEU E 169 -38.10 -17.61 -5.31
CA LEU E 169 -36.82 -18.33 -5.38
C LEU E 169 -36.89 -19.48 -4.38
N LEU E 170 -36.13 -20.52 -4.64
CA LEU E 170 -36.18 -21.70 -3.80
C LEU E 170 -34.84 -22.00 -3.19
N GLY E 171 -34.80 -22.10 -1.88
CA GLY E 171 -33.61 -22.50 -1.18
C GLY E 171 -33.81 -23.72 -0.32
N CYS E 172 -32.71 -24.19 0.24
CA CYS E 172 -32.70 -25.22 1.26
C CYS E 172 -31.43 -25.14 2.11
N THR E 173 -31.54 -25.47 3.39
CA THR E 173 -30.35 -25.54 4.24
C THR E 173 -29.68 -26.90 4.07
N ILE E 174 -28.36 -26.91 3.98
CA ILE E 174 -27.58 -28.13 3.82
C ILE E 174 -27.28 -28.68 5.20
N LYS E 175 -27.79 -29.86 5.49
CA LYS E 175 -27.42 -30.67 6.64
C LYS E 175 -26.96 -32.05 6.15
N PRO E 176 -25.66 -32.23 5.84
CA PRO E 176 -25.25 -33.47 5.15
C PRO E 176 -25.46 -34.71 6.01
N LYS E 177 -25.79 -35.79 5.34
CA LYS E 177 -25.98 -37.05 6.00
C LYS E 177 -24.64 -37.70 6.33
N LEU E 178 -23.55 -37.36 5.62
CA LEU E 178 -22.34 -38.21 5.65
C LEU E 178 -21.18 -37.59 6.46
N GLY E 179 -21.19 -36.30 6.68
CA GLY E 179 -20.13 -35.64 7.44
C GLY E 179 -20.33 -34.15 7.36
N LEU E 180 -19.68 -33.41 8.24
CA LEU E 180 -19.69 -31.97 8.05
C LEU E 180 -18.44 -31.45 7.36
N SER E 181 -17.68 -32.33 6.72
CA SER E 181 -16.49 -31.89 6.02
C SER E 181 -16.88 -30.99 4.85
N ALA E 182 -15.90 -30.20 4.40
CA ALA E 182 -16.15 -29.21 3.35
C ALA E 182 -16.52 -29.89 2.04
N LYS E 183 -15.84 -30.97 1.73
CA LYS E 183 -16.09 -31.74 0.53
C LYS E 183 -17.47 -32.38 0.50
N ASN E 184 -17.90 -32.99 1.61
CA ASN E 184 -19.25 -33.53 1.71
C ASN E 184 -20.29 -32.45 1.75
N TYR E 185 -19.93 -31.31 2.34
CA TYR E 185 -20.81 -30.19 2.34
C TYR E 185 -21.08 -29.77 0.89
N GLY E 186 -20.02 -29.67 0.09
CA GLY E 186 -20.14 -29.28 -1.31
C GLY E 186 -20.89 -30.29 -2.17
N ARG E 187 -20.72 -31.60 -1.89
CA ARG E 187 -21.47 -32.64 -2.60
C ARG E 187 -22.97 -32.45 -2.44
N ALA E 188 -23.39 -32.21 -1.20
CA ALA E 188 -24.78 -31.95 -0.90
C ALA E 188 -25.29 -30.67 -1.56
N VAL E 189 -24.48 -29.62 -1.56
CA VAL E 189 -24.84 -28.38 -2.27
C VAL E 189 -25.09 -28.68 -3.73
N TYR E 190 -24.17 -29.42 -4.36
CA TYR E 190 -24.33 -29.78 -5.75
C TYR E 190 -25.63 -30.55 -5.99
N GLU E 191 -25.93 -31.53 -5.14
CA GLU E 191 -27.10 -32.38 -5.38
C GLU E 191 -28.42 -31.59 -5.29
N CYS E 192 -28.55 -30.71 -4.30
CA CYS E 192 -29.71 -29.84 -4.16
C CYS E 192 -29.85 -28.85 -5.31
N LEU E 193 -28.78 -28.12 -5.62
CA LEU E 193 -28.82 -27.13 -6.68
C LEU E 193 -29.13 -27.72 -8.05
N ARG E 194 -28.55 -28.87 -8.35
CA ARG E 194 -28.75 -29.50 -9.66
C ARG E 194 -30.21 -29.88 -9.93
N GLY E 195 -30.93 -30.27 -8.89
CA GLY E 195 -32.32 -30.64 -8.98
C GLY E 195 -33.33 -29.54 -9.25
N GLY E 196 -32.95 -28.28 -9.09
CA GLY E 196 -33.89 -27.19 -9.31
C GLY E 196 -33.87 -26.02 -8.33
N LEU E 197 -33.11 -26.08 -7.24
CA LEU E 197 -33.15 -24.97 -6.29
C LEU E 197 -32.30 -23.83 -6.81
N ASP E 198 -32.74 -22.63 -6.55
CA ASP E 198 -31.91 -21.45 -6.82
C ASP E 198 -30.70 -21.39 -5.88
N PHE E 199 -30.91 -21.60 -4.59
CA PHE E 199 -29.91 -21.37 -3.57
C PHE E 199 -29.85 -22.53 -2.61
N THR E 200 -28.72 -22.69 -2.04
CA THR E 200 -28.56 -23.39 -0.79
C THR E 200 -27.90 -22.44 0.20
N LYS E 201 -27.81 -22.90 1.42
CA LYS E 201 -27.60 -22.04 2.58
C LYS E 201 -26.62 -22.71 3.55
N ASP E 202 -25.47 -22.05 3.78
CA ASP E 202 -24.70 -22.27 5.00
C ASP E 202 -25.62 -22.18 6.21
N ASP E 203 -25.51 -23.12 7.09
CA ASP E 203 -26.08 -22.87 8.42
C ASP E 203 -25.40 -21.70 9.14
N GLU E 204 -26.23 -20.95 9.86
CA GLU E 204 -25.80 -19.72 10.54
C GLU E 204 -24.61 -19.94 11.51
N ASN E 205 -24.44 -21.13 12.09
CA ASN E 205 -23.27 -21.33 12.95
C ASN E 205 -22.00 -21.80 12.22
N VAL E 206 -22.13 -22.24 10.97
CA VAL E 206 -21.01 -22.72 10.16
C VAL E 206 -20.24 -21.47 9.82
N ASN E 207 -19.14 -21.19 10.50
CA ASN E 207 -18.34 -20.07 10.09
C ASN E 207 -17.04 -20.69 9.64
N SER E 208 -16.20 -21.12 10.56
CA SER E 208 -14.95 -21.79 10.26
C SER E 208 -14.56 -22.55 11.54
N GLN E 209 -14.72 -23.79 11.53
CA GLN E 209 -14.57 -24.71 12.66
C GLN E 209 -13.41 -25.69 12.45
N PRO E 210 -12.98 -26.46 13.45
CA PRO E 210 -12.00 -27.54 13.16
C PRO E 210 -12.52 -28.58 12.18
N PHE E 211 -13.81 -28.94 12.22
CA PHE E 211 -14.33 -29.92 11.25
C PHE E 211 -14.41 -29.37 9.81
N MET E 212 -14.39 -28.05 9.63
CA MET E 212 -14.59 -27.44 8.30
C MET E 212 -14.13 -25.97 8.34
N ARG E 213 -12.94 -25.71 7.83
CA ARG E 213 -12.38 -24.37 7.82
C ARG E 213 -12.99 -23.63 6.65
N TRP E 214 -13.19 -22.32 6.82
CA TRP E 214 -13.98 -21.54 5.85
C TRP E 214 -13.43 -21.60 4.42
N ARG E 215 -12.14 -21.50 4.23
CA ARG E 215 -11.66 -21.32 2.87
C ARG E 215 -11.84 -22.65 2.06
N ASP E 216 -11.63 -23.78 2.71
CA ASP E 216 -11.97 -25.10 2.14
C ASP E 216 -13.46 -25.20 1.76
N ARG E 217 -14.36 -24.81 2.68
CA ARG E 217 -15.79 -24.74 2.39
C ARG E 217 -16.08 -23.87 1.14
N PHE E 218 -15.46 -22.71 1.05
CA PHE E 218 -15.72 -21.78 -0.04
C PHE E 218 -15.35 -22.41 -1.38
N LEU E 219 -14.18 -23.07 -1.41
CA LEU E 219 -13.65 -23.65 -2.63
C LEU E 219 -14.52 -24.79 -3.14
N PHE E 220 -14.83 -25.76 -2.27
CA PHE E 220 -15.73 -26.87 -2.63
C PHE E 220 -17.16 -26.40 -2.96
N VAL E 221 -17.70 -25.41 -2.24
CA VAL E 221 -19.01 -24.86 -2.64
C VAL E 221 -18.93 -24.20 -4.04
N ALA E 222 -17.83 -23.47 -4.34
CA ALA E 222 -17.68 -22.87 -5.67
C ALA E 222 -17.63 -23.92 -6.77
N GLU E 223 -16.98 -25.06 -6.53
CA GLU E 223 -17.01 -26.15 -7.50
C GLU E 223 -18.44 -26.69 -7.67
N ALA E 224 -19.16 -26.87 -6.57
CA ALA E 224 -20.55 -27.35 -6.62
C ALA E 224 -21.46 -26.40 -7.38
N ILE E 225 -21.42 -25.09 -7.06
CA ILE E 225 -22.25 -24.07 -7.71
C ILE E 225 -22.01 -24.09 -9.23
N TYR E 226 -20.75 -24.08 -9.64
CA TYR E 226 -20.41 -24.08 -11.06
C TYR E 226 -20.77 -25.41 -11.73
N LYS E 227 -20.65 -26.53 -11.02
CA LYS E 227 -21.08 -27.82 -11.58
C LYS E 227 -22.60 -27.83 -11.85
N ALA E 228 -23.40 -27.50 -10.83
CA ALA E 228 -24.85 -27.44 -11.01
C ALA E 228 -25.27 -26.39 -12.05
N GLN E 229 -24.53 -25.29 -12.14
CA GLN E 229 -24.80 -24.25 -13.15
C GLN E 229 -24.50 -24.76 -14.57
N ALA E 230 -23.37 -25.40 -14.77
CA ALA E 230 -23.09 -26.05 -16.05
C ALA E 230 -24.18 -27.09 -16.41
N GLU E 231 -24.66 -27.82 -15.43
CA GLU E 231 -25.62 -28.88 -15.65
C GLU E 231 -27.03 -28.32 -15.94
N THR E 232 -27.50 -27.38 -15.15
CA THR E 232 -28.85 -26.86 -15.29
C THR E 232 -28.95 -25.79 -16.37
N GLY E 233 -27.86 -25.10 -16.67
CA GLY E 233 -27.91 -23.89 -17.44
C GLY E 233 -28.52 -22.68 -16.75
N GLU E 234 -28.95 -22.75 -15.49
CA GLU E 234 -29.48 -21.62 -14.73
C GLU E 234 -28.42 -21.08 -13.76
N VAL E 235 -28.52 -19.80 -13.43
CA VAL E 235 -27.68 -19.21 -12.39
C VAL E 235 -27.96 -19.88 -11.03
N LYS E 236 -26.92 -20.25 -10.31
CA LYS E 236 -27.01 -20.92 -9.02
C LYS E 236 -26.17 -20.18 -7.97
N GLY E 237 -26.60 -20.24 -6.71
CA GLY E 237 -25.83 -19.72 -5.62
C GLY E 237 -25.87 -20.61 -4.38
N HIS E 238 -25.00 -20.29 -3.47
CA HIS E 238 -25.03 -20.84 -2.12
C HIS E 238 -24.69 -19.66 -1.21
N TYR E 239 -25.45 -19.45 -0.17
CA TYR E 239 -25.16 -18.39 0.78
C TYR E 239 -23.93 -18.75 1.61
N LEU E 240 -22.80 -18.22 1.25
CA LEU E 240 -21.55 -18.49 1.96
C LEU E 240 -21.42 -17.57 3.18
N ASN E 241 -21.50 -18.17 4.35
CA ASN E 241 -21.42 -17.46 5.60
C ASN E 241 -20.05 -16.74 5.79
N ALA E 242 -20.07 -15.43 5.77
CA ALA E 242 -18.97 -14.52 6.03
C ALA E 242 -18.85 -14.05 7.50
N THR E 243 -19.85 -14.26 8.34
CA THR E 243 -19.79 -13.99 9.80
C THR E 243 -18.48 -14.47 10.46
N ALA E 244 -17.79 -13.59 11.13
CA ALA E 244 -16.46 -13.91 11.68
C ALA E 244 -16.32 -13.30 13.08
N GLY E 245 -15.26 -13.68 13.81
CA GLY E 245 -14.92 -12.95 15.02
C GLY E 245 -14.52 -11.49 14.83
N THR E 246 -13.86 -11.16 13.71
CA THR E 246 -13.33 -9.81 13.51
C THR E 246 -13.72 -9.29 12.12
N CYS E 247 -13.69 -7.97 11.98
CA CYS E 247 -14.01 -7.30 10.74
C CYS E 247 -13.03 -7.73 9.65
N GLU E 248 -11.77 -7.84 10.01
CA GLU E 248 -10.73 -8.26 9.06
C GLU E 248 -10.93 -9.71 8.60
N GLU E 249 -11.23 -10.66 9.50
CA GLU E 249 -11.57 -12.02 9.08
C GLU E 249 -12.83 -12.06 8.22
N MET E 250 -13.86 -11.32 8.60
CA MET E 250 -15.06 -11.18 7.79
C MET E 250 -14.77 -10.71 6.37
N MET E 251 -13.94 -9.65 6.21
CA MET E 251 -13.56 -9.12 4.90
C MET E 251 -12.65 -10.08 4.14
N LYS E 252 -11.77 -10.81 4.84
CA LYS E 252 -11.06 -11.94 4.19
C LYS E 252 -12.03 -12.91 3.53
N ARG E 253 -13.15 -13.17 4.12
CA ARG E 253 -14.06 -14.13 3.53
C ARG E 253 -14.84 -13.52 2.36
N ALA E 254 -15.32 -12.29 2.53
CA ALA E 254 -16.01 -11.57 1.45
C ALA E 254 -15.11 -11.42 0.21
N VAL E 255 -13.84 -11.05 0.41
CA VAL E 255 -12.83 -10.99 -0.66
C VAL E 255 -12.64 -12.38 -1.40
N SMC E 256 -12.52 -13.46 -0.65
CA SMC E 256 -12.45 -14.83 -1.22
CB SMC E 256 -12.34 -15.95 -0.19
SG SMC E 256 -12.41 -17.62 -0.81
CS SMC E 256 -11.15 -17.62 -2.00
C SMC E 256 -13.66 -15.13 -2.16
O SMC E 256 -13.44 -15.56 -3.25
N ALA E 257 -14.86 -14.76 -1.75
CA ALA E 257 -16.07 -14.97 -2.55
C ALA E 257 -16.05 -14.16 -3.83
N LYS E 258 -15.69 -12.88 -3.69
CA LYS E 258 -15.38 -12.01 -4.83
C LYS E 258 -14.45 -12.69 -5.81
N GLU E 259 -13.31 -13.23 -5.32
CA GLU E 259 -12.31 -13.80 -6.22
C GLU E 259 -12.74 -15.12 -6.82
N LEU E 260 -13.56 -15.89 -6.11
CA LEU E 260 -14.15 -17.05 -6.72
C LEU E 260 -15.21 -16.69 -7.76
N GLY E 261 -15.62 -15.44 -7.82
CA GLY E 261 -16.67 -14.98 -8.69
C GLY E 261 -18.04 -15.51 -8.37
N VAL E 262 -18.28 -15.94 -7.14
CA VAL E 262 -19.55 -16.54 -6.76
C VAL E 262 -20.60 -15.47 -6.42
N PRO E 263 -21.90 -15.76 -6.49
CA PRO E 263 -22.88 -14.68 -6.49
C PRO E 263 -23.23 -14.08 -5.14
N ILE E 264 -23.17 -14.84 -4.06
CA ILE E 264 -23.82 -14.46 -2.80
C ILE E 264 -23.04 -14.90 -1.56
N ILE E 265 -23.06 -14.05 -0.57
CA ILE E 265 -22.55 -14.35 0.75
C ILE E 265 -23.65 -14.06 1.76
N MET E 266 -23.35 -14.34 2.99
CA MET E 266 -24.28 -14.35 4.09
C MET E 266 -23.73 -13.73 5.37
N HIS E 267 -24.56 -13.04 6.10
CA HIS E 267 -24.16 -12.52 7.41
C HIS E 267 -25.23 -12.62 8.47
N ASP E 268 -24.84 -12.89 9.70
CA ASP E 268 -25.75 -12.97 10.88
C ASP E 268 -25.70 -11.61 11.57
N TYR E 269 -26.56 -10.71 11.15
CA TYR E 269 -26.33 -9.29 11.42
C TYR E 269 -26.49 -8.95 12.89
N LEU E 270 -27.25 -9.73 13.65
CA LEU E 270 -27.50 -9.39 15.06
C LEU E 270 -26.41 -9.91 15.99
N THR E 271 -25.69 -10.93 15.58
CA THR E 271 -24.62 -11.47 16.37
C THR E 271 -23.25 -10.91 15.94
N GLY E 272 -23.04 -10.73 14.64
CA GLY E 272 -21.94 -9.90 14.14
C GLY E 272 -22.04 -8.43 14.54
N GLY E 273 -23.19 -7.85 14.36
CA GLY E 273 -23.42 -6.47 14.75
C GLY E 273 -23.71 -5.59 13.57
N PHE E 274 -24.43 -4.49 13.85
CA PHE E 274 -24.70 -3.52 12.80
C PHE E 274 -23.45 -2.87 12.25
N THR E 275 -22.42 -2.63 13.08
CA THR E 275 -21.23 -2.00 12.54
C THR E 275 -20.59 -2.90 11.46
N ALA E 276 -20.36 -4.17 11.75
CA ALA E 276 -19.86 -5.11 10.76
C ALA E 276 -20.82 -5.32 9.60
N ASN E 277 -22.14 -5.42 9.83
CA ASN E 277 -23.09 -5.65 8.73
C ASN E 277 -23.06 -4.52 7.68
N THR E 278 -23.06 -3.28 8.13
CA THR E 278 -22.99 -2.13 7.25
C THR E 278 -21.68 -2.10 6.46
N SER E 279 -20.55 -2.34 7.11
CA SER E 279 -19.28 -2.52 6.40
C SER E 279 -19.39 -3.58 5.32
N LEU E 280 -19.99 -4.72 5.66
CA LEU E 280 -20.10 -5.79 4.68
C LEU E 280 -21.02 -5.41 3.53
N ALA E 281 -22.20 -4.82 3.83
CA ALA E 281 -23.14 -4.37 2.80
C ALA E 281 -22.49 -3.37 1.83
N ILE E 282 -21.64 -2.48 2.32
CA ILE E 282 -20.90 -1.55 1.45
C ILE E 282 -19.87 -2.30 0.57
N TYR E 283 -19.16 -3.28 1.14
CA TYR E 283 -18.25 -4.11 0.34
C TYR E 283 -19.03 -4.80 -0.78
N CYS E 284 -20.21 -5.32 -0.46
CA CYS E 284 -21.02 -6.02 -1.43
C CYS E 284 -21.55 -5.07 -2.53
N ARG E 285 -21.94 -3.86 -2.18
CA ARG E 285 -22.30 -2.88 -3.19
C ARG E 285 -21.11 -2.57 -4.08
N ASP E 286 -19.93 -2.36 -3.49
CA ASP E 286 -18.72 -2.02 -4.25
C ASP E 286 -18.22 -3.18 -5.15
N ASN E 287 -18.52 -4.44 -4.84
CA ASN E 287 -17.96 -5.56 -5.61
C ASN E 287 -19.05 -6.47 -6.26
N GLY E 288 -20.29 -6.01 -6.35
CA GLY E 288 -21.44 -6.69 -6.91
C GLY E 288 -21.84 -8.01 -6.24
N LEU E 289 -21.45 -8.29 -5.01
CA LEU E 289 -21.96 -9.47 -4.31
C LEU E 289 -23.37 -9.19 -3.75
N LEU E 290 -24.23 -10.17 -3.85
CA LEU E 290 -25.47 -10.23 -3.07
C LEU E 290 -25.27 -10.63 -1.61
N LEU E 291 -26.08 -10.05 -0.71
CA LEU E 291 -25.89 -10.25 0.73
C LEU E 291 -27.15 -10.87 1.38
N HIS E 292 -27.08 -12.13 1.70
CA HIS E 292 -28.15 -12.82 2.46
C HIS E 292 -28.01 -12.56 3.96
N ILE E 293 -29.08 -12.21 4.64
CA ILE E 293 -28.98 -11.86 6.04
C ILE E 293 -29.75 -12.84 6.92
N HIS E 294 -29.07 -13.46 7.84
CA HIS E 294 -29.69 -14.36 8.78
C HIS E 294 -29.93 -13.70 10.14
N ARG E 295 -31.02 -14.04 10.78
CA ARG E 295 -31.48 -13.24 11.92
C ARG E 295 -31.32 -13.97 13.26
N ALA E 296 -30.25 -14.75 13.40
CA ALA E 296 -29.99 -15.49 14.65
C ALA E 296 -29.91 -14.55 15.84
N MET E 297 -30.56 -14.94 16.94
CA MET E 297 -30.76 -14.26 18.24
C MET E 297 -31.92 -13.28 18.22
N HIS E 298 -32.62 -13.13 17.10
CA HIS E 298 -33.76 -12.22 17.06
C HIS E 298 -34.77 -12.54 18.18
N ALA E 299 -34.96 -13.84 18.51
CA ALA E 299 -35.96 -14.21 19.52
C ALA E 299 -35.52 -13.88 20.95
N VAL E 300 -34.24 -13.65 21.17
CA VAL E 300 -33.78 -13.10 22.44
C VAL E 300 -34.41 -11.74 22.68
N ILE E 301 -34.54 -10.94 21.62
CA ILE E 301 -35.02 -9.55 21.63
C ILE E 301 -36.52 -9.43 21.26
N ASP E 302 -36.99 -10.20 20.30
CA ASP E 302 -38.23 -9.85 19.65
C ASP E 302 -39.41 -10.71 20.01
N ARG E 303 -39.28 -11.67 20.91
CA ARG E 303 -40.35 -12.64 21.07
C ARG E 303 -41.41 -12.18 22.09
N GLN E 304 -41.01 -11.74 23.26
CA GLN E 304 -41.98 -11.42 24.30
C GLN E 304 -42.78 -10.19 23.95
N ARG E 305 -44.08 -10.32 24.07
CA ARG E 305 -44.99 -9.24 23.70
C ARG E 305 -44.81 -7.98 24.58
N ASN E 306 -44.36 -8.11 25.80
CA ASN E 306 -44.29 -6.93 26.63
C ASN E 306 -42.90 -6.27 26.68
N HIS E 307 -41.85 -6.93 26.19
CA HIS E 307 -40.51 -6.39 26.34
C HIS E 307 -39.62 -6.72 25.14
N GLY E 308 -38.74 -5.80 24.79
CA GLY E 308 -37.82 -5.99 23.72
C GLY E 308 -38.10 -5.06 22.57
N ILE E 309 -37.79 -5.54 21.38
CA ILE E 309 -37.87 -4.78 20.15
C ILE E 309 -38.51 -5.71 19.15
N HIS E 310 -39.69 -5.36 18.68
CA HIS E 310 -40.40 -6.13 17.67
C HIS E 310 -39.54 -6.28 16.42
N PHE E 311 -39.66 -7.43 15.78
CA PHE E 311 -38.88 -7.75 14.59
C PHE E 311 -39.01 -6.72 13.44
N ARG E 312 -40.18 -6.09 13.28
CA ARG E 312 -40.37 -5.13 12.20
C ARG E 312 -39.38 -3.96 12.32
N VAL E 313 -39.04 -3.57 13.53
CA VAL E 313 -38.02 -2.57 13.77
C VAL E 313 -36.65 -3.10 13.34
N LEU E 314 -36.32 -4.33 13.73
CA LEU E 314 -35.06 -5.00 13.41
C LEU E 314 -34.92 -5.26 11.91
N ALA E 315 -36.04 -5.49 11.23
CA ALA E 315 -36.10 -5.61 9.78
C ALA E 315 -35.86 -4.27 9.08
N LYS E 316 -36.47 -3.21 9.60
CA LYS E 316 -36.30 -1.84 9.12
C LYS E 316 -34.84 -1.43 9.31
N ALA E 317 -34.25 -1.73 10.47
CA ALA E 317 -32.82 -1.52 10.73
C ALA E 317 -31.99 -2.22 9.69
N LEU E 318 -32.27 -3.51 9.43
CA LEU E 318 -31.55 -4.29 8.43
C LEU E 318 -31.64 -3.66 7.04
N ARG E 319 -32.84 -3.28 6.61
CA ARG E 319 -32.99 -2.61 5.32
C ARG E 319 -32.12 -1.33 5.20
N MET E 320 -31.97 -0.60 6.26
CA MET E 320 -31.09 0.56 6.30
C MET E 320 -29.61 0.14 6.30
N SER E 321 -29.23 -0.82 7.18
CA SER E 321 -27.85 -1.29 7.26
C SER E 321 -27.42 -1.95 5.97
N GLY E 322 -28.28 -2.79 5.42
CA GLY E 322 -28.10 -3.30 4.11
C GLY E 322 -28.12 -4.80 4.08
N GLY E 323 -29.07 -5.34 3.35
CA GLY E 323 -29.10 -6.75 3.06
C GLY E 323 -29.97 -7.02 1.85
N ASP E 324 -29.59 -7.93 0.96
CA ASP E 324 -30.45 -8.24 -0.18
C ASP E 324 -31.56 -9.26 0.16
N HIS E 325 -31.34 -10.22 1.05
CA HIS E 325 -32.40 -11.12 1.56
C HIS E 325 -32.46 -11.05 3.08
N LEU E 326 -33.62 -11.29 3.68
CA LEU E 326 -33.71 -11.41 5.12
C LEU E 326 -34.62 -12.55 5.58
N HIS E 327 -34.07 -13.41 6.44
CA HIS E 327 -34.91 -14.41 7.11
C HIS E 327 -36.07 -13.77 7.82
N SER E 328 -37.23 -14.17 7.43
CA SER E 328 -38.42 -13.48 7.87
C SER E 328 -39.39 -14.40 8.60
N GLY E 329 -38.94 -15.56 8.98
CA GLY E 329 -39.79 -16.50 9.69
C GLY E 329 -40.48 -17.55 8.84
N THR E 330 -41.39 -18.23 9.48
CA THR E 330 -42.38 -19.05 8.81
C THR E 330 -43.74 -18.54 9.13
N VAL E 331 -44.69 -18.78 8.23
CA VAL E 331 -46.10 -18.58 8.51
C VAL E 331 -46.83 -19.92 8.72
N VAL E 332 -46.13 -21.03 8.64
CA VAL E 332 -46.70 -22.31 9.02
C VAL E 332 -46.98 -22.32 10.52
N GLY E 333 -48.13 -22.86 10.88
CA GLY E 333 -48.51 -22.96 12.28
C GLY E 333 -48.91 -21.68 12.96
N LYS E 334 -49.14 -20.60 12.21
CA LYS E 334 -49.50 -19.34 12.82
C LYS E 334 -50.96 -19.02 12.53
N LEU E 335 -51.59 -18.36 13.50
CA LEU E 335 -52.98 -17.91 13.34
C LEU E 335 -53.02 -16.71 12.39
N GLU E 336 -54.25 -16.36 11.95
CA GLU E 336 -54.47 -15.25 11.01
C GLU E 336 -53.93 -13.94 11.56
N GLY E 337 -54.07 -13.72 12.86
CA GLY E 337 -53.56 -12.49 13.47
C GLY E 337 -52.06 -12.39 13.53
N GLU E 338 -51.39 -13.51 13.78
CA GLU E 338 -49.93 -13.54 13.70
C GLU E 338 -49.45 -13.45 12.26
N ARG E 339 -50.30 -13.84 11.32
CA ARG E 339 -50.02 -13.76 9.88
C ARG E 339 -50.21 -12.33 9.35
N GLU E 340 -51.18 -11.59 9.88
CA GLU E 340 -51.33 -10.16 9.62
C GLU E 340 -50.05 -9.39 9.99
N VAL E 341 -49.47 -9.70 11.16
CA VAL E 341 -48.24 -9.04 11.62
C VAL E 341 -47.09 -9.34 10.68
N THR E 342 -46.91 -10.61 10.31
CA THR E 342 -45.83 -11.03 9.43
C THR E 342 -45.93 -10.34 8.08
N LEU E 343 -47.14 -10.28 7.52
CA LEU E 343 -47.31 -9.59 6.26
C LEU E 343 -47.06 -8.08 6.39
N GLY E 344 -47.28 -7.52 7.58
CA GLY E 344 -46.96 -6.12 7.79
C GLY E 344 -45.47 -5.87 7.60
N PHE E 345 -44.63 -6.67 8.27
CA PHE E 345 -43.20 -6.37 8.19
C PHE E 345 -42.64 -6.81 6.85
N VAL E 346 -43.30 -7.77 6.18
CA VAL E 346 -42.89 -8.15 4.84
C VAL E 346 -43.09 -7.00 3.87
N ASP E 347 -44.17 -6.23 4.05
CA ASP E 347 -44.37 -5.01 3.28
C ASP E 347 -43.35 -3.92 3.62
N LEU E 348 -42.96 -3.79 4.90
CA LEU E 348 -41.92 -2.83 5.27
C LEU E 348 -40.57 -3.22 4.68
N MET E 349 -40.34 -4.50 4.49
CA MET E 349 -39.10 -5.01 3.92
C MET E 349 -39.06 -4.72 2.43
N ARG E 350 -40.17 -4.87 1.76
CA ARG E 350 -40.15 -4.96 0.30
C ARG E 350 -40.59 -3.71 -0.42
N ASP E 351 -41.55 -2.98 0.11
CA ASP E 351 -42.23 -1.92 -0.60
C ASP E 351 -41.55 -0.57 -0.48
N ASP E 352 -41.92 0.33 -1.41
CA ASP E 352 -41.45 1.70 -1.35
C ASP E 352 -42.23 2.56 -0.36
N TYR E 353 -43.53 2.42 -0.26
CA TYR E 353 -44.36 3.27 0.57
C TYR E 353 -45.31 2.40 1.37
N VAL E 354 -45.26 2.45 2.69
CA VAL E 354 -46.19 1.66 3.48
C VAL E 354 -47.07 2.57 4.34
N GLU E 355 -48.37 2.44 4.19
CA GLU E 355 -49.36 3.19 4.98
C GLU E 355 -49.58 2.60 6.36
N LYS E 356 -49.78 3.50 7.30
CA LYS E 356 -50.27 3.19 8.64
C LYS E 356 -51.45 2.21 8.66
N ASP E 357 -51.30 1.16 9.44
CA ASP E 357 -52.26 0.06 9.45
C ASP E 357 -52.07 -0.69 10.77
N ARG E 358 -52.86 -0.33 11.77
CA ARG E 358 -52.67 -0.84 13.13
C ARG E 358 -52.92 -2.33 13.23
N SER E 359 -53.90 -2.84 12.50
CA SER E 359 -54.22 -4.26 12.59
C SER E 359 -53.13 -5.13 11.98
N ARG E 360 -52.30 -4.56 11.12
CA ARG E 360 -51.10 -5.23 10.70
C ARG E 360 -49.89 -4.82 11.53
N GLY E 361 -50.09 -4.15 12.65
CA GLY E 361 -49.00 -3.71 13.51
C GLY E 361 -48.14 -2.57 12.96
N ILE E 362 -48.59 -1.90 11.93
CA ILE E 362 -47.85 -0.81 11.33
C ILE E 362 -48.33 0.50 11.95
N TYR E 363 -47.46 1.13 12.74
CA TYR E 363 -47.89 2.28 13.54
C TYR E 363 -47.61 3.60 12.85
N PHE E 364 -46.84 3.59 11.79
CA PHE E 364 -46.37 4.80 11.18
C PHE E 364 -46.44 4.60 9.68
N THR E 365 -46.74 5.65 8.95
CA THR E 365 -46.53 5.61 7.51
C THR E 365 -45.02 5.67 7.24
N GLN E 366 -44.50 4.70 6.52
CA GLN E 366 -43.06 4.62 6.19
C GLN E 366 -42.90 4.88 4.70
N ASP E 367 -42.12 5.90 4.36
CA ASP E 367 -41.72 6.22 3.00
C ASP E 367 -40.23 5.83 2.81
N TRP E 368 -39.99 4.76 2.08
CA TRP E 368 -38.60 4.35 1.89
C TRP E 368 -37.84 5.22 0.92
N CYS E 369 -38.51 6.08 0.16
CA CYS E 369 -37.86 7.12 -0.68
C CYS E 369 -36.85 6.52 -1.68
N SER E 370 -37.28 5.47 -2.36
CA SER E 370 -36.65 4.61 -3.35
C SER E 370 -35.46 3.76 -2.84
N MET E 371 -35.22 3.65 -1.54
CA MET E 371 -34.33 2.62 -1.01
C MET E 371 -34.81 1.24 -1.45
N PRO E 372 -33.95 0.43 -2.06
CA PRO E 372 -34.36 -0.89 -2.57
C PRO E 372 -34.92 -1.78 -1.46
N GLY E 373 -35.91 -2.57 -1.84
CA GLY E 373 -36.50 -3.52 -0.94
C GLY E 373 -35.61 -4.74 -0.71
N VAL E 374 -35.95 -5.45 0.33
CA VAL E 374 -35.28 -6.68 0.73
C VAL E 374 -36.24 -7.85 0.50
N MET E 375 -35.74 -8.92 -0.09
CA MET E 375 -36.43 -10.17 -0.28
C MET E 375 -36.59 -10.93 1.06
N PRO E 376 -37.80 -11.10 1.56
CA PRO E 376 -38.02 -12.03 2.67
C PRO E 376 -37.72 -13.48 2.33
N VAL E 377 -37.13 -14.17 3.25
CA VAL E 377 -36.90 -15.61 3.17
C VAL E 377 -37.80 -16.35 4.19
N ALA E 378 -38.72 -17.12 3.67
CA ALA E 378 -39.69 -17.87 4.46
C ALA E 378 -39.25 -19.30 4.63
N SER E 379 -39.34 -19.78 5.84
CA SER E 379 -39.31 -21.21 6.05
C SER E 379 -40.59 -21.82 5.43
N GLY E 380 -40.42 -22.59 4.36
CA GLY E 380 -41.43 -23.54 3.97
C GLY E 380 -41.48 -24.70 4.92
N GLY E 381 -42.56 -25.43 4.92
CA GLY E 381 -42.68 -26.50 5.86
C GLY E 381 -41.85 -27.72 5.52
N ILE E 382 -42.17 -28.78 6.29
CA ILE E 382 -41.58 -30.10 6.09
C ILE E 382 -41.87 -30.61 4.69
N HIS E 383 -43.02 -30.28 4.17
CA HIS E 383 -43.46 -30.91 2.95
C HIS E 383 -43.85 -29.88 1.89
N VAL E 384 -44.27 -30.40 0.73
CA VAL E 384 -44.55 -29.60 -0.45
C VAL E 384 -46.01 -29.17 -0.54
N TRP E 385 -46.86 -29.63 0.37
CA TRP E 385 -48.28 -29.28 0.38
C TRP E 385 -48.52 -27.91 0.96
N HIS E 386 -47.54 -27.32 1.61
CA HIS E 386 -47.66 -25.92 1.99
C HIS E 386 -47.39 -24.97 0.85
N MET E 387 -46.87 -25.46 -0.29
CA MET E 387 -46.58 -24.60 -1.43
C MET E 387 -47.71 -23.69 -1.88
N PRO E 388 -48.99 -24.13 -2.00
CA PRO E 388 -50.06 -23.18 -2.37
C PRO E 388 -50.28 -22.04 -1.39
N ALA E 389 -50.22 -22.30 -0.10
CA ALA E 389 -50.35 -21.24 0.90
C ALA E 389 -49.22 -20.24 0.81
N LEU E 390 -47.96 -20.70 0.69
CA LEU E 390 -46.80 -19.81 0.58
C LEU E 390 -46.87 -18.90 -0.63
N VAL E 391 -47.29 -19.42 -1.77
CA VAL E 391 -47.36 -18.62 -2.98
C VAL E 391 -48.46 -17.58 -2.88
N GLU E 392 -49.57 -17.94 -2.25
CA GLU E 392 -50.67 -17.02 -2.05
C GLU E 392 -50.33 -15.93 -1.04
N ILE E 393 -49.62 -16.27 0.01
CA ILE E 393 -49.36 -15.28 1.06
C ILE E 393 -48.21 -14.36 0.63
N PHE E 394 -47.10 -14.93 0.19
CA PHE E 394 -45.93 -14.10 -0.08
C PHE E 394 -46.01 -13.44 -1.45
N GLY E 395 -46.68 -14.03 -2.41
CA GLY E 395 -46.54 -13.68 -3.81
C GLY E 395 -45.17 -14.10 -4.37
N ASP E 396 -44.79 -13.54 -5.50
CA ASP E 396 -43.56 -14.00 -6.14
C ASP E 396 -42.29 -13.50 -5.44
N ASP E 397 -42.29 -12.33 -4.79
CA ASP E 397 -41.02 -11.75 -4.30
C ASP E 397 -40.66 -12.28 -2.93
N ALA E 398 -40.12 -13.50 -2.91
CA ALA E 398 -39.73 -14.20 -1.70
C ALA E 398 -38.87 -15.40 -2.06
N CYS E 399 -37.99 -15.78 -1.15
CA CYS E 399 -37.35 -17.06 -1.24
C CYS E 399 -38.08 -18.00 -0.29
N LEU E 400 -38.45 -19.12 -0.78
CA LEU E 400 -39.01 -20.14 0.07
C LEU E 400 -37.91 -21.12 0.41
N GLN E 401 -37.59 -21.24 1.68
CA GLN E 401 -36.58 -22.18 2.12
C GLN E 401 -37.24 -23.46 2.59
N PHE E 402 -36.70 -24.57 2.15
CA PHE E 402 -37.21 -25.88 2.49
C PHE E 402 -36.18 -26.57 3.36
N GLY E 403 -36.59 -26.94 4.57
CA GLY E 403 -35.65 -27.40 5.58
C GLY E 403 -35.44 -28.89 5.52
N GLY E 404 -36.42 -29.62 5.00
CA GLY E 404 -36.32 -31.01 4.68
C GLY E 404 -37.27 -31.46 3.58
N GLY E 405 -37.88 -30.52 2.83
CA GLY E 405 -38.66 -30.92 1.66
C GLY E 405 -37.81 -31.67 0.66
N THR E 406 -36.72 -31.05 0.27
CA THR E 406 -35.72 -31.63 -0.60
C THR E 406 -35.07 -32.90 -0.01
N LEU E 407 -34.90 -32.97 1.32
CA LEU E 407 -34.03 -34.02 1.87
C LEU E 407 -34.81 -35.06 2.68
N GLY E 408 -36.02 -34.74 3.11
CA GLY E 408 -36.87 -35.80 3.59
C GLY E 408 -37.46 -36.61 2.46
N HIS E 409 -37.32 -36.12 1.23
CA HIS E 409 -37.76 -36.84 0.04
C HIS E 409 -37.08 -38.20 -0.02
N PRO E 410 -37.81 -39.26 -0.34
CA PRO E 410 -37.22 -40.59 -0.25
C PRO E 410 -36.17 -40.86 -1.29
N TRP E 411 -36.19 -40.17 -2.42
CA TRP E 411 -35.20 -40.42 -3.47
C TRP E 411 -33.94 -39.56 -3.34
N GLY E 412 -33.85 -38.65 -2.39
CA GLY E 412 -32.61 -37.92 -2.12
C GLY E 412 -32.73 -36.44 -2.45
N ASN E 413 -31.58 -35.75 -2.38
CA ASN E 413 -31.57 -34.29 -2.53
C ASN E 413 -32.06 -33.83 -3.91
N ALA E 414 -31.50 -34.33 -5.00
CA ALA E 414 -31.87 -33.79 -6.31
C ALA E 414 -33.36 -34.02 -6.67
N PRO E 415 -33.97 -35.21 -6.49
CA PRO E 415 -35.42 -35.30 -6.75
C PRO E 415 -36.26 -34.50 -5.77
N GLY E 416 -35.78 -34.34 -4.54
CA GLY E 416 -36.46 -33.48 -3.59
C GLY E 416 -36.46 -32.03 -4.03
N ALA E 417 -35.32 -31.54 -4.50
CA ALA E 417 -35.26 -30.23 -5.10
C ALA E 417 -36.20 -30.14 -6.28
N ALA E 418 -36.21 -31.19 -7.11
CA ALA E 418 -37.05 -31.18 -8.30
C ALA E 418 -38.53 -31.22 -7.94
N ALA E 419 -38.87 -31.91 -6.86
CA ALA E 419 -40.26 -31.92 -6.38
C ALA E 419 -40.70 -30.55 -5.86
N ASN E 420 -39.83 -29.85 -5.12
CA ASN E 420 -40.14 -28.49 -4.68
C ASN E 420 -40.32 -27.52 -5.85
N ARG E 421 -39.48 -27.63 -6.86
CA ARG E 421 -39.52 -26.72 -8.01
C ARG E 421 -40.78 -26.94 -8.86
N VAL E 422 -41.17 -28.20 -9.05
CA VAL E 422 -42.39 -28.54 -9.77
C VAL E 422 -43.62 -27.98 -9.05
N ALA E 423 -43.71 -28.21 -7.74
CA ALA E 423 -44.81 -27.72 -6.92
C ALA E 423 -44.92 -26.20 -6.92
N LEU E 424 -43.78 -25.49 -6.83
CA LEU E 424 -43.77 -24.04 -6.89
C LEU E 424 -44.26 -23.56 -8.25
N GLU E 425 -43.77 -24.20 -9.30
CA GLU E 425 -44.08 -23.75 -10.65
C GLU E 425 -45.55 -24.03 -11.00
N ALA E 426 -46.10 -25.18 -10.55
CA ALA E 426 -47.51 -25.51 -10.80
C ALA E 426 -48.44 -24.60 -10.02
N CYS E 427 -48.11 -24.28 -8.78
CA CYS E 427 -48.84 -23.29 -8.01
C CYS E 427 -48.73 -21.90 -8.63
N THR E 428 -47.58 -21.55 -9.20
CA THR E 428 -47.43 -20.27 -9.88
C THR E 428 -48.30 -20.21 -11.14
N GLN E 429 -48.24 -21.26 -11.95
CA GLN E 429 -49.08 -21.39 -13.13
C GLN E 429 -50.56 -21.28 -12.78
N ALA E 430 -51.00 -21.98 -11.74
CA ALA E 430 -52.40 -21.99 -11.34
C ALA E 430 -52.87 -20.64 -10.81
N ARG E 431 -52.03 -19.96 -10.03
CA ARG E 431 -52.25 -18.59 -9.60
C ARG E 431 -52.42 -17.64 -10.78
N ASN E 432 -51.56 -17.74 -11.81
CA ASN E 432 -51.65 -16.81 -12.93
C ASN E 432 -52.91 -17.07 -13.75
N GLU E 433 -53.33 -18.33 -13.84
CA GLU E 433 -54.58 -18.76 -14.47
C GLU E 433 -55.82 -18.39 -13.70
N GLY E 434 -55.73 -17.69 -12.59
CA GLY E 434 -56.86 -17.20 -11.85
C GLY E 434 -57.45 -18.15 -10.84
N ARG E 435 -56.82 -19.30 -10.59
CA ARG E 435 -57.34 -20.24 -9.61
C ARG E 435 -57.06 -19.77 -8.19
N ASP E 436 -57.95 -20.13 -7.29
CA ASP E 436 -57.87 -19.77 -5.88
C ASP E 436 -57.01 -20.80 -5.18
N LEU E 437 -55.82 -20.41 -4.76
CA LEU E 437 -54.91 -21.37 -4.14
C LEU E 437 -55.32 -21.73 -2.72
N ALA E 438 -56.12 -20.88 -2.07
CA ALA E 438 -56.67 -21.23 -0.76
C ALA E 438 -57.58 -22.43 -0.85
N ARG E 439 -58.35 -22.51 -1.94
CA ARG E 439 -59.30 -23.60 -2.07
C ARG E 439 -58.71 -24.76 -2.86
N GLU E 440 -58.10 -24.46 -4.00
CA GLU E 440 -57.79 -25.42 -5.03
C GLU E 440 -56.34 -25.87 -5.02
N GLY E 441 -55.58 -25.55 -3.97
CA GLY E 441 -54.15 -25.82 -3.99
C GLY E 441 -53.82 -27.30 -3.89
N GLY E 442 -54.61 -28.04 -3.10
CA GLY E 442 -54.49 -29.48 -3.08
C GLY E 442 -54.79 -30.11 -4.43
N ASP E 443 -55.78 -29.58 -5.13
CA ASP E 443 -56.08 -30.04 -6.48
C ASP E 443 -54.99 -29.67 -7.48
N VAL E 444 -54.28 -28.55 -7.27
CA VAL E 444 -53.15 -28.19 -8.15
C VAL E 444 -51.99 -29.16 -7.97
N ILE E 445 -51.68 -29.50 -6.73
CA ILE E 445 -50.56 -30.40 -6.44
C ILE E 445 -50.83 -31.81 -6.94
N ARG E 446 -52.03 -32.36 -6.65
CA ARG E 446 -52.41 -33.70 -7.12
C ARG E 446 -52.40 -33.81 -8.64
N SER E 447 -52.78 -32.74 -9.32
CA SER E 447 -52.74 -32.72 -10.77
C SER E 447 -51.29 -32.67 -11.30
N ALA E 448 -50.36 -32.06 -10.57
CA ALA E 448 -48.97 -32.08 -10.99
C ALA E 448 -48.30 -33.40 -10.66
N CYS E 449 -48.80 -34.11 -9.64
CA CYS E 449 -48.31 -35.45 -9.29
C CYS E 449 -48.52 -36.47 -10.40
N LYS E 450 -49.52 -36.26 -11.27
CA LYS E 450 -49.82 -37.23 -12.32
C LYS E 450 -48.69 -37.31 -13.34
N TRP E 451 -48.11 -36.19 -13.71
CA TRP E 451 -46.99 -36.23 -14.64
C TRP E 451 -45.61 -36.13 -13.98
N SER E 452 -45.48 -35.76 -12.72
CA SER E 452 -44.14 -35.64 -12.14
C SER E 452 -43.92 -36.78 -11.18
N PRO E 453 -43.07 -37.75 -11.49
CA PRO E 453 -42.81 -38.83 -10.53
C PRO E 453 -42.12 -38.36 -9.25
N GLU E 454 -41.30 -37.31 -9.32
CA GLU E 454 -40.64 -36.82 -8.13
C GLU E 454 -41.64 -36.20 -7.17
N LEU E 455 -42.52 -35.34 -7.69
CA LEU E 455 -43.57 -34.78 -6.85
C LEU E 455 -44.54 -35.85 -6.33
N ALA E 456 -44.85 -36.85 -7.17
CA ALA E 456 -45.71 -37.95 -6.72
C ALA E 456 -45.08 -38.75 -5.58
N ALA E 457 -43.76 -38.94 -5.60
CA ALA E 457 -43.10 -39.62 -4.48
C ALA E 457 -43.00 -38.74 -3.23
N ALA E 458 -42.93 -37.43 -3.38
CA ALA E 458 -42.91 -36.57 -2.20
C ALA E 458 -44.30 -36.54 -1.53
N CYS E 459 -45.36 -36.65 -2.31
CA CYS E 459 -46.71 -36.62 -1.76
C CYS E 459 -47.15 -37.97 -1.20
N GLU E 460 -46.42 -39.04 -1.53
CA GLU E 460 -46.62 -40.34 -0.90
C GLU E 460 -46.30 -40.29 0.58
N VAL E 461 -45.20 -39.62 0.95
CA VAL E 461 -44.93 -39.16 2.30
C VAL E 461 -46.08 -38.34 2.86
N MET F 46 7.16 58.18 10.40
CA MET F 46 6.96 56.80 9.98
C MET F 46 7.48 55.96 11.12
N MET F 47 6.61 55.16 11.72
CA MET F 47 6.88 54.42 12.94
C MET F 47 6.92 52.92 12.63
N VAL F 48 7.50 52.11 13.52
CA VAL F 48 7.66 50.67 13.31
C VAL F 48 6.85 49.92 14.37
N TRP F 49 5.90 49.10 13.92
CA TRP F 49 5.14 48.23 14.83
C TRP F 49 6.11 47.27 15.51
N THR F 50 6.20 47.31 16.80
CA THR F 50 7.29 46.57 17.45
C THR F 50 6.98 45.06 17.53
N PRO F 51 7.95 44.22 17.23
CA PRO F 51 7.83 42.76 17.44
C PRO F 51 8.18 42.31 18.85
N VAL F 52 8.67 43.19 19.72
CA VAL F 52 9.18 42.77 21.02
C VAL F 52 8.10 42.99 22.06
N ASN F 53 7.84 41.98 22.88
CA ASN F 53 6.94 42.06 24.04
C ASN F 53 5.59 42.68 23.70
N ASN F 54 5.03 42.32 22.58
CA ASN F 54 3.89 43.01 22.04
C ASN F 54 2.76 42.00 21.75
N LYS F 55 2.54 41.09 22.68
CA LYS F 55 1.49 40.08 22.56
C LYS F 55 0.06 40.64 22.59
N MET F 56 -0.83 40.04 21.80
CA MET F 56 -2.23 40.44 21.70
C MET F 56 -3.16 39.33 22.21
N PHE F 57 -4.35 39.69 22.65
CA PHE F 57 -5.21 38.69 23.25
C PHE F 57 -6.59 38.59 22.64
N GLU F 58 -6.59 38.69 21.30
CA GLU F 58 -7.77 38.67 20.42
C GLU F 58 -8.65 39.92 20.48
N THR F 59 -9.97 39.75 20.48
CA THR F 59 -10.85 40.90 20.38
C THR F 59 -10.66 41.97 21.45
N PHE F 60 -10.52 43.20 20.94
CA PHE F 60 -10.32 44.48 21.66
C PHE F 60 -8.88 44.73 22.16
N SER F 61 -7.97 43.79 21.94
CA SER F 61 -6.60 44.00 22.43
C SER F 61 -5.83 45.07 21.65
N TYR F 62 -6.34 45.50 20.53
CA TYR F 62 -5.69 46.60 19.81
C TYR F 62 -6.25 47.96 20.26
N LEU F 63 -7.22 47.99 21.16
CA LEU F 63 -7.76 49.22 21.75
C LEU F 63 -7.05 49.48 23.07
N PRO F 64 -7.14 50.70 23.63
CA PRO F 64 -6.72 50.89 25.02
C PRO F 64 -7.51 49.98 25.94
N PRO F 65 -6.96 49.62 27.11
CA PRO F 65 -7.68 48.74 28.05
C PRO F 65 -9.04 49.33 28.42
N LEU F 66 -10.05 48.51 28.40
CA LEU F 66 -11.38 49.01 28.57
C LEU F 66 -11.55 49.46 30.01
N SER F 67 -12.01 50.68 30.19
CA SER F 67 -12.36 51.17 31.52
C SER F 67 -13.58 50.44 32.05
N ASP F 68 -13.89 50.73 33.32
CA ASP F 68 -15.03 50.10 33.97
C ASP F 68 -16.33 50.47 33.27
N GLU F 69 -16.45 51.72 32.80
CA GLU F 69 -17.61 52.11 32.02
C GLU F 69 -17.63 51.41 30.67
N GLN F 70 -16.47 51.19 30.06
CA GLN F 70 -16.42 50.46 28.81
C GLN F 70 -16.76 48.99 29.02
N ILE F 71 -16.34 48.40 30.14
CA ILE F 71 -16.71 47.02 30.42
C ILE F 71 -18.21 46.91 30.68
N ALA F 72 -18.75 47.87 31.43
CA ALA F 72 -20.17 47.88 31.77
C ALA F 72 -21.05 48.02 30.53
N ALA F 73 -20.61 48.81 29.56
CA ALA F 73 -21.36 48.95 28.31
C ALA F 73 -21.31 47.67 27.47
N GLN F 74 -20.17 46.97 27.45
CA GLN F 74 -20.11 45.66 26.79
C GLN F 74 -21.01 44.65 27.50
N VAL F 75 -21.08 44.68 28.83
CA VAL F 75 -21.95 43.78 29.58
C VAL F 75 -23.43 44.07 29.28
N ASP F 76 -23.78 45.34 29.13
CA ASP F 76 -25.10 45.72 28.64
C ASP F 76 -25.42 45.12 27.28
N TYR F 77 -24.43 45.07 26.38
CA TYR F 77 -24.65 44.42 25.10
C TYR F 77 -24.89 42.92 25.30
N ILE F 78 -24.13 42.27 26.19
CA ILE F 78 -24.31 40.86 26.51
C ILE F 78 -25.71 40.59 27.07
N VAL F 79 -26.14 41.41 28.01
CA VAL F 79 -27.40 41.17 28.72
C VAL F 79 -28.60 41.37 27.79
N ALA F 80 -28.60 42.46 27.01
CA ALA F 80 -29.70 42.76 26.08
C ALA F 80 -29.90 41.66 25.06
N ASN F 81 -28.83 41.02 24.63
CA ASN F 81 -28.94 39.91 23.71
C ASN F 81 -29.36 38.61 24.36
N GLY F 82 -29.57 38.57 25.66
CA GLY F 82 -29.83 37.31 26.33
C GLY F 82 -28.63 36.41 26.47
N TRP F 83 -27.44 36.94 26.38
CA TRP F 83 -26.25 36.12 26.43
C TRP F 83 -25.81 35.90 27.87
N ILE F 84 -24.98 34.88 28.06
CA ILE F 84 -24.53 34.51 29.40
C ILE F 84 -23.08 34.93 29.54
N PRO F 85 -22.78 35.94 30.36
CA PRO F 85 -21.39 36.28 30.65
C PRO F 85 -20.70 35.23 31.50
N CYS F 86 -19.40 35.09 31.32
CA CYS F 86 -18.55 34.24 32.14
C CYS F 86 -17.16 34.84 32.14
N LEU F 87 -16.42 34.68 33.22
CA LEU F 87 -15.05 35.13 33.26
C LEU F 87 -14.09 33.95 33.18
N GLU F 88 -12.96 34.18 32.56
CA GLU F 88 -11.88 33.21 32.46
C GLU F 88 -10.54 33.87 32.72
N PHE F 89 -9.61 33.11 33.24
CA PHE F 89 -8.31 33.63 33.60
C PHE F 89 -7.22 32.61 33.31
N ALA F 90 -6.02 33.14 33.13
CA ALA F 90 -4.82 32.39 32.89
C ALA F 90 -3.59 33.12 33.41
N GLU F 91 -2.59 32.37 33.82
CA GLU F 91 -1.31 32.92 34.20
C GLU F 91 -0.57 33.25 32.89
N SER F 92 0.44 34.10 32.95
CA SER F 92 1.11 34.56 31.72
C SER F 92 1.68 33.44 30.84
N ASP F 93 2.20 32.38 31.44
CA ASP F 93 2.73 31.24 30.69
C ASP F 93 1.61 30.36 30.07
N LYS F 94 0.36 30.63 30.41
CA LYS F 94 -0.75 29.86 29.87
C LYS F 94 -1.67 30.74 29.05
N ALA F 95 -1.40 32.04 29.06
CA ALA F 95 -2.22 33.02 28.37
C ALA F 95 -2.26 33.01 26.84
N TYR F 96 -1.14 32.77 26.17
CA TYR F 96 -1.16 32.79 24.70
C TYR F 96 -0.89 31.44 24.02
N VAL F 97 -1.30 31.31 22.76
CA VAL F 97 -1.19 30.03 22.08
C VAL F 97 0.23 29.46 22.01
N SER F 98 0.30 28.15 22.23
CA SER F 98 1.57 27.42 22.22
C SER F 98 1.37 26.04 21.59
N ASN F 99 2.47 25.39 21.22
CA ASN F 99 2.47 24.08 20.57
C ASN F 99 3.09 22.93 21.36
N GLU F 100 3.23 23.03 22.68
CA GLU F 100 4.10 22.05 23.34
C GLU F 100 3.54 20.62 23.39
N SER F 101 2.20 20.44 23.46
CA SER F 101 1.60 19.09 23.42
C SER F 101 1.84 18.35 22.13
N ALA F 102 2.18 19.04 21.04
CA ALA F 102 2.37 18.42 19.73
C ALA F 102 3.56 17.48 19.67
N ILE F 103 4.44 17.50 20.67
CA ILE F 103 5.52 16.53 20.78
C ILE F 103 4.95 15.11 20.82
N ARG F 104 3.76 14.90 21.40
CA ARG F 104 3.14 13.58 21.52
C ARG F 104 2.49 13.11 20.23
N PHE F 105 2.21 14.03 19.31
CA PHE F 105 1.48 13.73 18.08
C PHE F 105 2.20 13.08 16.93
N GLY F 106 1.37 12.63 16.00
CA GLY F 106 1.75 12.11 14.71
C GLY F 106 1.49 13.28 13.74
N SER F 107 1.09 13.02 12.51
CA SER F 107 0.82 14.16 11.62
C SER F 107 -0.62 14.70 11.74
N VAL F 108 -0.99 15.20 12.91
CA VAL F 108 -2.32 15.71 13.18
C VAL F 108 -2.37 17.07 13.94
N SER F 109 -1.29 17.87 13.90
CA SER F 109 -1.27 19.16 14.65
C SER F 109 -2.18 20.26 14.04
N CYS F 110 -2.71 20.07 12.85
CA CYS F 110 -3.50 21.05 12.13
C CYS F 110 -4.66 21.64 12.96
N LEU F 111 -4.56 22.93 13.23
CA LEU F 111 -5.51 23.69 14.07
C LEU F 111 -5.57 23.20 15.52
N TYR F 112 -4.65 22.38 15.96
CA TYR F 112 -4.45 22.15 17.37
C TYR F 112 -3.53 23.24 17.94
N TYR F 113 -3.93 23.80 19.05
CA TYR F 113 -2.97 24.63 19.80
C TYR F 113 -3.31 24.54 21.28
N ASP F 114 -2.32 24.54 22.11
CA ASP F 114 -2.54 24.57 23.55
C ASP F 114 -2.80 26.04 23.98
N ASN F 115 -3.42 26.20 25.13
CA ASN F 115 -3.76 27.45 25.85
C ASN F 115 -4.90 28.27 25.22
N ARG F 116 -5.65 27.73 24.26
CA ARG F 116 -6.92 28.34 23.89
C ARG F 116 -7.89 28.30 25.05
N TYR F 117 -8.05 27.15 25.67
CA TYR F 117 -8.79 27.05 26.91
C TYR F 117 -8.07 27.85 28.01
N TRP F 118 -8.78 28.71 28.67
CA TRP F 118 -8.34 29.26 29.95
C TRP F 118 -9.12 28.61 31.11
N THR F 119 -8.91 29.08 32.32
CA THR F 119 -9.58 28.50 33.49
C THR F 119 -10.81 29.35 33.87
N MET F 120 -11.96 28.71 34.03
CA MET F 120 -13.18 29.39 34.39
C MET F 120 -13.18 29.98 35.82
N TRP F 121 -13.69 31.19 35.96
CA TRP F 121 -13.79 31.80 37.28
C TRP F 121 -15.23 31.55 37.69
N LYS F 122 -15.40 30.74 38.73
CA LYS F 122 -16.72 30.36 39.24
C LYS F 122 -17.56 29.75 38.13
N LEU F 123 -18.77 30.25 37.96
CA LEU F 123 -19.65 29.70 36.93
C LEU F 123 -20.24 30.74 35.99
N PRO F 124 -20.68 30.29 34.81
CA PRO F 124 -21.39 31.20 33.92
C PRO F 124 -22.56 31.79 34.67
N MET F 125 -22.72 33.08 34.53
CA MET F 125 -23.65 33.87 35.33
C MET F 125 -25.01 33.79 34.70
N PHE F 126 -25.67 32.65 34.93
CA PHE F 126 -27.00 32.42 34.38
C PHE F 126 -27.96 33.40 35.04
N GLY F 127 -28.76 34.05 34.21
CA GLY F 127 -29.72 35.05 34.66
C GLY F 127 -29.12 36.40 34.98
N CYS F 128 -27.88 36.66 34.57
CA CYS F 128 -27.29 37.97 34.76
C CYS F 128 -28.05 39.02 33.98
N ARG F 129 -28.53 40.01 34.70
CA ARG F 129 -29.25 41.13 34.15
C ARG F 129 -28.57 42.45 34.46
N ASP F 130 -27.87 42.54 35.57
CA ASP F 130 -27.25 43.77 35.97
C ASP F 130 -25.76 43.72 35.77
N PRO F 131 -25.14 44.76 35.19
CA PRO F 131 -23.72 44.70 34.90
C PRO F 131 -22.80 44.83 36.10
N MET F 132 -23.33 45.14 37.28
CA MET F 132 -22.47 45.40 38.43
C MET F 132 -21.99 44.10 39.05
N GLN F 133 -22.69 43.01 38.77
CA GLN F 133 -22.23 41.69 39.21
C GLN F 133 -20.97 41.26 38.47
N VAL F 134 -20.90 41.50 37.16
CA VAL F 134 -19.72 41.16 36.39
C VAL F 134 -18.55 42.01 36.85
N LEU F 135 -18.80 43.30 37.09
CA LEU F 135 -17.75 44.20 37.53
C LEU F 135 -17.22 43.83 38.91
N ARG F 136 -18.11 43.32 39.76
CA ARG F 136 -17.71 42.81 41.07
C ARG F 136 -16.88 41.53 40.92
N GLU F 137 -17.32 40.64 40.05
CA GLU F 137 -16.60 39.40 39.80
C GLU F 137 -15.25 39.63 39.16
N ILE F 138 -15.13 40.66 38.32
CA ILE F 138 -13.84 41.02 37.73
C ILE F 138 -12.86 41.42 38.81
N VAL F 139 -13.30 42.28 39.74
CA VAL F 139 -12.49 42.70 40.87
C VAL F 139 -12.11 41.50 41.74
N ALA F 140 -13.05 40.61 42.03
CA ALA F 140 -12.76 39.45 42.85
C ALA F 140 -11.73 38.51 42.20
N CYS F 141 -11.84 38.27 40.89
CA CYS F 141 -10.88 37.40 40.20
C CYS F 141 -9.48 38.00 40.21
N THR F 142 -9.37 39.30 39.93
CA THR F 142 -8.07 39.96 39.90
C THR F 142 -7.46 40.06 41.29
N LYS F 143 -8.30 40.17 42.31
CA LYS F 143 -7.82 40.15 43.68
C LYS F 143 -7.27 38.78 44.05
N ALA F 144 -7.97 37.72 43.70
CA ALA F 144 -7.46 36.36 43.96
C ALA F 144 -6.28 36.03 43.06
N PHE F 145 -6.21 36.58 41.87
CA PHE F 145 -5.17 36.20 40.91
C PHE F 145 -4.53 37.45 40.33
N PRO F 146 -3.60 38.08 41.07
CA PRO F 146 -3.05 39.36 40.59
C PRO F 146 -2.08 39.22 39.42
N ASP F 147 -1.47 38.07 39.26
CA ASP F 147 -0.57 37.85 38.14
C ASP F 147 -1.27 37.25 36.91
N ALA F 148 -2.60 37.26 36.85
CA ALA F 148 -3.37 36.61 35.79
C ALA F 148 -4.00 37.58 34.81
N TYR F 149 -3.95 37.25 33.54
CA TYR F 149 -4.86 37.85 32.57
C TYR F 149 -6.29 37.39 32.87
N VAL F 150 -7.28 38.25 32.64
CA VAL F 150 -8.69 37.90 32.87
C VAL F 150 -9.49 38.26 31.63
N ARG F 151 -10.25 37.33 31.11
CA ARG F 151 -11.06 37.63 29.95
C ARG F 151 -12.53 37.41 30.26
N LEU F 152 -13.34 38.21 29.62
CA LEU F 152 -14.79 38.13 29.75
C LEU F 152 -15.35 37.46 28.51
N VAL F 153 -16.04 36.37 28.71
CA VAL F 153 -16.57 35.68 27.55
C VAL F 153 -18.10 35.74 27.66
N ALA F 154 -18.75 35.36 26.60
CA ALA F 154 -20.20 35.32 26.59
C ALA F 154 -20.66 34.16 25.73
N PHE F 155 -21.71 33.51 26.17
CA PHE F 155 -22.27 32.33 25.53
C PHE F 155 -23.69 32.64 25.08
N ASP F 156 -24.05 32.20 23.90
CA ASP F 156 -25.39 32.35 23.38
C ASP F 156 -26.06 30.99 23.41
N ASN F 157 -27.02 30.84 24.31
CA ASN F 157 -27.64 29.54 24.52
C ASN F 157 -28.58 29.18 23.38
N GLN F 158 -28.99 30.16 22.57
CA GLN F 158 -29.71 29.84 21.35
C GLN F 158 -28.83 29.08 20.37
N LYS F 159 -27.74 29.69 19.94
CA LYS F 159 -26.85 29.07 18.99
C LYS F 159 -25.89 28.06 19.66
N GLN F 160 -25.97 27.92 21.01
CA GLN F 160 -25.16 27.00 21.84
C GLN F 160 -23.67 27.06 21.51
N VAL F 161 -23.07 28.23 21.71
CA VAL F 161 -21.69 28.49 21.31
C VAL F 161 -21.20 29.76 22.02
N GLN F 162 -19.92 29.76 22.39
CA GLN F 162 -19.26 31.00 22.76
C GLN F 162 -19.39 32.05 21.67
N ILE F 163 -19.78 33.25 22.06
CA ILE F 163 -20.07 34.30 21.09
C ILE F 163 -19.27 35.57 21.35
N MET F 164 -18.71 35.77 22.53
CA MET F 164 -17.76 36.85 22.76
C MET F 164 -16.57 36.36 23.56
N GLY F 165 -15.51 37.15 23.50
CA GLY F 165 -14.37 36.99 24.34
C GLY F 165 -13.40 38.12 24.11
N PHE F 166 -13.18 38.91 25.14
CA PHE F 166 -12.30 40.04 25.11
C PHE F 166 -11.72 40.17 26.49
N LEU F 167 -10.57 40.79 26.53
CA LEU F 167 -9.77 40.87 27.72
C LEU F 167 -10.22 42.04 28.60
N VAL F 168 -10.28 41.82 29.90
CA VAL F 168 -10.60 42.90 30.83
C VAL F 168 -9.47 43.22 31.76
N GLN F 169 -8.45 42.40 31.86
CA GLN F 169 -7.38 42.72 32.76
C GLN F 169 -6.09 42.08 32.31
N ARG F 170 -5.05 42.87 32.28
CA ARG F 170 -3.70 42.43 32.10
C ARG F 170 -2.98 42.52 33.44
N PRO F 171 -2.12 41.57 33.77
CA PRO F 171 -1.33 41.73 35.00
C PRO F 171 -0.19 42.70 34.75
N LYS F 172 0.00 43.58 35.74
CA LYS F 172 1.13 44.51 35.77
C LYS F 172 2.46 43.79 35.64
N SER F 173 2.60 42.65 36.28
CA SER F 173 3.86 41.91 36.26
C SER F 173 4.13 41.24 34.92
N ALA F 174 3.16 41.20 34.01
CA ALA F 174 3.41 40.66 32.69
C ALA F 174 4.24 41.63 31.88
N ARG F 175 5.40 41.18 31.44
CA ARG F 175 6.17 41.97 30.49
C ARG F 175 5.87 41.62 29.03
N ASP F 176 5.02 40.62 28.78
CA ASP F 176 4.70 40.11 27.44
C ASP F 176 3.99 41.12 26.53
N TRP F 177 3.44 42.20 27.04
CA TRP F 177 2.54 43.06 26.28
C TRP F 177 2.90 44.53 26.38
N GLN F 178 2.43 45.30 25.47
CA GLN F 178 2.86 46.70 25.44
C GLN F 178 1.75 47.63 25.83
N PRO F 179 2.08 48.66 26.64
CA PRO F 179 1.08 49.61 27.17
C PRO F 179 0.67 50.70 26.19
N ALA F 180 0.32 50.30 24.98
CA ALA F 180 -0.27 51.15 23.94
C ALA F 180 0.61 52.32 23.54
N ASN F 181 1.92 52.19 23.79
CA ASN F 181 3.04 52.90 23.17
C ASN F 181 3.93 51.88 22.48
N LYS F 182 3.28 51.09 21.60
CA LYS F 182 3.71 49.94 20.83
C LYS F 182 4.03 50.23 19.36
N ARG F 183 3.86 51.47 18.93
CA ARG F 183 4.49 52.12 17.78
C ARG F 183 4.41 51.39 16.47
N LYS G 18 -34.03 -34.26 16.31
CA LYS G 18 -34.65 -33.05 16.83
C LYS G 18 -35.60 -33.30 18.01
N ASP G 19 -35.09 -33.11 19.24
CA ASP G 19 -35.84 -33.26 20.48
C ASP G 19 -36.45 -34.67 20.59
N TYR G 20 -35.58 -35.67 20.73
CA TYR G 20 -36.06 -37.04 20.87
C TYR G 20 -36.24 -37.39 22.33
N ARG G 21 -35.59 -36.61 23.20
CA ARG G 21 -35.48 -36.65 24.65
C ARG G 21 -34.55 -37.76 25.12
N LEU G 22 -34.28 -38.77 24.31
CA LEU G 22 -33.34 -39.78 24.81
C LEU G 22 -32.02 -39.62 24.10
N THR G 23 -32.06 -38.95 22.96
CA THR G 23 -30.82 -38.60 22.31
C THR G 23 -30.14 -37.43 23.02
N TYR G 24 -30.92 -36.43 23.43
CA TYR G 24 -30.34 -35.13 23.78
C TYR G 24 -30.31 -34.90 25.26
N TYR G 25 -31.22 -35.52 25.97
CA TYR G 25 -31.22 -35.48 27.41
C TYR G 25 -30.50 -36.72 27.89
N THR G 26 -29.25 -36.55 28.32
CA THR G 26 -28.36 -37.63 28.67
C THR G 26 -27.87 -37.38 30.09
N PRO G 27 -28.68 -37.71 31.09
CA PRO G 27 -28.36 -37.28 32.44
C PRO G 27 -27.19 -38.00 33.10
N ASP G 28 -26.62 -39.00 32.45
CA ASP G 28 -25.43 -39.64 32.96
C ASP G 28 -24.15 -39.23 32.19
N TYR G 29 -24.24 -38.25 31.28
CA TYR G 29 -23.08 -37.71 30.57
C TYR G 29 -22.07 -37.13 31.57
N VAL G 30 -20.81 -37.43 31.38
CA VAL G 30 -19.76 -36.77 32.15
C VAL G 30 -19.24 -35.56 31.37
N VAL G 31 -19.27 -34.42 32.02
CA VAL G 31 -18.83 -33.16 31.46
C VAL G 31 -17.33 -33.20 31.23
N ARG G 32 -16.93 -32.96 30.01
CA ARG G 32 -15.53 -32.83 29.63
C ARG G 32 -14.97 -31.46 30.04
N ASP G 33 -13.64 -31.38 30.17
CA ASP G 33 -12.99 -30.13 30.54
C ASP G 33 -13.04 -29.09 29.44
N THR G 34 -13.07 -29.53 28.20
CA THR G 34 -13.06 -28.62 27.08
C THR G 34 -14.48 -28.19 26.66
N ASP G 35 -15.53 -28.78 27.22
CA ASP G 35 -16.89 -28.41 26.91
C ASP G 35 -17.23 -26.99 27.37
N ILE G 36 -18.04 -26.36 26.59
CA ILE G 36 -18.72 -25.13 26.95
C ILE G 36 -20.06 -25.48 27.61
N LEU G 37 -20.30 -25.00 28.79
CA LEU G 37 -21.53 -25.34 29.48
C LEU G 37 -22.45 -24.13 29.47
N ALA G 38 -23.72 -24.38 29.43
CA ALA G 38 -24.73 -23.34 29.50
C ALA G 38 -25.77 -23.72 30.55
N ALA G 39 -26.22 -22.73 31.30
CA ALA G 39 -27.37 -22.92 32.20
C ALA G 39 -28.52 -22.04 31.71
N PHE G 40 -29.55 -22.68 31.22
CA PHE G 40 -30.79 -22.05 30.80
C PHE G 40 -31.89 -22.14 31.84
N ARG G 41 -32.36 -20.99 32.32
CA ARG G 41 -33.64 -20.91 33.01
C ARG G 41 -34.77 -21.00 31.99
N MET G 42 -35.59 -22.00 32.16
CA MET G 42 -36.46 -22.52 31.13
C MET G 42 -37.91 -22.51 31.63
N THR G 43 -38.82 -22.00 30.83
CA THR G 43 -40.25 -21.99 31.17
C THR G 43 -41.05 -22.75 30.12
N PRO G 44 -41.28 -24.04 30.34
CA PRO G 44 -41.99 -24.85 29.34
C PRO G 44 -43.44 -24.46 29.17
N GLN G 45 -43.95 -24.67 27.97
CA GLN G 45 -45.37 -24.56 27.75
C GLN G 45 -46.11 -25.61 28.59
N PRO G 46 -47.28 -25.25 29.12
CA PRO G 46 -47.98 -26.15 30.05
C PRO G 46 -48.36 -27.46 29.42
N GLY G 47 -48.01 -28.54 30.11
CA GLY G 47 -48.10 -29.87 29.57
C GLY G 47 -46.87 -30.43 28.90
N VAL G 48 -45.83 -29.62 28.68
CA VAL G 48 -44.60 -30.08 28.05
C VAL G 48 -43.62 -30.43 29.15
N PRO G 49 -43.13 -31.66 29.22
CA PRO G 49 -42.33 -32.05 30.37
C PRO G 49 -40.94 -31.42 30.31
N PRO G 50 -40.27 -31.25 31.45
CA PRO G 50 -38.98 -30.55 31.47
C PRO G 50 -37.88 -31.22 30.68
N GLU G 51 -37.93 -32.54 30.59
CA GLU G 51 -36.89 -33.30 29.91
C GLU G 51 -37.00 -33.12 28.41
N GLU G 52 -38.22 -32.95 27.91
CA GLU G 52 -38.42 -32.65 26.50
C GLU G 52 -37.93 -31.24 26.17
N CYS G 53 -38.11 -30.29 27.08
CA CYS G 53 -37.67 -28.92 26.80
C CYS G 53 -36.16 -28.79 26.84
N GLY G 54 -35.53 -29.35 27.88
CA GLY G 54 -34.08 -29.35 27.98
C GLY G 54 -33.41 -29.98 26.78
N ALA G 55 -33.98 -31.09 26.30
CA ALA G 55 -33.50 -31.77 25.11
C ALA G 55 -33.65 -30.94 23.86
N ALA G 56 -34.79 -30.25 23.71
CA ALA G 56 -35.03 -29.35 22.59
C ALA G 56 -34.03 -28.19 22.55
N VAL G 57 -33.69 -27.61 23.71
CA VAL G 57 -32.68 -26.55 23.79
C VAL G 57 -31.31 -27.10 23.45
N ALA G 58 -31.00 -28.31 23.92
CA ALA G 58 -29.77 -29.00 23.55
C ALA G 58 -29.69 -29.22 22.04
N ALA G 59 -30.81 -29.60 21.44
CA ALA G 59 -30.80 -30.01 20.03
C ALA G 59 -30.76 -28.84 19.04
N GLU G 60 -31.34 -27.68 19.36
CA GLU G 60 -31.59 -26.55 18.41
C GLU G 60 -32.18 -27.09 17.11
N SER G 61 -33.33 -27.72 17.23
CA SER G 61 -34.03 -28.37 16.14
C SER G 61 -34.23 -27.41 14.96
N SER G 62 -34.23 -27.95 13.75
CA SER G 62 -34.31 -27.03 12.61
C SER G 62 -35.76 -26.63 12.36
N THR G 63 -36.68 -27.14 13.19
CA THR G 63 -38.07 -26.70 13.24
C THR G 63 -38.40 -26.15 14.63
N GLY G 64 -38.73 -24.84 14.66
CA GLY G 64 -38.91 -24.13 15.91
C GLY G 64 -40.38 -23.87 16.19
N THR G 65 -41.19 -23.94 15.14
CA THR G 65 -42.63 -23.80 15.27
C THR G 65 -43.38 -25.16 15.43
N TRP G 66 -42.78 -26.23 14.95
CA TRP G 66 -43.36 -27.58 15.04
C TRP G 66 -43.42 -28.20 16.43
N THR G 67 -42.30 -28.04 17.15
CA THR G 67 -42.05 -28.58 18.49
C THR G 67 -41.97 -30.13 18.53
N THR G 68 -41.65 -30.74 17.40
CA THR G 68 -41.52 -32.20 17.29
C THR G 68 -40.46 -32.66 16.29
N VAL G 69 -39.95 -33.87 16.48
CA VAL G 69 -38.97 -34.43 15.57
C VAL G 69 -39.62 -34.61 14.20
N TRP G 70 -38.89 -34.31 13.15
CA TRP G 70 -39.43 -34.43 11.80
C TRP G 70 -38.41 -35.10 10.88
N THR G 71 -37.25 -34.43 10.68
CA THR G 71 -36.11 -34.97 9.95
C THR G 71 -35.02 -35.29 10.96
N ASP G 72 -34.81 -36.58 11.23
CA ASP G 72 -33.90 -37.01 12.28
C ASP G 72 -32.81 -37.91 11.71
N GLY G 73 -31.56 -37.58 12.05
CA GLY G 73 -30.31 -38.28 11.72
C GLY G 73 -29.32 -37.48 10.89
N LEU G 74 -28.39 -36.79 11.57
CA LEU G 74 -27.47 -35.86 10.90
C LEU G 74 -26.03 -36.13 11.30
N THR G 75 -25.11 -35.49 10.58
CA THR G 75 -23.76 -35.37 11.12
C THR G 75 -23.53 -34.01 11.74
N SER G 76 -24.53 -33.11 11.69
CA SER G 76 -24.51 -31.98 12.60
C SER G 76 -25.13 -32.33 13.93
N LEU G 77 -25.92 -33.42 14.02
CA LEU G 77 -26.57 -33.86 15.26
C LEU G 77 -26.08 -35.23 15.76
N ASP G 78 -24.83 -35.64 15.50
CA ASP G 78 -24.37 -36.90 16.09
C ASP G 78 -23.19 -36.67 17.05
N ARG G 79 -22.22 -35.83 16.68
CA ARG G 79 -21.00 -35.58 17.47
C ARG G 79 -20.84 -34.09 17.74
N TYR G 80 -21.64 -33.28 17.08
CA TYR G 80 -21.56 -31.84 17.24
C TYR G 80 -22.82 -31.35 17.98
N LYS G 81 -23.35 -32.25 18.78
CA LYS G 81 -24.56 -31.97 19.54
C LYS G 81 -24.36 -31.54 20.98
N GLY G 82 -25.04 -30.46 21.37
CA GLY G 82 -25.06 -30.03 22.75
C GLY G 82 -25.95 -31.07 23.45
N ARG G 83 -25.61 -31.46 24.67
CA ARG G 83 -26.43 -32.46 25.39
C ARG G 83 -26.98 -31.90 26.69
N CYS G 84 -28.27 -32.10 26.96
CA CYS G 84 -28.80 -31.61 28.22
C CYS G 84 -28.47 -32.64 29.30
N TYR G 85 -27.53 -32.33 30.17
CA TYR G 85 -27.05 -33.36 31.09
C TYR G 85 -27.64 -33.27 32.48
N ASP G 86 -28.49 -32.29 32.76
CA ASP G 86 -29.05 -32.05 34.10
C ASP G 86 -30.19 -31.05 33.99
N ILE G 87 -31.30 -31.37 34.62
CA ILE G 87 -32.42 -30.44 34.78
C ILE G 87 -32.76 -30.36 36.27
N GLU G 88 -32.75 -29.15 36.82
CA GLU G 88 -33.11 -28.92 38.20
C GLU G 88 -34.32 -27.99 38.31
N PRO G 89 -35.19 -28.21 39.29
CA PRO G 89 -36.26 -27.24 39.59
C PRO G 89 -35.71 -25.96 40.22
N VAL G 90 -36.42 -24.88 40.00
CA VAL G 90 -36.09 -23.58 40.57
C VAL G 90 -36.92 -23.43 41.84
N PRO G 91 -36.30 -23.18 43.00
CA PRO G 91 -37.05 -23.18 44.26
C PRO G 91 -37.96 -21.97 44.40
N GLY G 92 -39.21 -22.22 44.74
CA GLY G 92 -40.18 -21.15 44.84
C GLY G 92 -40.93 -20.90 43.57
N GLU G 93 -40.49 -21.45 42.45
CA GLU G 93 -41.16 -21.33 41.17
C GLU G 93 -41.82 -22.67 40.91
N ASP G 94 -42.84 -22.68 40.07
CA ASP G 94 -43.60 -23.89 39.86
C ASP G 94 -43.42 -24.44 38.45
N ASN G 95 -43.11 -23.56 37.50
CA ASN G 95 -42.96 -24.00 36.13
C ASN G 95 -41.61 -23.57 35.54
N GLN G 96 -40.58 -23.38 36.35
CA GLN G 96 -39.26 -23.00 35.87
C GLN G 96 -38.20 -24.01 36.26
N TYR G 97 -37.30 -24.30 35.33
CA TYR G 97 -36.23 -25.26 35.52
C TYR G 97 -34.92 -24.66 35.02
N ILE G 98 -33.81 -25.05 35.64
CA ILE G 98 -32.49 -24.83 35.09
C ILE G 98 -32.09 -26.04 34.28
N ALA G 99 -31.92 -25.88 32.99
CA ALA G 99 -31.35 -26.91 32.14
C ALA G 99 -29.88 -26.62 31.82
N TYR G 100 -29.01 -27.59 32.11
CA TYR G 100 -27.57 -27.54 31.86
C TYR G 100 -27.22 -28.21 30.55
N VAL G 101 -26.57 -27.49 29.66
CA VAL G 101 -26.26 -28.02 28.34
C VAL G 101 -24.77 -27.98 28.14
N ALA G 102 -24.22 -29.09 27.73
CA ALA G 102 -22.82 -29.17 27.35
C ALA G 102 -22.69 -29.06 25.83
N TYR G 103 -21.77 -28.26 25.36
CA TYR G 103 -21.45 -28.14 23.94
C TYR G 103 -20.00 -28.54 23.71
N PRO G 104 -19.70 -29.40 22.76
CA PRO G 104 -18.28 -29.72 22.48
C PRO G 104 -17.56 -28.52 21.85
N ILE G 105 -16.31 -28.35 22.25
CA ILE G 105 -15.50 -27.20 21.87
C ILE G 105 -15.29 -27.14 20.34
N ASP G 106 -15.35 -28.28 19.67
CA ASP G 106 -15.32 -28.33 18.21
C ASP G 106 -16.43 -27.57 17.52
N LEU G 107 -17.53 -27.27 18.20
CA LEU G 107 -18.57 -26.47 17.62
C LEU G 107 -18.18 -25.02 17.36
N PHE G 108 -17.16 -24.50 17.99
CA PHE G 108 -17.00 -23.06 18.11
C PHE G 108 -15.80 -22.56 17.27
N GLU G 109 -15.96 -21.43 16.61
CA GLU G 109 -14.83 -20.79 15.95
C GLU G 109 -13.90 -20.15 17.00
N GLU G 110 -12.63 -20.54 16.97
CA GLU G 110 -11.61 -20.06 17.93
C GLU G 110 -11.55 -18.54 17.92
N GLY G 111 -11.76 -17.93 19.07
CA GLY G 111 -11.58 -16.50 19.16
C GLY G 111 -12.74 -15.68 18.66
N SER G 112 -13.92 -16.24 18.49
CA SER G 112 -15.03 -15.50 17.91
C SER G 112 -16.21 -15.51 18.87
N VAL G 113 -16.34 -14.47 19.68
CA VAL G 113 -17.53 -14.32 20.51
C VAL G 113 -18.78 -14.36 19.66
N THR G 114 -18.76 -13.66 18.49
CA THR G 114 -19.88 -13.68 17.55
C THR G 114 -20.38 -15.10 17.28
N ASN G 115 -19.46 -16.02 17.05
CA ASN G 115 -19.84 -17.36 16.66
C ASN G 115 -20.32 -18.17 17.87
N MET G 116 -19.85 -17.87 19.05
CA MET G 116 -20.34 -18.60 20.23
C MET G 116 -21.79 -18.22 20.55
N PHE G 117 -22.14 -16.94 20.46
CA PHE G 117 -23.53 -16.58 20.61
C PHE G 117 -24.39 -17.11 19.49
N THR G 118 -23.87 -17.15 18.27
CA THR G 118 -24.66 -17.73 17.17
C THR G 118 -24.95 -19.23 17.45
N SER G 119 -23.96 -19.94 17.96
CA SER G 119 -24.13 -21.35 18.22
C SER G 119 -25.05 -21.61 19.41
N ILE G 120 -24.96 -20.81 20.46
CA ILE G 120 -25.72 -21.07 21.69
C ILE G 120 -27.09 -20.38 21.68
N VAL G 121 -27.17 -19.11 21.37
CA VAL G 121 -28.42 -18.36 21.47
C VAL G 121 -29.03 -18.04 20.12
N GLY G 122 -28.50 -18.63 19.04
CA GLY G 122 -28.90 -18.25 17.70
C GLY G 122 -30.38 -18.49 17.42
N ASN G 123 -30.90 -19.63 17.84
CA ASN G 123 -32.23 -20.08 17.47
C ASN G 123 -33.18 -20.49 18.61
N VAL G 124 -32.71 -21.02 19.73
CA VAL G 124 -33.59 -21.71 20.71
C VAL G 124 -34.55 -20.77 21.43
N PHE G 125 -34.35 -19.44 21.35
CA PHE G 125 -35.22 -18.60 22.15
C PHE G 125 -36.60 -18.46 21.50
N GLY G 126 -36.75 -18.81 20.26
CA GLY G 126 -38.00 -18.91 19.56
C GLY G 126 -38.72 -20.25 19.62
N PHE G 127 -38.24 -21.24 20.35
CA PHE G 127 -38.78 -22.58 20.21
C PHE G 127 -40.17 -22.64 20.85
N LYS G 128 -41.14 -23.23 20.16
CA LYS G 128 -42.52 -23.08 20.60
C LYS G 128 -42.84 -23.89 21.84
N ALA G 129 -42.06 -24.93 22.13
CA ALA G 129 -42.27 -25.75 23.32
C ALA G 129 -41.95 -24.99 24.61
N LEU G 130 -41.21 -23.89 24.48
CA LEU G 130 -40.84 -23.02 25.58
C LEU G 130 -41.79 -21.85 25.55
N ARG G 131 -42.22 -21.41 26.71
CA ARG G 131 -42.89 -20.12 26.81
C ARG G 131 -41.89 -18.99 27.01
N ALA G 132 -40.85 -19.23 27.81
CA ALA G 132 -39.80 -18.25 28.07
C ALA G 132 -38.47 -18.99 28.27
N LEU G 133 -37.39 -18.32 28.00
CA LEU G 133 -36.07 -18.93 28.08
C LEU G 133 -35.07 -17.84 28.42
N ARG G 134 -34.34 -18.02 29.52
CA ARG G 134 -33.26 -17.10 29.88
C ARG G 134 -31.95 -17.87 30.03
N LEU G 135 -30.91 -17.35 29.40
CA LEU G 135 -29.53 -17.86 29.54
C LEU G 135 -28.81 -17.17 30.71
N GLU G 136 -28.61 -17.96 31.76
CA GLU G 136 -28.11 -17.45 33.03
C GLU G 136 -26.61 -17.38 33.09
N ASP G 137 -25.91 -18.40 32.61
CA ASP G 137 -24.48 -18.51 32.85
C ASP G 137 -23.85 -19.39 31.78
N LEU G 138 -22.57 -19.23 31.61
CA LEU G 138 -21.81 -20.05 30.70
C LEU G 138 -20.52 -20.45 31.36
N ARG G 139 -20.11 -21.65 31.19
CA ARG G 139 -18.79 -22.09 31.59
C ARG G 139 -17.91 -22.05 30.33
N ILE G 140 -16.97 -21.13 30.30
CA ILE G 140 -16.04 -21.03 29.18
C ILE G 140 -14.80 -21.81 29.58
N PRO G 141 -14.47 -22.90 28.91
CA PRO G 141 -13.33 -23.74 29.30
C PRO G 141 -12.02 -23.06 28.98
N PRO G 142 -10.97 -23.36 29.77
CA PRO G 142 -9.59 -22.94 29.43
C PRO G 142 -9.18 -23.18 27.99
N ALA G 143 -9.58 -24.25 27.37
CA ALA G 143 -9.19 -24.47 25.99
C ALA G 143 -9.84 -23.46 25.03
N TYR G 144 -11.04 -22.97 25.33
CA TYR G 144 -11.65 -21.95 24.51
C TYR G 144 -11.15 -20.56 24.87
N VAL G 145 -11.04 -20.26 26.18
CA VAL G 145 -10.53 -18.98 26.69
C VAL G 145 -9.21 -18.59 26.03
N LYS G 146 -8.29 -19.56 25.84
CA LYS G 146 -6.96 -19.23 25.33
C LYS G 146 -6.97 -18.90 23.84
N THR G 147 -8.05 -19.15 23.10
CA THR G 147 -8.09 -18.72 21.71
C THR G 147 -8.35 -17.21 21.53
N PHE G 148 -8.68 -16.46 22.57
CA PHE G 148 -9.09 -15.07 22.48
C PHE G 148 -7.92 -14.17 22.82
N VAL G 149 -7.82 -13.09 22.08
CA VAL G 149 -6.90 -12.04 22.47
C VAL G 149 -7.29 -11.46 23.82
N GLY G 150 -8.58 -11.21 24.01
CA GLY G 150 -9.05 -10.61 25.23
C GLY G 150 -8.77 -9.12 25.41
N PRO G 151 -8.93 -8.65 26.66
CA PRO G 151 -8.79 -7.21 26.96
C PRO G 151 -7.42 -6.69 26.55
N PRO G 152 -7.37 -5.49 25.98
CA PRO G 152 -6.09 -4.95 25.52
C PRO G 152 -5.07 -4.85 26.62
N HIS G 153 -5.46 -4.43 27.82
CA HIS G 153 -4.56 -4.28 28.96
C HIS G 153 -5.04 -5.00 30.21
N GLY G 154 -6.26 -4.83 30.61
CA GLY G 154 -6.72 -5.35 31.86
C GLY G 154 -6.27 -4.47 33.02
N ILE G 155 -6.92 -4.71 34.14
CA ILE G 155 -6.88 -3.85 35.32
C ILE G 155 -5.45 -3.52 35.76
N GLN G 156 -4.62 -4.53 35.96
CA GLN G 156 -3.23 -4.36 36.42
C GLN G 156 -2.42 -3.45 35.49
N VAL G 157 -2.35 -3.81 34.21
CA VAL G 157 -1.59 -3.05 33.25
C VAL G 157 -2.09 -1.64 33.22
N GLU G 158 -3.42 -1.47 33.27
CA GLU G 158 -4.04 -0.16 33.28
C GLU G 158 -3.55 0.69 34.46
N ARG G 159 -3.56 0.12 35.67
CA ARG G 159 -3.03 0.84 36.84
C ARG G 159 -1.54 1.18 36.67
N ASP G 160 -0.74 0.28 36.11
CA ASP G 160 0.66 0.60 35.86
C ASP G 160 0.78 1.72 34.82
N LYS G 161 -0.03 1.69 33.78
CA LYS G 161 0.11 2.70 32.74
C LYS G 161 -0.43 4.04 33.23
N LEU G 162 -1.46 4.02 34.05
CA LEU G 162 -2.01 5.25 34.60
C LEU G 162 -1.27 5.73 35.84
N ASN G 163 -0.39 4.94 36.44
CA ASN G 163 0.33 5.26 37.69
C ASN G 163 -0.61 5.55 38.86
N LYS G 164 -1.66 4.74 39.04
CA LYS G 164 -2.71 5.05 39.99
C LYS G 164 -3.06 3.80 40.79
N TYR G 165 -2.76 3.81 42.07
CA TYR G 165 -2.78 2.63 42.92
C TYR G 165 -3.54 2.91 44.21
N GLY G 166 -4.22 1.89 44.71
CA GLY G 166 -4.74 1.87 46.07
C GLY G 166 -6.05 2.61 46.30
N ARG G 167 -6.81 2.95 45.27
CA ARG G 167 -8.12 3.57 45.36
C ARG G 167 -8.88 3.27 44.06
N GLY G 168 -10.20 3.45 44.07
CA GLY G 168 -10.95 3.50 42.84
C GLY G 168 -10.54 4.65 41.92
N LEU G 169 -10.84 4.51 40.65
CA LEU G 169 -10.70 5.61 39.68
C LEU G 169 -12.01 6.39 39.68
N LEU G 170 -11.94 7.66 39.34
CA LEU G 170 -13.11 8.51 39.38
C LEU G 170 -13.42 9.07 38.02
N GLY G 171 -14.63 8.86 37.56
CA GLY G 171 -15.09 9.44 36.34
C GLY G 171 -16.32 10.30 36.52
N CYS G 172 -16.71 10.96 35.44
CA CYS G 172 -17.99 11.64 35.33
C CYS G 172 -18.40 11.79 33.87
N THR G 173 -19.69 11.75 33.60
CA THR G 173 -20.19 12.01 32.24
C THR G 173 -20.32 13.51 32.02
N ILE G 174 -19.90 13.97 30.86
CA ILE G 174 -19.97 15.39 30.51
C ILE G 174 -21.32 15.66 29.89
N LYS G 175 -22.11 16.50 30.55
CA LYS G 175 -23.34 17.08 30.01
C LYS G 175 -23.24 18.61 30.10
N PRO G 176 -22.70 19.29 29.08
CA PRO G 176 -22.39 20.73 29.24
C PRO G 176 -23.64 21.58 29.42
N LYS G 177 -23.48 22.60 30.23
CA LYS G 177 -24.56 23.53 30.46
C LYS G 177 -24.74 24.49 29.29
N LEU G 178 -23.69 24.71 28.46
CA LEU G 178 -23.69 25.89 27.57
C LEU G 178 -23.91 25.53 26.09
N GLY G 179 -23.66 24.30 25.70
CA GLY G 179 -23.85 23.87 24.33
C GLY G 179 -23.35 22.45 24.18
N LEU G 180 -23.72 21.79 23.09
CA LEU G 180 -23.07 20.53 22.82
C LEU G 180 -21.96 20.65 21.80
N SER G 181 -21.48 21.85 21.55
CA SER G 181 -20.39 22.02 20.60
C SER G 181 -19.13 21.36 21.14
N ALA G 182 -18.21 21.07 20.21
CA ALA G 182 -16.99 20.34 20.58
C ALA G 182 -16.13 21.15 21.52
N LYS G 183 -16.04 22.44 21.28
CA LYS G 183 -15.26 23.35 22.10
C LYS G 183 -15.81 23.48 23.52
N ASN G 184 -17.12 23.61 23.67
CA ASN G 184 -17.75 23.62 24.99
C ASN G 184 -17.69 22.28 25.66
N TYR G 185 -17.75 21.22 24.85
CA TYR G 185 -17.60 19.90 25.38
C TYR G 185 -16.22 19.78 26.03
N GLY G 186 -15.18 20.24 25.32
CA GLY G 186 -13.81 20.18 25.82
C GLY G 186 -13.55 21.07 27.03
N ARG G 187 -14.21 22.24 27.11
CA ARG G 187 -14.11 23.11 28.29
C ARG G 187 -14.58 22.40 29.54
N ALA G 188 -15.73 21.73 29.44
CA ALA G 188 -16.27 20.96 30.54
C ALA G 188 -15.37 19.78 30.91
N VAL G 189 -14.80 19.10 29.92
CA VAL G 189 -13.84 18.03 30.19
C VAL G 189 -12.68 18.57 31.00
N TYR G 190 -12.13 19.70 30.55
CA TYR G 190 -11.02 20.32 31.27
C TYR G 190 -11.40 20.63 32.71
N GLU G 191 -12.57 21.22 32.94
CA GLU G 191 -12.93 21.65 34.29
C GLU G 191 -13.09 20.48 35.26
N CYS G 192 -13.72 19.39 34.81
CA CYS G 192 -13.86 18.17 35.61
C CYS G 192 -12.52 17.51 35.90
N LEU G 193 -11.72 17.28 34.85
CA LEU G 193 -10.43 16.61 35.03
C LEU G 193 -9.46 17.39 35.91
N ARG G 194 -9.43 18.70 35.77
CA ARG G 194 -8.52 19.53 36.56
C ARG G 194 -8.77 19.45 38.07
N GLY G 195 -10.02 19.30 38.46
CA GLY G 195 -10.44 19.19 39.84
C GLY G 195 -10.07 17.92 40.58
N GLY G 196 -9.69 16.86 39.87
CA GLY G 196 -9.36 15.60 40.54
C GLY G 196 -9.86 14.31 39.91
N LEU G 197 -10.67 14.35 38.84
CA LEU G 197 -11.16 13.10 38.29
C LEU G 197 -10.09 12.49 37.42
N ASP G 198 -10.03 11.18 37.43
CA ASP G 198 -9.18 10.46 36.49
C ASP G 198 -9.71 10.57 35.05
N PHE G 199 -10.98 10.38 34.85
CA PHE G 199 -11.59 10.26 33.53
C PHE G 199 -12.84 11.09 33.44
N THR G 200 -13.13 11.49 32.25
CA THR G 200 -14.44 11.88 31.83
C THR G 200 -14.85 11.00 30.67
N LYS G 201 -16.09 11.16 30.27
CA LYS G 201 -16.81 10.16 29.49
C LYS G 201 -17.66 10.85 28.42
N ASP G 202 -17.36 10.59 27.13
CA ASP G 202 -18.33 10.74 26.06
C ASP G 202 -19.63 10.05 26.45
N ASP G 203 -20.73 10.73 26.29
CA ASP G 203 -21.99 10.00 26.28
C ASP G 203 -22.07 8.99 25.13
N GLU G 204 -22.69 7.85 25.44
CA GLU G 204 -22.78 6.71 24.53
C GLU G 204 -23.42 7.08 23.17
N ASN G 205 -24.30 8.08 23.11
CA ASN G 205 -24.87 8.45 21.79
C ASN G 205 -24.03 9.48 21.01
N VAL G 206 -23.08 10.13 21.65
CA VAL G 206 -22.23 11.14 21.05
C VAL G 206 -21.28 10.34 20.16
N ASN G 207 -21.54 10.30 18.86
CA ASN G 207 -20.59 9.64 18.01
C ASN G 207 -20.06 10.75 17.12
N SER G 208 -20.82 11.21 16.16
CA SER G 208 -20.45 12.31 15.29
C SER G 208 -21.77 12.82 14.68
N GLN G 209 -22.22 13.90 15.12
CA GLN G 209 -23.51 14.51 14.82
C GLN G 209 -23.35 15.84 14.08
N PRO G 210 -24.42 16.46 13.53
CA PRO G 210 -24.26 17.83 13.02
C PRO G 210 -23.86 18.85 14.08
N PHE G 211 -24.33 18.73 15.32
CA PHE G 211 -23.91 19.68 16.36
C PHE G 211 -22.46 19.50 16.80
N MET G 212 -21.84 18.34 16.53
CA MET G 212 -20.48 18.04 17.03
C MET G 212 -19.90 16.87 16.24
N ARG G 213 -19.05 17.15 15.27
CA ARG G 213 -18.44 16.11 14.45
C ARG G 213 -17.29 15.53 15.21
N TRP G 214 -17.06 14.22 15.02
CA TRP G 214 -16.12 13.48 15.88
C TRP G 214 -14.71 14.07 15.89
N ARG G 215 -14.17 14.46 14.77
CA ARG G 215 -12.75 14.78 14.76
C ARG G 215 -12.50 16.13 15.51
N ASP G 216 -13.43 17.07 15.38
CA ASP G 216 -13.44 18.29 16.20
C ASP G 216 -13.53 17.97 17.72
N ARG G 217 -14.45 17.10 18.11
CA ARG G 217 -14.52 16.62 19.49
C ARG G 217 -13.17 16.03 19.97
N PHE G 218 -12.54 15.21 19.15
CA PHE G 218 -11.30 14.53 19.56
C PHE G 218 -10.21 15.57 19.82
N LEU G 219 -10.10 16.56 18.94
CA LEU G 219 -9.05 17.58 19.02
C LEU G 219 -9.21 18.44 20.27
N PHE G 220 -10.40 19.01 20.48
CA PHE G 220 -10.68 19.80 21.70
C PHE G 220 -10.59 18.97 22.98
N VAL G 221 -11.04 17.72 22.99
CA VAL G 221 -10.82 16.88 24.17
C VAL G 221 -9.32 16.64 24.43
N ALA G 222 -8.52 16.42 23.36
CA ALA G 222 -7.08 16.24 23.54
C ALA G 222 -6.42 17.49 24.13
N GLU G 223 -6.84 18.67 23.74
CA GLU G 223 -6.35 19.89 24.35
C GLU G 223 -6.73 19.95 25.85
N ALA G 224 -7.98 19.61 26.17
CA ALA G 224 -8.45 19.58 27.55
C ALA G 224 -7.67 18.58 28.41
N ILE G 225 -7.51 17.35 27.95
CA ILE G 225 -6.80 16.29 28.67
C ILE G 225 -5.37 16.75 28.99
N TYR G 226 -4.67 17.28 27.98
CA TYR G 226 -3.29 17.73 28.17
C TYR G 226 -3.23 18.99 29.05
N LYS G 227 -4.22 19.88 28.97
CA LYS G 227 -4.24 21.04 29.87
C LYS G 227 -4.40 20.61 31.34
N ALA G 228 -5.40 19.78 31.63
CA ALA G 228 -5.60 19.29 33.00
C ALA G 228 -4.42 18.43 33.48
N GLN G 229 -3.76 17.71 32.58
CA GLN G 229 -2.58 16.93 32.91
C GLN G 229 -1.38 17.82 33.26
N ALA G 230 -1.13 18.85 32.46
CA ALA G 230 -0.12 19.84 32.80
C ALA G 230 -0.42 20.50 34.16
N GLU G 231 -1.68 20.77 34.43
CA GLU G 231 -2.07 21.47 35.65
C GLU G 231 -1.97 20.56 36.88
N THR G 232 -2.51 19.35 36.81
CA THR G 232 -2.55 18.45 37.96
C THR G 232 -1.22 17.71 38.16
N GLY G 233 -0.45 17.52 37.11
CA GLY G 233 0.64 16.59 37.13
C GLY G 233 0.28 15.11 37.14
N GLU G 234 -1.00 14.73 37.12
CA GLU G 234 -1.46 13.34 37.07
C GLU G 234 -1.87 12.97 35.64
N VAL G 235 -1.77 11.69 35.30
CA VAL G 235 -2.32 11.18 34.05
C VAL G 235 -3.84 11.37 33.99
N LYS G 236 -4.34 11.88 32.88
CA LYS G 236 -5.76 12.13 32.68
C LYS G 236 -6.25 11.50 31.39
N GLY G 237 -7.53 11.11 31.35
CA GLY G 237 -8.13 10.62 30.15
C GLY G 237 -9.56 11.11 29.98
N HIS G 238 -10.07 10.90 28.79
CA HIS G 238 -11.49 11.06 28.48
C HIS G 238 -11.83 9.89 27.58
N TYR G 239 -12.90 9.18 27.86
CA TYR G 239 -13.33 8.09 27.00
C TYR G 239 -13.88 8.63 25.69
N LEU G 240 -13.09 8.61 24.65
CA LEU G 240 -13.50 9.11 23.34
C LEU G 240 -14.27 8.02 22.58
N ASN G 241 -15.55 8.25 22.40
CA ASN G 241 -16.42 7.32 21.71
C ASN G 241 -16.01 7.08 20.24
N ALA G 242 -15.54 5.89 19.95
CA ALA G 242 -15.20 5.37 18.64
C ALA G 242 -16.33 4.62 17.91
N THR G 243 -17.43 4.28 18.58
CA THR G 243 -18.65 3.70 17.95
C THR G 243 -19.07 4.42 16.65
N ALA G 244 -19.20 3.68 15.58
CA ALA G 244 -19.47 4.28 14.27
C ALA G 244 -20.50 3.44 13.51
N GLY G 245 -21.01 3.96 12.37
CA GLY G 245 -21.79 3.12 11.47
C GLY G 245 -21.02 1.97 10.82
N THR G 246 -19.73 2.16 10.53
CA THR G 246 -18.95 1.18 9.79
C THR G 246 -17.62 0.91 10.50
N CYS G 247 -17.04 -0.25 10.20
CA CYS G 247 -15.78 -0.67 10.78
C CYS G 247 -14.68 0.31 10.35
N GLU G 248 -14.72 0.75 9.12
CA GLU G 248 -13.73 1.72 8.60
C GLU G 248 -13.85 3.08 9.29
N GLU G 249 -15.07 3.61 9.48
CA GLU G 249 -15.23 4.85 10.27
C GLU G 249 -14.78 4.66 11.72
N MET G 250 -15.14 3.55 12.33
CA MET G 250 -14.68 3.21 13.67
C MET G 250 -13.14 3.24 13.77
N MET G 251 -12.43 2.58 12.84
CA MET G 251 -10.97 2.54 12.84
C MET G 251 -10.36 3.89 12.51
N LYS G 252 -11.01 4.68 11.64
CA LYS G 252 -10.61 6.09 11.48
C LYS G 252 -10.62 6.85 12.81
N ARG G 253 -11.53 6.56 13.69
CA ARG G 253 -11.55 7.27 14.95
C ARG G 253 -10.48 6.74 15.90
N ALA G 254 -10.35 5.42 15.99
CA ALA G 254 -9.30 4.80 16.81
C ALA G 254 -7.90 5.26 16.39
N VAL G 255 -7.62 5.30 15.09
CA VAL G 255 -6.37 5.85 14.53
C VAL G 255 -6.12 7.36 14.95
N SMC G 256 -7.13 8.19 14.85
CA SMC G 256 -7.06 9.59 15.31
CB SMC G 256 -8.34 10.42 15.12
SG SMC G 256 -8.37 12.06 15.81
CS SMC G 256 -6.96 12.77 15.06
C SMC G 256 -6.62 9.70 16.79
O SMC G 256 -5.73 10.43 17.08
N ALA G 257 -7.18 8.87 17.65
CA ALA G 257 -6.83 8.84 19.09
C ALA G 257 -5.39 8.43 19.31
N LYS G 258 -5.00 7.35 18.63
CA LYS G 258 -3.60 6.93 18.53
C LYS G 258 -2.70 8.10 18.18
N GLU G 259 -3.03 8.86 17.12
CA GLU G 259 -2.15 9.93 16.66
C GLU G 259 -2.16 11.14 17.57
N LEU G 260 -3.26 11.39 18.25
CA LEU G 260 -3.27 12.39 19.30
C LEU G 260 -2.47 11.96 20.51
N GLY G 261 -2.10 10.70 20.61
CA GLY G 261 -1.43 10.14 21.74
C GLY G 261 -2.24 10.08 23.00
N VAL G 262 -3.57 10.09 22.92
CA VAL G 262 -4.43 10.12 24.07
C VAL G 262 -4.65 8.70 24.64
N PRO G 263 -5.02 8.56 25.92
CA PRO G 263 -4.91 7.23 26.56
C PRO G 263 -6.02 6.26 26.25
N ILE G 264 -7.24 6.70 26.01
CA ILE G 264 -8.40 5.82 26.07
C ILE G 264 -9.48 6.18 25.05
N ILE G 265 -10.10 5.17 24.51
CA ILE G 265 -11.27 5.29 23.67
C ILE G 265 -12.36 4.41 24.24
N MET G 266 -13.50 4.47 23.61
CA MET G 266 -14.74 3.91 24.08
C MET G 266 -15.55 3.21 22.99
N HIS G 267 -16.19 2.13 23.32
CA HIS G 267 -17.10 1.47 22.37
C HIS G 267 -18.37 0.95 23.01
N ASP G 268 -19.48 1.01 22.28
CA ASP G 268 -20.80 0.51 22.73
C ASP G 268 -20.96 -0.88 22.12
N TYR G 269 -20.50 -1.89 22.82
CA TYR G 269 -20.21 -3.17 22.17
C TYR G 269 -21.47 -3.89 21.73
N LEU G 270 -22.61 -3.62 22.35
CA LEU G 270 -23.84 -4.35 22.00
C LEU G 270 -24.58 -3.76 20.82
N THR G 271 -24.36 -2.48 20.55
CA THR G 271 -24.99 -1.82 19.44
C THR G 271 -24.06 -1.75 18.21
N GLY G 272 -22.77 -1.53 18.43
CA GLY G 272 -21.76 -1.80 17.40
C GLY G 272 -21.64 -3.27 17.00
N GLY G 273 -21.58 -4.14 17.97
CA GLY G 273 -21.53 -5.57 17.70
C GLY G 273 -20.24 -6.17 18.16
N PHE G 274 -20.30 -7.49 18.44
CA PHE G 274 -19.10 -8.21 18.81
C PHE G 274 -18.06 -8.25 17.72
N THR G 275 -18.47 -8.32 16.44
CA THR G 275 -17.47 -8.37 15.39
C THR G 275 -16.63 -7.07 15.40
N ALA G 276 -17.25 -5.92 15.40
CA ALA G 276 -16.55 -4.64 15.53
C ALA G 276 -15.81 -4.49 16.85
N ASN G 277 -16.39 -4.90 17.98
CA ASN G 277 -15.72 -4.74 19.29
C ASN G 277 -14.38 -5.51 19.35
N THR G 278 -14.37 -6.75 18.88
CA THR G 278 -13.16 -7.55 18.85
C THR G 278 -12.10 -6.96 17.92
N SER G 279 -12.48 -6.52 16.73
CA SER G 279 -11.57 -5.75 15.87
C SER G 279 -10.99 -4.55 16.60
N LEU G 280 -11.83 -3.80 17.30
CA LEU G 280 -11.33 -2.63 18.00
C LEU G 280 -10.39 -3.00 19.14
N ALA G 281 -10.77 -4.00 19.96
CA ALA G 281 -9.93 -4.49 21.07
C ALA G 281 -8.54 -4.94 20.56
N ILE G 282 -8.47 -5.57 19.40
CA ILE G 282 -7.18 -5.96 18.82
C ILE G 282 -6.38 -4.72 18.37
N TYR G 283 -7.04 -3.72 17.76
CA TYR G 283 -6.35 -2.48 17.42
C TYR G 283 -5.76 -1.84 18.69
N CYS G 284 -6.54 -1.84 19.76
CA CYS G 284 -6.10 -1.24 21.01
C CYS G 284 -4.92 -2.01 21.64
N ARG G 285 -4.93 -3.33 21.58
CA ARG G 285 -3.78 -4.10 22.02
C ARG G 285 -2.56 -3.76 21.17
N ASP G 286 -2.72 -3.71 19.85
CA ASP G 286 -1.60 -3.42 18.93
C ASP G 286 -1.06 -1.98 19.07
N ASN G 287 -1.84 -1.00 19.54
CA ASN G 287 -1.37 0.39 19.57
C ASN G 287 -1.37 1.00 21.00
N GLY G 288 -1.45 0.19 22.04
CA GLY G 288 -1.46 0.56 23.45
C GLY G 288 -2.61 1.46 23.90
N LEU G 289 -3.72 1.54 23.19
CA LEU G 289 -4.89 2.28 23.70
C LEU G 289 -5.66 1.43 24.71
N LEU G 290 -6.13 2.05 25.76
CA LEU G 290 -7.17 1.49 26.63
C LEU G 290 -8.57 1.56 26.04
N LEU G 291 -9.40 0.55 26.32
CA LEU G 291 -10.72 0.44 25.71
C LEU G 291 -11.84 0.43 26.77
N HIS G 292 -12.55 1.52 26.91
CA HIS G 292 -13.73 1.60 27.77
C HIS G 292 -14.97 1.05 27.07
N ILE G 293 -15.74 0.21 27.72
CA ILE G 293 -16.87 -0.42 27.06
C ILE G 293 -18.20 0.00 27.70
N HIS G 294 -19.07 0.56 26.90
CA HIS G 294 -20.38 0.95 27.36
C HIS G 294 -21.45 -0.06 26.95
N ARG G 295 -22.42 -0.28 27.80
CA ARG G 295 -23.31 -1.43 27.63
C ARG G 295 -24.72 -1.03 27.21
N ALA G 296 -24.84 -0.01 26.37
CA ALA G 296 -26.15 0.45 25.88
C ALA G 296 -26.89 -0.66 25.17
N MET G 297 -28.19 -0.79 25.48
CA MET G 297 -29.19 -1.80 25.03
C MET G 297 -29.14 -3.08 25.85
N HIS G 298 -28.25 -3.18 26.85
CA HIS G 298 -28.20 -4.38 27.67
C HIS G 298 -29.58 -4.69 28.28
N ALA G 299 -30.37 -3.67 28.65
CA ALA G 299 -31.66 -3.91 29.30
C ALA G 299 -32.73 -4.39 28.32
N VAL G 300 -32.53 -4.22 27.02
CA VAL G 300 -33.38 -4.88 26.04
C VAL G 300 -33.30 -6.39 26.20
N ILE G 301 -32.11 -6.90 26.49
CA ILE G 301 -31.76 -8.34 26.59
C ILE G 301 -31.78 -8.86 28.04
N ASP G 302 -31.29 -8.09 28.98
CA ASP G 302 -30.88 -8.66 30.25
C ASP G 302 -31.81 -8.36 31.41
N ARG G 303 -32.91 -7.67 31.21
CA ARG G 303 -33.66 -7.18 32.36
C ARG G 303 -34.72 -8.21 32.86
N GLN G 304 -35.52 -8.76 31.97
CA GLN G 304 -36.60 -9.62 32.42
C GLN G 304 -36.06 -10.93 32.98
N ARG G 305 -36.56 -11.29 34.15
CA ARG G 305 -36.10 -12.48 34.83
C ARG G 305 -36.41 -13.78 34.05
N ASN G 306 -37.46 -13.80 33.26
CA ASN G 306 -37.80 -15.06 32.62
C ASN G 306 -37.26 -15.21 31.18
N HIS G 307 -36.77 -14.13 30.56
CA HIS G 307 -36.37 -14.21 29.15
C HIS G 307 -35.17 -13.31 28.85
N GLY G 308 -34.32 -13.76 27.95
CA GLY G 308 -33.17 -13.01 27.54
C GLY G 308 -31.89 -13.68 27.95
N ILE G 309 -30.90 -12.86 28.20
CA ILE G 309 -29.55 -13.27 28.53
C ILE G 309 -29.12 -12.39 29.67
N HIS G 310 -28.88 -13.00 30.82
CA HIS G 310 -28.40 -12.30 32.00
C HIS G 310 -27.10 -11.57 31.69
N PHE G 311 -26.94 -10.41 32.29
CA PHE G 311 -25.76 -9.56 32.08
C PHE G 311 -24.42 -10.27 32.35
N ARG G 312 -24.36 -11.20 33.30
CA ARG G 312 -23.10 -11.87 33.62
C ARG G 312 -22.55 -12.63 32.40
N VAL G 313 -23.44 -13.17 31.58
CA VAL G 313 -23.07 -13.80 30.33
C VAL G 313 -22.50 -12.75 29.36
N LEU G 314 -23.18 -11.61 29.22
CA LEU G 314 -22.79 -10.50 28.35
C LEU G 314 -21.48 -9.85 28.81
N ALA G 315 -21.23 -9.85 30.12
CA ALA G 315 -19.98 -9.41 30.70
C ALA G 315 -18.83 -10.37 30.40
N LYS G 316 -19.10 -11.67 30.53
CA LYS G 316 -18.17 -12.75 30.20
C LYS G 316 -17.81 -12.67 28.71
N ALA G 317 -18.83 -12.49 27.84
CA ALA G 317 -18.61 -12.27 26.42
C ALA G 317 -17.69 -11.09 26.18
N LEU G 318 -17.97 -9.96 26.83
CA LEU G 318 -17.14 -8.75 26.71
C LEU G 318 -15.70 -9.02 27.14
N ARG G 319 -15.49 -9.67 28.28
CA ARG G 319 -14.13 -10.01 28.70
C ARG G 319 -13.37 -10.85 27.64
N MET G 320 -14.05 -11.73 26.95
CA MET G 320 -13.47 -12.49 25.86
C MET G 320 -13.24 -11.61 24.62
N SER G 321 -14.25 -10.83 24.20
CA SER G 321 -14.13 -9.96 23.04
C SER G 321 -13.07 -8.89 23.27
N GLY G 322 -13.08 -8.29 24.43
CA GLY G 322 -12.01 -7.44 24.86
C GLY G 322 -12.51 -6.10 25.25
N GLY G 323 -12.27 -5.73 26.48
CA GLY G 323 -12.47 -4.39 26.96
C GLY G 323 -11.70 -4.14 28.23
N ASP G 324 -11.11 -2.97 28.41
CA ASP G 324 -10.39 -2.70 29.65
C ASP G 324 -11.31 -2.23 30.80
N HIS G 325 -12.40 -1.50 30.52
CA HIS G 325 -13.43 -1.15 31.53
C HIS G 325 -14.81 -1.61 31.05
N LEU G 326 -15.72 -1.92 31.94
CA LEU G 326 -17.09 -2.19 31.56
C LEU G 326 -18.13 -1.58 32.50
N HIS G 327 -19.06 -0.82 31.91
CA HIS G 327 -20.22 -0.34 32.68
C HIS G 327 -20.95 -1.49 33.32
N SER G 328 -21.02 -1.43 34.61
CA SER G 328 -21.49 -2.56 35.37
C SER G 328 -22.71 -2.23 36.22
N GLY G 329 -23.33 -1.14 35.98
CA GLY G 329 -24.50 -0.73 36.73
C GLY G 329 -24.26 0.20 37.91
N THR G 330 -25.30 0.36 38.68
CA THR G 330 -25.20 0.94 40.01
C THR G 330 -25.69 -0.07 41.01
N VAL G 331 -25.19 0.05 42.24
CA VAL G 331 -25.76 -0.68 43.36
C VAL G 331 -26.58 0.24 44.28
N VAL G 332 -26.69 1.52 43.94
CA VAL G 332 -27.62 2.40 44.62
C VAL G 332 -29.05 1.96 44.36
N GLY G 333 -29.86 1.97 45.41
CA GLY G 333 -31.26 1.58 45.29
C GLY G 333 -31.54 0.12 45.12
N LYS G 334 -30.56 -0.75 45.32
CA LYS G 334 -30.79 -2.17 45.13
C LYS G 334 -30.81 -2.89 46.47
N LEU G 335 -31.61 -3.93 46.54
CA LEU G 335 -31.68 -4.77 47.73
C LEU G 335 -30.43 -5.65 47.82
N GLU G 336 -30.24 -6.27 49.00
CA GLU G 336 -29.06 -7.12 49.28
C GLU G 336 -28.95 -8.26 48.28
N GLY G 337 -30.09 -8.85 47.86
CA GLY G 337 -30.06 -9.94 46.91
C GLY G 337 -29.70 -9.51 45.50
N GLU G 338 -30.16 -8.34 45.08
CA GLU G 338 -29.73 -7.79 43.80
C GLU G 338 -28.27 -7.36 43.84
N ARG G 339 -27.76 -7.06 45.04
CA ARG G 339 -26.37 -6.70 45.27
C ARG G 339 -25.45 -7.94 45.27
N GLU G 340 -25.94 -9.07 45.80
CA GLU G 340 -25.26 -10.36 45.67
C GLU G 340 -25.00 -10.72 44.20
N VAL G 341 -26.01 -10.52 43.34
CA VAL G 341 -25.90 -10.81 41.91
C VAL G 341 -24.85 -9.92 41.26
N THR G 342 -24.90 -8.62 41.55
CA THR G 342 -23.97 -7.66 40.97
C THR G 342 -22.54 -7.99 41.36
N LEU G 343 -22.32 -8.32 42.63
CA LEU G 343 -20.98 -8.70 43.05
C LEU G 343 -20.53 -10.01 42.42
N GLY G 344 -21.48 -10.90 42.05
CA GLY G 344 -21.12 -12.10 41.35
C GLY G 344 -20.48 -11.78 40.01
N PHE G 345 -21.15 -10.95 39.20
CA PHE G 345 -20.61 -10.72 37.87
C PHE G 345 -19.40 -9.80 37.92
N VAL G 346 -19.28 -8.99 38.98
CA VAL G 346 -18.08 -8.18 39.18
C VAL G 346 -16.88 -9.07 39.42
N ASP G 347 -17.06 -10.18 40.15
CA ASP G 347 -16.01 -11.17 40.30
C ASP G 347 -15.69 -11.89 38.99
N LEU G 348 -16.70 -12.19 38.16
CA LEU G 348 -16.44 -12.80 36.86
C LEU G 348 -15.69 -11.84 35.94
N MET G 349 -15.90 -10.56 36.10
CA MET G 349 -15.23 -9.55 35.30
C MET G 349 -13.77 -9.42 35.69
N ARG G 350 -13.50 -9.50 36.99
CA ARG G 350 -12.21 -9.05 37.50
C ARG G 350 -11.24 -10.18 37.83
N ASP G 351 -11.72 -11.29 38.34
CA ASP G 351 -10.90 -12.32 38.95
C ASP G 351 -10.37 -13.34 37.96
N ASP G 352 -9.33 -14.06 38.39
CA ASP G 352 -8.79 -15.15 37.63
C ASP G 352 -9.60 -16.45 37.77
N TYR G 353 -10.08 -16.76 38.95
CA TYR G 353 -10.76 -18.03 39.21
C TYR G 353 -12.02 -17.74 40.01
N VAL G 354 -13.19 -18.10 39.50
CA VAL G 354 -14.41 -17.89 40.27
C VAL G 354 -15.10 -19.22 40.55
N GLU G 355 -15.34 -19.51 41.82
CA GLU G 355 -16.06 -20.71 42.24
C GLU G 355 -17.57 -20.59 42.11
N LYS G 356 -18.18 -21.69 41.73
CA LYS G 356 -19.62 -21.92 41.80
C LYS G 356 -20.25 -21.42 43.10
N ASP G 357 -21.28 -20.60 42.95
CA ASP G 357 -21.91 -19.92 44.08
C ASP G 357 -23.30 -19.51 43.64
N ARG G 358 -24.29 -20.34 43.94
CA ARG G 358 -25.65 -20.14 43.42
C ARG G 358 -26.30 -18.88 43.96
N SER G 359 -26.06 -18.55 45.22
CA SER G 359 -26.71 -17.40 45.83
C SER G 359 -26.17 -16.09 45.27
N ARG G 360 -24.99 -16.11 44.66
CA ARG G 360 -24.51 -14.99 43.88
C ARG G 360 -24.83 -15.18 42.42
N GLY G 361 -25.65 -16.15 42.05
CA GLY G 361 -26.03 -16.40 40.67
C GLY G 361 -24.93 -16.98 39.79
N ILE G 362 -23.87 -17.49 40.37
CA ILE G 362 -22.78 -18.10 39.64
C ILE G 362 -23.04 -19.60 39.55
N TYR G 363 -23.32 -20.09 38.34
CA TYR G 363 -23.75 -21.48 38.19
C TYR G 363 -22.60 -22.42 37.84
N PHE G 364 -21.45 -21.88 37.50
CA PHE G 364 -20.37 -22.68 37.00
C PHE G 364 -19.09 -22.15 37.64
N THR G 365 -18.16 -23.02 37.91
CA THR G 365 -16.81 -22.57 38.22
C THR G 365 -16.15 -22.05 36.93
N GLN G 366 -15.71 -20.82 36.94
CA GLN G 366 -15.07 -20.18 35.77
C GLN G 366 -13.58 -20.01 36.07
N ASP G 367 -12.74 -20.60 35.24
CA ASP G 367 -11.29 -20.42 35.27
C ASP G 367 -10.87 -19.53 34.08
N TRP G 368 -10.52 -18.29 34.37
CA TRP G 368 -10.12 -17.40 33.27
C TRP G 368 -8.75 -17.70 32.71
N CYS G 369 -7.93 -18.52 33.37
CA CYS G 369 -6.66 -19.06 32.82
C CYS G 369 -5.70 -17.92 32.40
N SER G 370 -5.56 -16.94 33.28
CA SER G 370 -4.77 -15.71 33.25
C SER G 370 -5.22 -14.65 32.21
N MET G 371 -6.37 -14.79 31.57
CA MET G 371 -6.98 -13.69 30.82
C MET G 371 -7.16 -12.48 31.75
N PRO G 372 -6.66 -11.30 31.38
CA PRO G 372 -6.75 -10.11 32.24
C PRO G 372 -8.19 -9.76 32.58
N GLY G 373 -8.38 -9.29 33.80
CA GLY G 373 -9.65 -8.84 34.26
C GLY G 373 -10.05 -7.49 33.68
N VAL G 374 -11.32 -7.20 33.79
CA VAL G 374 -11.92 -5.96 33.35
C VAL G 374 -12.36 -5.16 34.59
N MET G 375 -12.05 -3.88 34.59
CA MET G 375 -12.48 -2.92 35.59
C MET G 375 -13.98 -2.61 35.46
N PRO G 376 -14.80 -3.00 36.41
CA PRO G 376 -16.19 -2.50 36.45
C PRO G 376 -16.27 -0.99 36.66
N VAL G 377 -17.20 -0.38 35.97
CA VAL G 377 -17.56 1.03 36.15
C VAL G 377 -18.95 1.14 36.78
N ALA G 378 -18.99 1.69 37.98
CA ALA G 378 -20.19 1.84 38.77
C ALA G 378 -20.73 3.25 38.67
N SER G 379 -22.00 3.36 38.43
CA SER G 379 -22.67 4.62 38.69
C SER G 379 -22.64 4.90 40.21
N GLY G 380 -21.89 5.92 40.61
CA GLY G 380 -22.11 6.52 41.91
C GLY G 380 -23.37 7.34 41.88
N GLY G 381 -23.89 7.65 43.04
CA GLY G 381 -25.14 8.35 43.08
C GLY G 381 -25.04 9.83 42.74
N ILE G 382 -26.16 10.49 43.02
CA ILE G 382 -26.27 11.95 42.88
C ILE G 382 -25.24 12.63 43.75
N HIS G 383 -24.96 12.06 44.90
CA HIS G 383 -24.17 12.79 45.87
C HIS G 383 -22.96 11.98 46.34
N VAL G 384 -22.20 12.60 47.24
CA VAL G 384 -20.92 12.07 47.73
C VAL G 384 -21.08 11.21 48.98
N TRP G 385 -22.28 11.13 49.54
CA TRP G 385 -22.54 10.33 50.73
C TRP G 385 -22.66 8.85 50.42
N HIS G 386 -22.79 8.48 49.17
CA HIS G 386 -22.70 7.09 48.80
C HIS G 386 -21.26 6.59 48.73
N MET G 387 -20.27 7.48 48.77
CA MET G 387 -18.87 7.08 48.69
C MET G 387 -18.45 5.97 49.65
N PRO G 388 -18.82 5.96 50.96
CA PRO G 388 -18.44 4.83 51.83
C PRO G 388 -18.99 3.48 51.40
N ALA G 389 -20.24 3.42 50.96
CA ALA G 389 -20.82 2.18 50.49
C ALA G 389 -20.12 1.66 49.25
N LEU G 390 -19.84 2.54 48.26
CA LEU G 390 -19.15 2.15 47.02
C LEU G 390 -17.77 1.59 47.28
N VAL G 391 -17.02 2.20 48.19
CA VAL G 391 -15.67 1.74 48.48
C VAL G 391 -15.69 0.40 49.19
N GLU G 392 -16.67 0.20 50.07
CA GLU G 392 -16.82 -1.06 50.77
C GLU G 392 -17.28 -2.18 49.85
N ILE G 393 -18.16 -1.90 48.92
CA ILE G 393 -18.70 -2.96 48.09
C ILE G 393 -17.73 -3.30 46.97
N PHE G 394 -17.23 -2.31 46.24
CA PHE G 394 -16.42 -2.59 45.08
C PHE G 394 -14.97 -2.89 45.47
N GLY G 395 -14.49 -2.36 46.56
CA GLY G 395 -13.07 -2.28 46.83
C GLY G 395 -12.37 -1.29 45.89
N ASP G 396 -11.06 -1.41 45.79
CA ASP G 396 -10.33 -0.41 45.04
C ASP G 396 -10.42 -0.60 43.51
N ASP G 397 -10.62 -1.83 43.00
CA ASP G 397 -10.54 -2.06 41.55
C ASP G 397 -11.86 -1.78 40.85
N ALA G 398 -12.15 -0.49 40.66
CA ALA G 398 -13.39 -0.03 40.05
C ALA G 398 -13.25 1.44 39.67
N CYS G 399 -13.97 1.85 38.66
CA CYS G 399 -14.16 3.26 38.43
C CYS G 399 -15.52 3.64 38.99
N LEU G 400 -15.56 4.65 39.76
CA LEU G 400 -16.81 5.19 40.22
C LEU G 400 -17.17 6.37 39.34
N GLN G 401 -18.28 6.29 38.65
CA GLN G 401 -18.74 7.38 37.81
C GLN G 401 -19.76 8.21 38.55
N PHE G 402 -19.59 9.51 38.48
CA PHE G 402 -20.47 10.43 39.16
C PHE G 402 -21.23 11.21 38.09
N GLY G 403 -22.56 11.09 38.14
CA GLY G 403 -23.39 11.58 37.05
C GLY G 403 -23.77 13.02 37.23
N GLY G 404 -23.80 13.48 38.48
CA GLY G 404 -23.96 14.86 38.83
C GLY G 404 -23.35 15.22 40.17
N GLY G 405 -22.51 14.35 40.76
CA GLY G 405 -21.79 14.72 41.97
C GLY G 405 -20.91 15.94 41.73
N THR G 406 -20.07 15.83 40.72
CA THR G 406 -19.22 16.91 40.26
C THR G 406 -20.02 18.14 39.78
N LEU G 407 -21.21 17.93 39.19
CA LEU G 407 -21.84 19.06 38.46
C LEU G 407 -23.12 19.55 39.14
N GLY G 408 -23.71 18.73 40.02
CA GLY G 408 -24.71 19.29 40.88
C GLY G 408 -24.11 20.12 41.99
N HIS G 409 -22.80 20.02 42.18
CA HIS G 409 -22.07 20.82 43.16
C HIS G 409 -22.30 22.29 42.88
N PRO G 410 -22.56 23.09 43.91
CA PRO G 410 -22.94 24.47 43.67
C PRO G 410 -21.82 25.34 43.16
N TRP G 411 -20.56 24.98 43.39
CA TRP G 411 -19.44 25.79 42.91
C TRP G 411 -18.95 25.40 41.51
N GLY G 412 -19.48 24.38 40.88
CA GLY G 412 -19.17 24.06 39.50
C GLY G 412 -18.41 22.76 39.36
N ASN G 413 -17.93 22.50 38.12
CA ASN G 413 -17.31 21.21 37.82
C ASN G 413 -16.02 20.95 38.63
N ALA G 414 -15.06 21.86 38.62
CA ALA G 414 -13.79 21.56 39.28
C ALA G 414 -13.92 21.36 40.80
N PRO G 415 -14.63 22.19 41.58
CA PRO G 415 -14.81 21.85 43.01
C PRO G 415 -15.65 20.60 43.23
N GLY G 416 -16.58 20.32 42.35
CA GLY G 416 -17.32 19.08 42.42
C GLY G 416 -16.44 17.86 42.22
N ALA G 417 -15.54 17.92 41.23
CA ALA G 417 -14.56 16.89 41.06
C ALA G 417 -13.70 16.78 42.30
N ALA G 418 -13.30 17.93 42.85
CA ALA G 418 -12.43 17.93 44.02
C ALA G 418 -13.15 17.36 45.25
N ALA G 419 -14.45 17.62 45.37
CA ALA G 419 -15.23 17.05 46.46
C ALA G 419 -15.37 15.53 46.32
N ASN G 420 -15.58 15.01 45.12
CA ASN G 420 -15.60 13.56 44.92
C ASN G 420 -14.26 12.90 45.25
N ARG G 421 -13.16 13.53 44.87
CA ARG G 421 -11.84 12.96 45.09
C ARG G 421 -11.46 12.95 46.57
N VAL G 422 -11.80 14.02 47.29
CA VAL G 422 -11.57 14.09 48.74
C VAL G 422 -12.37 12.99 49.47
N ALA G 423 -13.64 12.84 49.14
CA ALA G 423 -14.50 11.84 49.74
C ALA G 423 -14.02 10.41 49.47
N LEU G 424 -13.56 10.13 48.23
CA LEU G 424 -13.03 8.83 47.90
C LEU G 424 -11.76 8.55 48.68
N GLU G 425 -10.89 9.55 48.76
CA GLU G 425 -9.61 9.37 49.41
C GLU G 425 -9.76 9.24 50.94
N ALA G 426 -10.70 9.98 51.55
CA ALA G 426 -10.94 9.87 52.99
C ALA G 426 -11.57 8.53 53.35
N CYS G 427 -12.52 8.05 52.53
CA CYS G 427 -13.06 6.71 52.69
C CYS G 427 -12.00 5.64 52.47
N THR G 428 -11.07 5.85 51.53
CA THR G 428 -9.99 4.91 51.33
C THR G 428 -9.06 4.85 52.53
N GLN G 429 -8.65 6.02 53.01
CA GLN G 429 -7.84 6.16 54.22
C GLN G 429 -8.50 5.47 55.41
N ALA G 430 -9.79 5.71 55.61
CA ALA G 430 -10.51 5.15 56.75
C ALA G 430 -10.65 3.64 56.67
N ARG G 431 -10.92 3.11 55.47
CA ARG G 431 -10.91 1.68 55.20
C ARG G 431 -9.55 1.04 55.51
N ASN G 432 -8.44 1.68 55.12
CA ASN G 432 -7.14 1.08 55.37
C ASN G 432 -6.80 1.09 56.85
N GLU G 433 -7.25 2.11 57.58
CA GLU G 433 -7.14 2.23 59.03
C GLU G 433 -8.03 1.28 59.80
N GLY G 434 -8.76 0.39 59.17
CA GLY G 434 -9.56 -0.60 59.83
C GLY G 434 -10.95 -0.17 60.23
N ARG G 435 -11.40 1.02 59.84
CA ARG G 435 -12.74 1.46 60.20
C ARG G 435 -13.79 0.79 59.34
N ASP G 436 -14.97 0.62 59.93
CA ASP G 436 -16.11 -0.03 59.29
C ASP G 436 -16.89 1.01 58.51
N LEU G 437 -16.82 0.95 57.19
CA LEU G 437 -17.46 1.98 56.38
C LEU G 437 -18.97 1.82 56.34
N ALA G 438 -19.48 0.63 56.65
CA ALA G 438 -20.93 0.45 56.76
C ALA G 438 -21.48 1.25 57.93
N ARG G 439 -20.73 1.31 59.02
CA ARG G 439 -21.22 2.01 60.19
C ARG G 439 -20.74 3.46 60.22
N GLU G 440 -19.46 3.68 59.98
CA GLU G 440 -18.77 4.92 60.28
C GLU G 440 -18.57 5.80 59.07
N GLY G 441 -19.21 5.52 57.95
CA GLY G 441 -18.91 6.25 56.72
C GLY G 441 -19.42 7.68 56.75
N GLY G 442 -20.58 7.90 57.37
CA GLY G 442 -21.06 9.24 57.61
C GLY G 442 -20.12 10.04 58.50
N ASP G 443 -19.57 9.40 59.51
CA ASP G 443 -18.57 10.04 60.37
C ASP G 443 -17.26 10.31 59.63
N VAL G 444 -16.90 9.49 58.64
CA VAL G 444 -15.69 9.76 57.84
C VAL G 444 -15.88 10.99 56.96
N ILE G 445 -17.03 11.10 56.32
CA ILE G 445 -17.31 12.21 55.43
C ILE G 445 -17.40 13.53 56.20
N ARG G 446 -18.16 13.56 57.31
CA ARG G 446 -18.29 14.77 58.14
C ARG G 446 -16.94 15.24 58.69
N SER G 447 -16.05 14.32 59.01
CA SER G 447 -14.72 14.66 59.46
C SER G 447 -13.86 15.23 58.33
N ALA G 448 -14.08 14.81 57.08
CA ALA G 448 -13.33 15.39 55.97
C ALA G 448 -13.92 16.75 55.58
N CYS G 449 -15.21 16.97 55.83
CA CYS G 449 -15.85 18.27 55.61
C CYS G 449 -15.24 19.40 56.43
N LYS G 450 -14.64 19.07 57.58
CA LYS G 450 -14.08 20.12 58.44
C LYS G 450 -12.89 20.81 57.80
N TRP G 451 -12.04 20.08 57.11
CA TRP G 451 -10.93 20.72 56.44
C TRP G 451 -11.12 20.92 54.94
N SER G 452 -12.11 20.33 54.29
CA SER G 452 -12.26 20.53 52.85
C SER G 452 -13.47 21.41 52.60
N PRO G 453 -13.29 22.65 52.18
CA PRO G 453 -14.46 23.49 51.87
C PRO G 453 -15.28 22.99 50.70
N GLU G 454 -14.66 22.34 49.72
CA GLU G 454 -15.42 21.82 48.58
C GLU G 454 -16.32 20.68 49.01
N LEU G 455 -15.79 19.74 49.78
CA LEU G 455 -16.63 18.66 50.30
C LEU G 455 -17.69 19.18 51.26
N ALA G 456 -17.37 20.19 52.07
CA ALA G 456 -18.36 20.79 52.96
C ALA G 456 -19.50 21.44 52.19
N ALA G 457 -19.21 22.07 51.05
CA ALA G 457 -20.27 22.65 50.24
C ALA G 457 -21.09 21.59 49.50
N ALA G 458 -20.50 20.44 49.17
CA ALA G 458 -21.27 19.38 48.54
C ALA G 458 -22.22 18.73 49.54
N CYS G 459 -21.83 18.67 50.81
CA CYS G 459 -22.67 18.06 51.83
C CYS G 459 -23.73 19.02 52.36
N GLU G 460 -23.60 20.31 52.09
CA GLU G 460 -24.67 21.28 52.36
C GLU G 460 -25.91 20.97 51.55
N VAL G 461 -25.74 20.64 50.27
CA VAL G 461 -26.73 19.97 49.45
C VAL G 461 -27.23 18.69 50.12
N MET H 46 11.99 -53.05 -24.21
CA MET H 46 11.84 -51.77 -23.54
C MET H 46 10.63 -51.12 -24.20
N MET H 47 9.61 -50.82 -23.42
CA MET H 47 8.33 -50.36 -23.91
C MET H 47 8.12 -48.89 -23.48
N VAL H 48 7.19 -48.17 -24.13
CA VAL H 48 6.93 -46.76 -23.85
C VAL H 48 5.52 -46.60 -23.30
N TRP H 49 5.40 -46.07 -22.09
CA TRP H 49 4.09 -45.75 -21.51
C TRP H 49 3.40 -44.71 -22.38
N THR H 50 2.26 -45.04 -22.92
CA THR H 50 1.69 -44.16 -23.95
C THR H 50 1.04 -42.92 -23.32
N PRO H 51 1.28 -41.74 -23.89
CA PRO H 51 0.58 -40.51 -23.51
C PRO H 51 -0.77 -40.33 -24.20
N VAL H 52 -1.13 -41.17 -25.16
CA VAL H 52 -2.33 -40.94 -25.97
C VAL H 52 -3.47 -41.76 -25.40
N ASN H 53 -4.61 -41.12 -25.20
CA ASN H 53 -5.87 -41.77 -24.82
C ASN H 53 -5.71 -42.71 -23.63
N ASN H 54 -4.95 -42.29 -22.65
CA ASN H 54 -4.52 -43.18 -21.58
C ASN H 54 -4.89 -42.57 -20.22
N LYS H 55 -6.10 -42.04 -20.12
CA LYS H 55 -6.60 -41.44 -18.89
C LYS H 55 -6.78 -42.44 -17.73
N MET H 56 -6.51 -42.00 -16.51
CA MET H 56 -6.64 -42.81 -15.30
C MET H 56 -7.72 -42.25 -14.37
N PHE H 57 -8.29 -43.08 -13.53
CA PHE H 57 -9.39 -42.61 -12.71
C PHE H 57 -9.22 -42.83 -11.23
N GLU H 58 -7.99 -42.60 -10.78
CA GLU H 58 -7.50 -42.76 -9.41
C GLU H 58 -7.36 -44.21 -8.93
N THR H 59 -7.75 -44.49 -7.70
CA THR H 59 -7.49 -45.80 -7.14
C THR H 59 -8.05 -46.98 -7.95
N PHE H 60 -7.15 -47.94 -8.19
CA PHE H 60 -7.32 -49.21 -8.93
C PHE H 60 -7.33 -49.07 -10.47
N SER H 61 -7.21 -47.86 -10.99
CA SER H 61 -7.22 -47.70 -12.46
C SER H 61 -5.96 -48.22 -13.14
N TYR H 62 -4.93 -48.52 -12.39
CA TYR H 62 -3.75 -49.13 -13.00
C TYR H 62 -3.83 -50.66 -12.98
N LEU H 63 -4.89 -51.23 -12.42
CA LEU H 63 -5.15 -52.68 -12.43
C LEU H 63 -6.07 -53.00 -13.61
N PRO H 64 -6.19 -54.26 -14.01
CA PRO H 64 -7.28 -54.64 -14.92
C PRO H 64 -8.62 -54.29 -14.30
N PRO H 65 -9.67 -54.07 -15.11
CA PRO H 65 -11.00 -53.75 -14.56
C PRO H 65 -11.49 -54.84 -13.61
N LEU H 66 -11.99 -54.41 -12.48
CA LEU H 66 -12.32 -55.36 -11.45
C LEU H 66 -13.53 -56.17 -11.91
N SER H 67 -13.39 -57.49 -11.87
CA SER H 67 -14.52 -58.36 -12.13
C SER H 67 -15.56 -58.23 -11.02
N ASP H 68 -16.70 -58.90 -11.24
CA ASP H 68 -17.79 -58.89 -10.27
C ASP H 68 -17.35 -59.48 -8.95
N GLU H 69 -16.55 -60.54 -8.98
CA GLU H 69 -16.01 -61.10 -7.75
C GLU H 69 -15.02 -60.15 -7.08
N GLN H 70 -14.24 -59.43 -7.89
CA GLN H 70 -13.34 -58.43 -7.32
C GLN H 70 -14.11 -57.26 -6.74
N ILE H 71 -15.21 -56.86 -7.36
CA ILE H 71 -16.03 -55.79 -6.78
C ILE H 71 -16.68 -56.25 -5.50
N ALA H 72 -17.18 -57.50 -5.49
CA ALA H 72 -17.85 -58.08 -4.32
C ALA H 72 -16.90 -58.18 -3.14
N ALA H 73 -15.64 -58.52 -3.38
CA ALA H 73 -14.67 -58.60 -2.32
C ALA H 73 -14.31 -57.21 -1.76
N GLN H 74 -14.24 -56.18 -2.61
CA GLN H 74 -14.07 -54.81 -2.12
C GLN H 74 -15.28 -54.36 -1.30
N VAL H 75 -16.49 -54.74 -1.72
CA VAL H 75 -17.70 -54.40 -0.95
C VAL H 75 -17.71 -55.09 0.41
N ASP H 76 -17.21 -56.33 0.47
CA ASP H 76 -16.99 -56.99 1.76
C ASP H 76 -16.04 -56.24 2.65
N TYR H 77 -14.99 -55.64 2.09
CA TYR H 77 -14.12 -54.79 2.88
C TYR H 77 -14.85 -53.57 3.40
N ILE H 78 -15.68 -52.95 2.55
CA ILE H 78 -16.50 -51.79 2.94
C ILE H 78 -17.46 -52.15 4.09
N VAL H 79 -18.15 -53.27 3.96
CA VAL H 79 -19.18 -53.65 4.92
C VAL H 79 -18.58 -54.01 6.28
N ALA H 80 -17.50 -54.81 6.28
CA ALA H 80 -16.83 -55.22 7.51
C ALA H 80 -16.35 -54.04 8.32
N ASN H 81 -15.90 -52.99 7.66
CA ASN H 81 -15.46 -51.80 8.34
C ASN H 81 -16.58 -50.91 8.83
N GLY H 82 -17.84 -51.26 8.58
CA GLY H 82 -18.94 -50.37 8.89
C GLY H 82 -19.07 -49.17 7.98
N TRP H 83 -18.50 -49.24 6.79
CA TRP H 83 -18.52 -48.11 5.89
C TRP H 83 -19.77 -48.11 5.05
N ILE H 84 -20.08 -46.96 4.48
CA ILE H 84 -21.31 -46.79 3.71
C ILE H 84 -20.93 -46.71 2.23
N PRO H 85 -21.26 -47.73 1.44
CA PRO H 85 -21.04 -47.65 -0.01
C PRO H 85 -22.00 -46.66 -0.67
N CYS H 86 -21.54 -46.06 -1.76
CA CYS H 86 -22.35 -45.20 -2.60
C CYS H 86 -21.80 -45.28 -4.02
N LEU H 87 -22.65 -45.14 -5.01
CA LEU H 87 -22.17 -45.11 -6.39
C LEU H 87 -22.25 -43.69 -6.93
N GLU H 88 -21.32 -43.36 -7.80
CA GLU H 88 -21.29 -42.09 -8.52
C GLU H 88 -20.95 -42.31 -9.99
N PHE H 89 -21.44 -41.42 -10.82
CA PHE H 89 -21.27 -41.55 -12.25
C PHE H 89 -21.06 -40.18 -12.89
N ALA H 90 -20.43 -40.22 -14.05
CA ALA H 90 -20.15 -39.08 -14.87
C ALA H 90 -20.06 -39.46 -16.34
N GLU H 91 -20.43 -38.53 -17.20
CA GLU H 91 -20.26 -38.69 -18.64
C GLU H 91 -18.77 -38.43 -18.94
N SER H 92 -18.28 -38.88 -20.08
CA SER H 92 -16.85 -38.76 -20.36
C SER H 92 -16.29 -37.34 -20.31
N ASP H 93 -17.05 -36.35 -20.74
CA ASP H 93 -16.64 -34.95 -20.67
C ASP H 93 -16.61 -34.37 -19.23
N LYS H 94 -17.15 -35.12 -18.28
CA LYS H 94 -17.14 -34.66 -16.91
C LYS H 94 -16.35 -35.60 -16.05
N ALA H 95 -15.85 -36.68 -16.63
CA ALA H 95 -15.14 -37.68 -15.86
C ALA H 95 -13.80 -37.31 -15.25
N TYR H 96 -12.96 -36.56 -15.97
CA TYR H 96 -11.64 -36.22 -15.44
C TYR H 96 -11.42 -34.73 -15.12
N VAL H 97 -10.43 -34.44 -14.28
CA VAL H 97 -10.21 -33.07 -13.84
C VAL H 97 -9.99 -32.07 -14.96
N SER H 98 -10.60 -30.90 -14.79
CA SER H 98 -10.52 -29.82 -15.77
C SER H 98 -10.46 -28.48 -15.03
N ASN H 99 -10.07 -27.43 -15.74
CA ASN H 99 -9.93 -26.08 -15.20
C ASN H 99 -10.87 -25.01 -15.76
N GLU H 100 -11.99 -25.37 -16.37
CA GLU H 100 -12.70 -24.35 -17.14
C GLU H 100 -13.37 -23.26 -16.30
N SER H 101 -13.84 -23.56 -15.07
CA SER H 101 -14.41 -22.52 -14.19
C SER H 101 -13.42 -21.45 -13.78
N ALA H 102 -12.12 -21.70 -13.87
CA ALA H 102 -11.09 -20.77 -13.44
C ALA H 102 -11.05 -19.49 -14.27
N ILE H 103 -11.72 -19.46 -15.42
CA ILE H 103 -11.86 -18.23 -16.20
C ILE H 103 -12.52 -17.13 -15.35
N ARG H 104 -13.42 -17.49 -14.42
CA ARG H 104 -14.14 -16.51 -13.58
C ARG H 104 -13.30 -16.00 -12.42
N PHE H 105 -12.18 -16.61 -12.13
CA PHE H 105 -11.47 -16.38 -10.89
C PHE H 105 -10.45 -15.25 -10.97
N GLY H 106 -10.20 -14.60 -9.85
CA GLY H 106 -8.93 -13.94 -9.60
C GLY H 106 -7.77 -14.93 -9.34
N SER H 107 -6.87 -14.70 -8.41
CA SER H 107 -5.73 -15.62 -8.25
C SER H 107 -5.96 -16.73 -7.23
N VAL H 108 -7.06 -17.42 -7.26
CA VAL H 108 -7.38 -18.40 -6.24
C VAL H 108 -7.61 -19.76 -6.89
N SER H 109 -6.93 -20.07 -7.98
CA SER H 109 -7.17 -21.41 -8.56
C SER H 109 -6.48 -22.57 -7.80
N CYS H 110 -5.58 -22.28 -6.86
CA CYS H 110 -4.81 -23.27 -6.13
C CYS H 110 -5.65 -24.40 -5.51
N LEU H 111 -5.45 -25.62 -6.00
CA LEU H 111 -6.20 -26.82 -5.61
C LEU H 111 -7.70 -26.75 -5.96
N TYR H 112 -8.14 -25.79 -6.73
CA TYR H 112 -9.44 -25.86 -7.35
C TYR H 112 -9.35 -26.69 -8.63
N TYR H 113 -10.26 -27.60 -8.80
CA TYR H 113 -10.42 -28.21 -10.12
C TYR H 113 -11.88 -28.62 -10.31
N ASP H 114 -12.38 -28.48 -11.50
CA ASP H 114 -13.73 -28.93 -11.80
C ASP H 114 -13.69 -30.45 -12.08
N ASN H 115 -14.85 -31.09 -11.94
CA ASN H 115 -15.16 -32.51 -12.20
C ASN H 115 -14.61 -33.48 -11.14
N ARG H 116 -14.11 -33.02 -10.00
CA ARG H 116 -13.89 -33.91 -8.86
C ARG H 116 -15.22 -34.48 -8.37
N TYR H 117 -16.19 -33.63 -8.17
CA TYR H 117 -17.54 -34.10 -7.90
C TYR H 117 -18.08 -34.85 -9.13
N TRP H 118 -18.58 -36.03 -8.92
CA TRP H 118 -19.44 -36.70 -9.89
C TRP H 118 -20.91 -36.65 -9.44
N THR H 119 -21.80 -37.30 -10.15
CA THR H 119 -23.22 -37.28 -9.80
C THR H 119 -23.59 -38.56 -9.04
N MET H 120 -24.25 -38.41 -7.90
CA MET H 120 -24.65 -39.54 -7.07
C MET H 120 -25.75 -40.40 -7.71
N TRP H 121 -25.61 -41.71 -7.59
CA TRP H 121 -26.62 -42.62 -8.10
C TRP H 121 -27.43 -42.98 -6.88
N LYS H 122 -28.70 -42.55 -6.89
CA LYS H 122 -29.63 -42.77 -5.78
C LYS H 122 -29.04 -42.23 -4.48
N LEU H 123 -29.04 -43.05 -3.44
CA LEU H 123 -28.52 -42.58 -2.16
C LEU H 123 -27.47 -43.51 -1.56
N PRO H 124 -26.65 -42.97 -0.65
CA PRO H 124 -25.72 -43.82 0.08
C PRO H 124 -26.50 -44.94 0.74
N MET H 125 -25.97 -46.13 0.61
CA MET H 125 -26.67 -47.35 0.99
C MET H 125 -26.47 -47.59 2.47
N PHE H 126 -27.22 -46.81 3.26
CA PHE H 126 -27.14 -46.92 4.70
C PHE H 126 -27.65 -48.29 5.11
N GLY H 127 -26.89 -48.95 5.98
CA GLY H 127 -27.21 -50.28 6.45
C GLY H 127 -26.91 -51.40 5.48
N CYS H 128 -26.13 -51.13 4.43
CA CYS H 128 -25.72 -52.17 3.52
C CYS H 128 -24.85 -53.20 4.22
N ARG H 129 -25.29 -54.44 4.17
CA ARG H 129 -24.60 -55.55 4.75
C ARG H 129 -24.28 -56.60 3.70
N ASP H 130 -25.08 -56.72 2.66
CA ASP H 130 -24.87 -57.73 1.67
C ASP H 130 -24.32 -57.12 0.39
N PRO H 131 -23.29 -57.73 -0.21
CA PRO H 131 -22.68 -57.12 -1.40
C PRO H 131 -23.49 -57.22 -2.68
N MET H 132 -24.59 -57.97 -2.68
CA MET H 132 -25.31 -58.19 -3.92
C MET H 132 -26.19 -56.99 -4.27
N GLN H 133 -26.50 -56.17 -3.27
CA GLN H 133 -27.21 -54.93 -3.52
C GLN H 133 -26.36 -53.92 -4.31
N VAL H 134 -25.07 -53.80 -3.97
CA VAL H 134 -24.18 -52.92 -4.70
C VAL H 134 -24.01 -53.40 -6.12
N LEU H 135 -23.86 -54.72 -6.29
CA LEU H 135 -23.69 -55.30 -7.63
C LEU H 135 -24.93 -55.11 -8.49
N ARG H 136 -26.10 -55.16 -7.85
CA ARG H 136 -27.35 -54.88 -8.55
C ARG H 136 -27.43 -53.40 -8.93
N GLU H 137 -27.07 -52.53 -8.01
CA GLU H 137 -27.08 -51.10 -8.28
C GLU H 137 -26.07 -50.69 -9.33
N ILE H 138 -24.93 -51.38 -9.39
CA ILE H 138 -23.94 -51.12 -10.45
C ILE H 138 -24.54 -51.43 -11.80
N VAL H 139 -25.20 -52.58 -11.93
CA VAL H 139 -25.88 -52.97 -13.16
C VAL H 139 -26.97 -51.96 -13.52
N ALA H 140 -27.77 -51.53 -12.55
CA ALA H 140 -28.84 -50.57 -12.82
C ALA H 140 -28.30 -49.21 -13.30
N CYS H 141 -27.22 -48.71 -12.69
CA CYS H 141 -26.64 -47.44 -13.11
C CYS H 141 -26.08 -47.52 -14.52
N THR H 142 -25.38 -48.60 -14.84
CA THR H 142 -24.79 -48.75 -16.16
C THR H 142 -25.85 -48.98 -17.22
N LYS H 143 -26.95 -49.62 -16.83
CA LYS H 143 -28.07 -49.78 -17.75
C LYS H 143 -28.73 -48.45 -18.05
N ALA H 144 -28.94 -47.62 -17.04
CA ALA H 144 -29.50 -46.28 -17.26
C ALA H 144 -28.50 -45.36 -17.95
N PHE H 145 -27.22 -45.55 -17.73
CA PHE H 145 -26.22 -44.63 -18.26
C PHE H 145 -25.11 -45.40 -18.94
N PRO H 146 -25.32 -45.83 -20.19
CA PRO H 146 -24.32 -46.69 -20.83
C PRO H 146 -23.06 -45.95 -21.26
N ASP H 147 -23.15 -44.66 -21.48
CA ASP H 147 -21.98 -43.89 -21.85
C ASP H 147 -21.24 -43.27 -20.64
N ALA H 148 -21.53 -43.72 -19.43
CA ALA H 148 -21.01 -43.12 -18.20
C ALA H 148 -19.94 -43.98 -17.54
N TYR H 149 -18.88 -43.36 -17.06
CA TYR H 149 -18.04 -43.98 -16.05
C TYR H 149 -18.82 -44.12 -14.74
N VAL H 150 -18.58 -45.17 -13.98
CA VAL H 150 -19.27 -45.38 -12.68
C VAL H 150 -18.22 -45.69 -11.62
N ARG H 151 -18.26 -44.98 -10.53
CA ARG H 151 -17.33 -45.23 -9.46
C ARG H 151 -18.06 -45.60 -8.19
N LEU H 152 -17.42 -46.45 -7.42
CA LEU H 152 -17.93 -46.89 -6.14
C LEU H 152 -17.17 -46.17 -5.04
N VAL H 153 -17.89 -45.46 -4.21
CA VAL H 153 -17.21 -44.73 -3.16
C VAL H 153 -17.68 -45.31 -1.83
N ALA H 154 -17.01 -44.93 -0.78
CA ALA H 154 -17.38 -45.38 0.55
C ALA H 154 -17.12 -44.27 1.55
N PHE H 155 -18.00 -44.14 2.50
CA PHE H 155 -17.97 -43.10 3.52
C PHE H 155 -17.81 -43.75 4.87
N ASP H 156 -16.97 -43.18 5.72
CA ASP H 156 -16.80 -43.64 7.08
C ASP H 156 -17.44 -42.63 8.01
N ASN H 157 -18.56 -43.03 8.60
CA ASN H 157 -19.34 -42.10 9.41
C ASN H 157 -18.66 -41.81 10.74
N GLN H 158 -17.71 -42.66 11.15
CA GLN H 158 -16.91 -42.32 12.32
C GLN H 158 -16.01 -41.12 12.06
N LYS H 159 -15.21 -41.18 11.02
CA LYS H 159 -14.31 -40.09 10.71
C LYS H 159 -15.02 -39.02 9.86
N GLN H 160 -16.30 -39.23 9.51
CA GLN H 160 -17.16 -38.33 8.72
C GLN H 160 -16.47 -37.80 7.45
N VAL H 161 -16.09 -38.72 6.56
CA VAL H 161 -15.29 -38.41 5.38
C VAL H 161 -15.37 -39.56 4.38
N GLN H 162 -15.37 -39.23 3.11
CA GLN H 162 -15.13 -40.22 2.07
C GLN H 162 -13.81 -40.94 2.31
N ILE H 163 -13.85 -42.27 2.24
CA ILE H 163 -12.70 -43.08 2.58
C ILE H 163 -12.29 -44.04 1.46
N MET H 164 -13.16 -44.32 0.49
CA MET H 164 -12.77 -45.04 -0.72
C MET H 164 -13.36 -44.38 -1.94
N GLY H 165 -12.77 -44.72 -3.07
CA GLY H 165 -13.30 -44.40 -4.37
C GLY H 165 -12.46 -45.06 -5.44
N PHE H 166 -13.08 -45.95 -6.19
CA PHE H 166 -12.44 -46.67 -7.25
C PHE H 166 -13.50 -46.93 -8.29
N LEU H 167 -13.03 -47.12 -9.50
CA LEU H 167 -13.89 -47.21 -10.65
C LEU H 167 -14.40 -48.63 -10.84
N VAL H 168 -15.66 -48.77 -11.18
CA VAL H 168 -16.22 -50.08 -11.47
C VAL H 168 -16.68 -50.22 -12.90
N GLN H 169 -16.78 -49.16 -13.66
CA GLN H 169 -17.22 -49.30 -15.02
C GLN H 169 -16.69 -48.18 -15.87
N ARG H 170 -16.15 -48.54 -17.00
CA ARG H 170 -15.80 -47.65 -18.06
C ARG H 170 -16.81 -47.79 -19.18
N PRO H 171 -17.18 -46.71 -19.85
CA PRO H 171 -18.03 -46.88 -21.03
C PRO H 171 -17.16 -47.33 -22.20
N LYS H 172 -17.69 -48.33 -22.92
CA LYS H 172 -17.13 -48.79 -24.20
C LYS H 172 -16.90 -47.63 -25.16
N SER H 173 -17.86 -46.72 -25.25
CA SER H 173 -17.77 -45.63 -26.21
C SER H 173 -16.73 -44.57 -25.82
N ALA H 174 -16.16 -44.65 -24.62
CA ALA H 174 -15.07 -43.76 -24.27
C ALA H 174 -13.80 -44.19 -24.98
N ARG H 175 -13.26 -43.29 -25.77
CA ARG H 175 -11.94 -43.51 -26.33
C ARG H 175 -10.82 -42.94 -25.47
N ASP H 176 -11.14 -42.25 -24.38
CA ASP H 176 -10.18 -41.56 -23.50
C ASP H 176 -9.20 -42.49 -22.77
N TRP H 177 -9.45 -43.79 -22.71
CA TRP H 177 -8.71 -44.69 -21.84
C TRP H 177 -8.20 -45.93 -22.55
N GLN H 178 -7.24 -46.58 -21.99
CA GLN H 178 -6.64 -47.70 -22.73
C GLN H 178 -6.95 -49.02 -22.08
N PRO H 179 -7.26 -50.06 -22.91
CA PRO H 179 -7.66 -51.38 -22.42
C PRO H 179 -6.51 -52.26 -21.97
N ALA H 180 -5.63 -51.73 -21.15
CA ALA H 180 -4.58 -52.45 -20.43
C ALA H 180 -3.58 -53.14 -21.35
N ASN H 181 -3.52 -52.67 -22.61
CA ASN H 181 -2.43 -52.78 -23.57
C ASN H 181 -1.94 -51.38 -23.91
N LYS H 182 -1.59 -50.65 -22.83
CA LYS H 182 -1.17 -49.27 -22.67
C LYS H 182 0.35 -49.07 -22.54
N ARG H 183 1.11 -50.15 -22.55
CA ARG H 183 2.54 -50.24 -22.89
C ARG H 183 3.46 -49.29 -22.17
N LYS I 18 17.45 -22.02 42.53
CA LYS I 18 18.19 -22.81 41.54
C LYS I 18 18.65 -24.18 42.05
N ASP I 19 17.88 -25.23 41.74
CA ASP I 19 18.19 -26.62 42.09
C ASP I 19 18.33 -26.78 43.61
N TYR I 20 17.21 -26.60 44.32
CA TYR I 20 17.22 -26.72 45.77
C TYR I 20 16.80 -28.12 46.20
N ARG I 21 16.16 -28.85 45.28
CA ARG I 21 15.62 -30.21 45.31
C ARG I 21 14.34 -30.29 46.13
N LEU I 22 14.06 -29.33 47.00
CA LEU I 22 12.80 -29.42 47.72
C LEU I 22 11.81 -28.47 47.11
N THR I 23 12.34 -27.43 46.50
CA THR I 23 11.48 -26.52 45.77
C THR I 23 11.02 -27.14 44.46
N TYR I 24 11.93 -27.80 43.74
CA TYR I 24 11.67 -28.10 42.33
C TYR I 24 11.31 -29.54 42.12
N TYR I 25 11.76 -30.41 42.98
CA TYR I 25 11.37 -31.79 42.95
C TYR I 25 10.23 -31.95 43.94
N THR I 26 9.02 -32.05 43.42
CA THR I 26 7.80 -32.06 44.20
C THR I 26 7.01 -33.30 43.84
N PRO I 27 7.39 -34.46 44.38
CA PRO I 27 6.83 -35.71 43.87
C PRO I 27 5.39 -35.97 44.26
N ASP I 28 4.75 -35.12 45.04
CA ASP I 28 3.34 -35.24 45.30
C ASP I 28 2.50 -34.18 44.56
N TYR I 29 3.10 -33.40 43.65
CA TYR I 29 2.38 -32.46 42.79
C TYR I 29 1.33 -33.17 41.95
N VAL I 30 0.13 -32.64 41.88
CA VAL I 30 -0.87 -33.14 40.96
C VAL I 30 -0.80 -32.35 39.65
N VAL I 31 -0.65 -33.09 38.56
CA VAL I 31 -0.56 -32.53 37.23
C VAL I 31 -1.88 -31.89 36.84
N ARG I 32 -1.84 -30.63 36.49
CA ARG I 32 -3.00 -29.91 35.96
C ARG I 32 -3.26 -30.26 34.49
N ASP I 33 -4.48 -30.03 34.05
CA ASP I 33 -4.85 -30.31 32.67
C ASP I 33 -4.22 -29.36 31.68
N THR I 34 -3.95 -28.15 32.10
CA THR I 34 -3.40 -27.14 31.22
C THR I 34 -1.86 -27.15 31.22
N ASP I 35 -1.22 -27.94 32.08
CA ASP I 35 0.24 -28.03 32.10
C ASP I 35 0.80 -28.67 30.85
N ILE I 36 1.94 -28.20 30.46
CA ILE I 36 2.79 -28.84 29.48
C ILE I 36 3.74 -29.80 30.20
N LEU I 37 3.74 -31.04 29.81
CA LEU I 37 4.60 -32.00 30.48
C LEU I 37 5.77 -32.35 29.58
N ALA I 38 6.88 -32.63 30.18
CA ALA I 38 8.08 -33.05 29.47
C ALA I 38 8.64 -34.30 30.13
N ALA I 39 9.11 -35.24 29.32
CA ALA I 39 9.87 -36.39 29.82
C ALA I 39 11.31 -36.30 29.31
N PHE I 40 12.21 -36.06 30.22
CA PHE I 40 13.63 -36.04 29.95
C PHE I 40 14.34 -37.34 30.35
N ARG I 41 14.95 -37.99 29.39
CA ARG I 41 15.94 -39.01 29.67
C ARG I 41 17.25 -38.35 30.07
N MET I 42 17.71 -38.66 31.25
CA MET I 42 18.65 -37.87 32.01
C MET I 42 19.84 -38.75 32.42
N THR I 43 21.04 -38.27 32.17
CA THR I 43 22.27 -38.97 32.56
C THR I 43 23.09 -38.12 33.52
N PRO I 44 22.90 -38.28 34.82
CA PRO I 44 23.60 -37.45 35.80
C PRO I 44 25.11 -37.71 35.83
N GLN I 45 25.85 -36.69 36.18
CA GLN I 45 27.25 -36.87 36.48
C GLN I 45 27.40 -37.80 37.69
N PRO I 46 28.43 -38.64 37.68
CA PRO I 46 28.57 -39.67 38.74
C PRO I 46 28.71 -39.06 40.12
N GLY I 47 27.91 -39.58 41.04
CA GLY I 47 27.78 -39.00 42.35
C GLY I 47 26.70 -37.95 42.54
N VAL I 48 26.02 -37.54 41.48
CA VAL I 48 24.97 -36.53 41.57
C VAL I 48 23.63 -37.27 41.62
N PRO I 49 22.83 -37.08 42.65
CA PRO I 49 21.64 -37.91 42.81
C PRO I 49 20.57 -37.53 41.81
N PRO I 50 19.68 -38.47 41.45
CA PRO I 50 18.68 -38.19 40.41
C PRO I 50 17.71 -37.09 40.74
N GLU I 51 17.42 -36.92 42.02
CA GLU I 51 16.45 -35.91 42.47
C GLU I 51 17.02 -34.53 42.32
N GLU I 52 18.32 -34.40 42.50
CA GLU I 52 18.99 -33.12 42.26
C GLU I 52 19.03 -32.79 40.77
N CYS I 53 19.19 -33.79 39.92
CA CYS I 53 19.25 -33.51 38.48
C CYS I 53 17.88 -33.16 37.92
N GLY I 54 16.85 -33.93 38.29
CA GLY I 54 15.50 -33.64 37.87
C GLY I 54 15.04 -32.26 38.29
N ALA I 55 15.40 -31.86 39.52
CA ALA I 55 15.11 -30.53 40.03
C ALA I 55 15.84 -29.44 39.27
N ALA I 56 17.11 -29.66 38.94
CA ALA I 56 17.89 -28.73 38.13
C ALA I 56 17.30 -28.51 36.74
N VAL I 57 16.82 -29.58 36.09
CA VAL I 57 16.16 -29.46 34.78
C VAL I 57 14.84 -28.72 34.93
N ALA I 58 14.09 -28.99 36.00
CA ALA I 58 12.88 -28.24 36.30
C ALA I 58 13.17 -26.76 36.48
N ALA I 59 14.26 -26.45 37.16
CA ALA I 59 14.54 -25.07 37.56
C ALA I 59 15.11 -24.20 36.41
N GLU I 60 15.86 -24.76 35.47
CA GLU I 60 16.68 -24.01 34.46
C GLU I 60 17.45 -22.89 35.14
N SER I 61 18.30 -23.29 36.07
CA SER I 61 19.10 -22.38 36.90
C SER I 61 19.87 -21.38 36.04
N SER I 62 20.10 -20.19 36.57
CA SER I 62 20.73 -19.19 35.72
C SER I 62 22.26 -19.36 35.73
N THR I 63 22.76 -20.37 36.45
CA THR I 63 24.15 -20.82 36.37
C THR I 63 24.21 -22.28 35.86
N GLY I 64 24.75 -22.43 34.65
CA GLY I 64 24.82 -23.75 34.02
C GLY I 64 26.12 -24.44 34.34
N THR I 65 27.14 -23.64 34.73
CA THR I 65 28.47 -24.12 35.12
C THR I 65 28.54 -24.60 36.58
N TRP I 66 27.91 -23.85 37.48
CA TRP I 66 27.91 -24.09 38.94
C TRP I 66 27.22 -25.29 39.61
N THR I 67 26.01 -25.61 39.17
CA THR I 67 25.18 -26.68 39.76
C THR I 67 24.85 -26.48 41.25
N THR I 68 24.67 -25.22 41.66
CA THR I 68 24.33 -24.86 43.05
C THR I 68 23.39 -23.66 43.10
N VAL I 69 22.63 -23.51 44.19
CA VAL I 69 21.74 -22.37 44.30
C VAL I 69 22.57 -21.22 44.83
N TRP I 70 22.80 -20.25 43.95
CA TRP I 70 23.61 -19.09 44.26
C TRP I 70 22.72 -17.89 44.59
N THR I 71 21.87 -17.50 43.61
CA THR I 71 20.88 -16.43 43.75
C THR I 71 19.50 -17.10 43.77
N ASP I 72 18.87 -17.15 44.94
CA ASP I 72 17.65 -17.92 45.11
C ASP I 72 16.52 -17.03 45.63
N GLY I 73 15.39 -17.05 44.93
CA GLY I 73 14.11 -16.42 45.22
C GLY I 73 13.65 -15.39 44.21
N LEU I 74 12.86 -15.82 43.22
CA LEU I 74 12.49 -14.99 42.08
C LEU I 74 11.00 -15.09 41.78
N THR I 75 10.45 -14.01 41.22
CA THR I 75 9.09 -14.13 40.69
C THR I 75 9.07 -14.74 39.30
N SER I 76 10.23 -14.97 38.69
CA SER I 76 10.26 -15.92 37.59
C SER I 76 10.38 -17.35 38.09
N LEU I 77 10.74 -17.56 39.37
CA LEU I 77 10.90 -18.89 39.97
C LEU I 77 9.98 -19.16 41.17
N ASP I 78 8.80 -18.54 41.26
CA ASP I 78 7.89 -18.87 42.36
C ASP I 78 6.62 -19.54 41.85
N ARG I 79 6.03 -19.04 40.74
CA ARG I 79 4.76 -19.52 40.18
C ARG I 79 4.92 -19.83 38.70
N TYR I 80 6.06 -19.47 38.14
CA TYR I 80 6.33 -19.71 36.72
C TYR I 80 7.41 -20.79 36.60
N LYS I 81 7.44 -21.66 37.59
CA LYS I 81 8.42 -22.73 37.65
C LYS I 81 7.93 -24.10 37.19
N GLY I 82 8.74 -24.74 36.35
CA GLY I 82 8.49 -26.12 35.97
C GLY I 82 8.84 -26.94 37.20
N ARG I 83 8.08 -27.98 37.51
CA ARG I 83 8.36 -28.81 38.69
C ARG I 83 8.65 -30.26 38.30
N CYS I 84 9.70 -30.84 38.86
CA CYS I 84 9.96 -32.24 38.55
C CYS I 84 9.06 -33.08 39.46
N TYR I 85 8.05 -33.70 38.90
CA TYR I 85 7.06 -34.37 39.74
C TYR I 85 7.23 -35.87 39.82
N ASP I 86 8.20 -36.46 39.13
CA ASP I 86 8.41 -37.91 39.07
C ASP I 86 9.75 -38.20 38.43
N ILE I 87 10.51 -39.08 39.05
CA ILE I 87 11.75 -39.62 38.48
C ILE I 87 11.66 -41.14 38.50
N GLU I 88 11.84 -41.76 37.34
CA GLU I 88 11.84 -43.21 37.22
C GLU I 88 13.16 -43.72 36.65
N PRO I 89 13.62 -44.89 37.11
CA PRO I 89 14.77 -45.53 36.49
C PRO I 89 14.45 -46.10 35.11
N VAL I 90 15.46 -46.17 34.27
CA VAL I 90 15.35 -46.74 32.94
C VAL I 90 15.79 -48.19 33.03
N PRO I 91 14.95 -49.16 32.63
CA PRO I 91 15.29 -50.58 32.84
C PRO I 91 16.43 -51.05 31.93
N GLY I 92 17.41 -51.70 32.54
CA GLY I 92 18.57 -52.15 31.80
C GLY I 92 19.70 -51.16 31.80
N GLU I 93 19.43 -49.91 32.12
CA GLU I 93 20.43 -48.87 32.22
C GLU I 93 20.76 -48.69 33.69
N ASP I 94 21.93 -48.17 33.99
CA ASP I 94 22.36 -48.07 35.38
C ASP I 94 22.44 -46.62 35.83
N ASN I 95 22.71 -45.70 34.92
CA ASN I 95 22.83 -44.31 35.29
C ASN I 95 21.85 -43.41 34.51
N GLN I 96 20.74 -43.94 34.03
CA GLN I 96 19.76 -43.14 33.29
C GLN I 96 18.40 -43.14 33.96
N TYR I 97 17.75 -41.98 33.96
CA TYR I 97 16.46 -41.80 34.58
C TYR I 97 15.54 -41.04 33.63
N ILE I 98 14.24 -41.25 33.74
CA ILE I 98 13.25 -40.39 33.12
C ILE I 98 12.78 -39.41 34.18
N ALA I 99 13.03 -38.13 33.97
CA ALA I 99 12.46 -37.07 34.78
C ALA I 99 11.27 -36.41 34.08
N TYR I 100 10.13 -36.35 34.76
CA TYR I 100 8.89 -35.75 34.31
C TYR I 100 8.76 -34.33 34.85
N VAL I 101 8.62 -33.36 33.97
CA VAL I 101 8.57 -31.97 34.40
C VAL I 101 7.26 -31.38 33.93
N ALA I 102 6.56 -30.76 34.83
CA ALA I 102 5.36 -30.00 34.51
C ALA I 102 5.70 -28.51 34.38
N TYR I 103 5.19 -27.89 33.34
CA TYR I 103 5.34 -26.45 33.13
C TYR I 103 3.96 -25.80 33.10
N PRO I 104 3.72 -24.73 33.84
CA PRO I 104 2.42 -24.06 33.75
C PRO I 104 2.24 -23.36 32.38
N ILE I 105 1.03 -23.40 31.87
CA ILE I 105 0.70 -22.91 30.54
C ILE I 105 0.97 -21.41 30.41
N ASP I 106 0.91 -20.68 31.52
CA ASP I 106 1.27 -19.28 31.56
C ASP I 106 2.70 -18.97 31.14
N LEU I 107 3.60 -19.95 31.17
CA LEU I 107 4.95 -19.74 30.70
C LEU I 107 5.04 -19.49 29.20
N PHE I 108 4.07 -19.87 28.41
CA PHE I 108 4.28 -20.04 26.99
C PHE I 108 3.54 -18.97 26.17
N GLU I 109 4.18 -18.48 25.12
CA GLU I 109 3.50 -17.59 24.17
C GLU I 109 2.53 -18.40 23.31
N GLU I 110 1.25 -18.00 23.32
CA GLU I 110 0.18 -18.68 22.58
C GLU I 110 0.53 -18.78 21.10
N GLY I 111 0.57 -19.99 20.58
CA GLY I 111 0.76 -20.15 19.15
C GLY I 111 2.20 -20.05 18.69
N SER I 112 3.19 -20.16 19.58
CA SER I 112 4.57 -19.96 19.17
C SER I 112 5.38 -21.20 19.52
N VAL I 113 5.55 -22.10 18.57
CA VAL I 113 6.44 -23.24 18.75
C VAL I 113 7.83 -22.76 19.14
N THR I 114 8.33 -21.69 18.48
CA THR I 114 9.63 -21.09 18.80
C THR I 114 9.76 -20.84 20.31
N ASN I 115 8.74 -20.30 20.92
CA ASN I 115 8.84 -19.91 22.32
C ASN I 115 8.72 -21.13 23.23
N MET I 116 8.03 -22.17 22.80
CA MET I 116 7.96 -23.37 23.65
C MET I 116 9.30 -24.10 23.71
N PHE I 117 10.00 -24.22 22.58
CA PHE I 117 11.34 -24.77 22.62
C PHE I 117 12.30 -23.87 23.37
N THR I 118 12.16 -22.56 23.27
CA THR I 118 13.03 -21.68 24.04
C THR I 118 12.81 -21.91 25.57
N SER I 119 11.56 -22.06 25.96
CA SER I 119 11.27 -22.25 27.38
C SER I 119 11.72 -23.62 27.88
N ILE I 120 11.54 -24.68 27.09
CA ILE I 120 11.82 -26.03 27.55
C ILE I 120 13.28 -26.45 27.29
N VAL I 121 13.78 -26.27 26.09
CA VAL I 121 15.11 -26.75 25.73
C VAL I 121 16.12 -25.64 25.57
N GLY I 122 15.78 -24.43 26.00
CA GLY I 122 16.64 -23.27 25.75
C GLY I 122 18.02 -23.38 26.39
N ASN I 123 18.07 -23.84 27.64
CA ASN I 123 19.28 -23.81 28.44
C ASN I 123 19.73 -25.14 29.10
N VAL I 124 18.82 -26.03 29.48
CA VAL I 124 19.17 -27.15 30.38
C VAL I 124 20.10 -28.19 29.76
N PHE I 125 20.31 -28.16 28.44
CA PHE I 125 21.11 -29.24 27.89
C PHE I 125 22.60 -29.00 28.13
N GLY I 126 22.99 -27.81 28.50
CA GLY I 126 24.31 -27.48 28.95
C GLY I 126 24.60 -27.62 30.44
N PHE I 127 23.67 -28.11 31.25
CA PHE I 127 23.84 -28.00 32.70
C PHE I 127 24.91 -29.00 33.14
N LYS I 128 25.84 -28.55 33.98
CA LYS I 128 27.04 -29.36 34.24
C LYS I 128 26.76 -30.56 35.11
N ALA I 129 25.67 -30.55 35.89
CA ALA I 129 25.31 -31.67 36.74
C ALA I 129 24.87 -32.88 35.92
N LEU I 130 24.52 -32.67 34.66
CA LEU I 130 24.10 -33.68 33.72
C LEU I 130 25.31 -34.01 32.86
N ARG I 131 25.50 -35.27 32.58
CA ARG I 131 26.44 -35.66 31.53
C ARG I 131 25.76 -35.66 30.16
N ALA I 132 24.52 -36.13 30.09
CA ALA I 132 23.74 -36.17 28.86
C ALA I 132 22.27 -35.96 29.20
N LEU I 133 21.52 -35.46 28.24
CA LEU I 133 20.12 -35.13 28.45
C LEU I 133 19.40 -35.29 27.12
N ARG I 134 18.36 -36.10 27.10
CA ARG I 134 17.53 -36.24 25.92
C ARG I 134 16.06 -35.97 26.28
N LEU I 135 15.41 -35.14 25.48
CA LEU I 135 13.98 -34.86 25.57
C LEU I 135 13.17 -35.84 24.73
N GLU I 136 12.46 -36.71 25.41
CA GLU I 136 11.80 -37.85 24.80
C GLU I 136 10.41 -37.51 24.30
N ASP I 137 9.63 -36.76 25.07
CA ASP I 137 8.21 -36.60 24.77
C ASP I 137 7.70 -35.32 25.44
N LEU I 138 6.62 -34.83 24.92
CA LEU I 138 5.95 -33.69 25.49
C LEU I 138 4.46 -33.95 25.51
N ARG I 139 3.82 -33.56 26.55
CA ARG I 139 2.37 -33.55 26.59
C ARG I 139 1.93 -32.11 26.31
N ILE I 140 1.33 -31.90 25.16
CA ILE I 140 0.80 -30.60 24.79
C ILE I 140 -0.67 -30.57 25.20
N PRO I 141 -1.06 -29.75 26.15
CA PRO I 141 -2.45 -29.76 26.64
C PRO I 141 -3.38 -29.14 25.61
N PRO I 142 -4.66 -29.59 25.60
CA PRO I 142 -5.71 -28.93 24.81
C PRO I 142 -5.75 -27.42 24.90
N ALA I 143 -5.49 -26.83 26.05
CA ALA I 143 -5.52 -25.39 26.15
C ALA I 143 -4.38 -24.73 25.36
N TYR I 144 -3.23 -25.38 25.23
CA TYR I 144 -2.16 -24.84 24.42
C TYR I 144 -2.35 -25.17 22.94
N VAL I 145 -2.74 -26.42 22.64
CA VAL I 145 -3.00 -26.88 21.26
C VAL I 145 -3.92 -25.92 20.51
N LYS I 146 -4.98 -25.42 21.18
CA LYS I 146 -5.97 -24.59 20.48
C LYS I 146 -5.45 -23.19 20.16
N THR I 147 -4.32 -22.76 20.70
CA THR I 147 -3.76 -21.47 20.31
C THR I 147 -3.06 -21.49 18.94
N PHE I 148 -2.85 -22.64 18.32
CA PHE I 148 -2.07 -22.77 17.09
C PHE I 148 -3.00 -22.85 15.90
N VAL I 149 -2.60 -22.22 14.82
CA VAL I 149 -3.28 -22.42 13.56
C VAL I 149 -3.14 -23.87 13.13
N GLY I 150 -1.94 -24.43 13.24
CA GLY I 150 -1.68 -25.77 12.82
C GLY I 150 -1.59 -25.99 11.30
N PRO I 151 -1.67 -27.26 10.90
CA PRO I 151 -1.49 -27.64 9.49
C PRO I 151 -2.50 -26.91 8.59
N PRO I 152 -2.06 -26.46 7.42
CA PRO I 152 -2.96 -25.71 6.55
C PRO I 152 -4.17 -26.51 6.16
N HIS I 153 -4.05 -27.78 5.87
CA HIS I 153 -5.16 -28.65 5.48
C HIS I 153 -5.26 -29.93 6.31
N GLY I 154 -4.20 -30.66 6.50
CA GLY I 154 -4.28 -31.94 7.12
C GLY I 154 -4.78 -32.99 6.15
N ILE I 155 -4.57 -34.23 6.57
CA ILE I 155 -4.71 -35.42 5.74
C ILE I 155 -6.06 -35.49 5.02
N GLN I 156 -7.15 -35.36 5.75
CA GLN I 156 -8.52 -35.43 5.20
C GLN I 156 -8.76 -34.42 4.09
N VAL I 157 -8.55 -33.13 4.42
CA VAL I 157 -8.77 -32.06 3.48
C VAL I 157 -7.93 -32.29 2.25
N GLU I 158 -6.67 -32.72 2.47
CA GLU I 158 -5.75 -33.00 1.39
C GLU I 158 -6.30 -34.08 0.44
N ARG I 159 -6.78 -35.19 1.00
CA ARG I 159 -7.41 -36.22 0.16
C ARG I 159 -8.64 -35.68 -0.59
N ASP I 160 -9.46 -34.85 0.06
CA ASP I 160 -10.58 -34.27 -0.66
C ASP I 160 -10.11 -33.34 -1.77
N LYS I 161 -9.08 -32.54 -1.51
CA LYS I 161 -8.64 -31.60 -2.53
C LYS I 161 -7.92 -32.33 -3.66
N LEU I 162 -7.20 -33.39 -3.33
CA LEU I 162 -6.53 -34.15 -4.36
C LEU I 162 -7.43 -35.20 -5.04
N ASN I 163 -8.61 -35.46 -4.52
CA ASN I 163 -9.55 -36.49 -5.04
C ASN I 163 -8.93 -37.89 -5.04
N LYS I 164 -8.24 -38.28 -3.97
CA LYS I 164 -7.45 -39.51 -3.96
C LYS I 164 -7.71 -40.26 -2.67
N TYR I 165 -8.34 -41.42 -2.75
CA TYR I 165 -8.88 -42.13 -1.61
C TYR I 165 -8.47 -43.59 -1.65
N GLY I 166 -8.27 -44.17 -0.47
CA GLY I 166 -8.15 -45.61 -0.29
C GLY I 166 -6.83 -46.26 -0.64
N ARG I 167 -5.75 -45.51 -0.77
CA ARG I 167 -4.39 -45.99 -1.00
C ARG I 167 -3.41 -44.93 -0.50
N GLY I 168 -2.16 -45.32 -0.31
CA GLY I 168 -1.10 -44.34 -0.15
C GLY I 168 -0.90 -43.44 -1.36
N LEU I 169 -0.30 -42.28 -1.13
CA LEU I 169 0.13 -41.42 -2.22
C LEU I 169 1.55 -41.83 -2.62
N LEU I 170 1.92 -41.59 -3.85
CA LEU I 170 3.21 -42.02 -4.33
C LEU I 170 4.04 -40.85 -4.80
N GLY I 171 5.22 -40.72 -4.25
CA GLY I 171 6.16 -39.72 -4.69
C GLY I 171 7.48 -40.29 -5.15
N CYS I 172 8.31 -39.42 -5.68
CA CYS I 172 9.70 -39.72 -5.98
C CYS I 172 10.54 -38.44 -6.00
N THR I 173 11.79 -38.53 -5.60
CA THR I 173 12.70 -37.39 -5.71
C THR I 173 13.29 -37.33 -7.12
N ILE I 174 13.35 -36.14 -7.69
CA ILE I 174 13.90 -35.93 -9.02
C ILE I 174 15.40 -35.74 -8.90
N LYS I 175 16.16 -36.64 -9.48
CA LYS I 175 17.61 -36.51 -9.69
C LYS I 175 17.90 -36.70 -11.18
N PRO I 176 17.88 -35.62 -11.99
CA PRO I 176 17.93 -35.81 -13.45
C PRO I 176 19.26 -36.39 -13.92
N LYS I 177 19.16 -37.20 -14.95
CA LYS I 177 20.33 -37.80 -15.53
C LYS I 177 21.09 -36.82 -16.41
N LEU I 178 20.43 -35.76 -16.94
CA LEU I 178 21.01 -34.99 -18.06
C LEU I 178 21.53 -33.60 -17.65
N GLY I 179 21.09 -33.06 -16.55
CA GLY I 179 21.53 -31.76 -16.09
C GLY I 179 20.72 -31.36 -14.87
N LEU I 180 21.20 -30.38 -14.12
CA LEU I 180 20.34 -29.83 -13.10
C LEU I 180 19.64 -28.56 -13.53
N SER I 181 19.59 -28.28 -14.82
CA SER I 181 18.90 -27.10 -15.29
C SER I 181 17.40 -27.22 -15.01
N ALA I 182 16.73 -26.06 -15.00
CA ALA I 182 15.32 -26.02 -14.63
C ALA I 182 14.47 -26.76 -15.66
N LYS I 183 14.81 -26.60 -16.92
CA LYS I 183 14.11 -27.26 -18.01
C LYS I 183 14.24 -28.78 -17.97
N ASN I 184 15.45 -29.29 -17.73
CA ASN I 184 15.64 -30.74 -17.56
C ASN I 184 15.04 -31.24 -16.29
N TYR I 185 15.04 -30.39 -15.26
CA TYR I 185 14.39 -30.76 -14.04
C TYR I 185 12.91 -30.99 -14.31
N GLY I 186 12.28 -30.07 -15.05
CA GLY I 186 10.86 -30.17 -15.38
C GLY I 186 10.52 -31.34 -16.29
N ARG I 187 11.42 -31.69 -17.22
CA ARG I 187 11.24 -32.86 -18.09
C ARG I 187 11.11 -34.14 -17.27
N ALA I 188 12.02 -34.29 -16.31
CA ALA I 188 12.00 -35.43 -15.41
C ALA I 188 10.75 -35.44 -14.53
N VAL I 189 10.33 -34.28 -14.04
CA VAL I 189 9.07 -34.19 -13.28
C VAL I 189 7.92 -34.69 -14.13
N TYR I 190 7.84 -34.23 -15.37
CA TYR I 190 6.79 -34.65 -16.27
C TYR I 190 6.82 -36.17 -16.47
N GLU I 191 7.99 -36.75 -16.69
CA GLU I 191 8.06 -38.18 -17.01
C GLU I 191 7.60 -39.06 -15.82
N CYS I 192 8.02 -38.71 -14.61
CA CYS I 192 7.59 -39.41 -13.41
C CYS I 192 6.10 -39.27 -13.14
N LEU I 193 5.60 -38.03 -13.15
CA LEU I 193 4.18 -37.78 -12.87
C LEU I 193 3.25 -38.44 -13.89
N ARG I 194 3.62 -38.41 -15.16
CA ARG I 194 2.77 -38.99 -16.21
C ARG I 194 2.56 -40.50 -16.05
N GLY I 195 3.57 -41.20 -15.56
CA GLY I 195 3.53 -42.62 -15.34
C GLY I 195 2.63 -43.13 -14.22
N GLY I 196 2.20 -42.26 -13.31
CA GLY I 196 1.37 -42.71 -12.20
C GLY I 196 1.65 -42.12 -10.82
N LEU I 197 2.71 -41.33 -10.63
CA LEU I 197 2.98 -40.84 -9.30
C LEU I 197 2.07 -39.66 -9.01
N ASP I 198 1.67 -39.54 -7.78
CA ASP I 198 0.95 -38.35 -7.32
C ASP I 198 1.88 -37.12 -7.29
N PHE I 199 3.05 -37.26 -6.74
CA PHE I 199 3.95 -36.15 -6.46
C PHE I 199 5.36 -36.46 -6.91
N THR I 200 6.06 -35.43 -7.21
CA THR I 200 7.49 -35.43 -7.22
C THR I 200 7.96 -34.35 -6.26
N LYS I 201 9.26 -34.31 -6.06
CA LYS I 201 9.87 -33.67 -4.90
C LYS I 201 11.14 -32.93 -5.33
N ASP I 202 11.15 -31.60 -5.17
CA ASP I 202 12.39 -30.85 -5.04
C ASP I 202 13.29 -31.51 -4.00
N ASP I 203 14.52 -31.72 -4.34
CA ASP I 203 15.50 -31.99 -3.28
C ASP I 203 15.63 -30.82 -2.30
N GLU I 204 15.81 -31.19 -1.03
CA GLU I 204 15.85 -30.24 0.08
C GLU I 204 16.92 -29.14 -0.10
N ASN I 205 18.03 -29.41 -0.81
CA ASN I 205 19.02 -28.35 -1.00
C ASN I 205 18.76 -27.45 -2.22
N VAL I 206 17.86 -27.85 -3.12
CA VAL I 206 17.53 -27.13 -4.33
C VAL I 206 16.68 -25.96 -3.84
N ASN I 207 17.27 -24.77 -3.73
CA ASN I 207 16.46 -23.65 -3.37
C ASN I 207 16.53 -22.75 -4.58
N SER I 208 17.63 -22.06 -4.80
CA SER I 208 17.83 -21.20 -5.97
C SER I 208 19.34 -21.03 -6.09
N GLN I 209 19.92 -21.66 -7.00
CA GLN I 209 21.37 -21.78 -7.22
C GLN I 209 21.79 -21.14 -8.55
N PRO I 210 23.09 -20.95 -8.83
CA PRO I 210 23.46 -20.53 -10.19
C PRO I 210 23.06 -21.52 -11.28
N PHE I 211 23.12 -22.83 -11.04
CA PHE I 211 22.70 -23.79 -12.08
C PHE I 211 21.18 -23.81 -12.30
N MET I 212 20.38 -23.28 -11.38
CA MET I 212 18.91 -23.37 -11.46
C MET I 212 18.28 -22.36 -10.50
N ARG I 213 17.84 -21.23 -11.02
CA ARG I 213 17.25 -20.18 -10.20
C ARG I 213 15.81 -20.56 -9.96
N TRP I 214 15.29 -20.20 -8.77
CA TRP I 214 13.99 -20.71 -8.32
C TRP I 214 12.84 -20.39 -9.28
N ARG I 215 12.77 -19.19 -9.81
CA ARG I 215 11.55 -18.85 -10.52
C ARG I 215 11.48 -19.61 -11.87
N ASP I 216 12.62 -19.81 -12.53
CA ASP I 216 12.73 -20.70 -13.69
C ASP I 216 12.30 -22.14 -13.36
N ARG I 217 12.80 -22.69 -12.25
CA ARG I 217 12.35 -24.00 -11.78
C ARG I 217 10.80 -24.05 -11.59
N PHE I 218 10.23 -23.02 -10.99
CA PHE I 218 8.80 -23.01 -10.69
C PHE I 218 8.00 -23.07 -11.98
N LEU I 219 8.42 -22.27 -12.98
CA LEU I 219 7.70 -22.14 -14.24
C LEU I 219 7.73 -23.46 -15.02
N PHE I 220 8.92 -24.03 -15.23
CA PHE I 220 9.05 -25.34 -15.90
C PHE I 220 8.37 -26.48 -15.13
N VAL I 221 8.44 -26.51 -13.80
CA VAL I 221 7.68 -27.51 -13.05
C VAL I 221 6.16 -27.32 -13.25
N ALA I 222 5.67 -26.07 -13.27
CA ALA I 222 4.25 -25.84 -13.50
C ALA I 222 3.81 -26.32 -14.89
N GLU I 223 4.64 -26.16 -15.91
CA GLU I 223 4.33 -26.73 -17.22
C GLU I 223 4.28 -28.26 -17.16
N ALA I 224 5.24 -28.88 -16.47
CA ALA I 224 5.27 -30.33 -16.32
C ALA I 224 4.05 -30.87 -15.57
N ILE I 225 3.70 -30.27 -14.42
CA ILE I 225 2.53 -30.69 -13.62
C ILE I 225 1.27 -30.65 -14.47
N TYR I 226 1.06 -29.53 -15.17
CA TYR I 226 -0.15 -29.38 -15.99
C TYR I 226 -0.11 -30.30 -17.22
N LYS I 227 1.06 -30.57 -17.78
CA LYS I 227 1.15 -31.53 -18.89
C LYS I 227 0.76 -32.95 -18.42
N ALA I 228 1.38 -33.44 -17.35
CA ALA I 228 1.03 -34.75 -16.82
C ALA I 228 -0.42 -34.82 -16.34
N GLN I 229 -0.96 -33.73 -15.82
CA GLN I 229 -2.37 -33.67 -15.42
C GLN I 229 -3.31 -33.74 -16.61
N ALA I 230 -3.05 -32.99 -17.66
CA ALA I 230 -3.81 -33.13 -18.90
C ALA I 230 -3.74 -34.57 -19.45
N GLU I 231 -2.58 -35.19 -19.35
CA GLU I 231 -2.37 -36.53 -19.90
C GLU I 231 -3.05 -37.61 -19.05
N THR I 232 -2.88 -37.58 -17.74
CA THR I 232 -3.40 -38.62 -16.86
C THR I 232 -4.87 -38.39 -16.53
N GLY I 233 -5.34 -37.16 -16.56
CA GLY I 233 -6.61 -36.80 -15.98
C GLY I 233 -6.67 -36.80 -14.47
N GLU I 234 -5.59 -37.09 -13.74
CA GLU I 234 -5.55 -37.05 -12.28
C GLU I 234 -4.84 -35.76 -11.81
N VAL I 235 -5.20 -35.30 -10.61
CA VAL I 235 -4.48 -34.20 -9.97
C VAL I 235 -3.01 -34.58 -9.72
N LYS I 236 -2.10 -33.69 -10.07
CA LYS I 236 -0.66 -33.91 -9.92
C LYS I 236 -0.02 -32.74 -9.16
N GLY I 237 1.06 -33.02 -8.44
CA GLY I 237 1.84 -31.99 -7.80
C GLY I 237 3.32 -32.26 -7.87
N HIS I 238 4.07 -31.24 -7.52
CA HIS I 238 5.50 -31.34 -7.27
C HIS I 238 5.75 -30.46 -6.05
N TYR I 239 6.47 -30.97 -5.08
CA TYR I 239 6.81 -30.17 -3.90
C TYR I 239 7.84 -29.11 -4.27
N LEU I 240 7.40 -27.90 -4.48
CA LEU I 240 8.28 -26.80 -4.85
C LEU I 240 8.91 -26.17 -3.59
N ASN I 241 10.20 -26.38 -3.45
CA ASN I 241 10.95 -25.89 -2.31
C ASN I 241 10.92 -24.34 -2.21
N ALA I 242 10.26 -23.83 -1.20
CA ALA I 242 10.16 -22.44 -0.80
C ALA I 242 11.21 -21.99 0.24
N THR I 243 11.93 -22.89 0.87
CA THR I 243 13.08 -22.57 1.77
C THR I 243 14.03 -21.49 1.20
N ALA I 244 14.27 -20.45 1.96
CA ALA I 244 15.04 -19.31 1.44
C ALA I 244 15.98 -18.79 2.55
N GLY I 245 16.91 -17.90 2.19
CA GLY I 245 17.65 -17.17 3.21
C GLY I 245 16.81 -16.24 4.09
N THR I 246 15.77 -15.62 3.54
CA THR I 246 14.98 -14.62 4.25
C THR I 246 13.48 -14.92 4.14
N CYS I 247 12.73 -14.37 5.09
CA CYS I 247 11.29 -14.54 5.14
C CYS I 247 10.66 -13.93 3.89
N GLU I 248 11.17 -12.78 3.47
CA GLU I 248 10.67 -12.11 2.26
C GLU I 248 10.96 -12.92 0.99
N GLU I 249 12.17 -13.46 0.82
CA GLU I 249 12.42 -14.38 -0.31
C GLU I 249 11.54 -15.63 -0.26
N MET I 250 11.40 -16.22 0.92
CA MET I 250 10.51 -17.36 1.11
C MET I 250 9.06 -17.04 0.66
N MET I 251 8.50 -15.90 1.08
CA MET I 251 7.15 -15.50 0.71
C MET I 251 7.04 -15.13 -0.76
N LYS I 252 8.08 -14.53 -1.34
CA LYS I 252 8.17 -14.39 -2.80
C LYS I 252 8.00 -15.73 -3.52
N ARG I 253 8.52 -16.79 -2.98
CA ARG I 253 8.36 -18.07 -3.66
C ARG I 253 6.97 -18.65 -3.45
N ALA I 254 6.46 -18.59 -2.23
CA ALA I 254 5.11 -19.04 -1.92
C ALA I 254 4.05 -18.30 -2.76
N VAL I 255 4.18 -16.97 -2.89
CA VAL I 255 3.33 -16.14 -3.76
C VAL I 255 3.40 -16.60 -5.28
N SMC I 256 4.58 -16.84 -5.80
CA SMC I 256 4.77 -17.38 -7.16
CB SMC I 256 6.22 -17.62 -7.58
SG SMC I 256 6.48 -18.43 -9.16
CS SMC I 256 5.59 -17.39 -10.24
C SMC I 256 3.96 -18.70 -7.39
O SMC I 256 3.25 -18.79 -8.33
N ALA I 257 4.01 -19.61 -6.43
CA ALA I 257 3.28 -20.88 -6.49
C ALA I 257 1.78 -20.68 -6.50
N LYS I 258 1.32 -19.82 -5.58
CA LYS I 258 -0.05 -19.32 -5.57
C LYS I 258 -0.47 -18.85 -6.96
N GLU I 259 0.34 -17.98 -7.59
CA GLU I 259 -0.05 -17.37 -8.86
C GLU I 259 0.03 -18.36 -10.02
N LEU I 260 0.91 -19.34 -9.94
CA LEU I 260 0.89 -20.42 -10.91
C LEU I 260 -0.30 -21.34 -10.71
N GLY I 261 -1.01 -21.22 -9.60
CA GLY I 261 -2.11 -22.09 -9.25
C GLY I 261 -1.72 -23.51 -8.97
N VAL I 262 -0.47 -23.77 -8.60
CA VAL I 262 0.01 -25.13 -8.38
C VAL I 262 -0.34 -25.62 -6.97
N PRO I 263 -0.40 -26.93 -6.71
CA PRO I 263 -1.04 -27.39 -5.47
C PRO I 263 -0.20 -27.33 -4.22
N ILE I 264 1.12 -27.46 -4.30
CA ILE I 264 1.93 -27.75 -3.14
C ILE I 264 3.31 -27.10 -3.17
N ILE I 265 3.76 -26.67 -2.03
CA ILE I 265 5.11 -26.19 -1.81
C ILE I 265 5.72 -26.96 -0.66
N MET I 266 6.95 -26.68 -0.40
CA MET I 266 7.82 -27.41 0.49
C MET I 266 8.67 -26.52 1.37
N HIS I 267 8.87 -26.92 2.60
CA HIS I 267 9.80 -26.20 3.49
C HIS I 267 10.66 -27.12 4.36
N ASP I 268 11.89 -26.73 4.60
CA ASP I 268 12.84 -27.47 5.47
C ASP I 268 12.79 -26.81 6.84
N TYR I 269 11.89 -27.27 7.68
CA TYR I 269 11.47 -26.47 8.83
C TYR I 269 12.55 -26.33 9.87
N LEU I 270 13.49 -27.26 9.95
CA LEU I 270 14.53 -27.21 10.99
C LEU I 270 15.69 -26.31 10.62
N THR I 271 15.93 -26.10 9.33
CA THR I 271 17.00 -25.26 8.88
C THR I 271 16.52 -23.83 8.56
N GLY I 272 15.32 -23.71 7.98
CA GLY I 272 14.63 -22.42 7.94
C GLY I 272 14.23 -21.89 9.32
N GLY I 273 13.66 -22.73 10.14
CA GLY I 273 13.30 -22.34 11.48
C GLY I 273 11.81 -22.38 11.71
N PHE I 274 11.43 -22.56 12.98
CA PHE I 274 10.02 -22.54 13.34
C PHE I 274 9.37 -21.21 13.07
N THR I 275 10.09 -20.08 13.24
CA THR I 275 9.44 -18.80 13.01
C THR I 275 9.01 -18.69 11.53
N ALA I 276 9.91 -18.96 10.60
CA ALA I 276 9.58 -18.99 9.18
C ALA I 276 8.55 -20.07 8.82
N ASN I 277 8.67 -21.29 9.39
CA ASN I 277 7.72 -22.36 9.05
C ASN I 277 6.26 -22.00 9.40
N THR I 278 6.05 -21.44 10.59
CA THR I 278 4.74 -21.02 11.03
C THR I 278 4.18 -19.90 10.15
N SER I 279 4.99 -18.90 9.83
CA SER I 279 4.61 -17.88 8.83
C SER I 279 4.18 -18.53 7.52
N LEU I 280 4.96 -19.47 7.05
CA LEU I 280 4.63 -20.12 5.78
C LEU I 280 3.32 -20.92 5.87
N ALA I 281 3.18 -21.74 6.94
CA ALA I 281 1.96 -22.52 7.18
C ALA I 281 0.71 -21.63 7.21
N ILE I 282 0.80 -20.44 7.80
CA ILE I 282 -0.33 -19.50 7.80
C ILE I 282 -0.61 -18.95 6.38
N TYR I 283 0.44 -18.63 5.61
CA TYR I 283 0.25 -18.23 4.23
C TYR I 283 -0.48 -19.33 3.46
N CYS I 284 -0.07 -20.58 3.67
CA CYS I 284 -0.66 -21.70 2.98
C CYS I 284 -2.14 -21.92 3.39
N ARG I 285 -2.47 -21.76 4.66
CA ARG I 285 -3.86 -21.80 5.07
C ARG I 285 -4.66 -20.68 4.39
N ASP I 286 -4.12 -19.46 4.38
CA ASP I 286 -4.81 -18.30 3.79
C ASP I 286 -4.96 -18.41 2.25
N ASN I 287 -4.11 -19.16 1.54
CA ASN I 287 -4.17 -19.17 0.08
C ASN I 287 -4.41 -20.59 -0.51
N GLY I 288 -4.85 -21.54 0.29
CA GLY I 288 -5.14 -22.94 -0.05
C GLY I 288 -3.97 -23.76 -0.60
N LEU I 289 -2.72 -23.38 -0.35
CA LEU I 289 -1.59 -24.25 -0.74
C LEU I 289 -1.40 -25.35 0.31
N LEU I 290 -1.10 -26.53 -0.15
CA LEU I 290 -0.54 -27.61 0.68
C LEU I 290 0.94 -27.43 1.01
N LEU I 291 1.35 -27.83 2.21
CA LEU I 291 2.71 -27.59 2.68
C LEU I 291 3.44 -28.92 3.02
N HIS I 292 4.34 -29.33 2.17
CA HIS I 292 5.20 -30.49 2.44
C HIS I 292 6.40 -30.11 3.31
N ILE I 293 6.70 -30.87 4.34
CA ILE I 293 7.75 -30.48 5.25
C ILE I 293 8.92 -31.48 5.23
N HIS I 294 10.08 -31.01 4.93
CA HIS I 294 11.27 -31.84 4.94
C HIS I 294 12.10 -31.66 6.21
N ARG I 295 12.68 -32.71 6.68
CA ARG I 295 13.24 -32.71 8.04
C ARG I 295 14.77 -32.70 8.06
N ALA I 296 15.39 -32.02 7.10
CA ALA I 296 16.86 -31.94 7.04
C ALA I 296 17.44 -31.36 8.33
N MET I 297 18.50 -31.99 8.82
CA MET I 297 19.27 -31.76 10.06
C MET I 297 18.65 -32.43 11.27
N HIS I 298 17.53 -33.13 11.12
CA HIS I 298 16.92 -33.81 12.26
C HIS I 298 17.94 -34.74 12.96
N ALA I 299 18.84 -35.39 12.18
CA ALA I 299 19.78 -36.35 12.78
C ALA I 299 20.91 -35.67 13.57
N VAL I 300 21.14 -34.38 13.35
CA VAL I 300 22.02 -33.61 14.20
C VAL I 300 21.49 -33.61 15.63
N ILE I 301 20.17 -33.53 15.79
CA ILE I 301 19.44 -33.41 17.06
C ILE I 301 18.91 -34.76 17.58
N ASP I 302 18.39 -35.61 16.70
CA ASP I 302 17.52 -36.67 17.13
C ASP I 302 18.13 -38.04 17.11
N ARG I 303 19.38 -38.20 16.77
CA ARG I 303 19.87 -39.55 16.51
C ARG I 303 20.42 -40.22 17.78
N GLN I 304 21.26 -39.56 18.54
CA GLN I 304 21.90 -40.21 19.66
C GLN I 304 20.91 -40.48 20.78
N ARG I 305 20.94 -41.71 21.25
CA ARG I 305 19.99 -42.14 22.27
C ARG I 305 20.16 -41.39 23.60
N ASN I 306 21.34 -40.90 23.92
CA ASN I 306 21.47 -40.27 25.22
C ASN I 306 21.35 -38.75 25.20
N HIS I 307 21.36 -38.10 24.03
CA HIS I 307 21.37 -36.65 24.00
C HIS I 307 20.60 -36.09 22.81
N GLY I 308 19.95 -34.97 23.00
CA GLY I 308 19.22 -34.31 21.97
C GLY I 308 17.74 -34.32 22.25
N ILE I 309 16.99 -34.36 21.17
CA ILE I 309 15.54 -34.26 21.19
C ILE I 309 15.05 -35.31 20.23
N HIS I 310 14.33 -36.30 20.74
CA HIS I 310 13.75 -37.36 19.93
C HIS I 310 12.84 -36.78 18.86
N PHE I 311 12.84 -37.41 17.70
CA PHE I 311 12.04 -36.96 16.56
C PHE I 311 10.54 -36.79 16.86
N ARG I 312 9.96 -37.62 17.73
CA ARG I 312 8.53 -37.52 18.03
C ARG I 312 8.17 -36.14 18.59
N VAL I 313 9.07 -35.54 19.35
CA VAL I 313 8.91 -34.19 19.85
C VAL I 313 8.94 -33.20 18.67
N LEU I 314 9.92 -33.35 17.78
CA LEU I 314 10.10 -32.49 16.61
C LEU I 314 8.95 -32.63 15.61
N ALA I 315 8.35 -33.83 15.54
CA ALA I 315 7.15 -34.07 14.76
C ALA I 315 5.91 -33.39 15.36
N LYS I 316 5.78 -33.48 16.68
CA LYS I 316 4.72 -32.82 17.46
C LYS I 316 4.84 -31.30 17.28
N ALA I 317 6.07 -30.78 17.39
CA ALA I 317 6.33 -29.36 17.11
C ALA I 317 5.87 -28.98 15.72
N LEU I 318 6.25 -29.78 14.71
CA LEU I 318 5.84 -29.54 13.32
C LEU I 318 4.33 -29.53 13.18
N ARG I 319 3.64 -30.51 13.74
CA ARG I 319 2.17 -30.51 13.68
C ARG I 319 1.54 -29.23 14.27
N MET I 320 2.12 -28.68 15.30
CA MET I 320 1.69 -27.41 15.87
C MET I 320 2.06 -26.24 14.95
N SER I 321 3.33 -26.18 14.49
CA SER I 321 3.79 -25.09 13.62
C SER I 321 3.04 -25.12 12.29
N GLY I 322 2.88 -26.28 11.72
CA GLY I 322 2.01 -26.48 10.62
C GLY I 322 2.71 -27.10 9.45
N GLY I 323 2.24 -28.25 9.04
CA GLY I 323 2.66 -28.88 7.82
C GLY I 323 1.65 -29.90 7.37
N ASP I 324 1.37 -30.01 6.07
CA ASP I 324 0.44 -31.04 5.62
C ASP I 324 1.10 -32.42 5.43
N HIS I 325 2.37 -32.51 5.03
CA HIS I 325 3.13 -33.78 5.00
C HIS I 325 4.41 -33.65 5.83
N LEU I 326 4.90 -34.74 6.39
CA LEU I 326 6.20 -34.72 7.04
C LEU I 326 7.05 -35.95 6.75
N HIS I 327 8.28 -35.70 6.27
CA HIS I 327 9.25 -36.78 6.15
C HIS I 327 9.43 -37.51 7.45
N SER I 328 9.17 -38.77 7.41
CA SER I 328 9.08 -39.54 8.64
C SER I 328 10.05 -40.71 8.66
N GLY I 329 10.99 -40.73 7.79
CA GLY I 329 11.97 -41.80 7.74
C GLY I 329 11.66 -42.94 6.79
N THR I 330 12.44 -43.97 6.93
CA THR I 330 12.14 -45.26 6.35
C THR I 330 12.00 -46.28 7.46
N VAL I 331 11.26 -47.35 7.18
CA VAL I 331 11.25 -48.52 8.04
C VAL I 331 11.98 -49.70 7.39
N VAL I 332 12.50 -49.53 6.18
CA VAL I 332 13.41 -50.50 5.59
C VAL I 332 14.67 -50.61 6.42
N GLY I 333 15.10 -51.83 6.67
CA GLY I 333 16.32 -52.07 7.42
C GLY I 333 16.26 -51.81 8.91
N LYS I 334 15.07 -51.68 9.48
CA LYS I 334 14.95 -51.45 10.91
C LYS I 334 14.40 -52.68 11.60
N LEU I 335 14.82 -52.88 12.84
CA LEU I 335 14.31 -53.97 13.66
C LEU I 335 12.90 -53.63 14.14
N GLU I 336 12.20 -54.65 14.67
CA GLU I 336 10.83 -54.50 15.16
C GLU I 336 10.73 -53.45 16.26
N GLY I 337 11.76 -53.36 17.12
CA GLY I 337 11.75 -52.38 18.18
C GLY I 337 11.91 -50.94 17.68
N GLU I 338 12.74 -50.74 16.68
CA GLU I 338 12.84 -49.42 16.06
C GLU I 338 11.62 -49.11 15.20
N ARG I 339 10.91 -50.15 14.76
CA ARG I 339 9.67 -50.01 14.02
C ARG I 339 8.49 -49.66 14.93
N GLU I 340 8.48 -50.18 16.16
CA GLU I 340 7.51 -49.76 17.17
C GLU I 340 7.61 -48.27 17.48
N VAL I 341 8.84 -47.74 17.57
CA VAL I 341 9.05 -46.31 17.82
C VAL I 341 8.50 -45.47 16.67
N THR I 342 8.84 -45.86 15.43
CA THR I 342 8.39 -45.13 14.25
C THR I 342 6.87 -45.10 14.17
N LEU I 343 6.22 -46.23 14.43
CA LEU I 343 4.78 -46.23 14.41
C LEU I 343 4.18 -45.40 15.54
N GLY I 344 4.91 -45.25 16.66
CA GLY I 344 4.45 -44.38 17.71
C GLY I 344 4.33 -42.95 17.23
N PHE I 345 5.39 -42.42 16.61
CA PHE I 345 5.34 -41.02 16.23
C PHE I 345 4.46 -40.82 15.01
N VAL I 346 4.27 -41.87 14.20
CA VAL I 346 3.34 -41.80 13.08
C VAL I 346 1.92 -41.63 13.58
N ASP I 347 1.58 -42.28 14.70
CA ASP I 347 0.29 -42.06 15.35
C ASP I 347 0.18 -40.66 15.95
N LEU I 348 1.26 -40.12 16.53
CA LEU I 348 1.22 -38.74 17.04
C LEU I 348 1.07 -37.74 15.91
N MET I 349 1.55 -38.06 14.74
CA MET I 349 1.43 -37.20 13.57
C MET I 349 0.01 -37.19 13.04
N ARG I 350 -0.64 -38.35 13.04
CA ARG I 350 -1.83 -38.52 12.24
C ARG I 350 -3.12 -38.48 13.05
N ASP I 351 -3.12 -39.02 14.25
CA ASP I 351 -4.34 -39.30 15.01
C ASP I 351 -4.81 -38.12 15.84
N ASP I 352 -6.09 -38.19 16.23
CA ASP I 352 -6.66 -37.21 17.13
C ASP I 352 -6.31 -37.47 18.60
N TYR I 353 -6.28 -38.70 19.04
CA TYR I 353 -6.08 -39.02 20.44
C TYR I 353 -5.07 -40.16 20.53
N VAL I 354 -3.95 -39.96 21.20
CA VAL I 354 -2.99 -41.05 21.35
C VAL I 354 -2.79 -41.38 22.83
N GLU I 355 -3.01 -42.64 23.18
CA GLU I 355 -2.79 -43.15 24.54
C GLU I 355 -1.33 -43.44 24.84
N LYS I 356 -0.96 -43.17 26.08
CA LYS I 356 0.28 -43.59 26.69
C LYS I 356 0.65 -45.05 26.40
N ASP I 357 1.85 -45.25 25.90
CA ASP I 357 2.30 -46.56 25.44
C ASP I 357 3.82 -46.54 25.42
N ARG I 358 4.43 -47.02 26.51
CA ARG I 358 5.87 -46.90 26.70
C ARG I 358 6.66 -47.71 25.68
N SER I 359 6.16 -48.90 25.32
CA SER I 359 6.87 -49.75 24.38
C SER I 359 6.89 -49.18 22.98
N ARG I 360 5.96 -48.28 22.66
CA ARG I 360 6.07 -47.49 21.45
C ARG I 360 6.73 -46.15 21.71
N GLY I 361 7.35 -45.95 22.87
CA GLY I 361 8.00 -44.70 23.19
C GLY I 361 7.08 -43.52 23.47
N ILE I 362 5.80 -43.75 23.65
CA ILE I 362 4.84 -42.71 23.93
C ILE I 362 4.70 -42.55 25.44
N TYR I 363 5.16 -41.42 25.97
CA TYR I 363 5.23 -41.27 27.43
C TYR I 363 4.02 -40.55 28.01
N PHE I 364 3.21 -39.98 27.16
CA PHE I 364 2.13 -39.14 27.62
C PHE I 364 0.92 -39.43 26.77
N THR I 365 -0.26 -39.35 27.33
CA THR I 365 -1.47 -39.33 26.53
C THR I 365 -1.56 -37.97 25.83
N GLN I 366 -1.64 -37.95 24.53
CA GLN I 366 -1.73 -36.72 23.73
C GLN I 366 -3.13 -36.62 23.13
N ASP I 367 -3.83 -35.55 23.46
CA ASP I 367 -5.12 -35.19 22.88
C ASP I 367 -4.92 -34.02 21.91
N TRP I 368 -5.00 -34.30 20.62
CA TRP I 368 -4.81 -33.21 19.65
C TRP I 368 -6.00 -32.28 19.54
N CYS I 369 -7.16 -32.62 20.10
CA CYS I 369 -8.32 -31.71 20.25
C CYS I 369 -8.78 -31.14 18.90
N SER I 370 -8.89 -32.02 17.91
CA SER I 370 -9.26 -31.88 16.50
C SER I 370 -8.27 -31.09 15.63
N MET I 371 -7.07 -30.77 16.08
CA MET I 371 -6.01 -30.32 15.19
C MET I 371 -5.77 -31.37 14.08
N PRO I 372 -5.81 -30.96 12.81
CA PRO I 372 -5.66 -31.92 11.70
C PRO I 372 -4.33 -32.67 11.77
N GLY I 373 -4.38 -33.92 11.38
CA GLY I 373 -3.21 -34.74 11.31
C GLY I 373 -2.31 -34.40 10.13
N VAL I 374 -1.10 -34.88 10.21
CA VAL I 374 -0.08 -34.72 9.20
C VAL I 374 0.18 -36.09 8.55
N MET I 375 0.25 -36.11 7.23
CA MET I 375 0.62 -37.27 6.44
C MET I 375 2.12 -37.58 6.57
N PRO I 376 2.51 -38.69 7.17
CA PRO I 376 3.90 -39.15 7.08
C PRO I 376 4.34 -39.49 5.66
N VAL I 377 5.55 -39.13 5.34
CA VAL I 377 6.21 -39.50 4.09
C VAL I 377 7.34 -40.50 4.37
N ALA I 378 7.17 -41.71 3.87
CA ALA I 378 8.10 -42.80 4.07
C ALA I 378 9.01 -42.96 2.87
N SER I 379 10.27 -43.11 3.13
CA SER I 379 11.16 -43.63 2.11
C SER I 379 10.77 -45.10 1.82
N GLY I 380 10.26 -45.36 0.63
CA GLY I 380 10.26 -46.71 0.11
C GLY I 380 11.64 -47.12 -0.30
N GLY I 381 11.87 -48.39 -0.43
CA GLY I 381 13.19 -48.84 -0.76
C GLY I 381 13.60 -48.61 -2.21
N ILE I 382 14.73 -49.23 -2.54
CA ILE I 382 15.27 -49.22 -3.89
C ILE I 382 14.27 -49.86 -4.85
N HIS I 383 13.52 -50.82 -4.38
CA HIS I 383 12.72 -51.60 -5.29
C HIS I 383 11.25 -51.66 -4.86
N VAL I 384 10.46 -52.38 -5.66
CA VAL I 384 9.01 -52.45 -5.51
C VAL I 384 8.56 -53.61 -4.63
N TRP I 385 9.49 -54.46 -4.21
CA TRP I 385 9.18 -55.61 -3.37
C TRP I 385 8.97 -55.23 -1.92
N HIS I 386 9.35 -54.04 -1.54
CA HIS I 386 8.99 -53.54 -0.22
C HIS I 386 7.56 -53.04 -0.15
N MET I 387 6.88 -52.89 -1.29
CA MET I 387 5.50 -52.39 -1.29
C MET I 387 4.54 -53.10 -0.35
N PRO I 388 4.51 -54.46 -0.26
CA PRO I 388 3.60 -55.09 0.73
C PRO I 388 3.87 -54.73 2.18
N ALA I 389 5.13 -54.65 2.59
CA ALA I 389 5.46 -54.25 3.94
C ALA I 389 5.03 -52.82 4.23
N LEU I 390 5.29 -51.88 3.31
CA LEU I 390 4.90 -50.47 3.49
C LEU I 390 3.40 -50.30 3.64
N VAL I 391 2.62 -51.02 2.85
CA VAL I 391 1.17 -50.89 2.90
C VAL I 391 0.62 -51.45 4.21
N GLU I 392 1.21 -52.56 4.67
CA GLU I 392 0.81 -53.17 5.91
C GLU I 392 1.20 -52.32 7.12
N ILE I 393 2.35 -51.68 7.09
CA ILE I 393 2.80 -50.94 8.25
C ILE I 393 2.12 -49.57 8.31
N PHE I 394 2.13 -48.84 7.21
CA PHE I 394 1.62 -47.46 7.26
C PHE I 394 0.11 -47.42 7.13
N GLY I 395 -0.50 -48.38 6.47
CA GLY I 395 -1.87 -48.25 6.00
C GLY I 395 -1.99 -47.23 4.85
N ASP I 396 -3.20 -46.78 4.59
CA ASP I 396 -3.39 -45.91 3.43
C ASP I 396 -2.89 -44.48 3.67
N ASP I 397 -2.89 -43.95 4.89
CA ASP I 397 -2.61 -42.51 5.07
C ASP I 397 -1.13 -42.24 5.19
N ALA I 398 -0.46 -42.24 4.04
CA ALA I 398 0.98 -42.03 3.93
C ALA I 398 1.35 -41.76 2.48
N CYS I 399 2.41 -41.01 2.28
CA CYS I 399 3.03 -40.95 0.99
C CYS I 399 4.24 -41.90 1.02
N LEU I 400 4.32 -42.73 0.05
CA LEU I 400 5.50 -43.55 -0.11
C LEU I 400 6.39 -42.91 -1.14
N GLN I 401 7.58 -42.53 -0.74
CA GLN I 401 8.53 -41.93 -1.65
C GLN I 401 9.50 -42.99 -2.16
N PHE I 402 9.70 -42.99 -3.46
CA PHE I 402 10.58 -43.95 -4.10
C PHE I 402 11.79 -43.20 -4.62
N GLY I 403 12.96 -43.60 -4.15
CA GLY I 403 14.18 -42.82 -4.38
C GLY I 403 14.84 -43.19 -5.68
N GLY I 404 14.68 -44.43 -6.09
CA GLY I 404 15.08 -44.93 -7.38
C GLY I 404 14.24 -46.10 -7.88
N GLY I 405 13.09 -46.36 -7.27
CA GLY I 405 12.17 -47.36 -7.82
C GLY I 405 11.76 -47.00 -9.24
N THR I 406 11.24 -45.79 -9.38
CA THR I 406 10.87 -45.21 -10.66
C THR I 406 12.08 -45.07 -11.62
N LEU I 407 13.29 -44.81 -11.09
CA LEU I 407 14.37 -44.39 -11.99
C LEU I 407 15.49 -45.43 -12.09
N GLY I 408 15.57 -46.35 -11.15
CA GLY I 408 16.40 -47.49 -11.40
C GLY I 408 15.75 -48.48 -12.34
N HIS I 409 14.46 -48.29 -12.63
CA HIS I 409 13.73 -49.09 -13.60
C HIS I 409 14.42 -49.01 -14.94
N PRO I 410 14.58 -50.14 -15.63
CA PRO I 410 15.37 -50.12 -16.86
C PRO I 410 14.71 -49.39 -18.00
N TRP I 411 13.39 -49.25 -18.00
CA TRP I 411 12.72 -48.56 -19.11
C TRP I 411 12.56 -47.05 -18.88
N GLY I 412 12.96 -46.50 -17.75
CA GLY I 412 12.98 -45.07 -17.54
C GLY I 412 11.97 -44.61 -16.51
N ASN I 413 11.81 -43.27 -16.39
CA ASN I 413 10.97 -42.72 -15.34
C ASN I 413 9.48 -43.12 -15.44
N ALA I 414 8.85 -42.93 -16.59
CA ALA I 414 7.40 -43.19 -16.66
C ALA I 414 7.03 -44.66 -16.42
N PRO I 415 7.70 -45.68 -17.01
CA PRO I 415 7.36 -47.07 -16.64
C PRO I 415 7.73 -47.41 -15.20
N GLY I 416 8.76 -46.78 -14.67
CA GLY I 416 9.10 -46.95 -13.27
C GLY I 416 8.02 -46.42 -12.36
N ALA I 417 7.49 -45.23 -12.66
CA ALA I 417 6.34 -44.72 -11.96
C ALA I 417 5.18 -45.67 -12.09
N ALA I 418 4.97 -46.19 -13.31
CA ALA I 418 3.83 -47.08 -13.55
C ALA I 418 3.99 -48.39 -12.81
N ALA I 419 5.22 -48.87 -12.68
CA ALA I 419 5.49 -50.09 -11.90
C ALA I 419 5.23 -49.88 -10.41
N ASN I 420 5.63 -48.73 -9.85
CA ASN I 420 5.31 -48.43 -8.46
C ASN I 420 3.81 -48.33 -8.21
N ARG I 421 3.08 -47.71 -9.12
CA ARG I 421 1.64 -47.51 -8.96
C ARG I 421 0.87 -48.83 -9.05
N VAL I 422 1.27 -49.71 -9.97
CA VAL I 422 0.67 -51.04 -10.09
C VAL I 422 0.89 -51.87 -8.83
N ALA I 423 2.12 -51.89 -8.32
CA ALA I 423 2.47 -52.60 -7.11
C ALA I 423 1.72 -52.10 -5.88
N LEU I 424 1.57 -50.76 -5.74
CA LEU I 424 0.82 -50.19 -4.64
C LEU I 424 -0.64 -50.59 -4.74
N GLU I 425 -1.20 -50.51 -5.94
CA GLU I 425 -2.61 -50.76 -6.12
C GLU I 425 -2.94 -52.25 -5.94
N ALA I 426 -2.05 -53.16 -6.39
CA ALA I 426 -2.27 -54.60 -6.21
C ALA I 426 -2.14 -55.00 -4.75
N CYS I 427 -1.18 -54.44 -4.03
CA CYS I 427 -1.08 -54.63 -2.60
C CYS I 427 -2.29 -54.05 -1.85
N THR I 428 -2.82 -52.91 -2.32
CA THR I 428 -4.01 -52.34 -1.72
C THR I 428 -5.23 -53.24 -1.94
N GLN I 429 -5.41 -53.68 -3.18
CA GLN I 429 -6.46 -54.63 -3.52
C GLN I 429 -6.38 -55.90 -2.67
N ALA I 430 -5.19 -56.46 -2.54
CA ALA I 430 -4.99 -57.70 -1.80
C ALA I 430 -5.26 -57.54 -0.31
N ARG I 431 -4.80 -56.42 0.27
CA ARG I 431 -5.13 -56.03 1.64
C ARG I 431 -6.64 -55.92 1.86
N ASN I 432 -7.38 -55.28 0.93
CA ASN I 432 -8.82 -55.13 1.14
C ASN I 432 -9.53 -56.47 1.04
N GLU I 433 -9.05 -57.36 0.19
CA GLU I 433 -9.53 -58.73 0.04
C GLU I 433 -9.19 -59.64 1.21
N GLY I 434 -8.56 -59.15 2.25
CA GLY I 434 -8.29 -59.92 3.44
C GLY I 434 -7.01 -60.72 3.43
N ARG I 435 -6.17 -60.59 2.41
CA ARG I 435 -4.91 -61.33 2.37
C ARG I 435 -3.89 -60.73 3.33
N ASP I 436 -3.02 -61.59 3.83
CA ASP I 436 -1.97 -61.22 4.77
C ASP I 436 -0.75 -60.77 3.96
N LEU I 437 -0.45 -59.47 3.99
CA LEU I 437 0.65 -58.97 3.19
C LEU I 437 2.00 -59.35 3.76
N ALA I 438 2.07 -59.66 5.05
CA ALA I 438 3.32 -60.15 5.64
C ALA I 438 3.71 -61.49 5.03
N ARG I 439 2.72 -62.32 4.76
CA ARG I 439 3.01 -63.65 4.23
C ARG I 439 2.97 -63.65 2.71
N GLU I 440 1.92 -63.09 2.14
CA GLU I 440 1.54 -63.30 0.76
C GLU I 440 1.93 -62.16 -0.16
N GLY I 441 2.77 -61.23 0.30
CA GLY I 441 3.04 -60.05 -0.50
C GLY I 441 3.89 -60.32 -1.72
N GLY I 442 4.85 -61.25 -1.59
CA GLY I 442 5.57 -61.73 -2.75
C GLY I 442 4.67 -62.39 -3.77
N ASP I 443 3.69 -63.15 -3.31
CA ASP I 443 2.71 -63.75 -4.21
C ASP I 443 1.80 -62.71 -4.85
N VAL I 444 1.51 -61.59 -4.16
CA VAL I 444 0.71 -60.53 -4.76
C VAL I 444 1.47 -59.84 -5.88
N ILE I 445 2.74 -59.55 -5.66
CA ILE I 445 3.55 -58.86 -6.66
C ILE I 445 3.77 -59.73 -7.90
N ARG I 446 4.15 -61.02 -7.71
CA ARG I 446 4.37 -61.95 -8.82
C ARG I 446 3.09 -62.13 -9.66
N SER I 447 1.94 -62.14 -9.02
CA SER I 447 0.67 -62.23 -9.72
C SER I 447 0.36 -60.96 -10.51
N ALA I 448 0.81 -59.79 -10.05
CA ALA I 448 0.59 -58.57 -10.82
C ALA I 448 1.61 -58.45 -11.96
N CYS I 449 2.78 -59.07 -11.81
CA CYS I 449 3.78 -59.14 -12.87
C CYS I 449 3.29 -59.85 -14.12
N LYS I 450 2.34 -60.78 -13.98
CA LYS I 450 1.85 -61.55 -15.13
C LYS I 450 1.14 -60.66 -16.14
N TRP I 451 0.35 -59.71 -15.68
CA TRP I 451 -0.31 -58.81 -16.61
C TRP I 451 0.36 -57.44 -16.75
N SER I 452 1.29 -57.04 -15.91
CA SER I 452 1.89 -55.71 -16.06
C SER I 452 3.31 -55.87 -16.57
N PRO I 453 3.59 -55.52 -17.82
CA PRO I 453 4.98 -55.61 -18.29
C PRO I 453 5.94 -54.67 -17.58
N GLU I 454 5.47 -53.49 -17.13
CA GLU I 454 6.34 -52.57 -16.42
C GLU I 454 6.74 -53.14 -15.07
N LEU I 455 5.78 -53.64 -14.31
CA LEU I 455 6.11 -54.29 -13.05
C LEU I 455 6.97 -55.54 -13.24
N ALA I 456 6.71 -56.31 -14.29
CA ALA I 456 7.53 -57.49 -14.59
C ALA I 456 8.97 -57.12 -14.89
N ALA I 457 9.20 -55.99 -15.59
CA ALA I 457 10.57 -55.55 -15.84
C ALA I 457 11.25 -54.98 -14.59
N ALA I 458 10.48 -54.41 -13.66
CA ALA I 458 11.08 -53.93 -12.42
C ALA I 458 11.50 -55.10 -11.53
N CYS I 459 10.75 -56.20 -11.57
CA CYS I 459 11.07 -57.35 -10.74
C CYS I 459 12.14 -58.23 -11.34
N GLU I 460 12.46 -58.04 -12.63
CA GLU I 460 13.64 -58.67 -13.24
C GLU I 460 14.92 -58.20 -12.59
N VAL I 461 15.02 -56.90 -12.31
CA VAL I 461 16.00 -56.32 -11.40
C VAL I 461 15.97 -56.99 -10.04
N MET J 46 -18.53 30.85 47.41
CA MET J 46 -18.23 30.06 46.22
C MET J 46 -16.78 30.33 45.93
N MET J 47 -15.98 29.28 45.95
CA MET J 47 -14.53 29.36 45.87
C MET J 47 -14.06 28.76 44.53
N VAL J 48 -12.84 29.07 44.10
CA VAL J 48 -12.29 28.61 42.82
C VAL J 48 -11.10 27.70 43.08
N TRP J 49 -11.19 26.46 42.60
CA TRP J 49 -10.07 25.53 42.67
C TRP J 49 -8.90 26.09 41.86
N THR J 50 -7.78 26.33 42.49
CA THR J 50 -6.74 27.08 41.80
C THR J 50 -5.98 26.21 40.79
N PRO J 51 -5.72 26.73 39.60
CA PRO J 51 -4.84 26.06 38.62
C PRO J 51 -3.36 26.34 38.83
N VAL J 52 -2.97 27.24 39.74
CA VAL J 52 -1.59 27.67 39.85
C VAL J 52 -0.92 26.88 40.95
N ASN J 53 0.26 26.32 40.67
CA ASN J 53 1.12 25.67 41.65
C ASN J 53 0.38 24.64 42.51
N ASN J 54 -0.48 23.87 41.90
CA ASN J 54 -1.42 23.04 42.63
C ASN J 54 -1.31 21.59 42.16
N LYS J 55 -0.08 21.12 41.99
CA LYS J 55 0.20 19.75 41.56
C LYS J 55 -0.22 18.68 42.58
N MET J 56 -0.71 17.55 42.07
CA MET J 56 -1.15 16.42 42.90
C MET J 56 -0.26 15.18 42.65
N PHE J 57 -0.19 14.29 43.63
CA PHE J 57 0.71 13.17 43.48
C PHE J 57 0.06 11.81 43.66
N GLU J 58 -1.13 11.70 43.08
CA GLU J 58 -2.02 10.54 43.10
C GLU J 58 -2.68 10.23 44.45
N THR J 59 -2.74 8.97 44.84
CA THR J 59 -3.48 8.61 46.03
C THR J 59 -3.06 9.33 47.32
N PHE J 60 -4.08 9.89 47.98
CA PHE J 60 -4.05 10.66 49.24
C PHE J 60 -3.58 12.13 49.11
N SER J 61 -3.21 12.56 47.91
CA SER J 61 -2.73 13.94 47.76
C SER J 61 -3.85 14.98 47.91
N TYR J 62 -5.09 14.58 47.89
CA TYR J 62 -6.17 15.53 48.14
C TYR J 62 -6.51 15.61 49.63
N LEU J 63 -5.86 14.83 50.48
CA LEU J 63 -6.01 14.89 51.94
C LEU J 63 -4.92 15.78 52.50
N PRO J 64 -5.04 16.25 53.76
CA PRO J 64 -3.87 16.86 54.43
C PRO J 64 -2.73 15.87 54.48
N PRO J 65 -1.47 16.35 54.55
CA PRO J 65 -0.31 15.44 54.62
C PRO J 65 -0.42 14.49 55.80
N LEU J 66 -0.16 13.23 55.54
CA LEU J 66 -0.39 12.24 56.55
C LEU J 66 0.62 12.43 57.67
N SER J 67 0.13 12.51 58.89
CA SER J 67 1.00 12.53 60.05
C SER J 67 1.68 11.18 60.23
N ASP J 68 2.61 11.16 61.20
CA ASP J 68 3.34 9.92 61.49
C ASP J 68 2.41 8.82 61.95
N GLU J 69 1.38 9.17 62.73
CA GLU J 69 0.37 8.17 63.12
C GLU J 69 -0.46 7.72 61.93
N GLN J 70 -0.74 8.64 61.00
CA GLN J 70 -1.46 8.25 59.80
C GLN J 70 -0.60 7.39 58.89
N ILE J 71 0.71 7.64 58.82
CA ILE J 71 1.57 6.78 58.02
C ILE J 71 1.69 5.41 58.67
N ALA J 72 1.80 5.37 60.00
CA ALA J 72 1.92 4.12 60.74
C ALA J 72 0.69 3.24 60.58
N ALA J 73 -0.48 3.85 60.54
CA ALA J 73 -1.71 3.09 60.34
C ALA J 73 -1.82 2.54 58.92
N GLN J 74 -1.38 3.30 57.91
CA GLN J 74 -1.29 2.75 56.55
C GLN J 74 -0.29 1.61 56.47
N VAL J 75 0.84 1.71 57.17
CA VAL J 75 1.83 0.63 57.18
C VAL J 75 1.27 -0.64 57.85
N ASP J 76 0.48 -0.46 58.90
CA ASP J 76 -0.27 -1.57 59.47
C ASP J 76 -1.20 -2.24 58.48
N TYR J 77 -1.84 -1.47 57.61
CA TYR J 77 -2.66 -2.05 56.56
C TYR J 77 -1.79 -2.85 55.58
N ILE J 78 -0.61 -2.32 55.22
CA ILE J 78 0.34 -3.02 54.35
C ILE J 78 0.79 -4.34 54.96
N VAL J 79 1.16 -4.32 56.24
CA VAL J 79 1.74 -5.49 56.89
C VAL J 79 0.71 -6.60 57.07
N ALA J 80 -0.49 -6.26 57.54
CA ALA J 80 -1.57 -7.22 57.75
C ALA J 80 -1.94 -7.96 56.48
N ASN J 81 -1.88 -7.28 55.35
CA ASN J 81 -2.16 -7.90 54.08
C ASN J 81 -1.01 -8.73 53.54
N GLY J 82 0.11 -8.82 54.23
CA GLY J 82 1.27 -9.50 53.68
C GLY J 82 1.99 -8.74 52.59
N TRP J 83 1.78 -7.44 52.48
CA TRP J 83 2.36 -6.68 51.41
C TRP J 83 3.76 -6.21 51.76
N ILE J 84 4.53 -5.85 50.75
CA ILE J 84 5.90 -5.45 50.92
C ILE J 84 5.99 -3.93 50.74
N PRO J 85 6.23 -3.17 51.79
CA PRO J 85 6.47 -1.73 51.65
C PRO J 85 7.80 -1.44 50.98
N CYS J 86 7.86 -0.32 50.27
CA CYS J 86 9.08 0.19 49.66
C CYS J 86 8.96 1.70 49.59
N LEU J 87 10.05 2.42 49.70
CA LEU J 87 10.01 3.86 49.52
C LEU J 87 10.62 4.25 48.18
N GLU J 88 10.10 5.30 47.61
CA GLU J 88 10.61 5.88 46.37
C GLU J 88 10.65 7.40 46.48
N PHE J 89 11.58 7.99 45.76
CA PHE J 89 11.80 9.42 45.84
C PHE J 89 12.15 9.99 44.47
N ALA J 90 11.91 11.27 44.30
CA ALA J 90 12.12 12.08 43.12
C ALA J 90 12.40 13.54 43.50
N GLU J 91 13.31 14.14 42.76
CA GLU J 91 13.53 15.57 42.87
C GLU J 91 12.29 16.21 42.20
N SER J 92 12.04 17.49 42.46
CA SER J 92 10.83 18.12 41.94
C SER J 92 10.66 18.09 40.42
N ASP J 93 11.74 18.24 39.67
CA ASP J 93 11.69 18.21 38.21
C ASP J 93 11.42 16.81 37.62
N LYS J 94 11.44 15.79 38.46
CA LYS J 94 11.17 14.45 38.05
C LYS J 94 9.95 13.91 38.73
N ALA J 95 9.37 14.70 39.61
CA ALA J 95 8.22 14.25 40.39
C ALA J 95 6.91 13.99 39.64
N TYR J 96 6.55 14.83 38.68
CA TYR J 96 5.27 14.66 37.99
C TYR J 96 5.38 14.28 36.51
N VAL J 97 4.32 13.73 35.94
CA VAL J 97 4.36 13.25 34.57
C VAL J 97 4.75 14.30 33.54
N SER J 98 5.57 13.88 32.59
CA SER J 98 6.07 14.74 31.53
C SER J 98 6.17 13.93 30.23
N ASN J 99 6.29 14.64 29.11
CA ASN J 99 6.37 14.05 27.77
C ASN J 99 7.68 14.25 27.02
N GLU J 100 8.79 14.55 27.68
CA GLU J 100 9.94 15.02 26.90
C GLU J 100 10.61 13.95 26.03
N SER J 101 10.62 12.66 26.47
CA SER J 101 11.17 11.58 25.64
C SER J 101 10.44 11.35 24.32
N ALA J 102 9.20 11.82 24.20
CA ALA J 102 8.38 11.61 23.01
C ALA J 102 8.92 12.30 21.77
N ILE J 103 9.87 13.22 21.93
CA ILE J 103 10.56 13.82 20.80
C ILE J 103 11.23 12.75 19.93
N ARG J 104 11.69 11.65 20.53
CA ARG J 104 12.38 10.58 19.80
C ARG J 104 11.42 9.65 19.07
N PHE J 105 10.15 9.73 19.34
CA PHE J 105 9.19 8.72 18.91
C PHE J 105 8.57 9.01 17.55
N GLY J 106 8.20 7.95 16.84
CA GLY J 106 7.15 7.98 15.86
C GLY J 106 5.74 8.10 16.50
N SER J 107 4.72 7.43 16.02
CA SER J 107 3.38 7.66 16.57
C SER J 107 2.99 6.71 17.71
N VAL J 108 3.84 6.50 18.69
CA VAL J 108 3.58 5.51 19.71
C VAL J 108 3.60 6.18 21.09
N SER J 109 3.20 7.43 21.19
CA SER J 109 3.22 8.05 22.55
C SER J 109 2.05 7.60 23.47
N CYS J 110 1.06 6.91 22.94
CA CYS J 110 -0.14 6.51 23.66
C CYS J 110 0.16 5.77 24.99
N LEU J 111 -0.22 6.40 26.09
CA LEU J 111 0.03 5.93 27.47
C LEU J 111 1.53 5.83 27.82
N TYR J 112 2.41 6.39 27.03
CA TYR J 112 3.77 6.63 27.46
C TYR J 112 3.83 7.95 28.22
N TYR J 113 4.46 7.94 29.36
CA TYR J 113 4.82 9.22 29.98
C TYR J 113 6.10 9.03 30.78
N ASP J 114 6.95 10.03 30.78
CA ASP J 114 8.14 10.00 31.60
C ASP J 114 7.78 10.40 33.05
N ASN J 115 8.62 10.02 33.99
CA ASN J 115 8.60 10.29 35.44
C ASN J 115 7.52 9.50 36.22
N ARG J 116 6.87 8.50 35.63
CA ARG J 116 6.11 7.55 36.43
C ARG J 116 7.03 6.76 37.35
N TYR J 117 8.11 6.24 36.82
CA TYR J 117 9.15 5.66 37.65
C TYR J 117 9.79 6.75 38.52
N TRP J 118 9.86 6.51 39.79
CA TRP J 118 10.75 7.27 40.68
C TRP J 118 11.99 6.43 41.04
N THR J 119 12.84 6.92 41.92
CA THR J 119 14.05 6.20 42.30
C THR J 119 13.83 5.47 43.64
N MET J 120 14.15 4.18 43.68
CA MET J 120 13.99 3.38 44.87
C MET J 120 14.94 3.77 46.02
N TRP J 121 14.42 3.80 47.24
CA TRP J 121 15.26 4.10 48.39
C TRP J 121 15.58 2.73 48.96
N LYS J 122 16.85 2.36 48.91
CA LYS J 122 17.33 1.06 49.40
C LYS J 122 16.56 -0.07 48.72
N LEU J 123 16.04 -0.99 49.49
CA LEU J 123 15.32 -2.12 48.92
C LEU J 123 13.93 -2.34 49.50
N PRO J 124 13.07 -3.03 48.75
CA PRO J 124 11.77 -3.43 49.30
C PRO J 124 12.01 -4.17 50.60
N MET J 125 11.24 -3.81 51.59
CA MET J 125 11.46 -4.25 52.96
C MET J 125 10.81 -5.60 53.14
N PHE J 126 11.48 -6.63 52.63
CA PHE J 126 10.97 -7.99 52.71
C PHE J 126 10.94 -8.40 54.18
N GLY J 127 9.82 -8.95 54.60
CA GLY J 127 9.60 -9.38 55.96
C GLY J 127 9.30 -8.28 56.94
N CYS J 128 8.96 -7.09 56.46
CA CYS J 128 8.56 -6.01 57.34
C CYS J 128 7.28 -6.37 58.07
N ARG J 129 7.36 -6.33 59.39
CA ARG J 129 6.25 -6.60 60.27
C ARG J 129 5.96 -5.42 61.17
N ASP J 130 6.96 -4.62 61.49
CA ASP J 130 6.79 -3.52 62.40
C ASP J 130 6.80 -2.19 61.67
N PRO J 131 5.86 -1.29 61.95
CA PRO J 131 5.80 -0.04 61.20
C PRO J 131 6.87 0.97 61.52
N MET J 132 7.68 0.74 62.56
CA MET J 132 8.63 1.75 62.98
C MET J 132 9.86 1.73 62.07
N GLN J 133 10.10 0.62 61.39
CA GLN J 133 11.16 0.56 60.39
C GLN J 133 10.87 1.45 59.18
N VAL J 134 9.63 1.47 58.71
CA VAL J 134 9.26 2.33 57.59
C VAL J 134 9.37 3.79 58.01
N LEU J 135 8.92 4.10 59.23
CA LEU J 135 9.00 5.47 59.72
C LEU J 135 10.43 5.95 59.89
N ARG J 136 11.31 5.02 60.27
CA ARG J 136 12.74 5.32 60.36
C ARG J 136 13.31 5.55 58.95
N GLU J 137 12.95 4.70 58.01
CA GLU J 137 13.43 4.84 56.65
C GLU J 137 12.90 6.09 55.97
N ILE J 138 11.69 6.53 56.31
CA ILE J 138 11.15 7.78 55.79
C ILE J 138 11.99 8.94 56.25
N VAL J 139 12.33 8.98 57.55
CA VAL J 139 13.20 10.01 58.09
C VAL J 139 14.58 9.98 57.43
N ALA J 140 15.15 8.80 57.26
CA ALA J 140 16.47 8.68 56.63
C ALA J 140 16.48 9.17 55.18
N CYS J 141 15.45 8.83 54.40
CA CYS J 141 15.38 9.29 53.01
C CYS J 141 15.25 10.81 52.93
N THR J 142 14.40 11.39 53.76
CA THR J 142 14.19 12.83 53.73
C THR J 142 15.40 13.58 54.25
N LYS J 143 16.15 12.97 55.16
CA LYS J 143 17.39 13.55 55.63
C LYS J 143 18.46 13.54 54.53
N ALA J 144 18.58 12.44 53.80
CA ALA J 144 19.52 12.40 52.68
C ALA J 144 19.04 13.25 51.51
N PHE J 145 17.75 13.40 51.33
CA PHE J 145 17.22 14.09 50.16
C PHE J 145 16.19 15.11 50.59
N PRO J 146 16.62 16.29 51.07
CA PRO J 146 15.64 17.25 51.61
C PRO J 146 14.82 17.94 50.55
N ASP J 147 15.30 18.03 49.33
CA ASP J 147 14.54 18.63 48.25
C ASP J 147 13.68 17.63 47.46
N ALA J 148 13.48 16.43 47.97
CA ALA J 148 12.80 15.34 47.26
C ALA J 148 11.40 15.06 47.78
N TYR J 149 10.47 14.84 46.88
CA TYR J 149 9.23 14.15 47.24
C TYR J 149 9.54 12.69 47.60
N VAL J 150 8.83 12.10 48.54
CA VAL J 150 9.04 10.71 48.95
C VAL J 150 7.69 9.99 48.94
N ARG J 151 7.61 8.87 48.27
CA ARG J 151 6.38 8.13 48.25
C ARG J 151 6.59 6.73 48.82
N LEU J 152 5.56 6.24 49.47
CA LEU J 152 5.54 4.91 50.03
C LEU J 152 4.73 4.01 49.13
N VAL J 153 5.36 2.96 48.65
CA VAL J 153 4.63 2.07 47.76
C VAL J 153 4.53 0.72 48.47
N ALA J 154 3.72 -0.14 47.91
CA ALA J 154 3.56 -1.48 48.45
C ALA J 154 3.32 -2.45 47.32
N PHE J 155 3.91 -3.62 47.44
CA PHE J 155 3.87 -4.66 46.43
C PHE J 155 3.17 -5.87 47.02
N ASP J 156 2.31 -6.49 46.25
CA ASP J 156 1.63 -7.71 46.64
C ASP J 156 2.25 -8.86 45.87
N ASN J 157 2.99 -9.70 46.57
CA ASN J 157 3.75 -10.75 45.91
C ASN J 157 2.85 -11.87 45.43
N GLN J 158 1.62 -11.95 45.96
CA GLN J 158 0.65 -12.88 45.41
C GLN J 158 0.24 -12.48 44.00
N LYS J 159 -0.30 -11.30 43.83
CA LYS J 159 -0.73 -10.84 42.53
C LYS J 159 0.45 -10.29 41.70
N GLN J 160 1.67 -10.28 42.29
CA GLN J 160 2.93 -9.83 41.64
C GLN J 160 2.80 -8.47 40.95
N VAL J 161 2.47 -7.43 41.71
CA VAL J 161 2.14 -6.13 41.17
C VAL J 161 2.19 -5.09 42.31
N GLN J 162 2.65 -3.90 41.97
CA GLN J 162 2.44 -2.75 42.85
C GLN J 162 0.98 -2.56 43.19
N ILE J 163 0.68 -2.40 44.46
CA ILE J 163 -0.70 -2.35 44.93
C ILE J 163 -1.01 -1.09 45.73
N MET J 164 0.00 -0.37 46.23
CA MET J 164 -0.23 0.95 46.80
C MET J 164 0.83 1.93 46.34
N GLY J 165 0.52 3.19 46.51
CA GLY J 165 1.46 4.26 46.33
C GLY J 165 0.81 5.57 46.72
N PHE J 166 1.34 6.19 47.75
CA PHE J 166 0.86 7.45 48.27
C PHE J 166 2.05 8.19 48.81
N LEU J 167 1.93 9.48 48.85
CA LEU J 167 3.01 10.36 49.18
C LEU J 167 3.15 10.52 50.69
N VAL J 168 4.37 10.51 51.18
CA VAL J 168 4.61 10.75 52.59
C VAL J 168 5.38 12.02 52.85
N GLN J 169 5.99 12.62 51.85
CA GLN J 169 6.74 13.82 52.11
C GLN J 169 6.81 14.69 50.88
N ARG J 170 6.51 15.95 51.08
CA ARG J 170 6.73 16.98 50.11
C ARG J 170 7.92 17.81 50.54
N PRO J 171 8.76 18.25 49.63
CA PRO J 171 9.84 19.16 50.04
C PRO J 171 9.29 20.56 50.22
N LYS J 172 9.74 21.19 51.31
CA LYS J 172 9.43 22.60 51.60
C LYS J 172 9.82 23.51 50.45
N SER J 173 10.96 23.25 49.81
CA SER J 173 11.43 24.10 48.74
C SER J 173 10.63 23.93 47.44
N ALA J 174 9.75 22.94 47.36
CA ALA J 174 8.89 22.82 46.20
C ALA J 174 7.81 23.87 46.22
N ARG J 175 7.79 24.69 45.20
CA ARG J 175 6.66 25.61 45.04
C ARG J 175 5.54 25.04 44.18
N ASP J 176 5.70 23.84 43.63
CA ASP J 176 4.76 23.22 42.70
C ASP J 176 3.40 22.86 43.32
N TRP J 177 3.26 22.85 44.63
CA TRP J 177 2.09 22.29 45.28
C TRP J 177 1.48 23.22 46.33
N GLN J 178 0.27 23.00 46.66
CA GLN J 178 -0.38 23.95 47.56
C GLN J 178 -0.63 23.36 48.92
N PRO J 179 -0.40 24.15 49.99
CA PRO J 179 -0.52 23.67 51.37
C PRO J 179 -1.94 23.64 51.91
N ALA J 180 -2.84 23.02 51.15
CA ALA J 180 -4.22 22.70 51.53
C ALA J 180 -5.05 23.92 51.91
N ASN J 181 -4.62 25.11 51.43
CA ASN J 181 -5.38 26.34 51.23
C ASN J 181 -5.37 26.68 49.74
N LYS J 182 -5.81 25.67 48.95
CA LYS J 182 -5.86 25.53 47.50
C LYS J 182 -7.25 25.79 46.89
N ARG J 183 -8.24 26.08 47.71
CA ARG J 183 -9.48 26.80 47.40
C ARG J 183 -10.28 26.27 46.24
N LYS K 18 26.96 -42.90 -5.14
CA LYS K 18 26.76 -42.95 -3.70
C LYS K 18 27.82 -43.79 -2.94
N ASP K 19 28.85 -43.12 -2.40
CA ASP K 19 29.91 -43.73 -1.61
C ASP K 19 30.62 -44.83 -2.40
N TYR K 20 31.36 -44.43 -3.44
CA TYR K 20 32.08 -45.40 -4.25
C TYR K 20 33.50 -45.55 -3.75
N ARG K 21 33.96 -44.56 -2.98
CA ARG K 21 35.26 -44.32 -2.36
C ARG K 21 36.30 -43.86 -3.37
N LEU K 22 36.11 -44.09 -4.66
CA LEU K 22 37.12 -43.59 -5.59
C LEU K 22 36.58 -42.38 -6.32
N THR K 23 35.26 -42.28 -6.34
CA THR K 23 34.67 -41.09 -6.87
C THR K 23 34.78 -39.93 -5.87
N TYR K 24 34.55 -40.21 -4.58
CA TYR K 24 34.29 -39.13 -3.63
C TYR K 24 35.45 -38.86 -2.73
N TYR K 25 36.27 -39.85 -2.52
CA TYR K 25 37.49 -39.68 -1.78
C TYR K 25 38.60 -39.47 -2.80
N THR K 26 39.02 -38.22 -2.94
CA THR K 26 39.96 -37.80 -3.97
C THR K 26 41.13 -37.11 -3.28
N PRO K 27 42.06 -37.86 -2.71
CA PRO K 27 43.07 -37.25 -1.85
C PRO K 27 44.11 -36.43 -2.57
N ASP K 28 44.11 -36.37 -3.89
CA ASP K 28 44.98 -35.48 -4.61
C ASP K 28 44.26 -34.24 -5.17
N TYR K 29 42.99 -34.02 -4.81
CA TYR K 29 42.25 -32.82 -5.18
C TYR K 29 42.94 -31.57 -4.64
N VAL K 30 43.10 -30.56 -5.47
CA VAL K 30 43.54 -29.25 -5.01
C VAL K 30 42.33 -28.39 -4.66
N VAL K 31 42.34 -27.89 -3.43
CA VAL K 31 41.28 -27.04 -2.90
C VAL K 31 41.27 -25.71 -3.64
N ARG K 32 40.14 -25.38 -4.23
CA ARG K 32 39.91 -24.10 -4.87
C ARG K 32 39.67 -23.00 -3.83
N ASP K 33 39.88 -21.75 -4.23
CA ASP K 33 39.68 -20.62 -3.33
C ASP K 33 38.21 -20.36 -3.04
N THR K 34 37.34 -20.69 -3.97
CA THR K 34 35.94 -20.45 -3.80
C THR K 34 35.20 -21.60 -3.12
N ASP K 35 35.86 -22.74 -2.89
CA ASP K 35 35.23 -23.86 -2.21
C ASP K 35 34.90 -23.55 -0.76
N ILE K 36 33.84 -24.13 -0.31
CA ILE K 36 33.48 -24.21 1.08
C ILE K 36 34.07 -25.50 1.66
N LEU K 37 34.83 -25.38 2.71
CA LEU K 37 35.45 -26.57 3.27
C LEU K 37 34.76 -26.95 4.57
N ALA K 38 34.72 -28.20 4.86
CA ALA K 38 34.15 -28.69 6.11
C ALA K 38 35.12 -29.68 6.73
N ALA K 39 35.25 -29.63 8.05
CA ALA K 39 35.97 -30.65 8.79
C ALA K 39 35.00 -31.41 9.69
N PHE K 40 34.77 -32.64 9.37
CA PHE K 40 33.96 -33.56 10.15
C PHE K 40 34.77 -34.50 11.03
N ARG K 41 34.56 -34.42 12.33
CA ARG K 41 34.98 -35.47 13.24
C ARG K 41 34.02 -36.64 13.13
N MET K 42 34.55 -37.77 12.78
CA MET K 42 33.83 -38.89 12.21
C MET K 42 34.11 -40.15 13.02
N THR K 43 33.06 -40.86 13.41
CA THR K 43 33.18 -42.12 14.15
C THR K 43 32.56 -43.27 13.37
N PRO K 44 33.35 -43.97 12.55
CA PRO K 44 32.80 -45.04 11.71
C PRO K 44 32.30 -46.23 12.52
N GLN K 45 31.30 -46.90 11.97
CA GLN K 45 30.90 -48.18 12.51
C GLN K 45 32.07 -49.17 12.41
N PRO K 46 32.21 -50.04 13.41
CA PRO K 46 33.37 -50.96 13.45
C PRO K 46 33.43 -51.87 12.25
N GLY K 47 34.60 -51.91 11.63
CA GLY K 47 34.79 -52.59 10.38
C GLY K 47 34.60 -51.76 9.12
N VAL K 48 34.15 -50.52 9.23
CA VAL K 48 33.94 -49.66 8.07
C VAL K 48 35.18 -48.78 7.93
N PRO K 49 35.88 -48.80 6.82
CA PRO K 49 37.15 -48.11 6.74
C PRO K 49 36.95 -46.61 6.67
N PRO K 50 37.94 -45.81 7.09
CA PRO K 50 37.77 -44.35 7.14
C PRO K 50 37.53 -43.70 5.79
N GLU K 51 38.11 -44.27 4.73
CA GLU K 51 37.98 -43.70 3.40
C GLU K 51 36.58 -43.90 2.86
N GLU K 52 35.94 -44.99 3.24
CA GLU K 52 34.55 -45.21 2.87
C GLU K 52 33.63 -44.25 3.59
N CYS K 53 33.93 -43.91 4.85
CA CYS K 53 33.06 -43.00 5.59
C CYS K 53 33.21 -41.57 5.12
N GLY K 54 34.46 -41.13 4.92
CA GLY K 54 34.70 -39.80 4.41
C GLY K 54 34.06 -39.56 3.06
N ALA K 55 34.12 -40.58 2.19
CA ALA K 55 33.47 -40.53 0.89
C ALA K 55 31.96 -40.46 0.99
N ALA K 56 31.37 -41.24 1.89
CA ALA K 56 29.93 -41.21 2.14
C ALA K 56 29.45 -39.85 2.62
N VAL K 57 30.20 -39.20 3.52
CA VAL K 57 29.86 -37.85 3.98
C VAL K 57 29.99 -36.85 2.84
N ALA K 58 31.03 -37.02 2.00
CA ALA K 58 31.17 -36.20 0.79
C ALA K 58 29.98 -36.38 -0.13
N ALA K 59 29.52 -37.62 -0.28
CA ALA K 59 28.51 -37.93 -1.29
C ALA K 59 27.08 -37.52 -0.89
N GLU K 60 26.72 -37.54 0.40
CA GLU K 60 25.32 -37.43 0.92
C GLU K 60 24.40 -38.32 0.10
N SER K 61 24.68 -39.60 0.13
CA SER K 61 23.99 -40.62 -0.64
C SER K 61 22.48 -40.55 -0.39
N SER K 62 21.69 -40.92 -1.40
CA SER K 62 20.25 -40.75 -1.21
C SER K 62 19.67 -41.94 -0.44
N THR K 63 20.52 -42.90 -0.05
CA THR K 63 20.18 -43.95 0.90
C THR K 63 21.07 -43.85 2.15
N GLY K 64 20.42 -43.58 3.28
CA GLY K 64 21.13 -43.35 4.53
C GLY K 64 21.10 -44.58 5.41
N THR K 65 20.16 -45.50 5.12
CA THR K 65 20.04 -46.80 5.77
C THR K 65 20.98 -47.87 5.17
N TRP K 66 21.11 -47.87 3.85
CA TRP K 66 21.91 -48.89 3.15
C TRP K 66 23.42 -48.91 3.33
N THR K 67 24.02 -47.72 3.28
CA THR K 67 25.48 -47.51 3.34
C THR K 67 26.23 -48.17 2.16
N THR K 68 25.58 -48.25 1.01
CA THR K 68 26.15 -48.82 -0.20
C THR K 68 25.61 -48.14 -1.46
N VAL K 69 26.40 -48.15 -2.52
CA VAL K 69 25.93 -47.56 -3.77
C VAL K 69 24.75 -48.38 -4.28
N TRP K 70 23.74 -47.68 -4.79
CA TRP K 70 22.57 -48.35 -5.33
C TRP K 70 22.22 -47.77 -6.70
N THR K 71 21.86 -46.47 -6.72
CA THR K 71 21.60 -45.70 -7.94
C THR K 71 22.78 -44.75 -8.13
N ASP K 72 23.65 -45.05 -9.09
CA ASP K 72 24.88 -44.30 -9.28
C ASP K 72 24.92 -43.72 -10.68
N GLY K 73 25.18 -42.41 -10.75
CA GLY K 73 25.31 -41.58 -11.95
C GLY K 73 24.31 -40.45 -12.08
N LEU K 74 24.68 -39.25 -11.63
CA LEU K 74 23.76 -38.11 -11.57
C LEU K 74 24.43 -36.87 -12.13
N THR K 75 23.61 -35.87 -12.44
CA THR K 75 24.17 -34.53 -12.61
C THR K 75 24.09 -33.72 -11.34
N SER K 76 23.49 -34.27 -10.28
CA SER K 76 23.74 -33.71 -8.97
C SER K 76 24.97 -34.29 -8.32
N LEU K 77 25.51 -35.42 -8.83
CA LEU K 77 26.73 -36.07 -8.32
C LEU K 77 27.89 -36.13 -9.32
N ASP K 78 28.00 -35.20 -10.28
CA ASP K 78 29.19 -35.22 -11.15
C ASP K 78 30.03 -33.96 -10.96
N ARG K 79 29.40 -32.77 -10.84
CA ARG K 79 30.09 -31.48 -10.76
C ARG K 79 29.62 -30.71 -9.53
N TYR K 80 28.56 -31.17 -8.90
CA TYR K 80 28.01 -30.50 -7.74
C TYR K 80 28.23 -31.37 -6.52
N LYS K 81 29.32 -32.11 -6.56
CA LYS K 81 29.67 -33.02 -5.49
C LYS K 81 30.77 -32.53 -4.55
N GLY K 82 30.52 -32.68 -3.25
CA GLY K 82 31.53 -32.40 -2.26
C GLY K 82 32.53 -33.54 -2.37
N ARG K 83 33.82 -33.28 -2.21
CA ARG K 83 34.83 -34.33 -2.32
C ARG K 83 35.62 -34.46 -1.01
N CYS K 84 35.80 -35.68 -0.54
CA CYS K 84 36.60 -35.84 0.67
C CYS K 84 38.07 -35.85 0.25
N TYR K 85 38.78 -34.78 0.55
CA TYR K 85 40.13 -34.64 0.00
C TYR K 85 41.23 -35.00 1.00
N ASP K 86 40.91 -35.37 2.23
CA ASP K 86 41.88 -35.63 3.28
C ASP K 86 41.17 -36.28 4.46
N ILE K 87 41.75 -37.36 4.98
CA ILE K 87 41.32 -37.99 6.21
C ILE K 87 42.51 -38.10 7.14
N GLU K 88 42.40 -37.56 8.35
CA GLU K 88 43.45 -37.64 9.35
C GLU K 88 42.96 -38.36 10.61
N PRO K 89 43.82 -39.13 11.27
CA PRO K 89 43.49 -39.67 12.59
C PRO K 89 43.47 -38.62 13.66
N VAL K 90 42.66 -38.84 14.68
CA VAL K 90 42.56 -37.97 15.85
C VAL K 90 43.51 -38.53 16.90
N PRO K 91 44.46 -37.74 17.40
CA PRO K 91 45.48 -38.29 18.31
C PRO K 91 44.92 -38.61 19.68
N GLY K 92 45.18 -39.83 20.13
CA GLY K 92 44.66 -40.29 21.39
C GLY K 92 43.36 -41.04 21.28
N GLU K 93 42.67 -40.91 20.15
CA GLU K 93 41.43 -41.62 19.89
C GLU K 93 41.78 -42.79 18.99
N ASP K 94 40.94 -43.81 18.98
CA ASP K 94 41.26 -45.02 18.23
C ASP K 94 40.33 -45.19 17.05
N ASN K 95 39.11 -44.69 17.15
CA ASN K 95 38.14 -44.87 16.08
C ASN K 95 37.59 -43.53 15.58
N GLN K 96 38.31 -42.43 15.73
CA GLN K 96 37.86 -41.13 15.26
C GLN K 96 38.81 -40.53 14.25
N TYR K 97 38.24 -39.92 13.21
CA TYR K 97 39.00 -39.30 12.13
C TYR K 97 38.44 -37.92 11.85
N ILE K 98 39.29 -37.03 11.37
CA ILE K 98 38.84 -35.78 10.77
C ILE K 98 38.78 -35.98 9.26
N ALA K 99 37.59 -35.90 8.68
CA ALA K 99 37.43 -35.88 7.24
C ALA K 99 37.19 -34.45 6.74
N TYR K 100 37.99 -34.02 5.78
CA TYR K 100 37.92 -32.71 5.13
C TYR K 100 37.15 -32.80 3.82
N VAL K 101 36.09 -32.03 3.69
CA VAL K 101 35.24 -32.09 2.51
C VAL K 101 35.22 -30.74 1.86
N ALA K 102 35.48 -30.73 0.58
CA ALA K 102 35.33 -29.53 -0.23
C ALA K 102 33.98 -29.52 -0.94
N TYR K 103 33.29 -28.41 -0.91
CA TYR K 103 32.04 -28.23 -1.63
C TYR K 103 32.20 -27.08 -2.64
N PRO K 104 31.83 -27.25 -3.89
CA PRO K 104 31.90 -26.13 -4.84
C PRO K 104 30.84 -25.06 -4.50
N ILE K 105 31.24 -23.80 -4.68
CA ILE K 105 30.44 -22.65 -4.30
C ILE K 105 29.12 -22.60 -5.07
N ASP K 106 29.08 -23.19 -6.26
CA ASP K 106 27.84 -23.33 -7.02
C ASP K 106 26.75 -24.12 -6.33
N LEU K 107 27.07 -24.93 -5.33
CA LEU K 107 26.06 -25.63 -4.58
C LEU K 107 25.18 -24.71 -3.74
N PHE K 108 25.59 -23.50 -3.43
CA PHE K 108 25.00 -22.77 -2.33
C PHE K 108 24.18 -21.56 -2.82
N GLU K 109 23.03 -21.34 -2.20
CA GLU K 109 22.27 -20.11 -2.46
C GLU K 109 22.98 -18.90 -1.82
N GLU K 110 23.28 -17.89 -2.64
CA GLU K 110 23.99 -16.68 -2.20
C GLU K 110 23.26 -16.01 -1.05
N GLY K 111 23.95 -15.84 0.05
CA GLY K 111 23.35 -15.08 1.15
C GLY K 111 22.38 -15.87 2.00
N SER K 112 22.38 -17.21 1.95
CA SER K 112 21.38 -17.98 2.68
C SER K 112 22.08 -18.95 3.61
N VAL K 113 22.25 -18.56 4.87
CA VAL K 113 22.78 -19.49 5.86
C VAL K 113 21.92 -20.74 5.93
N THR K 114 20.57 -20.57 5.87
CA THR K 114 19.64 -21.69 5.84
C THR K 114 20.05 -22.73 4.80
N ASN K 115 20.40 -22.28 3.61
CA ASN K 115 20.66 -23.21 2.53
C ASN K 115 22.04 -23.85 2.68
N MET K 116 22.98 -23.17 3.31
CA MET K 116 24.29 -23.80 3.51
C MET K 116 24.23 -24.94 4.53
N PHE K 117 23.50 -24.76 5.62
CA PHE K 117 23.29 -25.86 6.54
C PHE K 117 22.46 -26.97 5.92
N THR K 118 21.50 -26.65 5.08
CA THR K 118 20.75 -27.72 4.41
C THR K 118 21.70 -28.55 3.50
N SER K 119 22.59 -27.88 2.81
CA SER K 119 23.49 -28.58 1.91
C SER K 119 24.53 -29.41 2.66
N ILE K 120 25.08 -28.88 3.75
CA ILE K 120 26.18 -29.55 4.44
C ILE K 120 25.68 -30.52 5.53
N VAL K 121 24.78 -30.10 6.38
CA VAL K 121 24.35 -30.93 7.50
C VAL K 121 22.94 -31.48 7.32
N GLY K 122 22.37 -31.36 6.14
CA GLY K 122 20.97 -31.73 5.93
C GLY K 122 20.67 -33.20 6.20
N ASN K 123 21.54 -34.08 5.73
CA ASN K 123 21.29 -35.51 5.74
C ASN K 123 22.37 -36.43 6.36
N VAL K 124 23.66 -36.07 6.31
CA VAL K 124 24.73 -37.04 6.60
C VAL K 124 24.79 -37.48 8.06
N PHE K 125 24.11 -36.78 8.98
CA PHE K 125 24.29 -37.16 10.37
C PHE K 125 23.51 -38.41 10.71
N GLY K 126 22.57 -38.82 9.89
CA GLY K 126 21.88 -40.08 9.97
C GLY K 126 22.50 -41.26 9.24
N PHE K 127 23.67 -41.13 8.63
CA PHE K 127 24.14 -42.19 7.73
C PHE K 127 24.58 -43.39 8.56
N LYS K 128 24.16 -44.59 8.16
CA LYS K 128 24.30 -45.74 9.04
C LYS K 128 25.74 -46.23 9.13
N ALA K 129 26.58 -45.92 8.15
CA ALA K 129 27.99 -46.31 8.18
C ALA K 129 28.77 -45.58 9.26
N LEU K 130 28.21 -44.47 9.78
CA LEU K 130 28.78 -43.67 10.84
C LEU K 130 28.07 -44.08 12.11
N ARG K 131 28.82 -44.17 13.19
CA ARG K 131 28.21 -44.26 14.50
C ARG K 131 27.93 -42.87 15.07
N ALA K 132 28.85 -41.93 14.88
CA ALA K 132 28.72 -40.55 15.35
C ALA K 132 29.41 -39.64 14.34
N LEU K 133 28.98 -38.40 14.30
CA LEU K 133 29.49 -37.42 13.35
C LEU K 133 29.37 -36.05 13.97
N ARG K 134 30.48 -35.33 14.06
CA ARG K 134 30.47 -33.95 14.52
C ARG K 134 31.13 -33.04 13.48
N LEU K 135 30.45 -31.94 13.17
CA LEU K 135 30.98 -30.88 12.29
C LEU K 135 31.73 -29.84 13.11
N GLU K 136 33.04 -29.84 12.93
CA GLU K 136 33.96 -29.06 13.76
C GLU K 136 34.15 -27.65 13.24
N ASP K 137 34.29 -27.47 11.94
CA ASP K 137 34.71 -26.18 11.40
C ASP K 137 34.29 -26.08 9.94
N LEU K 138 34.21 -24.88 9.47
CA LEU K 138 33.91 -24.60 8.09
C LEU K 138 34.82 -23.51 7.60
N ARG K 139 35.29 -23.64 6.40
CA ARG K 139 35.99 -22.56 5.74
C ARG K 139 34.99 -21.88 4.80
N ILE K 140 34.62 -20.65 5.12
CA ILE K 140 33.72 -19.88 4.27
C ILE K 140 34.61 -19.04 3.36
N PRO K 141 34.57 -19.25 2.06
CA PRO K 141 35.46 -18.51 1.15
C PRO K 141 34.99 -17.07 1.00
N PRO K 142 35.94 -16.15 0.75
CA PRO K 142 35.58 -14.76 0.37
C PRO K 142 34.50 -14.63 -0.69
N ALA K 143 34.44 -15.50 -1.66
CA ALA K 143 33.39 -15.39 -2.66
C ALA K 143 32.00 -15.68 -2.08
N TYR K 144 31.89 -16.55 -1.08
CA TYR K 144 30.61 -16.78 -0.46
C TYR K 144 30.30 -15.72 0.60
N VAL K 145 31.30 -15.37 1.43
CA VAL K 145 31.18 -14.34 2.47
C VAL K 145 30.57 -13.06 1.93
N LYS K 146 30.97 -12.63 0.72
CA LYS K 146 30.52 -11.33 0.21
C LYS K 146 29.06 -11.35 -0.27
N THR K 147 28.42 -12.51 -0.39
CA THR K 147 27.00 -12.53 -0.74
C THR K 147 26.07 -12.18 0.44
N PHE K 148 26.57 -12.07 1.66
CA PHE K 148 25.76 -11.91 2.87
C PHE K 148 25.76 -10.45 3.28
N VAL K 149 24.61 -10.00 3.73
CA VAL K 149 24.56 -8.69 4.36
C VAL K 149 25.40 -8.68 5.62
N GLY K 150 25.29 -9.73 6.43
CA GLY K 150 26.02 -9.80 7.67
C GLY K 150 25.47 -8.94 8.81
N PRO K 151 26.29 -8.74 9.85
CA PRO K 151 25.87 -8.02 11.04
C PRO K 151 25.42 -6.60 10.72
N PRO K 152 24.35 -6.13 11.35
CA PRO K 152 23.84 -4.81 11.03
C PRO K 152 24.86 -3.73 11.25
N HIS K 153 25.63 -3.78 12.31
CA HIS K 153 26.65 -2.78 12.62
C HIS K 153 28.05 -3.38 12.87
N GLY K 154 28.16 -4.38 13.69
CA GLY K 154 29.45 -4.87 14.08
C GLY K 154 30.07 -3.99 15.16
N ILE K 155 31.09 -4.56 15.77
CA ILE K 155 31.70 -4.06 16.99
C ILE K 155 32.08 -2.57 16.90
N GLN K 156 32.83 -2.19 15.88
CA GLN K 156 33.30 -0.81 15.68
C GLN K 156 32.15 0.19 15.61
N VAL K 157 31.23 -0.03 14.68
CA VAL K 157 30.10 0.87 14.49
C VAL K 157 29.34 0.97 15.78
N GLU K 158 29.16 -0.16 16.45
CA GLU K 158 28.46 -0.21 17.74
C GLU K 158 29.12 0.71 18.78
N ARG K 159 30.44 0.59 18.93
CA ARG K 159 31.16 1.48 19.84
C ARG K 159 31.02 2.96 19.44
N ASP K 160 31.05 3.27 18.14
CA ASP K 160 30.84 4.65 17.72
C ASP K 160 29.42 5.09 18.03
N LYS K 161 28.44 4.23 17.82
CA LYS K 161 27.06 4.66 18.05
C LYS K 161 26.78 4.75 19.54
N LEU K 162 27.38 3.88 20.33
CA LEU K 162 27.19 3.94 21.76
C LEU K 162 28.11 4.94 22.46
N ASN K 163 29.11 5.47 21.79
CA ASN K 163 30.12 6.41 22.36
C ASN K 163 30.88 5.78 23.53
N LYS K 164 31.32 4.53 23.41
CA LYS K 164 31.88 3.79 24.54
C LYS K 164 33.14 3.07 24.09
N TYR K 165 34.28 3.48 24.60
CA TYR K 165 35.58 3.07 24.11
C TYR K 165 36.48 2.64 25.25
N GLY K 166 37.33 1.67 24.97
CA GLY K 166 38.45 1.31 25.83
C GLY K 166 38.15 0.44 27.04
N ARG K 167 37.00 -0.21 27.11
CA ARG K 167 36.62 -1.15 28.17
C ARG K 167 35.56 -2.10 27.59
N GLY K 168 35.35 -3.23 28.26
CA GLY K 168 34.17 -4.02 28.01
C GLY K 168 32.85 -3.29 28.28
N LEU K 169 31.79 -3.76 27.65
CA LEU K 169 30.44 -3.29 27.98
C LEU K 169 29.91 -4.17 29.10
N LEU K 170 28.99 -3.63 29.89
CA LEU K 170 28.49 -4.35 31.03
C LEU K 170 26.99 -4.55 30.95
N GLY K 171 26.56 -5.78 31.04
CA GLY K 171 25.18 -6.11 31.08
C GLY K 171 24.78 -6.88 32.32
N CYS K 172 23.49 -7.08 32.47
CA CYS K 172 22.91 -7.98 33.45
C CYS K 172 21.53 -8.45 33.02
N THR K 173 21.17 -9.67 33.38
CA THR K 173 19.81 -10.16 33.11
C THR K 173 18.87 -9.71 34.22
N ILE K 174 17.68 -9.27 33.84
CA ILE K 174 16.68 -8.80 34.79
C ILE K 174 15.86 -10.00 35.24
N LYS K 175 15.93 -10.30 36.53
CA LYS K 175 15.04 -11.24 37.21
C LYS K 175 14.39 -10.54 38.40
N PRO K 176 13.24 -9.87 38.23
CA PRO K 176 12.71 -9.01 39.32
C PRO K 176 12.33 -9.81 40.56
N LYS K 177 12.56 -9.19 41.68
CA LYS K 177 12.17 -9.76 42.94
C LYS K 177 10.67 -9.65 43.17
N LEU K 178 9.97 -8.71 42.51
CA LEU K 178 8.63 -8.31 42.98
C LEU K 178 7.48 -8.80 42.09
N GLY K 179 7.76 -9.14 40.85
CA GLY K 179 6.75 -9.61 39.91
C GLY K 179 7.37 -9.73 38.55
N LEU K 180 6.71 -10.46 37.64
CA LEU K 180 7.17 -10.41 36.28
C LEU K 180 6.36 -9.44 35.42
N SER K 181 5.61 -8.55 36.04
CA SER K 181 4.83 -7.60 35.28
C SER K 181 5.76 -6.66 34.52
N ALA K 182 5.21 -6.03 33.48
CA ALA K 182 6.01 -5.17 32.60
C ALA K 182 6.53 -3.96 33.35
N LYS K 183 5.70 -3.38 34.20
CA LYS K 183 6.06 -2.23 35.00
C LYS K 183 7.17 -2.53 36.01
N ASN K 184 7.08 -3.66 36.72
CA ASN K 184 8.15 -4.08 37.62
C ASN K 184 9.38 -4.49 36.87
N TYR K 185 9.19 -5.05 35.68
CA TYR K 185 10.32 -5.39 34.85
C TYR K 185 11.09 -4.11 34.53
N GLY K 186 10.37 -3.06 34.13
CA GLY K 186 10.98 -1.78 33.78
C GLY K 186 11.63 -1.07 34.95
N ARG K 187 11.06 -1.19 36.16
CA ARG K 187 11.67 -0.61 37.37
C ARG K 187 13.05 -1.20 37.62
N ALA K 188 13.14 -2.52 37.51
CA ALA K 188 14.41 -3.20 37.66
C ALA K 188 15.41 -2.82 36.57
N VAL K 189 14.95 -2.67 35.33
CA VAL K 189 15.81 -2.19 34.25
C VAL K 189 16.38 -0.84 34.60
N TYR K 190 15.51 0.07 35.05
CA TYR K 190 15.95 1.40 35.43
C TYR K 190 17.01 1.33 36.54
N GLU K 191 16.79 0.53 37.56
CA GLU K 191 17.71 0.51 38.71
C GLU K 191 19.11 0.00 38.33
N CYS K 192 19.17 -1.06 37.52
CA CYS K 192 20.44 -1.58 37.01
C CYS K 192 21.16 -0.59 36.10
N LEU K 193 20.46 -0.08 35.10
CA LEU K 193 21.08 0.85 34.15
C LEU K 193 21.58 2.13 34.80
N ARG K 194 20.82 2.67 35.75
CA ARG K 194 21.21 3.92 36.40
C ARG K 194 22.53 3.82 37.18
N GLY K 195 22.79 2.66 37.76
CA GLY K 195 23.99 2.40 38.51
C GLY K 195 25.29 2.29 37.74
N GLY K 196 25.24 2.14 36.41
CA GLY K 196 26.47 2.01 35.64
C GLY K 196 26.51 0.96 34.52
N LEU K 197 25.47 0.14 34.35
CA LEU K 197 25.53 -0.86 33.31
C LEU K 197 25.20 -0.23 31.98
N ASP K 198 25.85 -0.70 30.95
CA ASP K 198 25.48 -0.32 29.59
C ASP K 198 24.12 -0.90 29.18
N PHE K 199 23.89 -2.16 29.46
CA PHE K 199 22.74 -2.90 28.94
C PHE K 199 22.10 -3.72 30.05
N THR K 200 20.85 -3.94 29.89
CA THR K 200 20.16 -5.02 30.51
C THR K 200 19.54 -5.88 29.42
N LYS K 201 18.98 -6.99 29.84
CA LYS K 201 18.71 -8.13 28.97
C LYS K 201 17.34 -8.74 29.32
N ASP K 202 16.40 -8.70 28.36
CA ASP K 202 15.29 -9.64 28.35
C ASP K 202 15.81 -11.05 28.52
N ASP K 203 15.23 -11.79 29.41
CA ASP K 203 15.43 -13.25 29.35
C ASP K 203 14.92 -13.84 28.04
N GLU K 204 15.66 -14.83 27.55
CA GLU K 204 15.42 -15.46 26.26
C GLU K 204 13.99 -16.04 26.12
N ASN K 205 13.35 -16.46 27.22
CA ASN K 205 11.98 -16.96 27.09
C ASN K 205 10.89 -15.87 27.17
N VAL K 206 11.23 -14.67 27.62
CA VAL K 206 10.30 -13.57 27.77
C VAL K 206 10.03 -13.11 26.35
N ASN K 207 8.89 -13.49 25.78
CA ASN K 207 8.59 -12.98 24.47
C ASN K 207 7.34 -12.15 24.69
N SER K 208 6.20 -12.76 24.87
CA SER K 208 4.95 -12.08 25.16
C SER K 208 4.03 -13.14 25.79
N GLN K 209 3.84 -13.08 27.02
CA GLN K 209 3.13 -14.03 27.86
C GLN K 209 1.86 -13.44 28.47
N PRO K 210 0.97 -14.22 29.10
CA PRO K 210 -0.13 -13.59 29.85
C PRO K 210 0.34 -12.71 31.01
N PHE K 211 1.42 -13.06 31.70
CA PHE K 211 1.90 -12.18 32.79
C PHE K 211 2.54 -10.88 32.27
N MET K 212 2.93 -10.81 30.99
CA MET K 212 3.65 -9.64 30.47
C MET K 212 3.61 -9.68 28.94
N ARG K 213 2.73 -8.89 28.35
CA ARG K 213 2.58 -8.83 26.90
C ARG K 213 3.67 -7.94 26.36
N TRP K 214 4.17 -8.26 25.16
CA TRP K 214 5.38 -7.62 24.64
C TRP K 214 5.26 -6.08 24.53
N ARG K 215 4.16 -5.58 24.07
CA ARG K 215 4.15 -4.14 23.76
C ARG K 215 4.18 -3.30 25.08
N ASP K 216 3.50 -3.78 26.11
CA ASP K 216 3.61 -3.22 27.47
C ASP K 216 5.06 -3.25 27.98
N ARG K 217 5.73 -4.40 27.87
CA ARG K 217 7.15 -4.51 28.21
C ARG K 217 8.01 -3.47 27.46
N PHE K 218 7.78 -3.30 26.16
CA PHE K 218 8.58 -2.41 25.34
C PHE K 218 8.43 -0.98 25.83
N LEU K 219 7.20 -0.57 26.13
CA LEU K 219 6.90 0.79 26.54
C LEU K 219 7.55 1.13 27.89
N PHE K 220 7.32 0.30 28.91
CA PHE K 220 7.95 0.49 30.22
C PHE K 220 9.48 0.37 30.16
N VAL K 221 10.04 -0.54 29.37
CA VAL K 221 11.50 -0.55 29.21
C VAL K 221 12.00 0.75 28.55
N ALA K 222 11.28 1.27 27.55
CA ALA K 222 11.69 2.53 26.92
C ALA K 222 11.66 3.70 27.92
N GLU K 223 10.69 3.75 28.82
CA GLU K 223 10.70 4.76 29.86
C GLU K 223 11.91 4.58 30.80
N ALA K 224 12.22 3.35 31.18
CA ALA K 224 13.37 3.05 32.02
C ALA K 224 14.70 3.44 31.36
N ILE K 225 14.91 3.06 30.11
CA ILE K 225 16.13 3.37 29.36
C ILE K 225 16.35 4.88 29.30
N TYR K 226 15.30 5.61 28.94
CA TYR K 226 15.40 7.08 28.84
C TYR K 226 15.55 7.73 30.22
N LYS K 227 14.94 7.17 31.27
CA LYS K 227 15.14 7.71 32.62
C LYS K 227 16.62 7.55 33.06
N ALA K 228 17.16 6.33 32.96
CA ALA K 228 18.55 6.11 33.32
C ALA K 228 19.51 6.90 32.43
N GLN K 229 19.17 7.10 31.16
CA GLN K 229 19.98 7.90 30.25
C GLN K 229 19.97 9.40 30.63
N ALA K 230 18.81 9.94 30.93
CA ALA K 230 18.73 11.30 31.48
C ALA K 230 19.56 11.43 32.77
N GLU K 231 19.52 10.43 33.61
CA GLU K 231 20.19 10.47 34.91
C GLU K 231 21.71 10.33 34.77
N THR K 232 22.18 9.35 34.01
CA THR K 232 23.61 9.07 33.89
C THR K 232 24.29 10.01 32.88
N GLY K 233 23.56 10.52 31.91
CA GLY K 233 24.14 11.15 30.75
C GLY K 233 24.84 10.23 29.77
N GLU K 234 24.87 8.91 29.97
CA GLU K 234 25.45 7.94 29.04
C GLU K 234 24.35 7.26 28.22
N VAL K 235 24.69 6.80 27.03
CA VAL K 235 23.78 5.97 26.22
C VAL K 235 23.47 4.66 26.96
N LYS K 236 22.21 4.29 27.01
CA LYS K 236 21.74 3.07 27.68
C LYS K 236 20.88 2.23 26.75
N GLY K 237 20.89 0.92 26.93
CA GLY K 237 20.02 0.02 26.21
C GLY K 237 19.48 -1.09 27.07
N HIS K 238 18.50 -1.76 26.53
CA HIS K 238 17.99 -3.01 27.06
C HIS K 238 17.74 -3.90 25.84
N TYR K 239 18.21 -5.12 25.86
CA TYR K 239 17.95 -6.03 24.76
C TYR K 239 16.49 -6.47 24.76
N LEU K 240 15.69 -5.86 23.93
CA LEU K 240 14.28 -6.18 23.84
C LEU K 240 14.05 -7.39 22.91
N ASN K 241 13.64 -8.49 23.53
CA ASN K 241 13.40 -9.73 22.82
C ASN K 241 12.29 -9.60 21.75
N ALA K 242 12.66 -9.69 20.50
CA ALA K 242 11.83 -9.72 19.32
C ALA K 242 11.43 -11.13 18.84
N THR K 243 12.05 -12.19 19.32
CA THR K 243 11.65 -13.59 19.05
C THR K 243 10.12 -13.83 19.14
N ALA K 244 9.54 -14.38 18.10
CA ALA K 244 8.08 -14.50 18.04
C ALA K 244 7.71 -15.86 17.41
N GLY K 245 6.43 -16.24 17.48
CA GLY K 245 5.97 -17.38 16.68
C GLY K 245 6.06 -17.20 15.18
N THR K 246 5.85 -15.99 14.67
CA THR K 246 5.79 -15.75 13.23
C THR K 246 6.69 -14.57 12.83
N CYS K 247 7.06 -14.53 11.56
CA CYS K 247 7.89 -13.48 11.01
C CYS K 247 7.17 -12.15 11.13
N GLU K 248 5.86 -12.14 10.88
CA GLU K 248 5.07 -10.92 10.99
C GLU K 248 4.99 -10.40 12.44
N GLU K 249 4.75 -11.27 13.42
CA GLU K 249 4.82 -10.84 14.83
C GLU K 249 6.22 -10.36 15.22
N MET K 250 7.25 -11.07 14.80
CA MET K 250 8.63 -10.63 15.01
C MET K 250 8.89 -9.21 14.47
N MET K 251 8.47 -8.93 13.22
CA MET K 251 8.66 -7.61 12.60
C MET K 251 7.78 -6.55 13.25
N LYS K 252 6.57 -6.91 13.69
CA LYS K 252 5.79 -6.03 14.55
C LYS K 252 6.57 -5.58 15.79
N ARG K 253 7.37 -6.42 16.35
CA ARG K 253 8.12 -6.02 17.53
C ARG K 253 9.31 -5.15 17.17
N ALA K 254 10.06 -5.56 16.14
CA ALA K 254 11.18 -4.77 15.63
C ALA K 254 10.75 -3.34 15.23
N VAL K 255 9.63 -3.23 14.53
CA VAL K 255 9.02 -1.93 14.18
C VAL K 255 8.68 -1.05 15.45
N SMC K 256 8.06 -1.65 16.45
CA SMC K 256 7.79 -0.98 17.74
CB SMC K 256 7.08 -1.84 18.79
SG SMC K 256 6.88 -1.13 20.42
CS SMC K 256 6.05 0.36 20.04
C SMC K 256 9.08 -0.38 18.37
O SMC K 256 9.08 0.75 18.72
N ALA K 257 10.17 -1.13 18.36
CA ALA K 257 11.46 -0.67 18.91
C ALA K 257 12.02 0.51 18.12
N LYS K 258 12.00 0.36 16.80
CA LYS K 258 12.27 1.46 15.87
C LYS K 258 11.50 2.71 16.25
N GLU K 259 10.18 2.59 16.45
CA GLU K 259 9.35 3.77 16.71
C GLU K 259 9.56 4.35 18.09
N LEU K 260 9.89 3.52 19.06
CA LEU K 260 10.31 4.04 20.34
C LEU K 260 11.67 4.71 20.28
N GLY K 261 12.40 4.55 19.21
CA GLY K 261 13.75 5.06 19.06
C GLY K 261 14.77 4.42 19.96
N VAL K 262 14.54 3.22 20.44
CA VAL K 262 15.43 2.56 21.38
C VAL K 262 16.58 1.86 20.64
N PRO K 263 17.72 1.60 21.30
CA PRO K 263 18.93 1.24 20.53
C PRO K 263 19.02 -0.20 20.07
N ILE K 264 18.45 -1.15 20.78
CA ILE K 264 18.80 -2.56 20.60
C ILE K 264 17.62 -3.50 20.80
N ILE K 265 17.58 -4.53 20.00
CA ILE K 265 16.66 -5.64 20.15
C ILE K 265 17.46 -6.93 20.18
N MET K 266 16.76 -8.01 20.37
CA MET K 266 17.29 -9.31 20.66
C MET K 266 16.59 -10.43 19.90
N HIS K 267 17.34 -11.42 19.48
CA HIS K 267 16.74 -12.61 18.86
C HIS K 267 17.40 -13.91 19.28
N ASP K 268 16.62 -14.96 19.41
CA ASP K 268 17.11 -16.32 19.76
C ASP K 268 17.23 -17.09 18.44
N TYR K 269 18.39 -17.00 17.82
CA TYR K 269 18.48 -17.32 16.40
C TYR K 269 18.31 -18.80 16.12
N LEU K 270 18.59 -19.66 17.09
CA LEU K 270 18.51 -21.12 16.84
C LEU K 270 17.10 -21.67 17.01
N THR K 271 16.27 -20.99 17.80
CA THR K 271 14.91 -21.42 18.01
C THR K 271 13.93 -20.69 17.09
N GLY K 272 14.15 -19.39 16.86
CA GLY K 272 13.49 -18.70 15.74
C GLY K 272 13.88 -19.22 14.36
N GLY K 273 15.15 -19.41 14.13
CA GLY K 273 15.62 -19.96 12.87
C GLY K 273 16.46 -18.97 12.11
N PHE K 274 17.34 -19.52 11.25
CA PHE K 274 18.14 -18.67 10.40
C PHE K 274 17.33 -17.86 9.42
N THR K 275 16.21 -18.39 8.91
CA THR K 275 15.44 -17.60 7.94
C THR K 275 14.93 -16.32 8.63
N ALA K 276 14.29 -16.43 9.79
CA ALA K 276 13.85 -15.27 10.56
C ALA K 276 15.00 -14.39 11.02
N ASN K 277 16.13 -14.97 11.50
CA ASN K 277 17.25 -14.16 11.98
C ASN K 277 17.83 -13.24 10.89
N THR K 278 18.03 -13.76 9.69
CA THR K 278 18.53 -13.00 8.58
C THR K 278 17.55 -11.90 8.16
N SER K 279 16.27 -12.19 8.07
CA SER K 279 15.24 -11.15 7.89
C SER K 279 15.36 -10.06 8.94
N LEU K 280 15.52 -10.45 10.19
CA LEU K 280 15.60 -9.46 11.26
C LEU K 280 16.88 -8.62 11.13
N ALA K 281 18.04 -9.27 10.92
CA ALA K 281 19.33 -8.59 10.74
C ALA K 281 19.27 -7.55 9.59
N ILE K 282 18.60 -7.87 8.49
CA ILE K 282 18.41 -6.91 7.40
C ILE K 282 17.51 -5.73 7.83
N TYR K 283 16.42 -6.00 8.57
CA TYR K 283 15.59 -4.92 9.11
C TYR K 283 16.44 -4.00 9.98
N CYS K 284 17.28 -4.59 10.83
CA CYS K 284 18.12 -3.82 11.72
C CYS K 284 19.17 -2.98 10.96
N ARG K 285 19.76 -3.53 9.91
CA ARG K 285 20.64 -2.74 9.07
C ARG K 285 19.89 -1.58 8.44
N ASP K 286 18.70 -1.85 7.89
CA ASP K 286 17.89 -0.83 7.22
C ASP K 286 17.36 0.27 8.20
N ASN K 287 17.21 0.00 9.49
CA ASN K 287 16.62 0.99 10.40
C ASN K 287 17.55 1.39 11.57
N GLY K 288 18.84 1.10 11.49
CA GLY K 288 19.88 1.38 12.47
C GLY K 288 19.70 0.75 13.85
N LEU K 289 18.92 -0.31 14.01
CA LEU K 289 18.87 -1.02 15.30
C LEU K 289 20.08 -1.96 15.43
N LEU K 290 20.63 -2.03 16.61
CA LEU K 290 21.54 -3.10 17.01
C LEU K 290 20.84 -4.42 17.34
N LEU K 291 21.49 -5.54 17.01
CA LEU K 291 20.85 -6.86 17.16
C LEU K 291 21.66 -7.77 18.12
N HIS K 292 21.16 -7.96 19.31
CA HIS K 292 21.74 -8.91 20.27
C HIS K 292 21.26 -10.34 19.99
N ILE K 293 22.14 -11.31 19.96
CA ILE K 293 21.74 -12.66 19.59
C ILE K 293 21.93 -13.63 20.76
N HIS K 294 20.87 -14.28 21.16
CA HIS K 294 20.95 -15.27 22.20
C HIS K 294 20.96 -16.69 21.64
N ARG K 295 21.69 -17.57 22.28
CA ARG K 295 22.01 -18.85 21.65
C ARG K 295 21.29 -20.04 22.32
N ALA K 296 20.04 -19.82 22.76
CA ALA K 296 19.24 -20.88 23.39
C ALA K 296 19.10 -22.09 22.46
N MET K 297 19.28 -23.27 23.02
CA MET K 297 19.28 -24.63 22.43
C MET K 297 20.61 -25.01 21.81
N HIS K 298 21.62 -24.14 21.87
CA HIS K 298 22.93 -24.48 21.32
C HIS K 298 23.46 -25.81 21.92
N ALA K 299 23.18 -26.07 23.22
CA ALA K 299 23.72 -27.27 23.86
C ALA K 299 23.00 -28.55 23.42
N VAL K 300 21.82 -28.45 22.85
CA VAL K 300 21.18 -29.58 22.19
C VAL K 300 22.06 -30.08 21.06
N ILE K 301 22.70 -29.18 20.34
CA ILE K 301 23.52 -29.42 19.14
C ILE K 301 25.04 -29.50 19.44
N ASP K 302 25.53 -28.65 20.30
CA ASP K 302 26.95 -28.37 20.32
C ASP K 302 27.70 -28.97 21.49
N ARG K 303 27.07 -29.73 22.36
CA ARG K 303 27.75 -30.09 23.60
C ARG K 303 28.56 -31.39 23.47
N GLN K 304 27.96 -32.44 22.94
CA GLN K 304 28.65 -33.73 22.92
C GLN K 304 29.82 -33.71 21.96
N ARG K 305 30.95 -34.18 22.45
CA ARG K 305 32.17 -34.16 21.68
C ARG K 305 32.10 -35.05 20.42
N ASN K 306 31.32 -36.09 20.43
CA ASN K 306 31.34 -36.96 19.26
C ASN K 306 30.22 -36.68 18.25
N HIS K 307 29.22 -35.87 18.59
CA HIS K 307 28.09 -35.70 17.67
C HIS K 307 27.52 -34.28 17.74
N GLY K 308 27.06 -33.80 16.60
CA GLY K 308 26.47 -32.50 16.51
C GLY K 308 27.30 -31.55 15.70
N ILE K 309 27.22 -30.29 16.07
CA ILE K 309 27.86 -29.19 15.36
C ILE K 309 28.46 -28.32 16.43
N HIS K 310 29.78 -28.22 16.42
CA HIS K 310 30.51 -27.38 17.36
C HIS K 310 30.05 -25.93 17.26
N PHE K 311 30.00 -25.27 18.40
CA PHE K 311 29.55 -23.87 18.48
C PHE K 311 30.28 -22.91 17.53
N ARG K 312 31.57 -23.11 17.25
CA ARG K 312 32.31 -22.21 16.38
C ARG K 312 31.69 -22.16 14.98
N VAL K 313 31.13 -23.25 14.52
CA VAL K 313 30.40 -23.29 13.27
C VAL K 313 29.11 -22.46 13.39
N LEU K 314 28.36 -22.65 14.48
CA LEU K 314 27.11 -21.94 14.75
C LEU K 314 27.34 -20.44 14.96
N ALA K 315 28.51 -20.07 15.50
CA ALA K 315 28.93 -18.69 15.64
C ALA K 315 29.26 -18.05 14.27
N LYS K 316 29.97 -18.81 13.44
CA LYS K 316 30.32 -18.42 12.07
C LYS K 316 29.03 -18.23 11.25
N ALA K 317 28.08 -19.17 11.37
CA ALA K 317 26.76 -19.03 10.76
C ALA K 317 26.09 -17.75 11.19
N LEU K 318 26.06 -17.48 12.51
CA LEU K 318 25.47 -16.26 13.05
C LEU K 318 26.13 -15.01 12.48
N ARG K 319 27.46 -14.95 12.45
CA ARG K 319 28.14 -13.82 11.84
C ARG K 319 27.72 -13.56 10.38
N MET K 320 27.48 -14.62 9.64
CA MET K 320 26.97 -14.51 8.27
C MET K 320 25.50 -14.08 8.27
N SER K 321 24.65 -14.72 9.07
CA SER K 321 23.21 -14.39 9.13
C SER K 321 23.01 -12.98 9.65
N GLY K 322 23.72 -12.62 10.69
CA GLY K 322 23.81 -11.27 11.13
C GLY K 322 23.44 -11.13 12.57
N GLY K 323 24.36 -10.64 13.36
CA GLY K 323 24.09 -10.25 14.72
C GLY K 323 25.15 -9.31 15.22
N ASP K 324 24.81 -8.28 15.99
CA ASP K 324 25.84 -7.38 16.52
C ASP K 324 26.49 -7.93 17.81
N HIS K 325 25.78 -8.64 18.67
CA HIS K 325 26.35 -9.34 19.84
C HIS K 325 26.01 -10.82 19.80
N LEU K 326 26.83 -11.69 20.37
CA LEU K 326 26.48 -13.09 20.51
C LEU K 326 26.88 -13.69 21.85
N HIS K 327 25.91 -14.29 22.53
CA HIS K 327 26.21 -15.07 23.72
C HIS K 327 27.25 -16.13 23.44
N SER K 328 28.32 -16.04 24.15
CA SER K 328 29.47 -16.84 23.83
C SER K 328 29.91 -17.73 24.99
N GLY K 329 29.09 -17.88 25.97
CA GLY K 329 29.40 -18.71 27.11
C GLY K 329 30.00 -18.00 28.31
N THR K 330 30.47 -18.80 29.22
CA THR K 330 31.34 -18.34 30.30
C THR K 330 32.66 -19.07 30.18
N VAL K 331 33.71 -18.43 30.68
CA VAL K 331 34.98 -19.10 30.90
C VAL K 331 35.24 -19.37 32.38
N VAL K 332 34.31 -19.02 33.25
CA VAL K 332 34.38 -19.45 34.64
C VAL K 332 34.22 -20.95 34.74
N GLY K 333 35.05 -21.56 35.58
CA GLY K 333 34.96 -23.00 35.79
C GLY K 333 35.48 -23.87 34.67
N LYS K 334 36.20 -23.30 33.71
CA LYS K 334 36.70 -24.09 32.59
C LYS K 334 38.21 -24.24 32.71
N LEU K 335 38.70 -25.39 32.25
CA LEU K 335 40.12 -25.65 32.20
C LEU K 335 40.76 -24.86 31.06
N GLU K 336 42.11 -24.80 31.07
CA GLU K 336 42.87 -24.06 30.06
C GLU K 336 42.60 -24.57 28.65
N GLY K 337 42.40 -25.87 28.49
CA GLY K 337 42.10 -26.43 27.18
C GLY K 337 40.72 -26.06 26.67
N GLU K 338 39.73 -26.03 27.56
CA GLU K 338 38.40 -25.55 27.16
C GLU K 338 38.39 -24.05 26.95
N ARG K 339 39.33 -23.34 27.57
CA ARG K 339 39.50 -21.91 27.41
C ARG K 339 40.19 -21.56 26.10
N GLU K 340 41.12 -22.39 25.65
CA GLU K 340 41.72 -22.24 24.32
C GLU K 340 40.67 -22.37 23.20
N VAL K 341 39.73 -23.30 23.35
CA VAL K 341 38.65 -23.46 22.37
C VAL K 341 37.78 -22.21 22.32
N THR K 342 37.37 -21.71 23.49
CA THR K 342 36.52 -20.53 23.58
C THR K 342 37.18 -19.32 22.95
N LEU K 343 38.46 -19.12 23.22
CA LEU K 343 39.17 -18.01 22.61
C LEU K 343 39.30 -18.19 21.10
N GLY K 344 39.33 -19.43 20.61
CA GLY K 344 39.35 -19.67 19.18
C GLY K 344 38.10 -19.10 18.53
N PHE K 345 36.92 -19.47 19.04
CA PHE K 345 35.71 -19.03 18.36
C PHE K 345 35.45 -17.56 18.63
N VAL K 346 35.99 -17.01 19.72
CA VAL K 346 35.90 -15.58 19.97
C VAL K 346 36.67 -14.80 18.93
N ASP K 347 37.82 -15.33 18.49
CA ASP K 347 38.55 -14.74 17.37
C ASP K 347 37.80 -14.89 16.04
N LEU K 348 37.12 -16.02 15.81
CA LEU K 348 36.32 -16.16 14.59
C LEU K 348 35.14 -15.20 14.59
N MET K 349 34.63 -14.85 15.75
CA MET K 349 33.52 -13.93 15.88
C MET K 349 33.97 -12.51 15.58
N ARG K 350 35.15 -12.15 16.03
CA ARG K 350 35.52 -10.75 16.13
C ARG K 350 36.46 -10.28 15.04
N ASP K 351 37.39 -11.11 14.62
CA ASP K 351 38.51 -10.70 13.78
C ASP K 351 38.22 -10.74 12.30
N ASP K 352 39.05 -10.03 11.54
CA ASP K 352 38.98 -10.07 10.09
C ASP K 352 39.65 -11.30 9.49
N TYR K 353 40.77 -11.73 10.01
CA TYR K 353 41.54 -12.82 9.42
C TYR K 353 41.95 -13.77 10.54
N VAL K 354 41.56 -15.03 10.48
CA VAL K 354 41.97 -15.98 11.51
C VAL K 354 42.78 -17.11 10.87
N GLU K 355 43.98 -17.31 11.38
CA GLU K 355 44.87 -18.40 10.95
C GLU K 355 44.52 -19.73 11.57
N LYS K 356 44.67 -20.77 10.77
CA LYS K 356 44.67 -22.16 11.20
C LYS K 356 45.49 -22.41 12.46
N ASP K 357 44.85 -23.03 13.45
CA ASP K 357 45.44 -23.23 14.77
C ASP K 357 44.68 -24.37 15.43
N ARG K 358 45.22 -25.58 15.32
CA ARG K 358 44.53 -26.79 15.76
C ARG K 358 44.32 -26.82 17.27
N SER K 359 45.30 -26.33 18.03
CA SER K 359 45.20 -26.36 19.48
C SER K 359 44.13 -25.42 20.00
N ARG K 360 43.75 -24.43 19.23
CA ARG K 360 42.58 -23.64 19.52
C ARG K 360 41.35 -24.16 18.80
N GLY K 361 41.41 -25.34 18.21
CA GLY K 361 40.30 -25.91 17.49
C GLY K 361 39.96 -25.26 16.16
N ILE K 362 40.84 -24.43 15.62
CA ILE K 362 40.61 -23.77 14.36
C ILE K 362 41.20 -24.63 13.24
N TYR K 363 40.32 -25.24 12.43
CA TYR K 363 40.80 -26.21 11.45
C TYR K 363 41.11 -25.55 10.09
N PHE K 364 40.72 -24.31 9.88
CA PHE K 364 40.82 -23.68 8.58
C PHE K 364 41.25 -22.24 8.78
N THR K 365 42.02 -21.71 7.86
CA THR K 365 42.21 -20.27 7.82
C THR K 365 40.92 -19.60 7.33
N GLN K 366 40.38 -18.69 8.11
CA GLN K 366 39.13 -17.98 7.78
C GLN K 366 39.47 -16.53 7.47
N ASP K 367 39.11 -16.08 6.28
CA ASP K 367 39.23 -14.69 5.84
C ASP K 367 37.81 -14.08 5.79
N TRP K 368 37.49 -13.22 6.76
CA TRP K 368 36.16 -12.62 6.75
C TRP K 368 35.97 -11.56 5.70
N CYS K 369 37.04 -11.07 5.05
CA CYS K 369 36.96 -10.17 3.88
C CYS K 369 36.15 -8.90 4.16
N SER K 370 36.46 -8.27 5.30
CA SER K 370 35.91 -7.07 5.94
C SER K 370 34.46 -7.18 6.43
N MET K 371 33.84 -8.34 6.45
CA MET K 371 32.59 -8.53 7.19
C MET K 371 32.79 -8.14 8.66
N PRO K 372 31.96 -7.24 9.19
CA PRO K 372 32.12 -6.75 10.58
C PRO K 372 32.07 -7.90 11.59
N GLY K 373 32.87 -7.75 12.62
CA GLY K 373 32.89 -8.69 13.71
C GLY K 373 31.69 -8.57 14.62
N VAL K 374 31.50 -9.58 15.42
CA VAL K 374 30.45 -9.70 16.40
C VAL K 374 31.08 -9.64 17.80
N MET K 375 30.50 -8.85 18.67
CA MET K 375 30.84 -8.75 20.08
C MET K 375 30.41 -10.01 20.85
N PRO K 376 31.33 -10.81 21.36
CA PRO K 376 30.97 -11.86 22.31
C PRO K 376 30.40 -11.32 23.61
N VAL K 377 29.41 -12.00 24.12
CA VAL K 377 28.83 -11.75 25.44
C VAL K 377 29.17 -12.90 26.40
N ALA K 378 29.95 -12.59 27.40
CA ALA K 378 30.42 -13.54 28.39
C ALA K 378 29.58 -13.47 29.64
N SER K 379 29.19 -14.62 30.12
CA SER K 379 28.71 -14.70 31.48
C SER K 379 29.89 -14.39 32.43
N GLY K 380 29.83 -13.27 33.13
CA GLY K 380 30.63 -13.08 34.31
C GLY K 380 30.09 -13.90 35.45
N GLY K 381 30.90 -14.12 36.45
CA GLY K 381 30.48 -14.97 37.52
C GLY K 381 29.47 -14.33 38.46
N ILE K 382 29.26 -15.06 39.56
CA ILE K 382 28.40 -14.62 40.65
C ILE K 382 28.92 -13.31 41.21
N HIS K 383 30.22 -13.15 41.23
CA HIS K 383 30.79 -12.03 41.96
C HIS K 383 31.71 -11.20 41.06
N VAL K 384 32.28 -10.16 41.68
CA VAL K 384 33.11 -9.18 40.99
C VAL K 384 34.59 -9.52 41.01
N TRP K 385 34.97 -10.59 41.69
CA TRP K 385 36.36 -11.02 41.76
C TRP K 385 36.81 -11.75 40.51
N HIS K 386 35.89 -12.16 39.66
CA HIS K 386 36.28 -12.67 38.37
C HIS K 386 36.62 -11.57 37.38
N MET K 387 36.33 -10.30 37.69
CA MET K 387 36.60 -9.19 36.78
C MET K 387 38.03 -9.15 36.22
N PRO K 388 39.12 -9.34 37.00
CA PRO K 388 40.46 -9.34 36.39
C PRO K 388 40.69 -10.44 35.36
N ALA K 389 40.19 -11.65 35.61
CA ALA K 389 40.33 -12.73 34.64
C ALA K 389 39.58 -12.42 33.35
N LEU K 390 38.33 -11.92 33.45
CA LEU K 390 37.53 -11.58 32.26
C LEU K 390 38.19 -10.52 31.40
N VAL K 391 38.76 -9.49 32.01
CA VAL K 391 39.39 -8.42 31.26
C VAL K 391 40.66 -8.90 30.57
N GLU K 392 41.40 -9.78 31.25
CA GLU K 392 42.61 -10.35 30.67
C GLU K 392 42.29 -11.31 29.53
N ILE K 393 41.25 -12.09 29.65
CA ILE K 393 40.98 -13.10 28.63
C ILE K 393 40.29 -12.47 27.43
N PHE K 394 39.23 -11.69 27.65
CA PHE K 394 38.47 -11.18 26.53
C PHE K 394 39.10 -9.94 25.92
N GLY K 395 39.83 -9.15 26.67
CA GLY K 395 40.19 -7.80 26.29
C GLY K 395 38.98 -6.85 26.30
N ASP K 396 39.11 -5.72 25.64
CA ASP K 396 38.03 -4.74 25.72
C ASP K 396 36.79 -5.12 24.90
N ASP K 397 36.92 -5.84 23.79
CA ASP K 397 35.78 -6.01 22.87
C ASP K 397 34.90 -7.18 23.28
N ALA K 398 34.09 -6.94 24.29
CA ALA K 398 33.20 -7.95 24.86
C ALA K 398 32.18 -7.28 25.76
N CYS K 399 31.00 -7.87 25.87
CA CYS K 399 30.10 -7.50 26.93
C CYS K 399 30.25 -8.54 28.04
N LEU K 400 30.43 -8.08 29.21
CA LEU K 400 30.42 -8.96 30.35
C LEU K 400 29.06 -8.91 30.99
N GLN K 401 28.37 -10.03 31.02
CA GLN K 401 27.06 -10.10 31.64
C GLN K 401 27.18 -10.62 33.05
N PHE K 402 26.50 -9.96 33.96
CA PHE K 402 26.52 -10.33 35.35
C PHE K 402 25.13 -10.83 35.73
N GLY K 403 25.08 -12.07 36.21
CA GLY K 403 23.82 -12.75 36.39
C GLY K 403 23.22 -12.48 37.75
N GLY K 404 24.09 -12.22 38.73
CA GLY K 404 23.69 -11.77 40.05
C GLY K 404 24.76 -10.95 40.75
N GLY K 405 25.77 -10.46 40.02
CA GLY K 405 26.72 -9.52 40.63
C GLY K 405 26.01 -8.27 41.11
N THR K 406 25.30 -7.63 40.19
CA THR K 406 24.46 -6.48 40.46
C THR K 406 23.35 -6.76 41.49
N LEU K 407 22.79 -7.99 41.51
CA LEU K 407 21.55 -8.19 42.29
C LEU K 407 21.76 -9.07 43.52
N GLY K 408 22.82 -9.86 43.55
CA GLY K 408 23.19 -10.46 44.80
C GLY K 408 23.86 -9.48 45.72
N HIS K 409 24.21 -8.30 45.21
CA HIS K 409 24.75 -7.22 46.02
C HIS K 409 23.77 -6.86 47.13
N PRO K 410 24.25 -6.68 48.35
CA PRO K 410 23.32 -6.50 49.46
C PRO K 410 22.58 -5.18 49.43
N TRP K 411 23.11 -4.15 48.78
CA TRP K 411 22.42 -2.85 48.73
C TRP K 411 21.46 -2.70 47.54
N GLY K 412 21.37 -3.67 46.65
CA GLY K 412 20.36 -3.65 45.59
C GLY K 412 20.95 -3.48 44.21
N ASN K 413 20.06 -3.31 43.22
CA ASN K 413 20.49 -3.28 41.82
C ASN K 413 21.46 -2.12 41.51
N ALA K 414 21.12 -0.89 41.83
CA ALA K 414 21.98 0.22 41.41
C ALA K 414 23.38 0.19 42.04
N PRO K 415 23.56 -0.04 43.36
CA PRO K 415 24.96 -0.18 43.86
C PRO K 415 25.66 -1.43 43.33
N GLY K 416 24.91 -2.48 43.04
CA GLY K 416 25.49 -3.65 42.42
C GLY K 416 26.01 -3.36 41.03
N ALA K 417 25.24 -2.63 40.23
CA ALA K 417 25.70 -2.15 38.95
C ALA K 417 26.93 -1.28 39.14
N ALA K 418 26.89 -0.40 40.14
CA ALA K 418 28.01 0.51 40.37
C ALA K 418 29.25 -0.23 40.82
N ALA K 419 29.08 -1.29 41.59
CA ALA K 419 30.22 -2.12 42.00
C ALA K 419 30.84 -2.87 40.81
N ASN K 420 30.02 -3.40 39.90
CA ASN K 420 30.55 -4.02 38.69
C ASN K 420 31.30 -3.02 37.80
N ARG K 421 30.78 -1.82 37.65
CA ARG K 421 31.39 -0.80 36.79
C ARG K 421 32.73 -0.32 37.36
N VAL K 422 32.80 -0.13 38.67
CA VAL K 422 34.05 0.25 39.34
C VAL K 422 35.13 -0.81 39.16
N ALA K 423 34.77 -2.08 39.40
CA ALA K 423 35.69 -3.20 39.25
C ALA K 423 36.20 -3.35 37.82
N LEU K 424 35.32 -3.19 36.81
CA LEU K 424 35.72 -3.25 35.42
C LEU K 424 36.67 -2.12 35.09
N GLU K 425 36.36 -0.92 35.56
CA GLU K 425 37.15 0.24 35.22
C GLU K 425 38.52 0.21 35.91
N ALA K 426 38.59 -0.27 37.17
CA ALA K 426 39.87 -0.38 37.88
C ALA K 426 40.75 -1.46 37.28
N CYS K 427 40.16 -2.59 36.88
CA CYS K 427 40.89 -3.61 36.13
C CYS K 427 41.36 -3.10 34.78
N THR K 428 40.55 -2.27 34.11
CA THR K 428 40.96 -1.69 32.85
C THR K 428 42.12 -0.72 33.02
N GLN K 429 42.01 0.17 34.00
CA GLN K 429 43.08 1.08 34.38
C GLN K 429 44.38 0.33 34.68
N ALA K 430 44.30 -0.73 35.48
CA ALA K 430 45.47 -1.49 35.90
C ALA K 430 46.11 -2.23 34.73
N ARG K 431 45.31 -2.82 33.85
CA ARG K 431 45.77 -3.40 32.59
C ARG K 431 46.49 -2.38 31.72
N ASN K 432 45.97 -1.16 31.58
CA ASN K 432 46.63 -0.18 30.71
C ASN K 432 47.95 0.28 31.32
N GLU K 433 48.02 0.35 32.63
CA GLU K 433 49.23 0.66 33.41
C GLU K 433 50.26 -0.44 33.39
N GLY K 434 50.05 -1.55 32.71
CA GLY K 434 51.01 -2.59 32.56
C GLY K 434 51.01 -3.65 33.64
N ARG K 435 50.06 -3.62 34.57
CA ARG K 435 50.00 -4.63 35.62
C ARG K 435 49.48 -5.96 35.08
N ASP K 436 49.95 -7.04 35.67
CA ASP K 436 49.57 -8.39 35.32
C ASP K 436 48.29 -8.74 36.08
N LEU K 437 47.18 -8.84 35.36
CA LEU K 437 45.90 -9.11 36.03
C LEU K 437 45.80 -10.54 36.50
N ALA K 438 46.57 -11.47 35.92
CA ALA K 438 46.61 -12.83 36.41
C ALA K 438 47.16 -12.90 37.82
N ARG K 439 48.15 -12.06 38.11
CA ARG K 439 48.77 -12.10 39.42
C ARG K 439 48.15 -11.10 40.36
N GLU K 440 47.96 -9.87 39.89
CA GLU K 440 47.70 -8.71 40.73
C GLU K 440 46.23 -8.31 40.75
N GLY K 441 45.33 -9.13 40.23
CA GLY K 441 43.96 -8.70 40.09
C GLY K 441 43.23 -8.59 41.41
N GLY K 442 43.53 -9.49 42.35
CA GLY K 442 43.03 -9.35 43.70
C GLY K 442 43.51 -8.08 44.37
N ASP K 443 44.77 -7.73 44.15
CA ASP K 443 45.31 -6.47 44.66
C ASP K 443 44.68 -5.25 43.98
N VAL K 444 44.26 -5.36 42.73
CA VAL K 444 43.57 -4.25 42.07
C VAL K 444 42.20 -4.02 42.66
N ILE K 445 41.46 -5.11 42.90
CA ILE K 445 40.11 -5.01 43.44
C ILE K 445 40.14 -4.48 44.88
N ARG K 446 40.99 -5.03 45.74
CA ARG K 446 41.11 -4.58 47.14
C ARG K 446 41.52 -3.11 47.23
N SER K 447 42.33 -2.64 46.32
CA SER K 447 42.72 -1.24 46.27
C SER K 447 41.56 -0.35 45.83
N ALA K 448 40.66 -0.85 44.98
CA ALA K 448 39.50 -0.05 44.60
C ALA K 448 38.42 -0.08 45.68
N CYS K 449 38.40 -1.14 46.49
CA CYS K 449 37.49 -1.24 47.64
C CYS K 449 37.71 -0.14 48.67
N LYS K 450 38.93 0.40 48.76
CA LYS K 450 39.24 1.41 49.77
C LYS K 450 38.47 2.71 49.53
N TRP K 451 38.35 3.12 48.28
CA TRP K 451 37.57 4.33 48.01
C TRP K 451 36.14 4.07 47.51
N SER K 452 35.77 2.86 47.11
CA SER K 452 34.40 2.65 46.63
C SER K 452 33.62 1.87 47.67
N PRO K 453 32.67 2.48 48.36
CA PRO K 453 31.87 1.71 49.33
C PRO K 453 31.00 0.65 48.69
N GLU K 454 30.54 0.85 47.45
CA GLU K 454 29.73 -0.17 46.79
C GLU K 454 30.55 -1.40 46.49
N LEU K 455 31.74 -1.21 45.91
CA LEU K 455 32.62 -2.35 45.67
C LEU K 455 33.06 -3.02 46.97
N ALA K 456 33.33 -2.24 48.01
CA ALA K 456 33.69 -2.82 49.31
C ALA K 456 32.56 -3.67 49.90
N ALA K 457 31.31 -3.26 49.72
CA ALA K 457 30.20 -4.07 50.18
C ALA K 457 29.99 -5.34 49.34
N ALA K 458 30.33 -5.29 48.04
CA ALA K 458 30.23 -6.50 47.22
C ALA K 458 31.32 -7.50 47.59
N CYS K 459 32.49 -7.02 47.98
CA CYS K 459 33.59 -7.92 48.33
C CYS K 459 33.48 -8.44 49.75
N GLU K 460 32.60 -7.86 50.57
CA GLU K 460 32.25 -8.41 51.87
C GLU K 460 31.54 -9.75 51.74
N VAL K 461 30.62 -9.85 50.79
CA VAL K 461 30.10 -11.13 50.28
C VAL K 461 31.24 -12.03 49.82
N MET L 46 6.24 -12.86 -57.79
CA MET L 46 6.17 -12.39 -56.41
C MET L 46 5.14 -13.28 -55.76
N MET L 47 5.54 -14.01 -54.73
CA MET L 47 4.75 -15.06 -54.11
C MET L 47 4.38 -14.61 -52.68
N VAL L 48 3.38 -15.25 -52.07
CA VAL L 48 2.90 -14.88 -50.72
C VAL L 48 3.14 -16.06 -49.78
N TRP L 49 3.92 -15.82 -48.72
CA TRP L 49 4.12 -16.81 -47.67
C TRP L 49 2.77 -17.12 -47.01
N THR L 50 2.34 -18.35 -47.09
CA THR L 50 0.96 -18.61 -46.68
C THR L 50 0.80 -18.65 -45.15
N PRO L 51 -0.22 -18.01 -44.61
CA PRO L 51 -0.57 -18.14 -43.18
C PRO L 51 -1.41 -19.36 -42.85
N VAL L 52 -1.86 -20.13 -43.83
CA VAL L 52 -2.82 -21.22 -43.56
C VAL L 52 -2.05 -22.52 -43.47
N ASN L 53 -2.32 -23.30 -42.42
CA ASN L 53 -1.81 -24.66 -42.24
C ASN L 53 -0.31 -24.75 -42.45
N ASN L 54 0.43 -23.79 -41.94
CA ASN L 54 1.82 -23.64 -42.28
C ASN L 54 2.67 -23.59 -41.01
N LYS L 55 2.36 -24.46 -40.06
CA LYS L 55 3.09 -24.55 -38.79
C LYS L 55 4.56 -25.01 -38.93
N MET L 56 5.43 -24.45 -38.11
CA MET L 56 6.86 -24.76 -38.10
C MET L 56 7.26 -25.41 -36.77
N PHE L 57 8.34 -26.19 -36.78
CA PHE L 57 8.69 -26.91 -35.57
C PHE L 57 10.10 -26.70 -35.10
N GLU L 58 10.50 -25.42 -35.18
CA GLU L 58 11.82 -24.89 -34.83
C GLU L 58 12.96 -25.29 -35.78
N THR L 59 14.10 -25.68 -35.23
CA THR L 59 15.26 -25.91 -36.08
C THR L 59 15.08 -26.95 -37.20
N PHE L 60 15.46 -26.50 -38.40
CA PHE L 60 15.41 -27.25 -39.68
C PHE L 60 14.02 -27.36 -40.32
N SER L 61 12.98 -26.81 -39.67
CA SER L 61 11.63 -26.93 -40.27
C SER L 61 11.44 -26.06 -41.51
N TYR L 62 12.34 -25.17 -41.79
CA TYR L 62 12.23 -24.40 -43.03
C TYR L 62 13.00 -25.08 -44.17
N LEU L 63 13.63 -26.21 -43.93
CA LEU L 63 14.30 -27.03 -44.95
C LEU L 63 13.35 -28.13 -45.40
N PRO L 64 13.58 -28.79 -46.54
CA PRO L 64 12.87 -30.04 -46.82
C PRO L 64 13.10 -31.05 -45.73
N PRO L 65 12.16 -32.00 -45.53
CA PRO L 65 12.34 -33.02 -44.49
C PRO L 65 13.63 -33.79 -44.67
N LEU L 66 14.34 -33.97 -43.58
CA LEU L 66 15.66 -34.54 -43.70
C LEU L 66 15.53 -36.01 -44.08
N SER L 67 16.22 -36.40 -45.12
CA SER L 67 16.30 -37.80 -45.48
C SER L 67 17.08 -38.58 -44.44
N ASP L 68 17.09 -39.91 -44.61
CA ASP L 68 17.79 -40.79 -43.69
C ASP L 68 19.28 -40.50 -43.67
N GLU L 69 19.84 -40.19 -44.84
CA GLU L 69 21.23 -39.80 -44.95
C GLU L 69 21.45 -38.46 -44.22
N GLN L 70 20.51 -37.52 -44.36
CA GLN L 70 20.61 -36.25 -43.67
C GLN L 70 20.46 -36.41 -42.17
N ILE L 71 19.60 -37.33 -41.71
CA ILE L 71 19.49 -37.58 -40.28
C ILE L 71 20.76 -38.23 -39.76
N ALA L 72 21.32 -39.17 -40.52
CA ALA L 72 22.53 -39.88 -40.14
C ALA L 72 23.72 -38.94 -40.01
N ALA L 73 23.81 -37.96 -40.89
CA ALA L 73 24.89 -36.98 -40.82
C ALA L 73 24.74 -36.05 -39.61
N GLN L 74 23.50 -35.66 -39.26
CA GLN L 74 23.28 -34.92 -38.02
C GLN L 74 23.63 -35.75 -36.80
N VAL L 75 23.32 -37.05 -36.80
CA VAL L 75 23.68 -37.94 -35.69
C VAL L 75 25.20 -38.07 -35.55
N ASP L 76 25.91 -38.11 -36.68
CA ASP L 76 27.37 -38.04 -36.66
C ASP L 76 27.88 -36.77 -36.01
N TYR L 77 27.22 -35.63 -36.23
CA TYR L 77 27.60 -34.42 -35.55
C TYR L 77 27.36 -34.55 -34.05
N ILE L 78 26.23 -35.15 -33.64
CA ILE L 78 25.92 -35.39 -32.24
C ILE L 78 26.97 -36.28 -31.57
N VAL L 79 27.33 -37.37 -32.24
CA VAL L 79 28.23 -38.36 -31.65
C VAL L 79 29.65 -37.82 -31.50
N ALA L 80 30.16 -37.15 -32.56
CA ALA L 80 31.51 -36.57 -32.54
C ALA L 80 31.69 -35.57 -31.41
N ASN L 81 30.65 -34.82 -31.10
CA ASN L 81 30.72 -33.87 -30.02
C ASN L 81 30.57 -34.49 -28.64
N GLY L 82 30.39 -35.80 -28.53
CA GLY L 82 30.10 -36.42 -27.26
C GLY L 82 28.70 -36.14 -26.72
N TRP L 83 27.77 -35.78 -27.59
CA TRP L 83 26.44 -35.43 -27.14
C TRP L 83 25.57 -36.67 -27.04
N ILE L 84 24.49 -36.55 -26.30
CA ILE L 84 23.60 -37.68 -26.06
C ILE L 84 22.34 -37.47 -26.88
N PRO L 85 22.10 -38.25 -27.93
CA PRO L 85 20.83 -38.19 -28.65
C PRO L 85 19.67 -38.73 -27.83
N CYS L 86 18.49 -38.19 -28.08
CA CYS L 86 17.25 -38.68 -27.50
C CYS L 86 16.12 -38.36 -28.47
N LEU L 87 15.10 -39.18 -28.51
CA LEU L 87 13.95 -38.88 -29.35
C LEU L 87 12.77 -38.43 -28.49
N GLU L 88 11.96 -37.56 -29.02
CA GLU L 88 10.73 -37.10 -28.40
C GLU L 88 9.60 -37.03 -29.42
N PHE L 89 8.39 -37.21 -28.94
CA PHE L 89 7.24 -37.25 -29.80
C PHE L 89 6.04 -36.59 -29.14
N ALA L 90 5.13 -36.14 -29.99
CA ALA L 90 3.88 -35.54 -29.60
C ALA L 90 2.81 -35.76 -30.66
N GLU L 91 1.56 -35.81 -30.21
CA GLU L 91 0.42 -35.88 -31.11
C GLU L 91 0.22 -34.45 -31.65
N SER L 92 -0.50 -34.30 -32.76
CA SER L 92 -0.63 -32.97 -33.38
C SER L 92 -1.21 -31.88 -32.47
N ASP L 93 -2.16 -32.23 -31.60
CA ASP L 93 -2.73 -31.28 -30.66
C ASP L 93 -1.78 -30.91 -29.50
N LYS L 94 -0.66 -31.62 -29.39
CA LYS L 94 0.32 -31.34 -28.33
C LYS L 94 1.63 -30.86 -28.92
N ALA L 95 1.74 -30.91 -30.24
CA ALA L 95 2.95 -30.55 -30.95
C ALA L 95 3.43 -29.09 -30.92
N TYR L 96 2.52 -28.13 -31.03
CA TYR L 96 2.96 -26.72 -31.05
C TYR L 96 2.55 -25.87 -29.82
N VAL L 97 3.23 -24.77 -29.59
CA VAL L 97 2.97 -23.97 -28.40
C VAL L 97 1.53 -23.49 -28.26
N SER L 98 1.05 -23.55 -27.03
CA SER L 98 -0.31 -23.16 -26.69
C SER L 98 -0.32 -22.50 -25.31
N ASN L 99 -1.41 -21.80 -24.99
CA ASN L 99 -1.59 -21.06 -23.73
C ASN L 99 -2.68 -21.56 -22.81
N GLU L 100 -3.17 -22.78 -22.94
CA GLU L 100 -4.42 -23.10 -22.24
C GLU L 100 -4.29 -23.18 -20.71
N SER L 101 -3.14 -23.61 -20.16
CA SER L 101 -2.94 -23.61 -18.70
C SER L 101 -2.99 -22.24 -18.05
N ALA L 102 -2.81 -21.17 -18.82
CA ALA L 102 -2.77 -19.80 -18.28
C ALA L 102 -4.11 -19.34 -17.71
N ILE L 103 -5.19 -20.07 -17.98
CA ILE L 103 -6.48 -19.81 -17.35
C ILE L 103 -6.36 -19.88 -15.82
N ARG L 104 -5.49 -20.73 -15.29
CA ARG L 104 -5.31 -20.91 -13.85
C ARG L 104 -4.46 -19.81 -13.21
N PHE L 105 -3.81 -19.00 -13.99
CA PHE L 105 -2.77 -18.12 -13.50
C PHE L 105 -3.28 -16.75 -13.09
N GLY L 106 -2.61 -16.13 -12.12
CA GLY L 106 -2.56 -14.69 -11.99
C GLY L 106 -1.69 -14.02 -13.08
N SER L 107 -0.89 -13.01 -12.80
CA SER L 107 -0.18 -12.33 -13.89
C SER L 107 1.22 -12.87 -14.16
N VAL L 108 1.40 -14.16 -14.27
CA VAL L 108 2.72 -14.73 -14.40
C VAL L 108 2.80 -15.56 -15.69
N SER L 109 2.09 -15.17 -16.73
CA SER L 109 2.20 -15.98 -17.97
C SER L 109 3.51 -15.74 -18.77
N CYS L 110 4.29 -14.71 -18.45
CA CYS L 110 5.49 -14.31 -19.17
C CYS L 110 6.48 -15.47 -19.40
N LEU L 111 6.67 -15.83 -20.66
CA LEU L 111 7.51 -16.95 -21.11
C LEU L 111 7.01 -18.33 -20.63
N TYR L 112 5.83 -18.43 -20.08
CA TYR L 112 5.18 -19.71 -19.92
C TYR L 112 4.48 -20.10 -21.23
N TYR L 113 4.68 -21.30 -21.66
CA TYR L 113 3.81 -21.83 -22.71
C TYR L 113 3.68 -23.34 -22.53
N ASP L 114 2.52 -23.87 -22.82
CA ASP L 114 2.33 -25.29 -22.78
C ASP L 114 2.83 -25.91 -24.11
N ASN L 115 3.13 -27.20 -24.09
CA ASN L 115 3.56 -28.08 -25.19
C ASN L 115 5.03 -27.85 -25.65
N ARG L 116 5.84 -27.08 -24.93
CA ARG L 116 7.28 -27.13 -25.15
C ARG L 116 7.83 -28.51 -24.83
N TYR L 117 7.47 -29.04 -23.69
CA TYR L 117 7.78 -30.42 -23.37
C TYR L 117 7.02 -31.35 -24.34
N TRP L 118 7.73 -32.24 -24.97
CA TRP L 118 7.13 -33.41 -25.61
C TRP L 118 7.33 -34.67 -24.77
N THR L 119 6.93 -35.82 -25.26
CA THR L 119 7.06 -37.07 -24.51
C THR L 119 8.31 -37.85 -24.99
N MET L 120 9.14 -38.26 -24.05
CA MET L 120 10.36 -38.99 -24.35
C MET L 120 10.11 -40.40 -24.92
N TRP L 121 10.86 -40.78 -25.94
CA TRP L 121 10.74 -42.12 -26.49
C TRP L 121 11.89 -42.88 -25.83
N LYS L 122 11.53 -43.84 -25.02
CA LYS L 122 12.49 -44.66 -24.28
C LYS L 122 13.42 -43.78 -23.45
N LEU L 123 14.72 -43.99 -23.58
CA LEU L 123 15.67 -43.20 -22.80
C LEU L 123 16.75 -42.55 -23.64
N PRO L 124 17.38 -41.49 -23.11
CA PRO L 124 18.53 -40.91 -23.78
C PRO L 124 19.55 -41.99 -24.01
N MET L 125 20.09 -42.00 -25.20
CA MET L 125 20.93 -43.09 -25.69
C MET L 125 22.35 -42.84 -25.23
N PHE L 126 22.57 -43.13 -23.95
CA PHE L 126 23.89 -42.95 -23.35
C PHE L 126 24.84 -43.93 -24.02
N GLY L 127 26.01 -43.42 -24.42
CA GLY L 127 27.02 -44.19 -25.10
C GLY L 127 26.75 -44.45 -26.56
N CYS L 128 25.80 -43.74 -27.16
CA CYS L 128 25.56 -43.87 -28.59
C CYS L 128 26.76 -43.40 -29.39
N ARG L 129 27.26 -44.31 -30.19
CA ARG L 129 28.39 -44.07 -31.06
C ARG L 129 28.04 -44.31 -32.51
N ASP L 130 27.11 -45.21 -32.80
CA ASP L 130 26.76 -45.53 -34.15
C ASP L 130 25.43 -44.90 -34.52
N PRO L 131 25.31 -44.27 -35.69
CA PRO L 131 24.06 -43.61 -36.04
C PRO L 131 22.91 -44.51 -36.41
N MET L 132 23.14 -45.82 -36.55
CA MET L 132 22.09 -46.69 -37.05
C MET L 132 21.11 -47.05 -35.94
N GLN L 133 21.52 -46.89 -34.70
CA GLN L 133 20.62 -47.07 -33.57
C GLN L 133 19.55 -45.99 -33.51
N VAL L 134 19.94 -44.73 -33.77
CA VAL L 134 18.96 -43.65 -33.78
C VAL L 134 17.99 -43.83 -34.92
N LEU L 135 18.51 -44.24 -36.09
CA LEU L 135 17.66 -44.46 -37.25
C LEU L 135 16.69 -45.61 -37.05
N ARG L 136 17.13 -46.62 -36.31
CA ARG L 136 16.26 -47.72 -35.93
C ARG L 136 15.19 -47.25 -34.94
N GLU L 137 15.61 -46.46 -33.95
CA GLU L 137 14.67 -45.94 -32.97
C GLU L 137 13.68 -44.97 -33.57
N ILE L 138 14.09 -44.20 -34.59
CA ILE L 138 13.16 -43.32 -35.30
C ILE L 138 12.06 -44.12 -35.97
N VAL L 139 12.45 -45.21 -36.66
CA VAL L 139 11.49 -46.10 -37.27
C VAL L 139 10.57 -46.73 -36.24
N ALA L 140 11.11 -47.19 -35.12
CA ALA L 140 10.28 -47.80 -34.09
C ALA L 140 9.26 -46.82 -33.49
N CYS L 141 9.68 -45.58 -33.22
CA CYS L 141 8.76 -44.58 -32.67
C CYS L 141 7.63 -44.26 -33.64
N THR L 142 7.98 -44.08 -34.91
CA THR L 142 6.96 -43.75 -35.92
C THR L 142 6.05 -44.92 -36.18
N LYS L 143 6.57 -46.14 -36.06
CA LYS L 143 5.73 -47.32 -36.19
C LYS L 143 4.74 -47.43 -35.04
N ALA L 144 5.18 -47.17 -33.81
CA ALA L 144 4.27 -47.18 -32.67
C ALA L 144 3.34 -45.97 -32.68
N PHE L 145 3.77 -44.85 -33.23
CA PHE L 145 2.97 -43.63 -33.17
C PHE L 145 2.89 -43.00 -34.54
N PRO L 146 1.99 -43.50 -35.40
CA PRO L 146 1.97 -43.00 -36.79
C PRO L 146 1.38 -41.61 -36.92
N ASP L 147 0.55 -41.19 -35.99
CA ASP L 147 -0.02 -39.85 -36.02
C ASP L 147 0.81 -38.80 -35.26
N ALA L 148 2.05 -39.12 -34.88
CA ALA L 148 2.88 -38.27 -34.03
C ALA L 148 3.99 -37.58 -34.80
N TYR L 149 4.21 -36.31 -34.51
CA TYR L 149 5.49 -35.68 -34.84
C TYR L 149 6.60 -36.31 -33.99
N VAL L 150 7.81 -36.44 -34.53
CA VAL L 150 8.95 -37.01 -33.80
C VAL L 150 10.13 -36.07 -33.92
N ARG L 151 10.73 -35.70 -32.82
CA ARG L 151 11.87 -34.84 -32.87
C ARG L 151 13.09 -35.52 -32.25
N LEU L 152 14.23 -35.19 -32.78
CA LEU L 152 15.50 -35.69 -32.30
C LEU L 152 16.19 -34.60 -31.50
N VAL L 153 16.47 -34.89 -30.26
CA VAL L 153 17.11 -33.86 -29.45
C VAL L 153 18.50 -34.38 -29.07
N ALA L 154 19.29 -33.51 -28.52
CA ALA L 154 20.63 -33.88 -28.07
C ALA L 154 20.98 -33.09 -26.83
N PHE L 155 21.64 -33.74 -25.91
CA PHE L 155 22.02 -33.19 -24.63
C PHE L 155 23.53 -33.17 -24.53
N ASP L 156 24.08 -32.10 -23.98
CA ASP L 156 25.51 -31.99 -23.75
C ASP L 156 25.75 -32.07 -22.27
N ASN L 157 26.35 -33.17 -21.84
CA ASN L 157 26.50 -33.44 -20.41
C ASN L 157 27.60 -32.57 -19.81
N GLN L 158 28.47 -31.98 -20.64
CA GLN L 158 29.39 -30.98 -20.14
C GLN L 158 28.65 -29.73 -19.68
N LYS L 159 27.93 -29.10 -20.56
CA LYS L 159 27.21 -27.88 -20.23
C LYS L 159 25.87 -28.18 -19.54
N GLN L 160 25.52 -29.48 -19.36
CA GLN L 160 24.29 -29.98 -18.71
C GLN L 160 23.02 -29.27 -19.19
N VAL L 161 22.73 -29.40 -20.48
CA VAL L 161 21.65 -28.67 -21.13
C VAL L 161 21.33 -29.32 -22.48
N GLN L 162 20.06 -29.33 -22.84
CA GLN L 162 19.68 -29.61 -24.22
C GLN L 162 20.38 -28.68 -25.18
N ILE L 163 20.96 -29.25 -26.24
CA ILE L 163 21.78 -28.49 -27.16
C ILE L 163 21.32 -28.62 -28.61
N MET L 164 20.53 -29.63 -28.96
CA MET L 164 19.88 -29.68 -30.27
C MET L 164 18.43 -30.09 -30.13
N GLY L 165 17.69 -29.82 -31.18
CA GLY L 165 16.35 -30.31 -31.34
C GLY L 165 15.83 -29.92 -32.70
N PHE L 166 15.55 -30.90 -33.52
CA PHE L 166 15.04 -30.73 -34.85
C PHE L 166 14.16 -31.90 -35.14
N LEU L 167 13.26 -31.69 -36.06
CA LEU L 167 12.21 -32.62 -36.36
C LEU L 167 12.69 -33.68 -37.35
N VAL L 168 12.29 -34.92 -37.13
CA VAL L 168 12.61 -35.99 -38.06
C VAL L 168 11.40 -36.62 -38.70
N GLN L 169 10.20 -36.36 -38.20
CA GLN L 169 9.04 -36.95 -38.81
C GLN L 169 7.83 -36.10 -38.55
N ARG L 170 7.12 -35.79 -39.62
CA ARG L 170 5.83 -35.15 -39.58
C ARG L 170 4.80 -36.23 -39.90
N PRO L 171 3.66 -36.27 -39.22
CA PRO L 171 2.67 -37.29 -39.59
C PRO L 171 1.91 -36.85 -40.82
N LYS L 172 1.71 -37.81 -41.72
CA LYS L 172 0.88 -37.64 -42.92
C LYS L 172 -0.49 -37.07 -42.57
N SER L 173 -1.13 -37.60 -41.53
CA SER L 173 -2.47 -37.19 -41.18
C SER L 173 -2.54 -35.77 -40.59
N ALA L 174 -1.40 -35.16 -40.29
CA ALA L 174 -1.40 -33.78 -39.86
C ALA L 174 -1.66 -32.85 -41.03
N ARG L 175 -2.72 -32.10 -40.95
CA ARG L 175 -2.94 -31.04 -41.93
C ARG L 175 -2.35 -29.71 -41.50
N ASP L 176 -1.78 -29.61 -40.30
CA ASP L 176 -1.26 -28.36 -39.72
C ASP L 176 -0.05 -27.76 -40.47
N TRP L 177 0.62 -28.51 -41.33
CA TRP L 177 1.90 -28.09 -41.89
C TRP L 177 1.92 -28.20 -43.42
N GLN L 178 2.82 -27.52 -44.04
CA GLN L 178 2.80 -27.50 -45.50
C GLN L 178 3.96 -28.24 -46.10
N PRO L 179 3.70 -29.04 -47.17
CA PRO L 179 4.73 -29.88 -47.80
C PRO L 179 5.68 -29.15 -48.73
N ALA L 180 6.22 -28.03 -48.26
CA ALA L 180 7.30 -27.26 -48.89
C ALA L 180 6.94 -26.75 -50.27
N ASN L 181 5.62 -26.62 -50.54
CA ASN L 181 4.97 -25.77 -51.53
C ASN L 181 4.06 -24.78 -50.80
N LYS L 182 4.68 -24.05 -49.86
CA LYS L 182 4.19 -23.10 -48.88
C LYS L 182 4.40 -21.63 -49.26
N ARG L 183 5.02 -21.36 -50.40
CA ARG L 183 4.94 -20.15 -51.20
C ARG L 183 5.19 -18.84 -50.49
N LYS M 18 49.55 11.63 -3.28
CA LYS M 18 49.16 11.90 -4.65
C LYS M 18 50.31 11.81 -5.66
N ASP M 19 50.46 10.63 -6.30
CA ASP M 19 51.49 10.38 -7.32
C ASP M 19 52.90 10.60 -6.76
N TYR M 20 53.30 9.71 -5.85
CA TYR M 20 54.62 9.82 -5.22
C TYR M 20 55.62 8.92 -5.91
N ARG M 21 55.11 7.94 -6.67
CA ARG M 21 55.74 6.93 -7.51
C ARG M 21 56.34 5.81 -6.68
N LEU M 22 56.61 6.01 -5.40
CA LEU M 22 57.12 4.89 -4.62
C LEU M 22 55.99 4.34 -3.78
N THR M 23 55.04 5.18 -3.48
CA THR M 23 53.85 4.71 -2.80
C THR M 23 52.97 3.92 -3.75
N TYR M 24 52.77 4.41 -4.98
CA TYR M 24 51.66 3.90 -5.79
C TYR M 24 52.14 2.99 -6.88
N TYR M 25 53.37 3.14 -7.30
CA TYR M 25 53.97 2.23 -8.24
C TYR M 25 54.77 1.23 -7.42
N THR M 26 54.22 0.03 -7.27
CA THR M 26 54.77 -1.00 -6.40
C THR M 26 54.97 -2.25 -7.24
N PRO M 27 56.04 -2.31 -8.03
CA PRO M 27 56.16 -3.37 -9.02
C PRO M 27 56.45 -4.75 -8.45
N ASP M 28 56.65 -4.89 -7.16
CA ASP M 28 56.77 -6.20 -6.56
C ASP M 28 55.51 -6.62 -5.76
N TYR M 29 54.42 -5.87 -5.87
CA TYR M 29 53.14 -6.26 -5.27
C TYR M 29 52.64 -7.59 -5.83
N VAL M 30 52.20 -8.48 -4.96
CA VAL M 30 51.52 -9.69 -5.39
C VAL M 30 50.01 -9.44 -5.45
N VAL M 31 49.44 -9.71 -6.61
CA VAL M 31 48.02 -9.55 -6.88
C VAL M 31 47.22 -10.55 -6.05
N ARG M 32 46.32 -10.04 -5.23
CA ARG M 32 45.39 -10.84 -4.46
C ARG M 32 44.26 -11.37 -5.36
N ASP M 33 43.62 -12.45 -4.91
CA ASP M 33 42.52 -13.05 -5.67
C ASP M 33 41.27 -12.20 -5.66
N THR M 34 41.07 -11.43 -4.62
CA THR M 34 39.89 -10.62 -4.50
C THR M 34 40.06 -9.22 -5.11
N ASP M 35 41.26 -8.85 -5.55
CA ASP M 35 41.47 -7.56 -6.19
C ASP M 35 40.76 -7.43 -7.53
N ILE M 36 40.36 -6.25 -7.80
CA ILE M 36 39.90 -5.83 -9.12
C ILE M 36 41.10 -5.28 -9.89
N LEU M 37 41.34 -5.81 -11.05
CA LEU M 37 42.49 -5.35 -11.80
C LEU M 37 42.03 -4.51 -12.98
N ALA M 38 42.82 -3.56 -13.35
CA ALA M 38 42.53 -2.71 -14.50
C ALA M 38 43.77 -2.63 -15.37
N ALA M 39 43.58 -2.66 -16.67
CA ALA M 39 44.66 -2.37 -17.62
C ALA M 39 44.34 -1.08 -18.38
N PHE M 40 45.10 -0.06 -18.10
CA PHE M 40 45.03 1.22 -18.79
C PHE M 40 46.09 1.39 -19.87
N ARG M 41 45.64 1.56 -21.10
CA ARG M 41 46.49 2.10 -22.16
C ARG M 41 46.67 3.60 -21.96
N MET M 42 47.89 4.01 -21.80
CA MET M 42 48.27 5.26 -21.20
C MET M 42 49.18 6.04 -22.14
N THR M 43 48.87 7.31 -22.38
CA THR M 43 49.69 8.18 -23.23
C THR M 43 50.19 9.36 -22.43
N PRO M 44 51.38 9.27 -21.83
CA PRO M 44 51.90 10.35 -20.99
C PRO M 44 52.23 11.61 -21.78
N GLN M 45 52.09 12.74 -21.11
CA GLN M 45 52.61 13.98 -21.66
C GLN M 45 54.12 13.87 -21.85
N PRO M 46 54.66 14.46 -22.91
CA PRO M 46 56.09 14.29 -23.24
C PRO M 46 57.00 14.81 -22.15
N GLY M 47 57.96 13.97 -21.78
CA GLY M 47 58.80 14.23 -20.64
C GLY M 47 58.33 13.69 -19.31
N VAL M 48 57.14 13.12 -19.23
CA VAL M 48 56.60 12.57 -17.99
C VAL M 48 56.86 11.07 -18.01
N PRO M 49 57.58 10.51 -17.05
CA PRO M 49 58.00 9.12 -17.16
C PRO M 49 56.82 8.19 -16.92
N PRO M 50 56.86 6.97 -17.47
CA PRO M 50 55.71 6.06 -17.36
C PRO M 50 55.35 5.65 -15.95
N GLU M 51 56.34 5.58 -15.07
CA GLU M 51 56.12 5.15 -13.70
C GLU M 51 55.38 6.21 -12.92
N GLU M 52 55.61 7.46 -13.25
CA GLU M 52 54.87 8.56 -12.65
C GLU M 52 53.41 8.57 -13.14
N CYS M 53 53.18 8.22 -14.40
CA CYS M 53 51.80 8.24 -14.90
C CYS M 53 50.99 7.07 -14.36
N GLY M 54 51.58 5.87 -14.37
CA GLY M 54 50.93 4.70 -13.80
C GLY M 54 50.57 4.89 -12.34
N ALA M 55 51.48 5.50 -11.58
CA ALA M 55 51.24 5.83 -10.17
C ALA M 55 50.13 6.83 -9.99
N ALA M 56 50.10 7.88 -10.82
CA ALA M 56 49.04 8.88 -10.80
C ALA M 56 47.66 8.27 -11.08
N VAL M 57 47.56 7.35 -12.05
CA VAL M 57 46.31 6.66 -12.32
C VAL M 57 45.91 5.77 -11.16
N ALA M 58 46.90 5.10 -10.54
CA ALA M 58 46.65 4.32 -9.33
C ALA M 58 46.13 5.21 -8.20
N ALA M 59 46.69 6.40 -8.06
CA ALA M 59 46.39 7.24 -6.92
C ALA M 59 45.03 7.98 -7.03
N GLU M 60 44.58 8.35 -8.22
CA GLU M 60 43.44 9.29 -8.46
C GLU M 60 43.57 10.50 -7.54
N SER M 61 44.67 11.22 -7.72
CA SER M 61 45.02 12.39 -6.93
C SER M 61 43.88 13.40 -6.88
N SER M 62 43.78 14.14 -5.78
CA SER M 62 42.62 15.03 -5.69
C SER M 62 42.89 16.34 -6.42
N THR M 63 44.07 16.47 -7.04
CA THR M 63 44.39 17.54 -8.00
C THR M 63 44.66 16.93 -9.39
N GLY M 64 43.79 17.28 -10.34
CA GLY M 64 43.85 16.74 -11.69
C GLY M 64 44.60 17.68 -12.61
N THR M 65 44.65 18.96 -12.22
CA THR M 65 45.39 20.02 -12.91
C THR M 65 46.90 20.05 -12.58
N TRP M 66 47.22 19.88 -11.30
CA TRP M 66 48.60 19.95 -10.76
C TRP M 66 49.69 18.92 -11.08
N THR M 67 49.33 17.65 -11.07
CA THR M 67 50.27 16.52 -11.29
C THR M 67 51.44 16.46 -10.28
N THR M 68 51.15 16.82 -9.03
CA THR M 68 52.15 16.80 -7.95
C THR M 68 51.50 16.41 -6.62
N VAL M 69 52.29 15.88 -5.68
CA VAL M 69 51.72 15.52 -4.40
C VAL M 69 51.72 16.77 -3.53
N TRP M 70 50.53 17.30 -3.32
CA TRP M 70 50.33 18.53 -2.56
C TRP M 70 49.91 18.19 -1.14
N THR M 71 48.82 17.42 -0.99
CA THR M 71 48.27 16.98 0.29
C THR M 71 48.45 15.47 0.36
N ASP M 72 49.43 15.03 1.13
CA ASP M 72 49.83 13.62 1.13
C ASP M 72 49.71 13.03 2.52
N GLY M 73 48.96 11.93 2.60
CA GLY M 73 48.73 11.07 3.76
C GLY M 73 47.28 10.99 4.23
N LEU M 74 46.54 9.99 3.73
CA LEU M 74 45.10 9.86 3.96
C LEU M 74 44.75 8.44 4.32
N THR M 75 43.67 8.28 5.09
CA THR M 75 43.14 6.94 5.27
C THR M 75 42.22 6.53 4.13
N SER M 76 41.93 7.43 3.19
CA SER M 76 41.43 6.96 1.91
C SER M 76 42.56 6.54 0.99
N LEU M 77 43.81 6.85 1.35
CA LEU M 77 44.99 6.55 0.53
C LEU M 77 46.11 5.79 1.27
N ASP M 78 45.79 4.99 2.30
CA ASP M 78 46.82 4.15 2.91
C ASP M 78 46.54 2.66 2.65
N ARG M 79 45.26 2.24 2.69
CA ARG M 79 44.83 0.84 2.58
C ARG M 79 43.73 0.69 1.54
N TYR M 80 43.19 1.80 1.09
CA TYR M 80 42.11 1.79 0.10
C TYR M 80 42.63 2.35 -1.21
N LYS M 81 43.91 2.13 -1.44
CA LYS M 81 44.58 2.61 -2.63
C LYS M 81 44.82 1.57 -3.72
N GLY M 82 44.51 1.95 -4.96
CA GLY M 82 44.84 1.13 -6.10
C GLY M 82 46.35 1.25 -6.26
N ARG M 83 47.03 0.17 -6.62
CA ARG M 83 48.49 0.22 -6.80
C ARG M 83 48.88 -0.14 -8.23
N CYS M 84 49.77 0.64 -8.83
CA CYS M 84 50.20 0.29 -10.17
C CYS M 84 51.30 -0.76 -10.03
N TYR M 85 51.01 -1.99 -10.38
CA TYR M 85 51.94 -3.07 -10.09
C TYR M 85 52.78 -3.50 -11.29
N ASP M 86 52.58 -2.91 -12.47
CA ASP M 86 53.25 -3.33 -13.71
C ASP M 86 52.99 -2.27 -14.78
N ILE M 87 54.04 -1.87 -15.46
CA ILE M 87 53.95 -1.02 -16.64
C ILE M 87 54.70 -1.71 -17.78
N GLU M 88 54.02 -1.92 -18.91
CA GLU M 88 54.61 -2.51 -20.09
C GLU M 88 54.53 -1.57 -21.29
N PRO M 89 55.54 -1.57 -22.15
CA PRO M 89 55.44 -0.85 -23.42
C PRO M 89 54.50 -1.52 -24.40
N VAL M 90 53.91 -0.72 -25.27
CA VAL M 90 53.01 -1.19 -26.32
C VAL M 90 53.86 -1.37 -27.57
N PRO M 91 53.88 -2.55 -28.19
CA PRO M 91 54.80 -2.80 -29.31
C PRO M 91 54.39 -2.05 -30.57
N GLY M 92 55.35 -1.36 -31.16
CA GLY M 92 55.09 -0.55 -32.34
C GLY M 92 54.75 0.88 -32.03
N GLU M 93 54.31 1.16 -30.81
CA GLU M 93 54.01 2.51 -30.37
C GLU M 93 55.22 3.03 -29.63
N ASP M 94 55.34 4.35 -29.53
CA ASP M 94 56.55 4.93 -28.96
C ASP M 94 56.26 5.62 -27.64
N ASN M 95 55.04 6.14 -27.48
CA ASN M 95 54.70 6.86 -26.26
C ASN M 95 53.48 6.24 -25.56
N GLN M 96 53.20 4.96 -25.76
CA GLN M 96 52.07 4.32 -25.12
C GLN M 96 52.49 3.15 -24.25
N TYR M 97 51.86 3.02 -23.09
CA TYR M 97 52.15 1.98 -22.12
C TYR M 97 50.86 1.35 -21.63
N ILE M 98 50.91 0.09 -21.24
CA ILE M 98 49.85 -0.53 -20.47
C ILE M 98 50.23 -0.46 -19.01
N ALA M 99 49.44 0.25 -18.22
CA ALA M 99 49.58 0.24 -16.76
C ALA M 99 48.51 -0.65 -16.13
N TYR M 100 48.95 -1.59 -15.30
CA TYR M 100 48.13 -2.53 -14.55
C TYR M 100 47.89 -2.03 -13.13
N VAL M 101 46.65 -1.85 -12.76
CA VAL M 101 46.33 -1.31 -11.44
C VAL M 101 45.49 -2.31 -10.69
N ALA M 102 45.89 -2.60 -9.49
CA ALA M 102 45.11 -3.42 -8.58
C ALA M 102 44.31 -2.54 -7.62
N TYR M 103 43.04 -2.86 -7.46
CA TYR M 103 42.18 -2.18 -6.50
C TYR M 103 41.69 -3.18 -5.46
N PRO M 104 41.77 -2.90 -4.17
CA PRO M 104 41.22 -3.82 -3.17
C PRO M 104 39.68 -3.84 -3.22
N ILE M 105 39.11 -5.03 -3.01
CA ILE M 105 37.69 -5.26 -3.16
C ILE M 105 36.88 -4.43 -2.15
N ASP M 106 37.48 -4.07 -1.03
CA ASP M 106 36.87 -3.17 -0.07
C ASP M 106 36.53 -1.79 -0.60
N LEU M 107 37.13 -1.36 -1.70
CA LEU M 107 36.78 -0.09 -2.30
C LEU M 107 35.36 -0.07 -2.89
N PHE M 108 34.75 -1.20 -3.16
CA PHE M 108 33.63 -1.23 -4.07
C PHE M 108 32.30 -1.55 -3.34
N GLU M 109 31.23 -0.89 -3.74
CA GLU M 109 29.91 -1.26 -3.25
C GLU M 109 29.43 -2.56 -3.92
N GLU M 110 29.10 -3.56 -3.09
CA GLU M 110 28.67 -4.88 -3.56
C GLU M 110 27.48 -4.77 -4.52
N GLY M 111 27.64 -5.30 -5.70
CA GLY M 111 26.50 -5.32 -6.61
C GLY M 111 26.22 -4.02 -7.32
N SER M 112 27.14 -3.08 -7.37
CA SER M 112 26.85 -1.78 -7.95
C SER M 112 27.84 -1.50 -9.08
N VAL M 113 27.46 -1.79 -10.31
CA VAL M 113 28.28 -1.42 -11.45
C VAL M 113 28.54 0.07 -11.45
N THR M 114 27.50 0.88 -11.14
CA THR M 114 27.63 2.32 -11.02
C THR M 114 28.83 2.71 -10.14
N ASN M 115 28.97 2.06 -9.00
CA ASN M 115 30.00 2.46 -8.08
C ASN M 115 31.39 1.97 -8.53
N MET M 116 31.45 0.88 -9.27
CA MET M 116 32.76 0.43 -9.75
C MET M 116 33.33 1.35 -10.83
N PHE M 117 32.48 1.83 -11.75
CA PHE M 117 32.93 2.83 -12.69
C PHE M 117 33.25 4.14 -12.03
N THR M 118 32.51 4.54 -10.99
CA THR M 118 32.86 5.76 -10.28
C THR M 118 34.26 5.65 -9.63
N SER M 119 34.55 4.48 -9.07
CA SER M 119 35.83 4.29 -8.40
C SER M 119 36.99 4.21 -9.40
N ILE M 120 36.80 3.54 -10.53
CA ILE M 120 37.90 3.30 -11.46
C ILE M 120 38.03 4.43 -12.51
N VAL M 121 36.95 4.82 -13.14
CA VAL M 121 37.01 5.81 -14.22
C VAL M 121 36.44 7.16 -13.83
N GLY M 122 36.19 7.38 -12.54
CA GLY M 122 35.51 8.60 -12.12
C GLY M 122 36.28 9.88 -12.44
N ASN M 123 37.59 9.87 -12.20
CA ASN M 123 38.40 11.07 -12.27
C ASN M 123 39.66 11.03 -13.15
N VAL M 124 40.32 9.88 -13.32
CA VAL M 124 41.70 9.84 -13.88
C VAL M 124 41.76 10.21 -15.35
N PHE M 125 40.63 10.27 -16.07
CA PHE M 125 40.76 10.52 -17.49
C PHE M 125 41.02 11.98 -17.77
N GLY M 126 40.82 12.86 -16.82
CA GLY M 126 41.19 14.24 -16.88
C GLY M 126 42.58 14.60 -16.37
N PHE M 127 43.42 13.65 -15.99
CA PHE M 127 44.64 14.01 -15.26
C PHE M 127 45.63 14.64 -16.25
N LYS M 128 46.24 15.75 -15.86
CA LYS M 128 46.98 16.55 -16.85
C LYS M 128 48.30 15.91 -17.25
N ALA M 129 48.85 15.03 -16.42
CA ALA M 129 50.09 14.33 -16.74
C ALA M 129 49.92 13.35 -17.88
N LEU M 130 48.68 12.98 -18.20
CA LEU M 130 48.32 12.09 -19.27
C LEU M 130 47.87 12.97 -20.43
N ARG M 131 48.25 12.60 -21.62
CA ARG M 131 47.64 13.19 -22.81
C ARG M 131 46.38 12.44 -23.21
N ALA M 132 46.41 11.11 -23.12
CA ALA M 132 45.28 10.25 -23.44
C ALA M 132 45.30 9.02 -22.53
N LEU M 133 44.15 8.46 -22.30
CA LEU M 133 44.01 7.32 -21.40
C LEU M 133 42.86 6.47 -21.87
N ARG M 134 43.12 5.19 -22.11
CA ARG M 134 42.07 4.25 -22.46
C ARG M 134 42.10 3.05 -21.51
N LEU M 135 40.93 2.71 -20.98
CA LEU M 135 40.70 1.53 -20.14
C LEU M 135 40.36 0.31 -21.00
N GLU M 136 41.30 -0.61 -21.07
CA GLU M 136 41.24 -1.73 -21.99
C GLU M 136 40.48 -2.92 -21.42
N ASP M 137 40.70 -3.24 -20.15
CA ASP M 137 40.21 -4.49 -19.60
C ASP M 137 40.11 -4.39 -18.09
N LEU M 138 39.31 -5.23 -17.52
CA LEU M 138 39.15 -5.32 -16.09
C LEU M 138 39.13 -6.78 -15.69
N ARG M 139 39.77 -7.09 -14.62
CA ARG M 139 39.62 -8.41 -14.02
C ARG M 139 38.62 -8.26 -12.86
N ILE M 140 37.46 -8.86 -13.00
CA ILE M 140 36.45 -8.87 -11.96
C ILE M 140 36.66 -10.15 -11.16
N PRO M 141 37.02 -10.07 -9.90
CA PRO M 141 37.30 -11.28 -9.11
C PRO M 141 36.00 -12.00 -8.77
N PRO M 142 36.06 -13.34 -8.63
CA PRO M 142 34.92 -14.11 -8.08
C PRO M 142 34.28 -13.54 -6.84
N ALA M 143 35.02 -12.94 -5.94
CA ALA M 143 34.40 -12.38 -4.75
C ALA M 143 33.53 -11.15 -5.09
N TYR M 144 33.87 -10.38 -6.11
CA TYR M 144 33.02 -9.28 -6.51
C TYR M 144 31.87 -9.74 -7.40
N VAL M 145 32.17 -10.61 -8.39
CA VAL M 145 31.19 -11.20 -9.30
C VAL M 145 29.97 -11.74 -8.56
N LYS M 146 30.17 -12.41 -7.41
CA LYS M 146 29.05 -13.07 -6.73
C LYS M 146 28.15 -12.08 -5.99
N THR M 147 28.52 -10.81 -5.84
CA THR M 147 27.61 -9.84 -5.24
C THR M 147 26.49 -9.35 -6.20
N PHE M 148 26.54 -9.69 -7.48
CA PHE M 148 25.65 -9.14 -8.50
C PHE M 148 24.55 -10.16 -8.80
N VAL M 149 23.35 -9.65 -8.99
CA VAL M 149 22.29 -10.49 -9.49
C VAL M 149 22.64 -10.99 -10.88
N GLY M 150 23.15 -10.11 -11.73
CA GLY M 150 23.47 -10.47 -13.08
C GLY M 150 22.28 -10.62 -14.03
N PRO M 151 22.53 -11.25 -15.19
CA PRO M 151 21.50 -11.39 -16.23
C PRO M 151 20.27 -12.11 -15.71
N PRO M 152 19.08 -11.65 -16.10
CA PRO M 152 17.86 -12.26 -15.59
C PRO M 152 17.78 -13.73 -15.93
N HIS M 153 18.16 -14.15 -17.11
CA HIS M 153 18.12 -15.56 -17.53
C HIS M 153 19.46 -16.08 -18.08
N GLY M 154 20.08 -15.38 -18.96
CA GLY M 154 21.25 -15.89 -19.63
C GLY M 154 20.88 -16.87 -20.73
N ILE M 155 21.86 -17.12 -21.57
CA ILE M 155 21.71 -17.82 -22.85
C ILE M 155 20.96 -19.15 -22.70
N GLN M 156 21.41 -20.01 -21.82
CA GLN M 156 20.81 -21.34 -21.61
C GLN M 156 19.32 -21.27 -21.26
N VAL M 157 19.01 -20.54 -20.18
CA VAL M 157 17.64 -20.42 -19.72
C VAL M 157 16.80 -19.87 -20.83
N GLU M 158 17.33 -18.87 -21.55
CA GLU M 158 16.64 -18.26 -22.67
C GLU M 158 16.28 -19.29 -23.75
N ARG M 159 17.24 -20.12 -24.15
CA ARG M 159 16.95 -21.19 -25.10
C ARG M 159 15.90 -22.18 -24.57
N ASP M 160 15.96 -22.52 -23.28
CA ASP M 160 14.94 -23.39 -22.73
C ASP M 160 13.57 -22.70 -22.75
N LYS M 161 13.53 -21.42 -22.41
CA LYS M 161 12.23 -20.74 -22.35
C LYS M 161 11.70 -20.51 -23.76
N LEU M 162 12.57 -20.23 -24.71
CA LEU M 162 12.13 -20.03 -26.08
C LEU M 162 11.96 -21.34 -26.85
N ASN M 163 12.40 -22.48 -26.33
CA ASN M 163 12.34 -23.79 -27.01
C ASN M 163 13.09 -23.80 -28.35
N LYS M 164 14.28 -23.21 -28.40
CA LYS M 164 14.98 -22.97 -29.67
C LYS M 164 16.43 -23.37 -29.52
N TYR M 165 16.85 -24.42 -30.20
CA TYR M 165 18.13 -25.07 -29.98
C TYR M 165 18.85 -25.29 -31.31
N GLY M 166 20.18 -25.21 -31.26
CA GLY M 166 21.05 -25.67 -32.34
C GLY M 166 21.20 -24.75 -33.54
N ARG M 167 20.85 -23.48 -33.45
CA ARG M 167 21.03 -22.47 -34.48
C ARG M 167 21.07 -21.10 -33.80
N GLY M 168 21.56 -20.09 -34.51
CA GLY M 168 21.35 -18.71 -34.08
C GLY M 168 19.88 -18.31 -34.05
N LEU M 169 19.58 -17.27 -33.28
CA LEU M 169 18.26 -16.65 -33.31
C LEU M 169 18.28 -15.58 -34.38
N LEU M 170 17.13 -15.27 -34.94
CA LEU M 170 17.06 -14.31 -36.02
C LEU M 170 16.17 -13.14 -35.67
N GLY M 171 16.72 -11.95 -35.78
CA GLY M 171 15.96 -10.75 -35.59
C GLY M 171 16.00 -9.83 -36.78
N CYS M 172 15.22 -8.76 -36.71
CA CYS M 172 15.26 -7.65 -37.64
C CYS M 172 14.71 -6.38 -36.99
N THR M 173 15.24 -5.23 -37.35
CA THR M 173 14.69 -3.96 -36.88
C THR M 173 13.52 -3.56 -37.76
N ILE M 174 12.45 -3.08 -37.14
CA ILE M 174 11.26 -2.64 -37.86
C ILE M 174 11.44 -1.18 -38.23
N LYS M 175 11.44 -0.91 -39.52
CA LYS M 175 11.35 0.45 -40.08
C LYS M 175 10.19 0.49 -41.09
N PRO M 176 8.95 0.79 -40.67
CA PRO M 176 7.80 0.61 -41.57
C PRO M 176 7.86 1.54 -42.78
N LYS M 177 7.37 1.02 -43.87
CA LYS M 177 7.27 1.80 -45.07
C LYS M 177 6.10 2.78 -45.01
N LEU M 178 5.07 2.53 -44.17
CA LEU M 178 3.79 3.23 -44.34
C LEU M 178 3.52 4.31 -43.28
N GLY M 179 4.18 4.24 -42.13
CA GLY M 179 3.99 5.21 -41.08
C GLY M 179 4.75 4.76 -39.85
N LEU M 180 4.96 5.68 -38.91
CA LEU M 180 5.50 5.22 -37.64
C LEU M 180 4.41 5.03 -36.59
N SER M 181 3.15 4.97 -36.99
CA SER M 181 2.09 4.77 -36.03
C SER M 181 2.22 3.39 -35.38
N ALA M 182 1.60 3.25 -34.22
CA ALA M 182 1.72 2.02 -33.44
C ALA M 182 1.11 0.84 -34.19
N LYS M 183 -0.03 1.08 -34.82
CA LYS M 183 -0.73 0.05 -35.58
C LYS M 183 0.06 -0.43 -36.80
N ASN M 184 0.66 0.50 -37.55
CA ASN M 184 1.53 0.12 -38.67
C ASN M 184 2.81 -0.50 -38.20
N TYR M 185 3.29 -0.05 -37.04
CA TYR M 185 4.45 -0.66 -36.46
C TYR M 185 4.16 -2.15 -36.19
N GLY M 186 3.00 -2.42 -35.58
CA GLY M 186 2.59 -3.78 -35.27
C GLY M 186 2.34 -4.66 -36.48
N ARG M 187 1.80 -4.07 -37.57
CA ARG M 187 1.60 -4.81 -38.83
C ARG M 187 2.93 -5.34 -39.37
N ALA M 188 3.93 -4.47 -39.37
CA ALA M 188 5.25 -4.86 -39.82
C ALA M 188 5.88 -5.91 -38.90
N VAL M 189 5.69 -5.78 -37.59
CA VAL M 189 6.17 -6.81 -36.66
C VAL M 189 5.55 -8.14 -37.00
N TYR M 190 4.24 -8.15 -37.21
CA TYR M 190 3.54 -9.38 -37.56
C TYR M 190 4.12 -9.98 -38.85
N GLU M 191 4.33 -9.18 -39.87
CA GLU M 191 4.78 -9.71 -41.17
C GLU M 191 6.17 -10.34 -41.10
N CYS M 192 7.10 -9.70 -40.39
CA CYS M 192 8.44 -10.24 -40.17
C CYS M 192 8.42 -11.52 -39.34
N LEU M 193 7.77 -11.48 -38.19
CA LEU M 193 7.73 -12.65 -37.30
C LEU M 193 7.06 -13.86 -37.94
N ARG M 194 5.98 -13.65 -38.67
CA ARG M 194 5.26 -14.77 -39.30
C ARG M 194 6.10 -15.55 -40.31
N GLY M 195 6.98 -14.85 -41.02
CA GLY M 195 7.87 -15.43 -42.00
C GLY M 195 8.99 -16.32 -41.50
N GLY M 196 9.30 -16.29 -40.20
CA GLY M 196 10.39 -17.09 -39.68
C GLY M 196 11.34 -16.46 -38.66
N LEU M 197 11.23 -15.16 -38.37
CA LEU M 197 12.18 -14.57 -37.44
C LEU M 197 11.76 -14.90 -36.02
N ASP M 198 12.73 -15.08 -35.17
CA ASP M 198 12.45 -15.21 -33.74
C ASP M 198 11.99 -13.88 -33.14
N PHE M 199 12.66 -12.80 -33.45
CA PHE M 199 12.45 -11.52 -32.80
C PHE M 199 12.38 -10.40 -33.82
N THR M 200 11.69 -9.39 -33.45
CA THR M 200 11.85 -8.08 -34.02
C THR M 200 12.22 -7.12 -32.89
N LYS M 201 12.51 -5.91 -33.28
CA LYS M 201 13.27 -4.97 -32.47
C LYS M 201 12.68 -3.56 -32.61
N ASP M 202 12.17 -3.00 -31.50
CA ASP M 202 12.05 -1.56 -31.36
C ASP M 202 13.37 -0.89 -31.72
N ASP M 203 13.31 0.12 -32.53
CA ASP M 203 14.47 1.00 -32.61
C ASP M 203 14.77 1.69 -31.28
N GLU M 204 16.07 1.83 -31.01
CA GLU M 204 16.58 2.35 -29.75
C GLU M 204 16.02 3.75 -29.40
N ASN M 205 15.64 4.57 -30.38
CA ASN M 205 15.06 5.88 -30.04
C ASN M 205 13.53 5.86 -29.84
N VAL M 206 12.85 4.80 -30.25
CA VAL M 206 11.42 4.65 -30.14
C VAL M 206 11.18 4.42 -28.66
N ASN M 207 10.78 5.44 -27.92
CA ASN M 207 10.45 5.19 -26.54
C ASN M 207 8.97 5.49 -26.48
N SER M 208 8.57 6.73 -26.48
CA SER M 208 7.16 7.13 -26.49
C SER M 208 7.15 8.57 -27.01
N GLN M 209 6.75 8.76 -28.18
CA GLN M 209 6.77 10.01 -28.95
C GLN M 209 5.35 10.51 -29.26
N PRO M 210 5.15 11.74 -29.78
CA PRO M 210 3.81 12.10 -30.26
C PRO M 210 3.31 11.22 -31.40
N PHE M 211 4.18 10.77 -32.32
CA PHE M 211 3.71 9.90 -33.40
C PHE M 211 3.33 8.48 -32.93
N MET M 212 3.79 8.06 -31.74
CA MET M 212 3.58 6.68 -31.26
C MET M 212 3.85 6.62 -29.76
N ARG M 213 2.81 6.62 -28.94
CA ARG M 213 2.94 6.57 -27.50
C ARG M 213 3.16 5.14 -27.11
N TRP M 214 3.97 4.93 -26.06
CA TRP M 214 4.46 3.59 -25.72
C TRP M 214 3.34 2.56 -25.48
N ARG M 215 2.29 2.93 -24.78
CA ARG M 215 1.35 1.88 -24.37
C ARG M 215 0.55 1.37 -25.59
N ASP M 216 0.20 2.26 -26.52
CA ASP M 216 -0.36 1.88 -27.82
C ASP M 216 0.59 0.93 -28.61
N ARG M 217 1.87 1.29 -28.70
CA ARG M 217 2.87 0.41 -29.30
C ARG M 217 2.89 -0.99 -28.65
N PHE M 218 2.85 -1.04 -27.32
CA PHE M 218 2.94 -2.31 -26.59
C PHE M 218 1.75 -3.19 -26.95
N LEU M 219 0.55 -2.60 -26.97
CA LEU M 219 -0.68 -3.34 -27.22
C LEU M 219 -0.71 -3.92 -28.64
N PHE M 220 -0.48 -3.09 -29.65
CA PHE M 220 -0.42 -3.56 -31.05
C PHE M 220 0.74 -4.55 -31.28
N VAL M 221 1.91 -4.35 -30.69
CA VAL M 221 2.96 -5.37 -30.80
C VAL M 221 2.53 -6.70 -30.15
N ALA M 222 1.84 -6.65 -28.99
CA ALA M 222 1.37 -7.88 -28.36
C ALA M 222 0.35 -8.62 -29.24
N GLU M 223 -0.52 -7.91 -29.93
CA GLU M 223 -1.41 -8.55 -30.88
C GLU M 223 -0.62 -9.20 -32.03
N ALA M 224 0.39 -8.51 -32.56
CA ALA M 224 1.24 -9.03 -33.62
C ALA M 224 2.01 -10.29 -33.20
N ILE M 225 2.66 -10.26 -32.03
CA ILE M 225 3.43 -11.38 -31.50
C ILE M 225 2.54 -12.62 -31.38
N TYR M 226 1.37 -12.44 -30.77
CA TYR M 226 0.44 -13.56 -30.58
C TYR M 226 -0.17 -14.03 -31.91
N LYS M 227 -0.39 -13.12 -32.86
CA LYS M 227 -0.87 -13.55 -34.18
C LYS M 227 0.17 -14.42 -34.89
N ALA M 228 1.41 -13.94 -34.99
CA ALA M 228 2.48 -14.72 -35.62
C ALA M 228 2.77 -16.02 -34.86
N GLN M 229 2.62 -16.02 -33.55
CA GLN M 229 2.79 -17.23 -32.75
C GLN M 229 1.68 -18.25 -33.01
N ALA M 230 0.44 -17.82 -33.04
CA ALA M 230 -0.67 -18.69 -33.46
C ALA M 230 -0.42 -19.27 -34.86
N GLU M 231 0.09 -18.46 -35.77
CA GLU M 231 0.29 -18.85 -37.15
C GLU M 231 1.48 -19.82 -37.31
N THR M 232 2.62 -19.50 -36.73
CA THR M 232 3.82 -20.31 -36.90
C THR M 232 3.85 -21.52 -35.96
N GLY M 233 3.15 -21.45 -34.84
CA GLY M 233 3.33 -22.40 -33.77
C GLY M 233 4.65 -22.30 -32.99
N GLU M 234 5.54 -21.36 -33.30
CA GLU M 234 6.79 -21.14 -32.57
C GLU M 234 6.64 -19.94 -31.61
N VAL M 235 7.43 -19.95 -30.53
CA VAL M 235 7.52 -18.79 -29.66
C VAL M 235 8.08 -17.57 -30.41
N LYS M 236 7.44 -16.43 -30.25
CA LYS M 236 7.84 -15.19 -30.92
C LYS M 236 8.00 -14.05 -29.91
N GLY M 237 8.89 -13.11 -30.19
CA GLY M 237 9.04 -11.92 -29.40
C GLY M 237 9.26 -10.67 -30.22
N HIS M 238 9.16 -9.56 -29.56
CA HIS M 238 9.59 -8.27 -30.09
C HIS M 238 10.25 -7.56 -28.91
N TYR M 239 11.42 -7.01 -29.11
CA TYR M 239 12.09 -6.26 -28.05
C TYR M 239 11.36 -4.93 -27.82
N LEU M 240 10.54 -4.87 -26.81
CA LEU M 240 9.78 -3.67 -26.49
C LEU M 240 10.64 -2.72 -25.63
N ASN M 241 11.01 -1.60 -26.22
CA ASN M 241 11.83 -0.61 -25.59
C ASN M 241 11.17 -0.01 -24.31
N ALA M 242 11.73 -0.30 -23.18
CA ALA M 242 11.39 0.21 -21.86
C ALA M 242 12.18 1.47 -21.42
N THR M 243 13.25 1.83 -22.09
CA THR M 243 14.00 3.10 -21.86
C THR M 243 13.09 4.33 -21.68
N ALA M 244 13.26 5.04 -20.60
CA ALA M 244 12.34 6.14 -20.27
C ALA M 244 13.15 7.32 -19.70
N GLY M 245 12.51 8.49 -19.54
CA GLY M 245 13.13 9.56 -18.78
C GLY M 245 13.34 9.27 -17.30
N THR M 246 12.45 8.50 -16.67
CA THR M 246 12.48 8.27 -15.23
C THR M 246 12.37 6.76 -14.92
N CYS M 247 12.84 6.39 -13.74
CA CYS M 247 12.81 5.02 -13.27
C CYS M 247 11.36 4.57 -13.15
N GLU M 248 10.48 5.44 -12.68
CA GLU M 248 9.05 5.12 -12.55
C GLU M 248 8.38 4.92 -13.91
N GLU M 249 8.64 5.79 -14.90
CA GLU M 249 8.14 5.54 -16.26
C GLU M 249 8.68 4.25 -16.86
N MET M 250 9.98 4.01 -16.69
CA MET M 250 10.60 2.75 -17.12
C MET M 250 9.89 1.53 -16.52
N MET M 251 9.63 1.53 -15.20
CA MET M 251 8.95 0.41 -14.54
C MET M 251 7.48 0.33 -14.93
N LYS M 252 6.81 1.47 -15.18
CA LYS M 252 5.48 1.42 -15.82
C LYS M 252 5.50 0.62 -17.12
N ARG M 253 6.54 0.73 -17.90
CA ARG M 253 6.55 0.01 -19.16
C ARG M 253 6.87 -1.48 -18.94
N ALA M 254 7.85 -1.77 -18.10
CA ALA M 254 8.19 -3.15 -17.76
C ALA M 254 6.98 -3.91 -17.17
N VAL M 255 6.24 -3.27 -16.26
CA VAL M 255 4.98 -3.80 -15.71
C VAL M 255 3.90 -4.10 -16.82
N SMC M 256 3.71 -3.17 -17.74
CA SMC M 256 2.80 -3.37 -18.90
CB SMC M 256 2.72 -2.18 -19.86
SG SMC M 256 1.79 -2.42 -21.36
CS SMC M 256 0.24 -2.94 -20.73
C SMC M 256 3.16 -4.63 -19.72
O SMC M 256 2.32 -5.42 -19.98
N ALA M 257 4.44 -4.86 -19.97
CA ALA M 257 4.92 -6.05 -20.70
C ALA M 257 4.64 -7.33 -19.95
N LYS M 258 4.98 -7.32 -18.66
CA LYS M 258 4.57 -8.36 -17.73
C LYS M 258 3.09 -8.69 -17.85
N GLU M 259 2.23 -7.66 -17.81
CA GLU M 259 0.79 -7.91 -17.82
C GLU M 259 0.28 -8.37 -19.16
N LEU M 260 0.90 -7.94 -20.24
CA LEU M 260 0.59 -8.50 -21.54
C LEU M 260 1.09 -9.94 -21.68
N GLY M 261 1.90 -10.42 -20.77
CA GLY M 261 2.51 -11.72 -20.84
C GLY M 261 3.50 -11.91 -21.96
N VAL M 262 4.08 -10.84 -22.49
CA VAL M 262 4.98 -10.91 -23.62
C VAL M 262 6.41 -11.27 -23.16
N PRO M 263 7.26 -11.83 -24.03
CA PRO M 263 8.48 -12.46 -23.53
C PRO M 263 9.64 -11.54 -23.22
N ILE M 264 9.77 -10.40 -23.87
CA ILE M 264 11.02 -9.65 -23.86
C ILE M 264 10.82 -8.13 -23.91
N ILE M 265 11.66 -7.44 -23.20
CA ILE M 265 11.77 -6.00 -23.26
C ILE M 265 13.21 -5.63 -23.54
N MET M 266 13.44 -4.36 -23.69
CA MET M 266 14.67 -3.77 -24.16
C MET M 266 15.09 -2.54 -23.39
N HIS M 267 16.37 -2.39 -23.16
CA HIS M 267 16.89 -1.17 -22.54
C HIS M 267 18.18 -0.67 -23.18
N ASP M 268 18.34 0.65 -23.25
CA ASP M 268 19.56 1.30 -23.78
C ASP M 268 20.42 1.67 -22.58
N TYR M 269 21.28 0.75 -22.17
CA TYR M 269 21.84 0.81 -20.82
C TYR M 269 22.79 1.96 -20.63
N LEU M 270 23.40 2.46 -21.69
CA LEU M 270 24.40 3.53 -21.55
C LEU M 270 23.77 4.92 -21.49
N THR M 271 22.58 5.08 -22.05
CA THR M 271 21.90 6.34 -22.04
C THR M 271 20.87 6.43 -20.90
N GLY M 272 20.17 5.33 -20.61
CA GLY M 272 19.44 5.20 -19.35
C GLY M 272 20.32 5.20 -18.11
N GLY M 273 21.39 4.44 -18.14
CA GLY M 273 22.33 4.42 -17.04
C GLY M 273 22.38 3.07 -16.37
N PHE M 274 23.52 2.79 -15.72
CA PHE M 274 23.65 1.56 -14.97
C PHE M 274 22.70 1.46 -13.81
N THR M 275 22.40 2.58 -13.13
CA THR M 275 21.48 2.47 -11.99
C THR M 275 20.11 1.98 -12.47
N ALA M 276 19.53 2.58 -13.49
CA ALA M 276 18.27 2.11 -14.07
C ALA M 276 18.38 0.72 -14.68
N ASN M 277 19.47 0.39 -15.39
CA ASN M 277 19.60 -0.93 -16.01
C ASN M 277 19.57 -2.08 -14.99
N THR M 278 20.30 -1.93 -13.89
CA THR M 278 20.32 -2.91 -12.82
C THR M 278 18.95 -3.06 -12.16
N SER M 279 18.28 -1.96 -11.86
CA SER M 279 16.88 -2.01 -11.41
C SER M 279 16.01 -2.79 -12.38
N LEU M 280 16.16 -2.52 -13.67
CA LEU M 280 15.33 -3.21 -14.65
C LEU M 280 15.66 -4.71 -14.70
N ALA M 281 16.97 -5.06 -14.75
CA ALA M 281 17.41 -6.46 -14.76
C ALA M 281 16.86 -7.25 -13.54
N ILE M 282 16.82 -6.65 -12.37
CA ILE M 282 16.22 -7.29 -11.19
C ILE M 282 14.70 -7.46 -11.35
N TYR M 283 14.00 -6.45 -11.89
CA TYR M 283 12.57 -6.61 -12.19
C TYR M 283 12.35 -7.79 -13.13
N CYS M 284 13.19 -7.89 -14.16
CA CYS M 284 13.07 -8.95 -15.13
C CYS M 284 13.37 -10.34 -14.52
N ARG M 285 14.36 -10.44 -13.65
CA ARG M 285 14.57 -11.69 -12.93
C ARG M 285 13.37 -12.03 -12.07
N ASP M 286 12.82 -11.05 -11.34
CA ASP M 286 11.67 -11.28 -10.47
C ASP M 286 10.37 -11.62 -11.24
N ASN M 287 10.21 -11.22 -12.49
CA ASN M 287 8.94 -11.45 -13.20
C ASN M 287 9.10 -12.30 -14.49
N GLY M 288 10.21 -12.99 -14.67
CA GLY M 288 10.55 -13.84 -15.80
C GLY M 288 10.62 -13.15 -17.17
N LEU M 289 10.77 -11.85 -17.26
CA LEU M 289 11.00 -11.19 -18.56
C LEU M 289 12.45 -11.36 -18.99
N LEU M 290 12.67 -11.61 -20.25
CA LEU M 290 13.98 -11.45 -20.91
C LEU M 290 14.34 -9.98 -21.19
N LEU M 291 15.63 -9.66 -21.09
CA LEU M 291 16.07 -8.26 -21.22
C LEU M 291 17.09 -8.09 -22.37
N HIS M 292 16.65 -7.53 -23.46
CA HIS M 292 17.55 -7.17 -24.57
C HIS M 292 18.26 -5.84 -24.31
N ILE M 293 19.55 -5.76 -24.53
CA ILE M 293 20.27 -4.55 -24.19
C ILE M 293 20.87 -3.89 -25.45
N HIS M 294 20.50 -2.67 -25.69
CA HIS M 294 21.05 -1.93 -26.80
C HIS M 294 22.16 -0.96 -26.37
N ARG M 295 23.15 -0.79 -27.19
CA ARG M 295 24.39 -0.14 -26.73
C ARG M 295 24.58 1.25 -27.33
N ALA M 296 23.49 2.00 -27.51
CA ALA M 296 23.56 3.36 -28.07
C ALA M 296 24.46 4.25 -27.22
N MET M 297 25.31 5.02 -27.91
CA MET M 297 26.36 5.95 -27.42
C MET M 297 27.66 5.25 -27.10
N HIS M 298 27.74 3.92 -27.27
CA HIS M 298 28.98 3.22 -27.00
C HIS M 298 30.16 3.85 -27.79
N ALA M 299 29.91 4.34 -29.03
CA ALA M 299 31.01 4.87 -29.85
C ALA M 299 31.47 6.25 -29.39
N VAL M 300 30.67 6.95 -28.59
CA VAL M 300 31.15 8.15 -27.93
C VAL M 300 32.32 7.82 -27.02
N ILE M 301 32.27 6.67 -26.36
CA ILE M 301 33.24 6.18 -25.36
C ILE M 301 34.27 5.20 -25.93
N ASP M 302 33.88 4.31 -26.82
CA ASP M 302 34.66 3.13 -27.07
C ASP M 302 35.39 3.14 -28.40
N ARG M 303 35.30 4.18 -29.20
CA ARG M 303 35.79 4.07 -30.56
C ARG M 303 37.29 4.43 -30.68
N GLN M 304 37.71 5.54 -30.12
CA GLN M 304 39.08 5.98 -30.33
C GLN M 304 40.06 5.08 -29.61
N ARG M 305 41.08 4.67 -30.34
CA ARG M 305 42.07 3.75 -29.81
C ARG M 305 42.86 4.34 -28.63
N ASN M 306 43.04 5.64 -28.58
CA ASN M 306 43.88 6.16 -27.50
C ASN M 306 43.09 6.65 -26.28
N HIS M 307 41.77 6.80 -26.37
CA HIS M 307 41.04 7.39 -25.25
C HIS M 307 39.64 6.78 -25.10
N GLY M 308 39.21 6.65 -23.86
CA GLY M 308 37.91 6.14 -23.56
C GLY M 308 37.98 4.82 -22.85
N ILE M 309 36.98 4.00 -23.10
CA ILE M 309 36.79 2.72 -22.45
C ILE M 309 36.41 1.76 -23.54
N HIS M 310 37.25 0.78 -23.78
CA HIS M 310 37.00 -0.27 -24.76
C HIS M 310 35.69 -0.98 -24.46
N PHE M 311 34.99 -1.36 -25.51
CA PHE M 311 33.69 -2.03 -25.40
C PHE M 311 33.70 -3.29 -24.53
N ARG M 312 34.79 -4.07 -24.53
CA ARG M 312 34.85 -5.30 -23.74
C ARG M 312 34.64 -5.01 -22.25
N VAL M 313 35.10 -3.86 -21.77
CA VAL M 313 34.84 -3.43 -20.41
C VAL M 313 33.35 -3.13 -20.24
N LEU M 314 32.76 -2.38 -21.18
CA LEU M 314 31.35 -2.01 -21.16
C LEU M 314 30.43 -3.22 -21.29
N ALA M 315 30.89 -4.25 -22.00
CA ALA M 315 30.19 -5.53 -22.10
C ALA M 315 30.23 -6.32 -20.79
N LYS M 316 31.40 -6.33 -20.16
CA LYS M 316 31.62 -6.95 -18.85
C LYS M 316 30.76 -6.25 -17.80
N ALA M 317 30.73 -4.92 -17.82
CA ALA M 317 29.83 -4.13 -16.97
C ALA M 317 28.38 -4.55 -17.17
N LEU M 318 27.93 -4.64 -18.42
CA LEU M 318 26.58 -5.06 -18.76
C LEU M 318 26.28 -6.46 -18.23
N ARG M 319 27.17 -7.41 -18.43
CA ARG M 319 26.96 -8.75 -17.88
C ARG M 319 26.77 -8.75 -16.35
N MET M 320 27.46 -7.88 -15.65
CA MET M 320 27.30 -7.71 -14.22
C MET M 320 25.97 -7.00 -13.89
N SER M 321 25.67 -5.88 -14.58
CA SER M 321 24.43 -5.13 -14.35
C SER M 321 23.23 -5.95 -14.71
N GLY M 322 23.27 -6.62 -15.84
CA GLY M 322 22.32 -7.62 -16.19
C GLY M 322 21.69 -7.35 -17.51
N GLY M 323 21.84 -8.28 -18.42
CA GLY M 323 21.13 -8.27 -19.68
C GLY M 323 21.13 -9.65 -20.29
N ASP M 324 20.03 -10.09 -20.89
CA ASP M 324 20.03 -11.40 -21.54
C ASP M 324 20.62 -11.37 -22.98
N HIS M 325 20.45 -10.29 -23.73
CA HIS M 325 21.13 -10.10 -25.04
C HIS M 325 21.92 -8.80 -25.05
N LEU M 326 22.99 -8.71 -25.82
CA LEU M 326 23.69 -7.46 -25.99
C LEU M 326 24.13 -7.21 -27.43
N HIS M 327 23.75 -6.05 -27.96
CA HIS M 327 24.28 -5.60 -29.25
C HIS M 327 25.78 -5.59 -29.25
N SER M 328 26.34 -6.34 -30.15
CA SER M 328 27.75 -6.60 -30.10
C SER M 328 28.46 -6.17 -31.39
N GLY M 329 27.81 -5.42 -32.20
CA GLY M 329 28.39 -4.97 -33.45
C GLY M 329 28.10 -5.81 -34.69
N THR M 330 28.81 -5.49 -35.72
CA THR M 330 28.90 -6.33 -36.90
C THR M 330 30.33 -6.74 -37.09
N VAL M 331 30.54 -7.88 -37.73
CA VAL M 331 31.85 -8.26 -38.23
C VAL M 331 31.95 -8.12 -39.76
N VAL M 332 30.89 -7.68 -40.41
CA VAL M 332 30.97 -7.30 -41.81
C VAL M 332 31.89 -6.10 -41.98
N GLY M 333 32.73 -6.15 -43.01
CA GLY M 333 33.63 -5.06 -43.29
C GLY M 333 34.81 -4.90 -42.36
N LYS M 334 35.08 -5.88 -41.50
CA LYS M 334 36.18 -5.75 -40.57
C LYS M 334 37.32 -6.69 -40.97
N LEU M 335 38.54 -6.25 -40.71
CA LEU M 335 39.72 -7.06 -40.95
C LEU M 335 39.81 -8.15 -39.88
N GLU M 336 40.68 -9.14 -40.14
CA GLU M 336 40.88 -10.29 -39.24
C GLU M 336 41.32 -9.84 -37.85
N GLY M 337 42.12 -8.79 -37.77
CA GLY M 337 42.57 -8.28 -36.48
C GLY M 337 41.46 -7.61 -35.68
N GLU M 338 40.58 -6.88 -36.34
CA GLU M 338 39.42 -6.32 -35.67
C GLU M 338 38.39 -7.40 -35.35
N ARG M 339 38.44 -8.52 -36.08
CA ARG M 339 37.59 -9.67 -35.85
C ARG M 339 38.08 -10.50 -34.66
N GLU M 340 39.39 -10.59 -34.46
CA GLU M 340 39.97 -11.19 -33.25
C GLU M 340 39.50 -10.47 -31.99
N VAL M 341 39.46 -9.14 -32.02
CA VAL M 341 39.02 -8.34 -30.88
C VAL M 341 37.54 -8.63 -30.56
N THR M 342 36.70 -8.62 -31.60
CA THR M 342 35.28 -8.86 -31.44
C THR M 342 35.01 -10.24 -30.86
N LEU M 343 35.71 -11.26 -31.35
CA LEU M 343 35.53 -12.58 -30.79
C LEU M 343 36.04 -12.66 -29.35
N GLY M 344 37.02 -11.83 -28.97
CA GLY M 344 37.47 -11.79 -27.59
C GLY M 344 36.32 -11.37 -26.68
N PHE M 345 35.65 -10.26 -27.00
CA PHE M 345 34.63 -9.79 -26.07
C PHE M 345 33.39 -10.64 -26.17
N VAL M 346 33.18 -11.32 -27.30
CA VAL M 346 32.07 -12.27 -27.42
C VAL M 346 32.27 -13.44 -26.47
N ASP M 347 33.52 -13.88 -26.31
CA ASP M 347 33.82 -14.89 -25.30
C ASP M 347 33.64 -14.37 -23.86
N LEU M 348 34.00 -13.11 -23.60
CA LEU M 348 33.77 -12.54 -22.27
C LEU M 348 32.28 -12.41 -21.97
N MET M 349 31.48 -12.21 -22.99
CA MET M 349 30.03 -12.09 -22.83
C MET M 349 29.41 -13.44 -22.52
N ARG M 350 29.90 -14.49 -23.16
CA ARG M 350 29.16 -15.74 -23.22
C ARG M 350 29.70 -16.82 -22.29
N ASP M 351 31.00 -16.90 -22.10
CA ASP M 351 31.65 -18.04 -21.47
C ASP M 351 31.74 -17.91 -19.96
N ASP M 352 31.97 -19.05 -19.32
CA ASP M 352 32.23 -19.09 -17.89
C ASP M 352 33.66 -18.72 -17.52
N TYR M 353 34.64 -19.15 -18.28
CA TYR M 353 36.04 -18.95 -17.93
C TYR M 353 36.78 -18.47 -19.17
N VAL M 354 37.40 -17.30 -19.12
CA VAL M 354 38.14 -16.84 -20.28
C VAL M 354 39.61 -16.64 -19.90
N GLU M 355 40.50 -17.29 -20.62
CA GLU M 355 41.95 -17.16 -20.44
C GLU M 355 42.52 -15.92 -21.10
N LYS M 356 43.48 -15.33 -20.42
CA LYS M 356 44.37 -14.31 -20.96
C LYS M 356 44.89 -14.59 -22.36
N ASP M 357 44.69 -13.63 -23.25
CA ASP M 357 44.99 -13.80 -24.67
C ASP M 357 45.13 -12.40 -25.26
N ARG M 358 46.37 -11.92 -25.35
CA ARG M 358 46.63 -10.54 -25.75
C ARG M 358 46.23 -10.26 -27.18
N SER M 359 46.43 -11.22 -28.07
CA SER M 359 46.13 -11.02 -29.48
C SER M 359 44.63 -10.91 -29.73
N ARG M 360 43.82 -11.43 -28.82
CA ARG M 360 42.40 -11.15 -28.83
C ARG M 360 42.04 -9.99 -27.93
N GLY M 361 43.02 -9.23 -27.46
CA GLY M 361 42.77 -8.09 -26.59
C GLY M 361 42.31 -8.43 -25.18
N ILE M 362 42.45 -9.67 -24.76
CA ILE M 362 42.07 -10.09 -23.43
C ILE M 362 43.29 -10.00 -22.52
N TYR M 363 43.25 -9.05 -21.58
CA TYR M 363 44.44 -8.72 -20.79
C TYR M 363 44.47 -9.49 -19.46
N PHE M 364 43.37 -10.12 -19.08
CA PHE M 364 43.24 -10.74 -17.77
C PHE M 364 42.51 -12.05 -17.94
N THR M 365 42.83 -13.04 -17.15
CA THR M 365 41.97 -14.20 -17.04
C THR M 365 40.70 -13.83 -16.27
N GLN M 366 39.55 -14.04 -16.85
CA GLN M 366 38.25 -13.71 -16.24
C GLN M 366 37.53 -15.00 -15.90
N ASP M 367 37.19 -15.18 -14.63
CA ASP M 367 36.39 -16.28 -14.13
C ASP M 367 34.98 -15.74 -13.77
N TRP M 368 34.00 -16.06 -14.59
CA TRP M 368 32.66 -15.56 -14.29
C TRP M 368 31.97 -16.28 -13.14
N CYS M 369 32.51 -17.41 -12.66
CA CYS M 369 32.04 -18.08 -11.43
C CYS M 369 30.53 -18.42 -11.47
N SER M 370 30.11 -18.99 -12.59
CA SER M 370 28.79 -19.42 -13.02
C SER M 370 27.75 -18.30 -13.24
N MET M 371 28.13 -17.02 -13.24
CA MET M 371 27.26 -15.97 -13.74
C MET M 371 26.84 -16.28 -15.18
N PRO M 372 25.55 -16.31 -15.48
CA PRO M 372 25.06 -16.65 -16.84
C PRO M 372 25.62 -15.73 -17.90
N GLY M 373 25.90 -16.31 -19.05
CA GLY M 373 26.36 -15.58 -20.19
C GLY M 373 25.26 -14.77 -20.86
N VAL M 374 25.69 -13.84 -21.67
CA VAL M 374 24.85 -12.96 -22.45
C VAL M 374 24.99 -13.33 -23.94
N MET M 375 23.87 -13.42 -24.63
CA MET M 375 23.81 -13.64 -26.06
C MET M 375 24.23 -12.37 -26.83
N PRO M 376 25.32 -12.40 -27.55
CA PRO M 376 25.63 -11.32 -28.52
C PRO M 376 24.62 -11.21 -29.65
N VAL M 377 24.31 -10.00 -29.99
CA VAL M 377 23.48 -9.69 -31.17
C VAL M 377 24.33 -9.02 -32.25
N ALA M 378 24.48 -9.71 -33.36
CA ALA M 378 25.28 -9.28 -34.48
C ALA M 378 24.42 -8.64 -35.56
N SER M 379 24.85 -7.52 -36.04
CA SER M 379 24.32 -7.02 -37.30
C SER M 379 24.76 -8.00 -38.42
N GLY M 380 23.80 -8.70 -39.01
CA GLY M 380 24.00 -9.30 -40.31
C GLY M 380 24.00 -8.24 -41.38
N GLY M 381 24.52 -8.56 -42.54
CA GLY M 381 24.60 -7.58 -43.57
C GLY M 381 23.27 -7.25 -44.24
N ILE M 382 23.40 -6.50 -45.33
CA ILE M 382 22.29 -6.15 -46.20
C ILE M 382 21.65 -7.41 -46.75
N HIS M 383 22.45 -8.43 -46.99
CA HIS M 383 21.95 -9.56 -47.71
C HIS M 383 22.20 -10.87 -46.97
N VAL M 384 21.77 -11.97 -47.60
CA VAL M 384 21.79 -13.30 -47.00
C VAL M 384 23.05 -14.08 -47.32
N TRP M 385 23.95 -13.54 -48.14
CA TRP M 385 25.19 -14.20 -48.50
C TRP M 385 26.24 -14.07 -47.41
N HIS M 386 26.04 -13.20 -46.44
CA HIS M 386 26.89 -13.20 -45.28
C HIS M 386 26.56 -14.30 -44.30
N MET M 387 25.41 -14.99 -44.46
CA MET M 387 25.01 -16.04 -43.52
C MET M 387 26.07 -17.10 -43.24
N PRO M 388 26.82 -17.67 -44.23
CA PRO M 388 27.87 -18.64 -43.88
C PRO M 388 28.98 -18.09 -42.99
N ALA M 389 29.43 -16.87 -43.23
CA ALA M 389 30.45 -16.26 -42.39
C ALA M 389 29.95 -16.06 -40.96
N LEU M 390 28.73 -15.53 -40.79
CA LEU M 390 28.16 -15.31 -39.45
C LEU M 390 28.02 -16.60 -38.64
N VAL M 391 27.60 -17.68 -39.28
CA VAL M 391 27.43 -18.94 -38.57
C VAL M 391 28.77 -19.52 -38.17
N GLU M 392 29.77 -19.37 -39.03
CA GLU M 392 31.11 -19.86 -38.74
C GLU M 392 31.78 -19.04 -37.64
N ILE M 393 31.58 -17.73 -37.62
CA ILE M 393 32.28 -16.91 -36.66
C ILE M 393 31.59 -16.97 -35.30
N PHE M 394 30.27 -16.78 -35.27
CA PHE M 394 29.60 -16.69 -33.98
C PHE M 394 29.28 -18.06 -33.40
N GLY M 395 29.10 -19.07 -34.22
CA GLY M 395 28.48 -20.32 -33.81
C GLY M 395 26.98 -20.16 -33.52
N ASP M 396 26.40 -21.11 -32.81
CA ASP M 396 24.96 -21.06 -32.61
C ASP M 396 24.52 -19.98 -31.61
N ASP M 397 25.32 -19.64 -30.59
CA ASP M 397 24.82 -18.80 -29.50
C ASP M 397 24.95 -17.32 -29.83
N ALA M 398 24.02 -16.84 -30.65
CA ALA M 398 23.99 -15.47 -31.12
C ALA M 398 22.64 -15.17 -31.77
N CYS M 399 22.22 -13.93 -31.70
CA CYS M 399 21.14 -13.48 -32.55
C CYS M 399 21.76 -12.76 -33.73
N LEU M 400 21.34 -13.12 -34.89
CA LEU M 400 21.74 -12.40 -36.07
C LEU M 400 20.63 -11.44 -36.44
N GLN M 401 20.92 -10.16 -36.41
CA GLN M 401 19.95 -9.15 -36.78
C GLN M 401 20.14 -8.76 -38.23
N PHE M 402 19.04 -8.70 -38.94
CA PHE M 402 19.05 -8.34 -40.34
C PHE M 402 18.36 -6.99 -40.49
N GLY M 403 19.10 -6.03 -41.04
CA GLY M 403 18.64 -4.65 -41.04
C GLY M 403 17.80 -4.32 -42.25
N GLY M 404 18.05 -5.04 -43.34
CA GLY M 404 17.22 -5.00 -44.52
C GLY M 404 17.26 -6.28 -45.34
N GLY M 405 17.75 -7.39 -44.78
CA GLY M 405 17.65 -8.67 -45.47
C GLY M 405 16.20 -9.04 -45.71
N THR M 406 15.43 -9.06 -44.64
CA THR M 406 14.01 -9.29 -44.66
C THR M 406 13.24 -8.23 -45.50
N LEU M 407 13.72 -6.97 -45.53
CA LEU M 407 12.85 -5.90 -46.07
C LEU M 407 13.40 -5.31 -47.37
N GLY M 408 14.68 -5.51 -47.65
CA GLY M 408 15.11 -5.23 -49.00
C GLY M 408 14.69 -6.32 -49.95
N HIS M 409 14.21 -7.45 -49.43
CA HIS M 409 13.68 -8.53 -50.24
C HIS M 409 12.55 -8.02 -51.11
N PRO M 410 12.51 -8.40 -52.38
CA PRO M 410 11.54 -7.79 -53.28
C PRO M 410 10.11 -8.22 -53.01
N TRP M 411 9.88 -9.37 -52.38
CA TRP M 411 8.52 -9.82 -52.10
C TRP M 411 7.98 -9.34 -50.76
N GLY M 412 8.74 -8.64 -49.93
CA GLY M 412 8.23 -8.04 -48.72
C GLY M 412 8.78 -8.69 -47.47
N ASN M 413 8.21 -8.27 -46.32
CA ASN M 413 8.75 -8.69 -45.02
C ASN M 413 8.69 -10.22 -44.81
N ALA M 414 7.54 -10.84 -44.97
CA ALA M 414 7.43 -12.27 -44.63
C ALA M 414 8.32 -13.17 -45.51
N PRO M 415 8.37 -13.03 -46.85
CA PRO M 415 9.33 -13.86 -47.61
C PRO M 415 10.80 -13.50 -47.32
N GLY M 416 11.05 -12.24 -46.97
CA GLY M 416 12.38 -11.86 -46.56
C GLY M 416 12.81 -12.55 -45.28
N ALA M 417 11.90 -12.59 -44.29
CA ALA M 417 12.13 -13.35 -43.08
C ALA M 417 12.35 -14.81 -43.43
N ALA M 418 11.52 -15.33 -44.35
CA ALA M 418 11.63 -16.74 -44.71
C ALA M 418 12.92 -17.04 -45.44
N ALA M 419 13.40 -16.10 -46.24
CA ALA M 419 14.69 -16.26 -46.92
C ALA M 419 15.85 -16.25 -45.92
N ASN M 420 15.82 -15.37 -44.92
CA ASN M 420 16.85 -15.40 -43.87
C ASN M 420 16.84 -16.69 -43.07
N ARG M 421 15.67 -17.21 -42.73
CA ARG M 421 15.55 -18.42 -41.93
C ARG M 421 16.03 -19.66 -42.69
N VAL M 422 15.71 -19.74 -43.98
CA VAL M 422 16.19 -20.83 -44.84
C VAL M 422 17.72 -20.83 -44.94
N ALA M 423 18.29 -19.66 -45.21
CA ALA M 423 19.74 -19.51 -45.32
C ALA M 423 20.48 -19.86 -44.03
N LEU M 424 19.93 -19.44 -42.86
CA LEU M 424 20.52 -19.78 -41.58
C LEU M 424 20.46 -21.27 -41.35
N GLU M 425 19.31 -21.88 -41.65
CA GLU M 425 19.12 -23.29 -41.38
C GLU M 425 19.97 -24.16 -42.31
N ALA M 426 20.11 -23.77 -43.59
CA ALA M 426 20.95 -24.53 -44.54
C ALA M 426 22.43 -24.41 -44.19
N CYS M 427 22.88 -23.23 -43.77
CA CYS M 427 24.23 -23.07 -43.27
C CYS M 427 24.44 -23.85 -41.97
N THR M 428 23.43 -23.94 -41.11
CA THR M 428 23.54 -24.74 -39.90
C THR M 428 23.65 -26.22 -40.23
N GLN M 429 22.78 -26.70 -41.10
CA GLN M 429 22.83 -28.07 -41.60
C GLN M 429 24.20 -28.41 -42.19
N ALA M 430 24.72 -27.54 -43.04
CA ALA M 430 25.99 -27.77 -43.72
C ALA M 430 27.17 -27.78 -42.76
N ARG M 431 27.17 -26.87 -41.78
CA ARG M 431 28.14 -26.87 -40.69
C ARG M 431 28.10 -28.17 -39.90
N ASN M 432 26.91 -28.69 -39.56
CA ASN M 432 26.85 -29.91 -38.76
C ASN M 432 27.32 -31.10 -39.56
N GLU M 433 27.08 -31.12 -40.86
CA GLU M 433 27.57 -32.11 -41.81
C GLU M 433 29.06 -32.03 -42.09
N GLY M 434 29.79 -31.14 -41.46
CA GLY M 434 31.22 -31.08 -41.58
C GLY M 434 31.75 -30.25 -42.72
N ARG M 435 30.90 -29.52 -43.44
CA ARG M 435 31.36 -28.68 -44.53
C ARG M 435 32.02 -27.41 -44.01
N ASP M 436 32.99 -26.93 -44.75
CA ASP M 436 33.74 -25.72 -44.44
C ASP M 436 32.96 -24.52 -44.98
N LEU M 437 32.38 -23.73 -44.08
CA LEU M 437 31.57 -22.61 -44.51
C LEU M 437 32.40 -21.46 -45.06
N ALA M 438 33.69 -21.39 -44.70
CA ALA M 438 34.58 -20.40 -45.29
C ALA M 438 34.74 -20.64 -46.78
N ARG M 439 34.79 -21.89 -47.18
CA ARG M 439 35.01 -22.21 -48.59
C ARG M 439 33.69 -22.41 -49.31
N GLU M 440 32.80 -23.21 -48.73
CA GLU M 440 31.67 -23.79 -49.41
C GLU M 440 30.36 -23.07 -49.14
N GLY M 441 30.40 -21.90 -48.51
CA GLY M 441 29.16 -21.27 -48.09
C GLY M 441 28.33 -20.73 -49.23
N GLY M 442 29.00 -20.21 -50.26
CA GLY M 442 28.31 -19.85 -51.48
C GLY M 442 27.65 -21.03 -52.16
N ASP M 443 28.32 -22.17 -52.16
CA ASP M 443 27.74 -23.39 -52.68
C ASP M 443 26.58 -23.91 -51.82
N VAL M 444 26.60 -23.63 -50.50
CA VAL M 444 25.47 -24.01 -49.64
C VAL M 444 24.24 -23.17 -49.95
N ILE M 445 24.43 -21.87 -50.11
CA ILE M 445 23.32 -20.96 -50.38
C ILE M 445 22.68 -21.25 -51.75
N ARG M 446 23.51 -21.39 -52.81
CA ARG M 446 23.02 -21.68 -54.16
C ARG M 446 22.24 -23.01 -54.22
N SER M 447 22.67 -23.98 -53.44
CA SER M 447 21.97 -25.25 -53.36
C SER M 447 20.62 -25.12 -52.63
N ALA M 448 20.50 -24.20 -51.67
CA ALA M 448 19.22 -23.99 -51.03
C ALA M 448 18.29 -23.14 -51.90
N CYS M 449 18.85 -22.30 -52.77
CA CYS M 449 18.08 -21.52 -53.73
C CYS M 449 17.29 -22.39 -54.70
N LYS M 450 17.76 -23.61 -54.98
CA LYS M 450 17.08 -24.48 -55.94
C LYS M 450 15.70 -24.89 -55.45
N TRP M 451 15.54 -25.20 -54.18
CA TRP M 451 14.22 -25.54 -53.68
C TRP M 451 13.49 -24.40 -52.95
N SER M 452 14.15 -23.30 -52.59
CA SER M 452 13.43 -22.24 -51.87
C SER M 452 13.23 -21.06 -52.81
N PRO M 453 12.01 -20.79 -53.26
CA PRO M 453 11.81 -19.60 -54.11
C PRO M 453 12.06 -18.28 -53.40
N GLU M 454 11.83 -18.21 -52.09
CA GLU M 454 12.11 -16.96 -51.37
C GLU M 454 13.59 -16.67 -51.32
N LEU M 455 14.38 -17.68 -50.96
CA LEU M 455 15.84 -17.50 -50.97
C LEU M 455 16.37 -17.23 -52.38
N ALA M 456 15.80 -17.89 -53.38
CA ALA M 456 16.20 -17.65 -54.77
C ALA M 456 15.93 -16.21 -55.20
N ALA M 457 14.81 -15.62 -54.77
CA ALA M 457 14.53 -14.22 -55.08
C ALA M 457 15.41 -13.26 -54.29
N ALA M 458 15.86 -13.64 -53.10
CA ALA M 458 16.78 -12.76 -52.36
C ALA M 458 18.15 -12.76 -53.00
N CYS M 459 18.57 -13.88 -53.58
CA CYS M 459 19.89 -13.97 -54.19
C CYS M 459 19.94 -13.41 -55.59
N GLU M 460 18.78 -13.17 -56.21
CA GLU M 460 18.67 -12.42 -57.45
C GLU M 460 19.16 -10.99 -57.28
N VAL M 461 18.80 -10.37 -56.16
CA VAL M 461 19.38 -9.13 -55.67
C VAL M 461 20.89 -9.26 -55.50
N MET N 46 23.99 0.46 54.47
CA MET N 46 23.35 0.30 53.17
C MET N 46 23.13 1.70 52.65
N MET N 47 23.75 2.02 51.53
CA MET N 47 23.80 3.36 50.98
C MET N 47 22.98 3.40 49.68
N VAL N 48 22.61 4.59 49.21
CA VAL N 48 21.77 4.78 48.01
C VAL N 48 22.58 5.52 46.96
N TRP N 49 22.75 4.89 45.79
CA TRP N 49 23.39 5.55 44.66
C TRP N 49 22.55 6.75 44.25
N THR N 50 23.10 7.92 44.30
CA THR N 50 22.25 9.10 44.14
C THR N 50 21.89 9.36 42.66
N PRO N 51 20.62 9.67 42.37
CA PRO N 51 20.22 10.10 41.03
C PRO N 51 20.42 11.58 40.77
N VAL N 52 20.82 12.38 41.75
CA VAL N 52 20.86 13.83 41.58
C VAL N 52 22.28 14.24 41.24
N ASN N 53 22.43 15.06 40.21
CA ASN N 53 23.70 15.69 39.84
C ASN N 53 24.86 14.70 39.75
N ASN N 54 24.61 13.54 39.19
CA ASN N 54 25.53 12.43 39.29
C ASN N 54 25.84 11.91 37.88
N LYS N 55 26.07 12.82 36.95
CA LYS N 55 26.40 12.48 35.56
C LYS N 55 27.76 11.77 35.39
N MET N 56 27.82 10.82 34.46
CA MET N 56 29.03 10.06 34.17
C MET N 56 29.52 10.35 32.73
N PHE N 57 30.80 10.16 32.49
CA PHE N 57 31.33 10.52 31.18
C PHE N 57 32.07 9.42 30.48
N GLU N 58 31.49 8.22 30.58
CA GLU N 58 31.98 6.96 30.03
C GLU N 58 33.22 6.38 30.71
N THR N 59 34.16 5.85 29.95
CA THR N 59 35.29 5.15 30.56
C THR N 59 36.10 5.96 31.57
N PHE N 60 36.28 5.32 32.73
CA PHE N 60 37.01 5.79 33.94
C PHE N 60 36.23 6.79 34.82
N SER N 61 35.02 7.17 34.43
CA SER N 61 34.26 8.14 35.24
C SER N 61 33.76 7.56 36.57
N TYR N 62 33.82 6.26 36.74
CA TYR N 62 33.44 5.70 38.02
C TYR N 62 34.65 5.57 38.95
N LEU N 63 35.83 5.94 38.51
CA LEU N 63 37.06 5.99 39.33
C LEU N 63 37.24 7.40 39.86
N PRO N 64 38.08 7.61 40.89
CA PRO N 64 38.50 8.99 41.21
C PRO N 64 39.15 9.65 40.02
N PRO N 65 39.12 10.99 39.92
CA PRO N 65 39.77 11.68 38.79
C PRO N 65 41.23 11.32 38.67
N LEU N 66 41.64 11.03 37.46
CA LEU N 66 42.98 10.52 37.27
C LEU N 66 43.98 11.64 37.57
N SER N 67 44.92 11.36 38.42
CA SER N 67 46.03 12.28 38.67
C SER N 67 46.91 12.38 37.43
N ASP N 68 47.86 13.32 37.50
CA ASP N 68 48.79 13.53 36.41
C ASP N 68 49.63 12.28 36.14
N GLU N 69 50.02 11.57 37.19
CA GLU N 69 50.73 10.30 37.00
C GLU N 69 49.83 9.24 36.42
N GLN N 70 48.56 9.24 36.79
CA GLN N 70 47.61 8.31 36.20
C GLN N 70 47.35 8.64 34.74
N ILE N 71 47.29 9.93 34.39
CA ILE N 71 47.13 10.30 32.99
C ILE N 71 48.37 9.92 32.19
N ALA N 72 49.55 10.15 32.76
CA ALA N 72 50.81 9.84 32.10
C ALA N 72 50.96 8.35 31.84
N ALA N 73 50.51 7.53 32.76
CA ALA N 73 50.57 6.09 32.55
C ALA N 73 49.58 5.62 31.47
N GLN N 74 48.40 6.22 31.38
CA GLN N 74 47.50 5.93 30.27
C GLN N 74 48.09 6.37 28.93
N VAL N 75 48.77 7.52 28.90
CA VAL N 75 49.43 7.99 27.67
C VAL N 75 50.56 7.05 27.25
N ASP N 76 51.29 6.50 28.23
CA ASP N 76 52.24 5.43 27.94
C ASP N 76 51.61 4.22 27.31
N TYR N 77 50.40 3.85 27.73
CA TYR N 77 49.69 2.77 27.09
C TYR N 77 49.33 3.14 25.65
N ILE N 78 48.89 4.38 25.42
CA ILE N 78 48.57 4.87 24.08
C ILE N 78 49.80 4.84 23.16
N VAL N 79 50.94 5.31 23.65
CA VAL N 79 52.14 5.44 22.83
C VAL N 79 52.72 4.07 22.47
N ALA N 80 52.81 3.17 23.44
CA ALA N 80 53.35 1.81 23.23
C ALA N 80 52.56 1.05 22.17
N ASN N 81 51.27 1.26 22.12
CA ASN N 81 50.44 0.63 21.13
C ASN N 81 50.52 1.27 19.76
N GLY N 82 51.28 2.33 19.58
CA GLY N 82 51.27 3.08 18.33
C GLY N 82 50.02 3.91 18.10
N TRP N 83 49.29 4.22 19.14
CA TRP N 83 48.04 4.94 18.99
C TRP N 83 48.27 6.44 18.96
N ILE N 84 47.29 7.16 18.43
CA ILE N 84 47.42 8.60 18.28
C ILE N 84 46.53 9.27 19.33
N PRO N 85 47.11 9.90 20.35
CA PRO N 85 46.31 10.68 21.30
C PRO N 85 45.73 11.94 20.67
N CYS N 86 44.58 12.37 21.18
CA CYS N 86 43.95 13.62 20.80
C CYS N 86 43.12 14.10 21.98
N LEU N 87 43.00 15.39 22.15
CA LEU N 87 42.13 15.92 23.21
C LEU N 87 40.86 16.47 22.61
N GLU N 88 39.79 16.37 23.36
CA GLU N 88 38.49 16.94 23.02
C GLU N 88 37.85 17.60 24.21
N PHE N 89 37.04 18.60 23.95
CA PHE N 89 36.43 19.37 25.01
C PHE N 89 35.01 19.78 24.64
N ALA N 90 34.23 20.03 25.67
CA ALA N 90 32.86 20.48 25.58
C ALA N 90 32.48 21.31 26.80
N GLU N 91 31.56 22.24 26.58
CA GLU N 91 30.99 23.01 27.66
C GLU N 91 29.94 22.11 28.34
N SER N 92 29.54 22.42 29.56
CA SER N 92 28.63 21.53 30.29
C SER N 92 27.30 21.23 29.59
N ASP N 93 26.74 22.19 28.88
CA ASP N 93 25.50 21.99 28.14
C ASP N 93 25.68 21.11 26.88
N LYS N 94 26.92 20.82 26.50
CA LYS N 94 27.17 19.99 25.36
C LYS N 94 27.89 18.74 25.76
N ALA N 95 28.20 18.61 27.03
CA ALA N 95 28.97 17.46 27.51
C ALA N 95 28.30 16.09 27.47
N TYR N 96 27.03 16.00 27.81
CA TYR N 96 26.36 14.69 27.83
C TYR N 96 25.27 14.47 26.78
N VAL N 97 24.93 13.22 26.50
CA VAL N 97 23.98 12.93 25.44
C VAL N 97 22.62 13.60 25.61
N SER N 98 22.10 14.07 24.48
CA SER N 98 20.81 14.76 24.44
C SER N 98 20.09 14.40 23.14
N ASN N 99 18.79 14.67 23.09
CA ASN N 99 17.93 14.37 21.94
C ASN N 99 17.33 15.56 21.21
N GLU N 100 17.87 16.76 21.33
CA GLU N 100 17.09 17.91 20.86
C GLU N 100 16.95 17.99 19.33
N SER N 101 17.94 17.55 18.54
CA SER N 101 17.82 17.53 17.07
C SER N 101 16.71 16.63 16.55
N ALA N 102 16.24 15.67 17.34
CA ALA N 102 15.22 14.72 16.92
C ALA N 102 13.86 15.35 16.64
N ILE N 103 13.66 16.60 17.05
CA ILE N 103 12.47 17.35 16.70
C ILE N 103 12.31 17.44 15.18
N ARG N 104 13.42 17.49 14.43
CA ARG N 104 13.39 17.60 12.96
C ARG N 104 13.11 16.28 12.27
N PHE N 105 13.14 15.19 12.98
CA PHE N 105 13.18 13.86 12.36
C PHE N 105 11.80 13.27 12.14
N GLY N 106 11.70 12.44 11.11
CA GLY N 106 10.74 11.37 11.03
C GLY N 106 11.01 10.22 12.04
N SER N 107 10.80 8.96 11.70
CA SER N 107 11.02 7.90 12.69
C SER N 107 12.41 7.29 12.67
N VAL N 108 13.45 8.07 12.65
CA VAL N 108 14.80 7.56 12.49
C VAL N 108 15.66 7.99 13.67
N SER N 109 15.09 8.13 14.86
CA SER N 109 15.97 8.54 15.99
C SER N 109 16.86 7.39 16.56
N CYS N 110 16.63 6.16 16.15
CA CYS N 110 17.32 4.98 16.67
C CYS N 110 18.86 5.10 16.62
N LEU N 111 19.46 5.13 17.80
CA LEU N 111 20.91 5.32 18.00
C LEU N 111 21.43 6.68 17.51
N TYR N 112 20.58 7.62 17.20
CA TYR N 112 20.99 9.00 17.05
C TYR N 112 21.01 9.66 18.43
N TYR N 113 22.07 10.35 18.74
CA TYR N 113 22.02 11.26 19.88
C TYR N 113 22.94 12.44 19.62
N ASP N 114 22.56 13.59 20.06
CA ASP N 114 23.42 14.75 19.96
C ASP N 114 24.43 14.73 21.12
N ASN N 115 25.53 15.45 20.95
CA ASN N 115 26.66 15.70 21.88
C ASN N 115 27.59 14.49 22.08
N ARG N 116 27.50 13.43 21.28
CA ARG N 116 28.57 12.46 21.23
C ARG N 116 29.85 13.08 20.69
N TYR N 117 29.76 13.80 19.61
CA TYR N 117 30.88 14.60 19.14
C TYR N 117 31.18 15.70 20.16
N TRP N 118 32.40 15.82 20.57
CA TRP N 118 32.91 17.02 21.23
C TRP N 118 33.77 17.85 20.26
N THR N 119 34.38 18.92 20.74
CA THR N 119 35.21 19.77 19.89
C THR N 119 36.70 19.41 20.05
N MET N 120 37.39 19.21 18.95
CA MET N 120 38.80 18.85 18.96
C MET N 120 39.70 20.00 19.45
N TRP N 121 40.68 19.67 20.28
CA TRP N 121 41.63 20.67 20.74
C TRP N 121 42.83 20.47 19.85
N LYS N 122 43.10 21.47 19.03
CA LYS N 122 44.21 21.44 18.06
C LYS N 122 44.08 20.21 17.16
N LEU N 123 45.16 19.46 17.01
CA LEU N 123 45.12 18.30 16.15
C LEU N 123 45.58 17.00 16.81
N PRO N 124 45.17 15.86 16.25
CA PRO N 124 45.71 14.59 16.73
C PRO N 124 47.22 14.66 16.69
N MET N 125 47.82 14.20 17.76
CA MET N 125 49.24 14.36 18.00
C MET N 125 49.98 13.24 17.30
N PHE N 126 50.10 13.38 15.98
CA PHE N 126 50.78 12.39 15.17
C PHE N 126 52.25 12.37 15.57
N GLY N 127 52.76 11.17 15.80
CA GLY N 127 54.13 10.95 16.22
C GLY N 127 54.40 11.22 17.68
N CYS N 128 53.37 11.32 18.50
CA CYS N 128 53.55 11.48 19.93
C CYS N 128 54.22 10.25 20.52
N ARG N 129 55.35 10.49 21.15
CA ARG N 129 56.12 9.47 21.81
C ARG N 129 56.29 9.76 23.30
N ASP N 130 56.33 11.03 23.66
CA ASP N 130 56.55 11.40 25.03
C ASP N 130 55.27 11.85 25.69
N PRO N 131 54.97 11.39 26.91
CA PRO N 131 53.69 11.76 27.53
C PRO N 131 53.59 13.18 28.04
N MET N 132 54.69 13.94 28.04
CA MET N 132 54.66 15.25 28.66
C MET N 132 54.01 16.27 27.73
N GLN N 133 53.98 15.97 26.43
CA GLN N 133 53.26 16.81 25.49
C GLN N 133 51.75 16.77 25.72
N VAL N 134 51.19 15.60 25.99
CA VAL N 134 49.77 15.49 26.26
C VAL N 134 49.43 16.21 27.54
N LEU N 135 50.29 16.06 28.56
CA LEU N 135 50.07 16.71 29.84
C LEU N 135 50.15 18.23 29.73
N ARG N 136 51.02 18.71 28.85
CA ARG N 136 51.11 20.13 28.56
C ARG N 136 49.86 20.62 27.82
N GLU N 137 49.41 19.84 26.83
CA GLU N 137 48.22 20.19 26.09
C GLU N 137 46.97 20.13 26.94
N ILE N 138 46.92 19.22 27.91
CA ILE N 138 45.79 19.18 28.84
C ILE N 138 45.71 20.47 29.64
N VAL N 139 46.85 20.92 30.17
CA VAL N 139 46.92 22.19 30.89
C VAL N 139 46.52 23.36 30.00
N ALA N 140 47.02 23.39 28.76
CA ALA N 140 46.67 24.48 27.85
C ALA N 140 45.18 24.53 27.52
N CYS N 141 44.54 23.37 27.29
CA CYS N 141 43.12 23.34 27.00
C CYS N 141 42.29 23.83 28.19
N THR N 142 42.64 23.37 29.38
CA THR N 142 41.89 23.75 30.57
C THR N 142 42.11 25.21 30.92
N LYS N 143 43.29 25.73 30.61
CA LYS N 143 43.55 27.14 30.79
C LYS N 143 42.73 28.00 29.83
N ALA N 144 42.64 27.59 28.56
CA ALA N 144 41.80 28.31 27.61
C ALA N 144 40.32 28.10 27.89
N PHE N 145 39.94 26.96 28.43
CA PHE N 145 38.53 26.64 28.61
C PHE N 145 38.28 26.15 30.03
N PRO N 146 38.17 27.06 30.99
CA PRO N 146 38.06 26.61 32.39
C PRO N 146 36.70 26.02 32.74
N ASP N 147 35.66 26.36 32.01
CA ASP N 147 34.35 25.80 32.26
C ASP N 147 34.05 24.53 31.44
N ALA N 148 35.06 23.92 30.83
CA ALA N 148 34.89 22.81 29.90
C ALA N 148 35.34 21.47 30.49
N TYR N 149 34.55 20.44 30.26
CA TYR N 149 35.06 19.08 30.39
C TYR N 149 36.12 18.82 29.31
N VAL N 150 37.14 18.03 29.60
CA VAL N 150 38.20 17.70 28.63
C VAL N 150 38.38 16.19 28.61
N ARG N 151 38.34 15.60 27.45
CA ARG N 151 38.55 14.18 27.34
C ARG N 151 39.74 13.88 26.45
N LEU N 152 40.42 12.81 26.80
CA LEU N 152 41.56 12.33 26.04
C LEU N 152 41.13 11.13 25.22
N VAL N 153 41.29 11.23 23.93
CA VAL N 153 40.88 10.12 23.10
C VAL N 153 42.13 9.56 22.43
N ALA N 154 41.99 8.42 21.81
CA ALA N 154 43.07 7.80 21.09
C ALA N 154 42.55 7.08 19.88
N PHE N 155 43.28 7.16 18.80
CA PHE N 155 42.92 6.59 17.51
C PHE N 155 43.94 5.53 17.13
N ASP N 156 43.47 4.43 16.61
CA ASP N 156 44.33 3.37 16.12
C ASP N 156 44.28 3.37 14.63
N ASN N 157 45.38 3.80 14.02
CA ASN N 157 45.41 3.99 12.57
C ASN N 157 45.45 2.67 11.83
N GLN N 158 45.82 1.57 12.52
CA GLN N 158 45.68 0.26 11.91
C GLN N 158 44.22 -0.10 11.70
N LYS N 159 43.44 -0.13 12.76
CA LYS N 159 42.03 -0.47 12.65
C LYS N 159 41.19 0.74 12.21
N GLN N 160 41.82 1.92 12.00
CA GLN N 160 41.20 3.17 11.53
C GLN N 160 39.90 3.51 12.30
N VAL N 161 40.03 3.72 13.61
CA VAL N 161 38.89 3.89 14.49
C VAL N 161 39.37 4.46 15.82
N GLN N 162 38.56 5.32 16.42
CA GLN N 162 38.74 5.68 17.82
C GLN N 162 38.76 4.46 18.71
N ILE N 163 39.74 4.38 19.58
CA ILE N 163 39.98 3.20 20.40
C ILE N 163 40.01 3.50 21.89
N MET N 164 40.22 4.75 22.30
CA MET N 164 40.04 5.13 23.71
C MET N 164 39.30 6.44 23.80
N GLY N 165 38.79 6.68 24.99
CA GLY N 165 38.23 7.95 25.37
C GLY N 165 37.85 7.93 26.83
N PHE N 166 38.50 8.78 27.60
CA PHE N 166 38.28 8.90 29.02
C PHE N 166 38.52 10.33 29.38
N LEU N 167 37.91 10.74 30.46
CA LEU N 167 37.88 12.11 30.88
C LEU N 167 39.13 12.45 31.67
N VAL N 168 39.70 13.62 31.43
CA VAL N 168 40.83 14.09 32.20
C VAL N 168 40.54 15.34 32.99
N GLN N 169 39.44 16.02 32.75
CA GLN N 169 39.18 17.21 33.51
C GLN N 169 37.68 17.47 33.55
N ARG N 170 37.21 17.73 34.74
CA ARG N 170 35.89 18.24 34.99
C ARG N 170 36.00 19.71 35.37
N PRO N 171 35.08 20.55 34.93
CA PRO N 171 35.11 21.93 35.41
C PRO N 171 34.52 22.00 36.80
N LYS N 172 35.20 22.77 37.65
CA LYS N 172 34.73 23.09 39.01
C LYS N 172 33.31 23.67 38.99
N SER N 173 33.04 24.54 38.04
CA SER N 173 31.75 25.21 37.98
C SER N 173 30.62 24.28 37.53
N ALA N 174 30.93 23.08 37.06
CA ALA N 174 29.89 22.12 36.74
C ALA N 174 29.28 21.55 38.00
N ARG N 175 28.00 21.75 38.17
CA ARG N 175 27.29 21.08 39.25
C ARG N 175 26.70 19.73 38.82
N ASP N 176 26.81 19.36 37.55
CA ASP N 176 26.20 18.14 36.98
C ASP N 176 26.75 16.83 37.56
N TRP N 177 27.89 16.83 38.24
CA TRP N 177 28.59 15.61 38.59
C TRP N 177 28.98 15.55 40.06
N GLN N 178 29.25 14.39 40.54
CA GLN N 178 29.49 14.27 41.98
C GLN N 178 30.92 13.95 42.28
N PRO N 179 31.49 14.59 43.33
CA PRO N 179 32.91 14.44 43.68
C PRO N 179 33.23 13.19 44.48
N ALA N 180 32.76 12.05 44.00
CA ALA N 180 33.09 10.70 44.48
C ALA N 180 32.74 10.47 45.94
N ASN N 181 31.79 11.28 46.46
CA ASN N 181 30.93 11.06 47.62
C ASN N 181 29.48 11.04 47.15
N LYS N 182 29.23 10.15 46.17
CA LYS N 182 28.05 9.90 45.38
C LYS N 182 27.24 8.67 45.83
N ARG N 183 27.69 7.97 46.85
CA ARG N 183 26.93 7.10 47.75
C ARG N 183 26.10 6.02 47.08
N LYS O 18 19.53 6.89 -46.60
CA LYS O 18 20.77 6.80 -45.86
C LYS O 18 21.95 7.52 -46.55
N ASP O 19 22.17 8.79 -46.18
CA ASP O 19 23.28 9.61 -46.68
C ASP O 19 23.22 9.72 -48.21
N TYR O 20 22.17 10.40 -48.70
CA TYR O 20 22.02 10.60 -50.13
C TYR O 20 22.74 11.86 -50.57
N ARG O 21 23.02 12.72 -49.59
CA ARG O 21 23.57 14.07 -49.60
C ARG O 21 22.56 15.09 -50.09
N LEU O 22 21.54 14.72 -50.84
CA LEU O 22 20.62 15.76 -51.29
C LEU O 22 19.33 15.65 -50.52
N THR O 23 19.10 14.48 -49.94
CA THR O 23 17.98 14.38 -49.03
C THR O 23 18.29 15.09 -47.71
N TYR O 24 19.51 14.93 -47.19
CA TYR O 24 19.78 15.23 -45.79
C TYR O 24 20.55 16.49 -45.60
N TYR O 25 21.33 16.87 -46.60
CA TYR O 25 22.01 18.13 -46.59
C TYR O 25 21.14 19.10 -47.37
N THR O 26 20.46 19.98 -46.65
CA THR O 26 19.47 20.89 -47.19
C THR O 26 19.85 22.29 -46.79
N PRO O 27 20.81 22.90 -47.47
CA PRO O 27 21.39 24.14 -46.96
C PRO O 27 20.49 25.35 -47.09
N ASP O 28 19.32 25.24 -47.68
CA ASP O 28 18.37 26.33 -47.69
C ASP O 28 17.19 26.10 -46.72
N TYR O 29 17.25 25.06 -45.86
CA TYR O 29 16.25 24.83 -44.82
C TYR O 29 16.17 26.01 -43.86
N VAL O 30 14.98 26.44 -43.54
CA VAL O 30 14.80 27.44 -42.48
C VAL O 30 14.54 26.73 -41.15
N VAL O 31 15.37 27.07 -40.17
CA VAL O 31 15.30 26.50 -38.84
C VAL O 31 14.01 26.94 -38.16
N ARG O 32 13.22 25.98 -37.73
CA ARG O 32 12.02 26.23 -36.96
C ARG O 32 12.35 26.55 -35.49
N ASP O 33 11.42 27.19 -34.80
CA ASP O 33 11.63 27.55 -33.41
C ASP O 33 11.59 26.35 -32.48
N THR O 34 10.84 25.33 -32.84
CA THR O 34 10.70 24.15 -32.02
C THR O 34 11.78 23.09 -32.30
N ASP O 35 12.59 23.27 -33.33
CA ASP O 35 13.67 22.33 -33.61
C ASP O 35 14.73 22.31 -32.54
N ILE O 36 15.28 21.15 -32.34
CA ILE O 36 16.50 20.93 -31.59
C ILE O 36 17.69 21.03 -32.54
N LEU O 37 18.63 21.88 -32.25
CA LEU O 37 19.75 22.02 -33.14
C LEU O 37 20.99 21.39 -32.52
N ALA O 38 21.85 20.87 -33.34
CA ALA O 38 23.10 20.29 -32.89
C ALA O 38 24.24 20.85 -33.73
N ALA O 39 25.36 21.13 -33.10
CA ALA O 39 26.60 21.46 -33.82
C ALA O 39 27.63 20.36 -33.58
N PHE O 40 27.92 19.62 -34.60
CA PHE O 40 28.95 18.60 -34.62
C PHE O 40 30.26 19.07 -35.24
N ARG O 41 31.31 19.05 -34.46
CA ARG O 41 32.67 19.11 -35.00
C ARG O 41 33.04 17.75 -35.59
N MET O 42 33.34 17.75 -36.85
CA MET O 42 33.31 16.59 -37.71
C MET O 42 34.67 16.42 -38.39
N THR O 43 35.22 15.22 -38.34
CA THR O 43 36.50 14.91 -39.00
C THR O 43 36.30 13.80 -40.02
N PRO O 44 36.03 14.15 -41.28
CA PRO O 44 35.76 13.13 -42.29
C PRO O 44 36.99 12.29 -42.63
N GLN O 45 36.73 11.06 -43.03
CA GLN O 45 37.78 10.24 -43.59
C GLN O 45 38.30 10.89 -44.87
N PRO O 46 39.60 10.80 -45.13
CA PRO O 46 40.20 11.51 -46.27
C PRO O 46 39.63 11.05 -47.60
N GLY O 47 39.25 12.04 -48.41
CA GLY O 47 38.52 11.79 -49.62
C GLY O 47 37.01 11.82 -49.51
N VAL O 48 36.44 11.92 -48.32
CA VAL O 48 34.99 11.95 -48.14
C VAL O 48 34.58 13.42 -47.99
N PRO O 49 33.70 13.94 -48.84
CA PRO O 49 33.45 15.36 -48.85
C PRO O 49 32.63 15.76 -47.63
N PRO O 50 32.72 17.03 -47.20
CA PRO O 50 32.01 17.45 -45.97
C PRO O 50 30.51 17.35 -46.04
N GLU O 51 29.93 17.52 -47.23
CA GLU O 51 28.49 17.49 -47.38
C GLU O 51 27.96 16.09 -47.25
N GLU O 52 28.74 15.10 -47.66
CA GLU O 52 28.38 13.72 -47.45
C GLU O 52 28.43 13.34 -45.97
N CYS O 53 29.38 13.90 -45.23
CA CYS O 53 29.50 13.54 -43.81
C CYS O 53 28.41 14.20 -42.99
N GLY O 54 28.16 15.50 -43.21
CA GLY O 54 27.09 16.20 -42.53
C GLY O 54 25.74 15.55 -42.76
N ALA O 55 25.49 15.10 -43.98
CA ALA O 55 24.26 14.39 -44.34
C ALA O 55 24.16 13.06 -43.64
N ALA O 56 25.25 12.31 -43.57
CA ALA O 56 25.30 11.03 -42.87
C ALA O 56 24.99 11.18 -41.37
N VAL O 57 25.53 12.23 -40.73
CA VAL O 57 25.24 12.50 -39.32
C VAL O 57 23.78 12.91 -39.16
N ALA O 58 23.26 13.71 -40.10
CA ALA O 58 21.83 14.04 -40.12
C ALA O 58 20.98 12.77 -40.23
N ALA O 59 21.40 11.85 -41.08
CA ALA O 59 20.55 10.70 -41.41
C ALA O 59 20.55 9.59 -40.33
N GLU O 60 21.65 9.39 -39.59
CA GLU O 60 21.88 8.21 -38.69
C GLU O 60 21.49 6.93 -39.42
N SER O 61 22.15 6.69 -40.53
CA SER O 61 21.89 5.56 -41.42
C SER O 61 21.90 4.24 -40.64
N SER O 62 21.11 3.27 -41.09
CA SER O 62 21.02 2.06 -40.28
C SER O 62 22.21 1.14 -40.58
N THR O 63 23.10 1.56 -41.48
CA THR O 63 24.39 0.94 -41.74
C THR O 63 25.52 1.93 -41.43
N GLY O 64 26.37 1.54 -40.49
CA GLY O 64 27.39 2.44 -39.95
C GLY O 64 28.78 2.00 -40.39
N THR O 65 28.87 0.74 -40.84
CA THR O 65 30.05 0.17 -41.50
C THR O 65 30.18 0.55 -42.99
N TRP O 66 29.04 0.52 -43.69
CA TRP O 66 28.95 0.78 -45.14
C TRP O 66 29.18 2.17 -45.78
N THR O 67 28.63 3.20 -45.14
CA THR O 67 28.67 4.59 -45.65
C THR O 67 28.03 4.79 -47.04
N THR O 68 26.97 4.04 -47.32
CA THR O 68 26.23 4.13 -48.59
C THR O 68 24.73 3.92 -48.39
N VAL O 69 23.91 4.43 -49.30
CA VAL O 69 22.48 4.23 -49.16
C VAL O 69 22.13 2.87 -49.75
N TRP O 70 21.79 1.94 -48.87
CA TRP O 70 21.48 0.59 -49.24
C TRP O 70 19.96 0.40 -49.29
N THR O 71 19.29 0.67 -48.16
CA THR O 71 17.84 0.61 -48.02
C THR O 71 17.33 2.02 -47.83
N ASP O 72 16.73 2.60 -48.87
CA ASP O 72 16.32 4.00 -48.86
C ASP O 72 14.83 4.11 -49.11
N GLY O 73 14.15 4.87 -48.26
CA GLY O 73 12.73 5.20 -48.28
C GLY O 73 11.94 4.72 -47.06
N LEU O 74 11.82 5.58 -46.04
CA LEU O 74 11.23 5.19 -44.76
C LEU O 74 10.21 6.23 -44.32
N THR O 75 9.39 5.85 -43.35
CA THR O 75 8.65 6.88 -42.62
C THR O 75 9.34 7.25 -41.33
N SER O 76 10.49 6.61 -41.03
CA SER O 76 11.38 7.20 -40.05
C SER O 76 12.33 8.19 -40.66
N LEU O 77 12.51 8.16 -42.00
CA LEU O 77 13.41 9.08 -42.73
C LEU O 77 12.69 10.02 -43.71
N ASP O 78 11.43 10.41 -43.47
CA ASP O 78 10.82 11.39 -44.37
C ASP O 78 10.43 12.68 -43.63
N ARG O 79 9.85 12.55 -42.42
CA ARG O 79 9.39 13.72 -41.64
C ARG O 79 10.03 13.72 -40.26
N TYR O 80 10.67 12.62 -39.91
CA TYR O 80 11.30 12.51 -38.61
C TYR O 80 12.81 12.52 -38.78
N LYS O 81 13.24 13.19 -39.84
CA LYS O 81 14.65 13.28 -40.17
C LYS O 81 15.35 14.57 -39.75
N GLY O 82 16.52 14.40 -39.14
CA GLY O 82 17.38 15.53 -38.81
C GLY O 82 17.95 15.98 -40.15
N ARG O 83 18.09 17.28 -40.37
CA ARG O 83 18.64 17.77 -41.65
C ARG O 83 19.91 18.57 -41.42
N CYS O 84 20.95 18.31 -42.22
CA CYS O 84 22.15 19.09 -42.06
C CYS O 84 21.97 20.39 -42.85
N TYR O 85 21.77 21.50 -42.15
CA TYR O 85 21.38 22.71 -42.85
C TYR O 85 22.54 23.69 -43.09
N ASP O 86 23.74 23.38 -42.64
CA ASP O 86 24.90 24.27 -42.73
C ASP O 86 26.17 23.48 -42.37
N ILE O 87 27.19 23.64 -43.18
CA ILE O 87 28.53 23.12 -42.89
C ILE O 87 29.52 24.26 -43.00
N GLU O 88 30.28 24.51 -41.93
CA GLU O 88 31.31 25.53 -41.94
C GLU O 88 32.69 24.94 -41.67
N PRO O 89 33.74 25.49 -42.31
CA PRO O 89 35.10 25.11 -41.96
C PRO O 89 35.52 25.64 -40.60
N VAL O 90 36.44 24.93 -39.97
CA VAL O 90 37.00 25.31 -38.68
C VAL O 90 38.30 26.06 -38.97
N PRO O 91 38.47 27.29 -38.47
CA PRO O 91 39.66 28.08 -38.84
C PRO O 91 40.94 27.54 -38.21
N GLY O 92 41.97 27.39 -39.03
CA GLY O 92 43.22 26.85 -38.57
C GLY O 92 43.33 25.35 -38.68
N GLU O 93 42.21 24.67 -38.87
CA GLU O 93 42.17 23.23 -39.07
C GLU O 93 41.99 22.99 -40.56
N ASP O 94 42.38 21.82 -41.02
CA ASP O 94 42.37 21.55 -42.44
C ASP O 94 41.33 20.50 -42.81
N ASN O 95 41.03 19.59 -41.88
CA ASN O 95 40.08 18.54 -42.17
C ASN O 95 38.92 18.51 -41.16
N GLN O 96 38.61 19.62 -40.52
CA GLN O 96 37.51 19.68 -39.55
C GLN O 96 36.45 20.68 -39.96
N TYR O 97 35.19 20.30 -39.75
CA TYR O 97 34.04 21.11 -40.11
C TYR O 97 33.05 21.12 -38.95
N ILE O 98 32.29 22.19 -38.82
CA ILE O 98 31.11 22.23 -37.96
C ILE O 98 29.90 21.93 -38.84
N ALA O 99 29.23 20.82 -38.59
CA ALA O 99 27.95 20.53 -39.21
C ALA O 99 26.79 20.82 -38.24
N TYR O 100 25.85 21.62 -38.70
CA TYR O 100 24.64 22.02 -37.98
C TYR O 100 23.46 21.14 -38.38
N VAL O 101 22.86 20.48 -37.42
CA VAL O 101 21.77 19.56 -37.72
C VAL O 101 20.54 20.00 -36.98
N ALA O 102 19.44 20.11 -37.69
CA ALA O 102 18.15 20.37 -37.09
C ALA O 102 17.38 19.07 -36.91
N TYR O 103 16.79 18.89 -35.75
CA TYR O 103 15.94 17.75 -35.45
C TYR O 103 14.52 18.23 -35.12
N PRO O 104 13.47 17.69 -35.72
CA PRO O 104 12.12 18.11 -35.35
C PRO O 104 11.77 17.62 -33.92
N ILE O 105 11.05 18.46 -33.19
CA ILE O 105 10.72 18.24 -31.79
C ILE O 105 9.88 16.96 -31.61
N ASP O 106 9.14 16.57 -32.63
CA ASP O 106 8.42 15.31 -32.63
C ASP O 106 9.27 14.08 -32.47
N LEU O 107 10.57 14.15 -32.73
CA LEU O 107 11.45 13.03 -32.51
C LEU O 107 11.63 12.67 -31.03
N PHE O 108 11.35 13.55 -30.10
CA PHE O 108 11.88 13.42 -28.76
C PHE O 108 10.77 13.09 -27.74
N GLU O 109 11.07 12.22 -26.79
CA GLU O 109 10.16 11.99 -25.67
C GLU O 109 10.21 13.18 -24.70
N GLU O 110 9.03 13.78 -24.44
CA GLU O 110 8.90 14.95 -23.58
C GLU O 110 9.49 14.67 -22.20
N GLY O 111 10.45 15.49 -21.79
CA GLY O 111 10.96 15.35 -20.44
C GLY O 111 11.98 14.25 -20.24
N SER O 112 12.58 13.71 -21.31
CA SER O 112 13.47 12.58 -21.15
C SER O 112 14.83 12.92 -21.73
N VAL O 113 15.76 13.38 -20.89
CA VAL O 113 17.13 13.58 -21.33
C VAL O 113 17.69 12.31 -21.93
N THR O 114 17.42 11.14 -21.29
CA THR O 114 17.84 9.85 -21.80
C THR O 114 17.48 9.68 -23.28
N ASN O 115 16.28 10.06 -23.66
CA ASN O 115 15.82 9.82 -25.01
C ASN O 115 16.41 10.83 -25.98
N MET O 116 16.75 12.02 -25.51
CA MET O 116 17.37 12.99 -26.43
C MET O 116 18.80 12.59 -26.80
N PHE O 117 19.58 12.12 -25.82
CA PHE O 117 20.87 11.58 -26.15
C PHE O 117 20.78 10.33 -27.00
N THR O 118 19.80 9.47 -26.76
CA THR O 118 19.65 8.30 -27.62
C THR O 118 19.38 8.73 -29.08
N SER O 119 18.55 9.75 -29.26
CA SER O 119 18.20 10.18 -30.60
C SER O 119 19.37 10.89 -31.29
N ILE O 120 20.13 11.70 -30.55
CA ILE O 120 21.18 12.52 -31.18
C ILE O 120 22.54 11.79 -31.19
N VAL O 121 22.98 11.23 -30.10
CA VAL O 121 24.31 10.62 -30.03
C VAL O 121 24.27 9.11 -30.00
N GLY O 122 23.11 8.50 -30.26
CA GLY O 122 22.96 7.07 -30.08
C GLY O 122 23.87 6.23 -30.98
N ASN O 123 23.99 6.62 -32.24
CA ASN O 123 24.66 5.82 -33.25
C ASN O 123 25.77 6.50 -34.07
N VAL O 124 25.70 7.81 -34.34
CA VAL O 124 26.55 8.43 -35.38
C VAL O 124 28.02 8.48 -35.02
N PHE O 125 28.40 8.21 -33.76
CA PHE O 125 29.81 8.39 -33.45
C PHE O 125 30.63 7.21 -33.95
N GLY O 126 30.01 6.11 -34.30
CA GLY O 126 30.61 4.98 -34.96
C GLY O 126 30.63 5.00 -36.49
N PHE O 127 30.18 6.05 -37.15
CA PHE O 127 29.96 5.98 -38.59
C PHE O 127 31.31 5.97 -39.30
N LYS O 128 31.50 5.06 -40.25
CA LYS O 128 32.84 4.83 -40.78
C LYS O 128 33.33 5.95 -41.68
N ALA O 129 32.42 6.74 -42.25
CA ALA O 129 32.79 7.87 -43.10
C ALA O 129 33.46 8.99 -42.30
N LEU O 130 33.30 8.97 -40.98
CA LEU O 130 33.89 9.93 -40.07
C LEU O 130 35.11 9.25 -39.48
N ARG O 131 36.18 10.01 -39.32
CA ARG O 131 37.29 9.56 -38.50
C ARG O 131 37.08 9.92 -37.04
N ALA O 132 36.56 11.12 -36.78
CA ALA O 132 36.27 11.60 -35.43
C ALA O 132 35.04 12.50 -35.47
N LEU O 133 34.34 12.58 -34.37
CA LEU O 133 33.10 13.33 -34.27
C LEU O 133 32.95 13.84 -32.86
N ARG O 134 32.82 15.15 -32.70
CA ARG O 134 32.55 15.74 -31.41
C ARG O 134 31.28 16.59 -31.46
N LEU O 135 30.39 16.38 -30.50
CA LEU O 135 29.17 17.18 -30.31
C LEU O 135 29.45 18.37 -29.39
N GLU O 136 29.44 19.54 -30.00
CA GLU O 136 29.89 20.78 -29.36
C GLU O 136 28.78 21.46 -28.58
N ASP O 137 27.58 21.53 -29.15
CA ASP O 137 26.53 22.38 -28.58
C ASP O 137 25.16 21.88 -29.04
N LEU O 138 24.16 22.24 -28.30
CA LEU O 138 22.80 21.93 -28.64
C LEU O 138 21.93 23.13 -28.40
N ARG O 139 21.03 23.39 -29.27
CA ARG O 139 20.01 24.39 -29.04
C ARG O 139 18.77 23.65 -28.57
N ILE O 140 18.40 23.83 -27.32
CA ILE O 140 17.19 23.22 -26.77
C ILE O 140 16.09 24.26 -26.90
N PRO O 141 15.06 24.02 -27.69
CA PRO O 141 14.01 25.02 -27.90
C PRO O 141 13.12 25.14 -26.68
N PRO O 142 12.56 26.35 -26.46
CA PRO O 142 11.51 26.55 -25.43
C PRO O 142 10.42 25.50 -25.41
N ALA O 143 9.98 24.99 -26.54
CA ALA O 143 8.94 23.99 -26.52
C ALA O 143 9.42 22.66 -25.92
N TYR O 144 10.70 22.32 -26.05
CA TYR O 144 11.22 21.13 -25.42
C TYR O 144 11.60 21.39 -23.96
N VAL O 145 12.24 22.54 -23.68
CA VAL O 145 12.63 22.94 -22.32
C VAL O 145 11.47 22.83 -21.35
N LYS O 146 10.24 23.24 -21.76
CA LYS O 146 9.12 23.30 -20.83
C LYS O 146 8.55 21.91 -20.50
N THR O 147 8.96 20.86 -21.20
CA THR O 147 8.51 19.51 -20.82
C THR O 147 9.26 18.93 -19.61
N PHE O 148 10.31 19.56 -19.13
CA PHE O 148 11.19 19.02 -18.09
C PHE O 148 10.83 19.64 -16.75
N VAL O 149 10.87 18.82 -15.72
CA VAL O 149 10.78 19.36 -14.38
C VAL O 149 11.96 20.26 -14.09
N GLY O 150 13.14 19.83 -14.47
CA GLY O 150 14.34 20.59 -14.20
C GLY O 150 14.84 20.57 -12.76
N PRO O 151 15.74 21.49 -12.44
CA PRO O 151 16.39 21.53 -11.12
C PRO O 151 15.36 21.66 -10.00
N PRO O 152 15.56 20.94 -8.90
CA PRO O 152 14.58 20.96 -7.82
C PRO O 152 14.35 22.34 -7.27
N HIS O 153 15.39 23.14 -7.12
CA HIS O 153 15.29 24.50 -6.59
C HIS O 153 15.95 25.56 -7.49
N GLY O 154 17.16 25.35 -7.91
CA GLY O 154 17.87 26.37 -8.63
C GLY O 154 18.45 27.40 -7.66
N ILE O 155 19.37 28.17 -8.20
CA ILE O 155 20.26 29.05 -7.45
C ILE O 155 19.49 29.99 -6.50
N GLN O 156 18.52 30.71 -7.00
CA GLN O 156 17.72 31.67 -6.21
C GLN O 156 17.05 31.01 -5.01
N VAL O 157 16.24 29.99 -5.27
CA VAL O 157 15.51 29.31 -4.21
C VAL O 157 16.49 28.79 -3.20
N GLU O 158 17.61 28.24 -3.68
CA GLU O 158 18.65 27.71 -2.82
C GLU O 158 19.20 28.79 -1.85
N ARG O 159 19.54 29.97 -2.40
CA ARG O 159 19.97 31.09 -1.55
C ARG O 159 18.88 31.48 -0.54
N ASP O 160 17.61 31.51 -0.95
CA ASP O 160 16.56 31.82 0.00
C ASP O 160 16.45 30.74 1.07
N LYS O 161 16.57 29.48 0.69
CA LYS O 161 16.41 28.42 1.67
C LYS O 161 17.62 28.36 2.58
N LEU O 162 18.81 28.64 2.06
CA LEU O 162 20.00 28.64 2.88
C LEU O 162 20.22 29.96 3.63
N ASN O 163 19.48 31.01 3.33
CA ASN O 163 19.64 32.36 3.92
C ASN O 163 21.05 32.94 3.71
N LYS O 164 21.59 32.82 2.50
CA LYS O 164 23.00 33.15 2.26
C LYS O 164 23.10 33.96 0.98
N TYR O 165 23.47 35.22 1.09
CA TYR O 165 23.38 36.20 0.02
C TYR O 165 24.69 36.96 -0.12
N GLY O 166 25.01 37.32 -1.36
CA GLY O 166 26.05 38.28 -1.67
C GLY O 166 27.49 37.81 -1.60
N ARG O 167 27.75 36.50 -1.64
CA ARG O 167 29.07 35.90 -1.70
C ARG O 167 28.93 34.50 -2.29
N GLY O 168 30.03 33.91 -2.75
CA GLY O 168 30.06 32.49 -3.03
C GLY O 168 29.79 31.62 -1.80
N LEU O 169 29.37 30.39 -2.06
CA LEU O 169 29.25 29.39 -0.99
C LEU O 169 30.60 28.67 -0.90
N LEU O 170 30.91 28.13 0.26
CA LEU O 170 32.20 27.51 0.47
C LEU O 170 32.04 26.05 0.86
N GLY O 171 32.68 25.19 0.10
CA GLY O 171 32.72 23.79 0.43
C GLY O 171 34.12 23.26 0.59
N CYS O 172 34.21 22.01 1.02
CA CYS O 172 35.44 21.24 1.03
C CYS O 172 35.13 19.74 1.00
N THR O 173 36.00 18.97 0.37
CA THR O 173 35.86 17.51 0.40
C THR O 173 36.49 16.95 1.67
N ILE O 174 35.81 16.00 2.30
CA ILE O 174 36.30 15.38 3.53
C ILE O 174 37.18 14.20 3.15
N LYS O 175 38.45 14.28 3.52
CA LYS O 175 39.38 13.15 3.47
C LYS O 175 40.01 12.97 4.85
N PRO O 176 39.42 12.17 5.75
CA PRO O 176 39.88 12.15 7.15
C PRO O 176 41.29 11.61 7.28
N LYS O 177 41.99 12.19 8.23
CA LYS O 177 43.32 11.75 8.55
C LYS O 177 43.30 10.45 9.35
N LEU O 178 42.19 10.11 10.04
CA LEU O 178 42.25 9.09 11.10
C LEU O 178 41.59 7.77 10.74
N GLY O 179 40.69 7.76 9.77
CA GLY O 179 40.00 6.55 9.33
C GLY O 179 38.94 6.92 8.33
N LEU O 180 38.46 5.94 7.58
CA LEU O 180 37.29 6.24 6.78
C LEU O 180 35.99 5.78 7.44
N SER O 181 36.02 5.51 8.73
CA SER O 181 34.80 5.11 9.41
C SER O 181 33.79 6.26 9.40
N ALA O 182 32.52 5.90 9.59
CA ALA O 182 31.44 6.86 9.51
C ALA O 182 31.55 7.90 10.62
N LYS O 183 31.91 7.47 11.81
CA LYS O 183 32.09 8.34 12.95
C LYS O 183 33.23 9.34 12.77
N ASN O 184 34.38 8.89 12.27
CA ASN O 184 35.48 9.79 11.96
C ASN O 184 35.17 10.68 10.78
N TYR O 185 34.40 10.14 9.84
CA TYR O 185 33.97 10.95 8.73
C TYR O 185 33.14 12.13 9.27
N GLY O 186 32.21 11.85 10.17
CA GLY O 186 31.35 12.88 10.75
C GLY O 186 32.10 13.88 11.62
N ARG O 187 33.15 13.44 12.34
CA ARG O 187 33.98 14.35 13.14
C ARG O 187 34.63 15.40 12.26
N ALA O 188 35.19 14.95 11.14
CA ALA O 188 35.80 15.85 10.18
C ALA O 188 34.78 16.79 9.55
N VAL O 189 33.58 16.30 9.23
CA VAL O 189 32.51 17.16 8.73
C VAL O 189 32.22 18.25 9.74
N TYR O 190 32.06 17.88 11.00
CA TYR O 190 31.80 18.85 12.05
C TYR O 190 32.91 19.90 12.11
N GLU O 191 34.17 19.49 12.08
CA GLU O 191 35.27 20.44 12.27
C GLU O 191 35.35 21.47 11.12
N CYS O 192 35.17 21.02 9.88
CA CYS O 192 35.13 21.91 8.73
C CYS O 192 33.95 22.87 8.76
N LEU O 193 32.74 22.34 8.95
CA LEU O 193 31.54 23.16 8.97
C LEU O 193 31.53 24.20 10.08
N ARG O 194 32.00 23.82 11.27
CA ARG O 194 32.00 24.75 12.40
C ARG O 194 32.87 25.99 12.18
N GLY O 195 33.97 25.83 11.45
CA GLY O 195 34.89 26.89 11.14
C GLY O 195 34.42 27.95 10.16
N GLY O 196 33.35 27.70 9.42
CA GLY O 196 32.88 28.69 8.45
C GLY O 196 32.41 28.18 7.09
N LEU O 197 32.55 26.89 6.76
CA LEU O 197 32.15 26.45 5.44
C LEU O 197 30.64 26.26 5.42
N ASP O 198 30.06 26.55 4.29
CA ASP O 198 28.65 26.23 4.07
C ASP O 198 28.43 24.71 3.96
N PHE O 199 29.25 24.03 3.20
CA PHE O 199 29.04 22.63 2.85
C PHE O 199 30.32 21.84 3.00
N THR O 200 30.15 20.60 3.25
CA THR O 200 31.15 19.61 2.98
C THR O 200 30.55 18.58 2.03
N LYS O 201 31.38 17.66 1.61
CA LYS O 201 31.15 16.86 0.41
C LYS O 201 31.60 15.42 0.65
N ASP O 202 30.65 14.47 0.59
CA ASP O 202 30.97 13.08 0.29
C ASP O 202 31.87 13.02 -0.95
N ASP O 203 32.93 12.29 -0.85
CA ASP O 203 33.59 11.88 -2.09
C ASP O 203 32.69 11.03 -2.99
N GLU O 204 32.84 11.27 -4.29
CA GLU O 204 32.00 10.65 -5.32
C GLU O 204 32.01 9.10 -5.27
N ASN O 205 33.09 8.48 -4.79
CA ASN O 205 33.08 7.01 -4.70
C ASN O 205 32.50 6.45 -3.39
N VAL O 206 32.33 7.29 -2.38
CA VAL O 206 31.81 6.92 -1.07
C VAL O 206 30.32 6.70 -1.30
N ASN O 207 29.90 5.45 -1.44
CA ASN O 207 28.48 5.24 -1.56
C ASN O 207 28.14 4.45 -0.31
N SER O 208 28.46 3.19 -0.25
CA SER O 208 28.23 2.34 0.92
C SER O 208 29.19 1.16 0.78
N GLN O 209 30.20 1.14 1.51
CA GLN O 209 31.33 0.20 1.45
C GLN O 209 31.42 -0.65 2.72
N PRO O 210 32.24 -1.71 2.77
CA PRO O 210 32.46 -2.37 4.07
C PRO O 210 33.08 -1.47 5.13
N PHE O 211 33.97 -0.55 4.78
CA PHE O 211 34.55 0.35 5.79
C PHE O 211 33.54 1.40 6.31
N MET O 212 32.45 1.65 5.58
CA MET O 212 31.50 2.72 5.94
C MET O 212 30.18 2.50 5.19
N ARG O 213 29.18 1.96 5.86
CA ARG O 213 27.89 1.69 5.25
C ARG O 213 27.11 2.98 5.25
N TRP O 214 26.29 3.17 4.22
CA TRP O 214 25.66 4.48 3.98
C TRP O 214 24.81 4.98 5.16
N ARG O 215 24.04 4.12 5.78
CA ARG O 215 23.07 4.66 6.74
C ARG O 215 23.80 5.16 8.02
N ASP O 216 24.85 4.45 8.43
CA ASP O 216 25.76 4.92 9.48
C ASP O 216 26.40 6.29 9.12
N ARG O 217 26.93 6.42 7.91
CA ARG O 217 27.43 7.71 7.42
C ARG O 217 26.37 8.83 7.52
N PHE O 218 25.14 8.53 7.11
CA PHE O 218 24.09 9.54 7.09
C PHE O 218 23.80 10.04 8.50
N LEU O 219 23.72 9.11 9.45
CA LEU O 219 23.37 9.42 10.84
C LEU O 219 24.45 10.28 11.50
N PHE O 220 25.71 9.85 11.43
CA PHE O 220 26.84 10.64 11.97
C PHE O 220 27.02 11.98 11.25
N VAL O 221 26.84 12.05 9.93
CA VAL O 221 26.87 13.36 9.27
C VAL O 221 25.72 14.27 9.76
N ALA O 222 24.52 13.72 9.97
CA ALA O 222 23.40 14.52 10.47
C ALA O 222 23.69 15.07 11.87
N GLU O 223 24.34 14.29 12.74
CA GLU O 223 24.76 14.81 14.03
C GLU O 223 25.79 15.95 13.87
N ALA O 224 26.75 15.78 12.97
CA ALA O 224 27.75 16.80 12.69
C ALA O 224 27.14 18.09 12.16
N ILE O 225 26.26 18.01 11.15
CA ILE O 225 25.60 19.16 10.54
C ILE O 225 24.84 19.95 11.60
N TYR O 226 24.05 19.25 12.41
CA TYR O 226 23.27 19.91 13.46
C TYR O 226 24.16 20.46 14.59
N LYS O 227 25.27 19.78 14.89
CA LYS O 227 26.21 20.33 15.90
C LYS O 227 26.83 21.65 15.40
N ALA O 228 27.40 21.65 14.19
CA ALA O 228 27.97 22.87 13.64
C ALA O 228 26.92 23.97 13.43
N GLN O 229 25.68 23.60 13.12
CA GLN O 229 24.59 24.57 12.97
C GLN O 229 24.21 25.19 14.32
N ALA O 230 24.06 24.38 15.36
CA ALA O 230 23.87 24.91 16.71
C ALA O 230 25.02 25.86 17.11
N GLU O 231 26.23 25.51 16.76
CA GLU O 231 27.41 26.28 17.15
C GLU O 231 27.53 27.59 16.37
N THR O 232 27.40 27.54 15.06
CA THR O 232 27.59 28.72 14.22
C THR O 232 26.34 29.60 14.16
N GLY O 233 25.17 29.05 14.40
CA GLY O 233 23.92 29.70 14.09
C GLY O 233 23.59 29.87 12.60
N GLU O 234 24.41 29.38 11.67
CA GLU O 234 24.14 29.43 10.23
C GLU O 234 23.64 28.06 9.74
N VAL O 235 22.86 28.07 8.66
CA VAL O 235 22.48 26.83 7.99
C VAL O 235 23.73 26.10 7.45
N LYS O 236 23.80 24.80 7.70
CA LYS O 236 24.92 23.96 7.27
C LYS O 236 24.43 22.74 6.50
N GLY O 237 25.23 22.25 5.56
CA GLY O 237 24.94 21.02 4.86
C GLY O 237 26.17 20.17 4.64
N HIS O 238 25.92 18.96 4.24
CA HIS O 238 26.94 18.06 3.72
C HIS O 238 26.28 17.34 2.54
N TYR O 239 26.94 17.28 1.42
CA TYR O 239 26.42 16.57 0.27
C TYR O 239 26.46 15.06 0.51
N LEU O 240 25.36 14.49 0.90
CA LEU O 240 25.27 13.06 1.17
C LEU O 240 25.03 12.28 -0.13
N ASN O 241 26.05 11.53 -0.52
CA ASN O 241 26.01 10.75 -1.74
C ASN O 241 24.89 9.67 -1.72
N ALA O 242 23.90 9.85 -2.54
CA ALA O 242 22.80 8.95 -2.82
C ALA O 242 23.02 7.97 -3.99
N THR O 243 24.02 8.16 -4.82
CA THR O 243 24.44 7.20 -5.88
C THR O 243 24.45 5.74 -5.42
N ALA O 244 23.75 4.88 -6.12
CA ALA O 244 23.60 3.49 -5.68
C ALA O 244 23.69 2.56 -6.89
N GLY O 245 23.77 1.23 -6.65
CA GLY O 245 23.59 0.28 -7.73
C GLY O 245 22.21 0.25 -8.36
N THR O 246 21.15 0.51 -7.58
CA THR O 246 19.78 0.37 -8.06
C THR O 246 18.96 1.62 -7.70
N CYS O 247 17.89 1.84 -8.44
CA CYS O 247 16.99 2.96 -8.24
C CYS O 247 16.37 2.86 -6.85
N GLU O 248 16.00 1.66 -6.44
CA GLU O 248 15.41 1.43 -5.10
C GLU O 248 16.41 1.71 -3.98
N GLU O 249 17.66 1.25 -4.08
CA GLU O 249 18.69 1.65 -3.09
C GLU O 249 18.93 3.15 -3.07
N MET O 250 19.02 3.76 -4.24
CA MET O 250 19.15 5.21 -4.36
C MET O 250 18.02 5.96 -3.62
N MET O 251 16.76 5.56 -3.84
CA MET O 251 15.60 6.19 -3.20
C MET O 251 15.55 5.88 -1.71
N LYS O 252 15.97 4.69 -1.29
CA LYS O 252 16.19 4.42 0.13
C LYS O 252 17.14 5.43 0.78
N ARG O 253 18.14 5.87 0.07
CA ARG O 253 19.04 6.84 0.67
C ARG O 253 18.43 8.24 0.68
N ALA O 254 17.81 8.64 -0.43
CA ALA O 254 17.13 9.94 -0.52
C ALA O 254 16.03 10.07 0.55
N VAL O 255 15.23 9.02 0.75
CA VAL O 255 14.23 8.95 1.84
C VAL O 255 14.87 9.12 3.27
N SMC O 256 15.97 8.44 3.54
CA SMC O 256 16.71 8.59 4.81
CB SMC O 256 17.97 7.71 4.93
SG SMC O 256 19.00 7.99 6.36
CS SMC O 256 17.86 7.79 7.66
C SMC O 256 17.12 10.07 5.07
O SMC O 256 16.88 10.56 6.12
N ALA O 257 17.60 10.76 4.05
CA ALA O 257 17.99 12.18 4.16
C ALA O 257 16.81 13.08 4.47
N LYS O 258 15.73 12.86 3.72
CA LYS O 258 14.42 13.44 4.01
C LYS O 258 14.05 13.28 5.48
N GLU O 259 14.13 12.05 6.00
CA GLU O 259 13.68 11.79 7.38
C GLU O 259 14.62 12.36 8.41
N LEU O 260 15.91 12.44 8.11
CA LEU O 260 16.82 13.17 8.98
C LEU O 260 16.59 14.67 8.92
N GLY O 261 15.81 15.15 7.98
CA GLY O 261 15.59 16.56 7.77
C GLY O 261 16.79 17.34 7.31
N VAL O 262 17.78 16.69 6.71
CA VAL O 262 19.01 17.34 6.30
C VAL O 262 18.84 18.04 4.94
N PRO O 263 19.67 19.05 4.60
CA PRO O 263 19.31 19.91 3.47
C PRO O 263 19.62 19.37 2.09
N ILE O 264 20.64 18.55 1.92
CA ILE O 264 21.20 18.29 0.60
C ILE O 264 21.70 16.85 0.43
N ILE O 265 21.51 16.33 -0.75
CA ILE O 265 22.07 15.06 -1.18
C ILE O 265 22.82 15.28 -2.47
N MET O 266 23.44 14.23 -2.95
CA MET O 266 24.39 14.22 -4.02
C MET O 266 24.19 13.06 -4.98
N HIS O 267 24.38 13.31 -6.25
CA HIS O 267 24.35 12.22 -7.23
C HIS O 267 25.43 12.35 -8.31
N ASP O 268 25.97 11.23 -8.75
CA ASP O 268 26.99 11.16 -9.83
C ASP O 268 26.24 10.83 -11.11
N TYR O 269 25.79 11.86 -11.80
CA TYR O 269 24.72 11.67 -12.79
C TYR O 269 25.18 10.89 -14.01
N LEU O 270 26.47 10.90 -14.31
CA LEU O 270 26.96 10.22 -15.53
C LEU O 270 27.21 8.74 -15.31
N THR O 271 27.46 8.33 -14.08
CA THR O 271 27.70 6.95 -13.77
C THR O 271 26.44 6.24 -13.25
N GLY O 272 25.63 6.93 -12.45
CA GLY O 272 24.26 6.49 -12.20
C GLY O 272 23.36 6.50 -13.43
N GLY O 273 23.40 7.55 -14.20
CA GLY O 273 22.63 7.62 -15.43
C GLY O 273 21.58 8.71 -15.38
N PHE O 274 21.21 9.19 -16.56
CA PHE O 274 20.14 10.18 -16.65
C PHE O 274 18.81 9.66 -16.17
N THR O 275 18.49 8.37 -16.39
CA THR O 275 17.20 7.88 -15.93
C THR O 275 17.10 7.99 -14.40
N ALA O 276 18.09 7.49 -13.67
CA ALA O 276 18.13 7.63 -12.22
C ALA O 276 18.24 9.09 -11.76
N ASN O 277 19.06 9.92 -12.43
CA ASN O 277 19.22 11.33 -12.00
C ASN O 277 17.88 12.11 -12.06
N THR O 278 17.12 11.95 -13.13
CA THR O 278 15.84 12.60 -13.27
C THR O 278 14.83 12.10 -12.23
N SER O 279 14.77 10.81 -11.99
CA SER O 279 13.98 10.27 -10.87
C SER O 279 14.38 10.93 -9.55
N LEU O 280 15.66 11.04 -9.30
CA LEU O 280 16.11 11.63 -8.06
C LEU O 280 15.75 13.12 -7.96
N ALA O 281 16.00 13.88 -9.05
CA ALA O 281 15.65 15.32 -9.11
C ALA O 281 14.15 15.56 -8.84
N ILE O 282 13.28 14.70 -9.36
CA ILE O 282 11.84 14.80 -9.07
C ILE O 282 11.54 14.49 -7.59
N TYR O 283 12.19 13.47 -7.01
CA TYR O 283 12.04 13.20 -5.58
C TYR O 283 12.44 14.44 -4.77
N CYS O 284 13.55 15.06 -5.14
CA CYS O 284 14.05 16.22 -4.44
C CYS O 284 13.10 17.44 -4.59
N ARG O 285 12.53 17.64 -5.76
CA ARG O 285 11.51 18.68 -5.91
C ARG O 285 10.31 18.38 -5.02
N ASP O 286 9.84 17.12 -5.02
CA ASP O 286 8.67 16.72 -4.22
C ASP O 286 8.92 16.78 -2.69
N ASN O 287 10.16 16.68 -2.21
CA ASN O 287 10.40 16.63 -0.76
C ASN O 287 11.32 17.77 -0.24
N GLY O 288 11.54 18.81 -1.03
CA GLY O 288 12.36 19.97 -0.75
C GLY O 288 13.86 19.71 -0.49
N LEU O 289 14.41 18.59 -0.92
CA LEU O 289 15.87 18.39 -0.83
C LEU O 289 16.58 19.14 -1.97
N LEU O 290 17.69 19.74 -1.66
CA LEU O 290 18.67 20.19 -2.67
C LEU O 290 19.52 19.05 -3.25
N LEU O 291 19.86 19.16 -4.54
CA LEU O 291 20.55 18.07 -5.23
C LEU O 291 21.91 18.54 -5.80
N HIS O 292 22.98 18.15 -5.16
CA HIS O 292 24.34 18.40 -5.67
C HIS O 292 24.74 17.35 -6.72
N ILE O 293 25.29 17.77 -7.84
CA ILE O 293 25.58 16.83 -8.91
C ILE O 293 27.10 16.74 -9.17
N HIS O 294 27.63 15.56 -9.05
CA HIS O 294 29.03 15.34 -9.35
C HIS O 294 29.24 14.73 -10.72
N ARG O 295 30.29 15.12 -11.39
CA ARG O 295 30.40 14.82 -12.83
C ARG O 295 31.47 13.77 -13.14
N ALA O 296 31.62 12.77 -12.26
CA ALA O 296 32.59 11.69 -12.46
C ALA O 296 32.35 10.97 -13.79
N MET O 297 33.45 10.72 -14.51
CA MET O 297 33.59 10.11 -15.85
C MET O 297 33.39 11.11 -16.98
N HIS O 298 33.13 12.38 -16.68
CA HIS O 298 32.96 13.37 -17.73
C HIS O 298 34.19 13.40 -18.67
N ALA O 299 35.41 13.17 -18.13
CA ALA O 299 36.62 13.25 -18.97
C ALA O 299 36.78 12.04 -19.88
N VAL O 300 36.10 10.94 -19.60
CA VAL O 300 36.02 9.84 -20.56
C VAL O 300 35.38 10.32 -21.85
N ILE O 301 34.38 11.18 -21.76
CA ILE O 301 33.56 11.70 -22.87
C ILE O 301 34.01 13.09 -23.37
N ASP O 302 34.40 13.97 -22.48
CA ASP O 302 34.45 15.37 -22.83
C ASP O 302 35.83 15.94 -23.02
N ARG O 303 36.88 15.15 -22.91
CA ARG O 303 38.21 15.75 -22.86
C ARG O 303 38.82 15.96 -24.27
N GLN O 304 38.79 14.95 -25.11
CA GLN O 304 39.48 15.06 -26.39
C GLN O 304 38.78 16.04 -27.31
N ARG O 305 39.56 16.93 -27.87
CA ARG O 305 39.03 17.97 -28.73
C ARG O 305 38.36 17.42 -30.00
N ASN O 306 38.80 16.29 -30.50
CA ASN O 306 38.21 15.83 -31.76
C ASN O 306 37.07 14.81 -31.59
N HIS O 307 36.86 14.26 -30.40
CA HIS O 307 35.86 13.21 -30.26
C HIS O 307 35.16 13.26 -28.91
N GLY O 308 33.89 12.93 -28.90
CA GLY O 308 33.11 12.88 -27.70
C GLY O 308 32.03 13.94 -27.69
N ILE O 309 31.74 14.41 -26.50
CA ILE O 309 30.66 15.35 -26.23
C ILE O 309 31.24 16.36 -25.28
N HIS O 310 31.33 17.60 -25.73
CA HIS O 310 31.81 18.70 -24.91
C HIS O 310 30.95 18.84 -23.65
N PHE O 311 31.61 19.20 -22.56
CA PHE O 311 30.95 19.34 -21.26
C PHE O 311 29.74 20.29 -21.26
N ARG O 312 29.75 21.36 -22.07
CA ARG O 312 28.64 22.30 -22.09
C ARG O 312 27.32 21.61 -22.48
N VAL O 313 27.40 20.61 -23.35
CA VAL O 313 26.25 19.80 -23.69
C VAL O 313 25.81 18.97 -22.47
N LEU O 314 26.76 18.33 -21.79
CA LEU O 314 26.52 17.50 -20.61
C LEU O 314 25.99 18.33 -19.44
N ALA O 315 26.41 19.59 -19.35
CA ALA O 315 25.89 20.55 -18.37
C ALA O 315 24.44 20.96 -18.68
N LYS O 316 24.17 21.22 -19.97
CA LYS O 316 22.83 21.54 -20.47
C LYS O 316 21.89 20.36 -20.20
N ALA O 317 22.36 19.13 -20.51
CA ALA O 317 21.63 17.91 -20.17
C ALA O 317 21.30 17.86 -18.69
N LEU O 318 22.30 18.10 -17.83
CA LEU O 318 22.10 18.10 -16.38
C LEU O 318 21.07 19.14 -15.96
N ARG O 319 21.16 20.37 -16.46
CA ARG O 319 20.16 21.38 -16.14
C ARG O 319 18.72 20.94 -16.49
N MET O 320 18.56 20.21 -17.57
CA MET O 320 17.27 19.66 -17.95
C MET O 320 16.88 18.48 -17.04
N SER O 321 17.81 17.53 -16.81
CA SER O 321 17.53 16.37 -15.94
C SER O 321 17.27 16.80 -14.51
N GLY O 322 18.07 17.71 -14.02
CA GLY O 322 17.80 18.35 -12.77
C GLY O 322 18.95 18.23 -11.82
N GLY O 323 19.49 19.34 -11.42
CA GLY O 323 20.45 19.41 -10.35
C GLY O 323 20.55 20.81 -9.80
N ASP O 324 20.67 20.99 -8.49
CA ASP O 324 20.81 22.34 -7.95
C ASP O 324 22.27 22.86 -7.99
N HIS O 325 23.28 22.00 -7.83
CA HIS O 325 24.71 22.38 -8.04
C HIS O 325 25.35 21.46 -9.07
N LEU O 326 26.34 21.94 -9.81
CA LEU O 326 27.10 21.07 -10.68
C LEU O 326 28.60 21.34 -10.65
N HIS O 327 29.38 20.27 -10.40
CA HIS O 327 30.84 20.37 -10.54
C HIS O 327 31.22 20.86 -11.91
N SER O 328 31.92 21.95 -11.92
CA SER O 328 32.15 22.65 -13.15
C SER O 328 33.65 22.81 -13.45
N GLY O 329 34.47 22.10 -12.75
CA GLY O 329 35.90 22.18 -12.96
C GLY O 329 36.67 23.14 -12.08
N THR O 330 37.89 23.35 -12.46
CA THR O 330 38.71 24.43 -11.92
C THR O 330 39.11 25.33 -13.06
N VAL O 331 39.34 26.60 -12.73
CA VAL O 331 40.01 27.52 -13.65
C VAL O 331 41.45 27.80 -13.22
N VAL O 332 41.92 27.17 -12.15
CA VAL O 332 43.34 27.22 -11.81
C VAL O 332 44.14 26.50 -12.88
N GLY O 333 45.25 27.10 -13.28
CA GLY O 333 46.11 26.48 -14.26
C GLY O 333 45.63 26.47 -15.69
N LYS O 334 44.60 27.26 -16.02
CA LYS O 334 44.08 27.28 -17.37
C LYS O 334 44.41 28.60 -18.05
N LEU O 335 44.65 28.54 -19.35
CA LEU O 335 44.89 29.74 -20.14
C LEU O 335 43.58 30.50 -20.33
N GLU O 336 43.72 31.76 -20.79
CA GLU O 336 42.56 32.65 -21.02
C GLU O 336 41.55 32.04 -21.97
N GLY O 337 42.02 31.33 -22.99
CA GLY O 337 41.12 30.71 -23.96
C GLY O 337 40.34 29.54 -23.39
N GLU O 338 40.98 28.73 -22.56
CA GLU O 338 40.26 27.67 -21.86
C GLU O 338 39.35 28.23 -20.78
N ARG O 339 39.65 29.44 -20.30
CA ARG O 339 38.82 30.15 -19.33
C ARG O 339 37.59 30.80 -19.99
N GLU O 340 37.74 31.29 -21.22
CA GLU O 340 36.60 31.73 -22.04
C GLU O 340 35.57 30.60 -22.22
N VAL O 341 36.04 29.38 -22.49
CA VAL O 341 35.15 28.22 -22.66
C VAL O 341 34.40 27.91 -21.37
N THR O 342 35.12 27.86 -20.25
CA THR O 342 34.54 27.56 -18.95
C THR O 342 33.47 28.58 -18.58
N LEU O 343 33.76 29.86 -18.81
CA LEU O 343 32.76 30.87 -18.52
C LEU O 343 31.56 30.77 -19.47
N GLY O 344 31.75 30.24 -20.68
CA GLY O 344 30.63 30.01 -21.56
C GLY O 344 29.65 29.04 -20.94
N PHE O 345 30.14 27.88 -20.49
CA PHE O 345 29.19 26.88 -20.00
C PHE O 345 28.66 27.26 -18.63
N VAL O 346 29.41 28.09 -17.88
CA VAL O 346 28.92 28.60 -16.61
C VAL O 346 27.71 29.49 -16.83
N ASP O 347 27.74 30.30 -17.91
CA ASP O 347 26.56 31.07 -18.29
C ASP O 347 25.39 30.19 -18.75
N LEU O 348 25.67 29.09 -19.47
CA LEU O 348 24.60 28.17 -19.87
C LEU O 348 24.00 27.48 -18.65
N MET O 349 24.77 27.28 -17.61
CA MET O 349 24.31 26.65 -16.39
C MET O 349 23.41 27.59 -15.61
N ARG O 350 23.76 28.86 -15.58
CA ARG O 350 23.20 29.77 -14.59
C ARG O 350 22.13 30.70 -15.13
N ASP O 351 22.28 31.17 -16.35
CA ASP O 351 21.48 32.27 -16.89
C ASP O 351 20.18 31.82 -17.53
N ASP O 352 19.27 32.79 -17.68
CA ASP O 352 18.03 32.56 -18.38
C ASP O 352 18.18 32.61 -19.91
N TYR O 353 18.96 33.52 -20.44
CA TYR O 353 19.08 33.71 -21.87
C TYR O 353 20.55 33.83 -22.24
N VAL O 354 21.06 32.95 -23.08
CA VAL O 354 22.46 33.06 -23.48
C VAL O 354 22.55 33.29 -25.00
N GLU O 355 23.22 34.35 -25.38
CA GLU O 355 23.47 34.68 -26.79
C GLU O 355 24.64 33.89 -27.39
N LYS O 356 24.47 33.53 -28.64
CA LYS O 356 25.52 33.03 -29.52
C LYS O 356 26.83 33.80 -29.41
N ASP O 357 27.90 33.08 -29.17
CA ASP O 357 29.20 33.67 -28.89
C ASP O 357 30.25 32.60 -29.16
N ARG O 358 30.80 32.60 -30.37
CA ARG O 358 31.70 31.53 -30.82
C ARG O 358 32.98 31.48 -30.01
N SER O 359 33.53 32.63 -29.66
CA SER O 359 34.80 32.68 -28.95
C SER O 359 34.67 32.14 -27.53
N ARG O 360 33.47 32.12 -26.99
CA ARG O 360 33.22 31.39 -25.76
C ARG O 360 32.68 30.00 -26.02
N GLY O 361 32.74 29.52 -27.25
CA GLY O 361 32.28 28.19 -27.61
C GLY O 361 30.77 27.99 -27.63
N ILE O 362 30.01 29.05 -27.55
CA ILE O 362 28.55 29.00 -27.58
C ILE O 362 28.09 29.10 -29.02
N TYR O 363 27.54 28.01 -29.55
CA TYR O 363 27.22 27.98 -30.99
C TYR O 363 25.77 28.36 -31.26
N PHE O 364 24.95 28.45 -30.23
CA PHE O 364 23.54 28.62 -30.43
C PHE O 364 23.06 29.60 -29.38
N THR O 365 22.09 30.42 -29.73
CA THR O 365 21.39 31.17 -28.71
C THR O 365 20.49 30.21 -27.91
N GLN O 366 20.67 30.16 -26.61
CA GLN O 366 19.89 29.28 -25.72
C GLN O 366 18.96 30.15 -24.87
N ASP O 367 17.67 29.88 -24.97
CA ASP O 367 16.63 30.48 -24.14
C ASP O 367 16.13 29.43 -23.12
N TRP O 368 16.51 29.59 -21.87
CA TRP O 368 16.07 28.61 -20.88
C TRP O 368 14.61 28.75 -20.49
N CYS O 369 13.94 29.85 -20.86
CA CYS O 369 12.47 30.00 -20.71
C CYS O 369 12.01 29.81 -19.24
N SER O 370 12.72 30.45 -18.34
CA SER O 370 12.63 30.51 -16.88
C SER O 370 12.94 29.18 -16.15
N MET O 371 13.47 28.15 -16.79
CA MET O 371 14.06 27.02 -16.08
C MET O 371 15.15 27.52 -15.12
N PRO O 372 15.08 27.17 -13.84
CA PRO O 372 16.06 27.66 -12.85
C PRO O 372 17.49 27.27 -13.21
N GLY O 373 18.39 28.18 -12.92
CA GLY O 373 19.79 27.95 -13.12
C GLY O 373 20.39 26.98 -12.11
N VAL O 374 21.56 26.50 -12.45
CA VAL O 374 22.34 25.60 -11.63
C VAL O 374 23.60 26.35 -11.15
N MET O 375 23.91 26.22 -9.87
CA MET O 375 25.11 26.74 -9.26
C MET O 375 26.35 25.92 -9.70
N PRO O 376 27.28 26.50 -10.42
CA PRO O 376 28.58 25.84 -10.63
C PRO O 376 29.39 25.68 -9.35
N VAL O 377 30.03 24.55 -9.24
CA VAL O 377 30.99 24.27 -8.16
C VAL O 377 32.41 24.23 -8.71
N ALA O 378 33.22 25.16 -8.31
CA ALA O 378 34.59 25.31 -8.75
C ALA O 378 35.56 24.71 -7.75
N SER O 379 36.49 23.95 -8.25
CA SER O 379 37.66 23.63 -7.45
C SER O 379 38.46 24.93 -7.22
N GLY O 380 38.52 25.39 -5.97
CA GLY O 380 39.55 26.32 -5.58
C GLY O 380 40.88 25.61 -5.44
N GLY O 381 41.95 26.36 -5.44
CA GLY O 381 43.24 25.73 -5.41
C GLY O 381 43.62 25.16 -4.05
N ILE O 382 44.90 24.79 -3.98
CA ILE O 382 45.52 24.31 -2.75
C ILE O 382 45.43 25.39 -1.69
N HIS O 383 45.53 26.64 -2.08
CA HIS O 383 45.68 27.68 -1.10
C HIS O 383 44.60 28.76 -1.26
N VAL O 384 44.69 29.75 -0.37
CA VAL O 384 43.70 30.84 -0.27
C VAL O 384 44.05 32.05 -1.12
N TRP O 385 45.20 32.05 -1.78
CA TRP O 385 45.62 33.15 -2.62
C TRP O 385 44.96 33.14 -3.97
N HIS O 386 44.31 32.05 -4.34
CA HIS O 386 43.48 32.06 -5.53
C HIS O 386 42.12 32.70 -5.30
N MET O 387 41.75 32.97 -4.03
CA MET O 387 40.45 33.57 -3.74
C MET O 387 40.10 34.83 -4.54
N PRO O 388 41.00 35.83 -4.73
CA PRO O 388 40.62 36.99 -5.57
C PRO O 388 40.30 36.65 -7.01
N ALA O 389 41.03 35.75 -7.63
CA ALA O 389 40.74 35.33 -8.99
C ALA O 389 39.39 34.63 -9.09
N LEU O 390 39.09 33.70 -8.16
CA LEU O 390 37.81 32.98 -8.16
C LEU O 390 36.61 33.92 -8.02
N VAL O 391 36.71 34.91 -7.15
CA VAL O 391 35.61 35.83 -6.93
C VAL O 391 35.40 36.71 -8.14
N GLU O 392 36.47 37.12 -8.79
CA GLU O 392 36.40 37.93 -9.99
C GLU O 392 35.84 37.15 -11.17
N ILE O 393 36.21 35.90 -11.32
CA ILE O 393 35.79 35.15 -12.49
C ILE O 393 34.35 34.64 -12.31
N PHE O 394 34.05 34.02 -11.17
CA PHE O 394 32.75 33.40 -11.03
C PHE O 394 31.68 34.40 -10.61
N GLY O 395 32.04 35.46 -9.92
CA GLY O 395 31.09 36.28 -9.20
C GLY O 395 30.50 35.56 -7.97
N ASP O 396 29.39 36.06 -7.46
CA ASP O 396 28.84 35.47 -6.23
C ASP O 396 28.19 34.10 -6.45
N ASP O 397 27.59 33.81 -7.61
CA ASP O 397 26.76 32.61 -7.74
C ASP O 397 27.59 31.40 -8.11
N ALA O 398 28.25 30.85 -7.10
CA ALA O 398 29.14 29.69 -7.24
C ALA O 398 29.48 29.13 -5.86
N CYS O 399 29.72 27.85 -5.81
CA CYS O 399 30.36 27.28 -4.64
C CYS O 399 31.85 27.12 -4.97
N LEU O 400 32.66 27.59 -4.11
CA LEU O 400 34.09 27.35 -4.23
C LEU O 400 34.46 26.19 -3.33
N GLN O 401 34.94 25.12 -3.91
CA GLN O 401 35.36 23.97 -3.14
C GLN O 401 36.86 24.01 -2.91
N PHE O 402 37.24 23.77 -1.68
CA PHE O 402 38.64 23.80 -1.30
C PHE O 402 39.05 22.37 -0.95
N GLY O 403 40.05 21.88 -1.67
CA GLY O 403 40.41 20.47 -1.60
C GLY O 403 41.36 20.18 -0.47
N GLY O 404 42.19 21.16 -0.15
CA GLY O 404 43.08 21.12 0.99
C GLY O 404 43.40 22.50 1.55
N GLY O 405 42.66 23.54 1.17
CA GLY O 405 42.82 24.84 1.81
C GLY O 405 42.55 24.75 3.31
N THR O 406 41.37 24.25 3.63
CA THR O 406 40.94 23.99 4.99
C THR O 406 41.86 22.98 5.72
N LEU O 407 42.42 21.99 5.00
CA LEU O 407 43.05 20.86 5.72
C LEU O 407 44.57 20.84 5.56
N GLY O 408 45.09 21.48 4.53
CA GLY O 408 46.51 21.71 4.53
C GLY O 408 46.91 22.81 5.48
N HIS O 409 45.93 23.56 6.01
CA HIS O 409 46.16 24.56 7.03
C HIS O 409 46.83 23.93 8.23
N PRO O 410 47.85 24.56 8.80
CA PRO O 410 48.62 23.91 9.85
C PRO O 410 47.87 23.74 11.14
N TRP O 411 46.86 24.56 11.42
CA TRP O 411 46.12 24.45 12.66
C TRP O 411 44.91 23.50 12.58
N GLY O 412 44.60 22.92 11.44
CA GLY O 412 43.57 21.90 11.36
C GLY O 412 42.36 22.37 10.57
N ASN O 413 41.30 21.53 10.58
CA ASN O 413 40.13 21.79 9.75
C ASN O 413 39.40 23.10 10.10
N ALA O 414 39.04 23.32 11.35
CA ALA O 414 38.23 24.50 11.65
C ALA O 414 38.96 25.83 11.39
N PRO O 415 40.22 26.05 11.77
CA PRO O 415 40.88 27.32 11.35
C PRO O 415 41.11 27.40 9.85
N GLY O 416 41.28 26.27 9.19
CA GLY O 416 41.38 26.26 7.75
C GLY O 416 40.10 26.71 7.09
N ALA O 417 38.97 26.20 7.57
CA ALA O 417 37.67 26.69 7.13
C ALA O 417 37.55 28.18 7.41
N ALA O 418 38.00 28.60 8.60
CA ALA O 418 37.86 30.00 8.97
C ALA O 418 38.75 30.88 8.12
N ALA O 419 39.92 30.39 7.74
CA ALA O 419 40.82 31.13 6.84
C ALA O 419 40.21 31.27 5.44
N ASN O 420 39.58 30.22 4.91
CA ASN O 420 38.89 30.33 3.62
C ASN O 420 37.73 31.32 3.67
N ARG O 421 36.95 31.31 4.74
CA ARG O 421 35.79 32.18 4.86
C ARG O 421 36.18 33.65 4.99
N VAL O 422 37.25 33.93 5.75
CA VAL O 422 37.78 35.29 5.89
C VAL O 422 38.26 35.82 4.54
N ALA O 423 39.04 35.02 3.81
CA ALA O 423 39.56 35.40 2.51
C ALA O 423 38.46 35.65 1.48
N LEU O 424 37.41 34.80 1.48
CA LEU O 424 36.28 34.99 0.58
C LEU O 424 35.55 36.28 0.92
N GLU O 425 35.34 36.52 2.20
CA GLU O 425 34.57 37.67 2.62
C GLU O 425 35.33 38.98 2.39
N ALA O 426 36.66 38.98 2.61
CA ALA O 426 37.49 40.17 2.35
C ALA O 426 37.58 40.48 0.87
N CYS O 427 37.72 39.47 0.03
CA CYS O 427 37.65 39.64 -1.41
C CYS O 427 36.28 40.12 -1.86
N THR O 428 35.20 39.64 -1.22
CA THR O 428 33.87 40.11 -1.55
C THR O 428 33.69 41.57 -1.17
N GLN O 429 34.11 41.94 0.04
CA GLN O 429 34.10 43.32 0.50
C GLN O 429 34.87 44.23 -0.45
N ALA O 430 36.07 43.82 -0.84
CA ALA O 430 36.93 44.62 -1.70
C ALA O 430 36.35 44.80 -3.10
N ARG O 431 35.79 43.73 -3.67
CA ARG O 431 35.03 43.78 -4.92
C ARG O 431 33.87 44.77 -4.85
N ASN O 432 33.08 44.76 -3.76
CA ASN O 432 31.93 45.65 -3.68
C ASN O 432 32.37 47.11 -3.56
N GLU O 433 33.49 47.35 -2.88
CA GLU O 433 34.15 48.65 -2.75
C GLU O 433 34.80 49.14 -4.02
N GLY O 434 34.68 48.44 -5.14
CA GLY O 434 35.19 48.88 -6.40
C GLY O 434 36.64 48.58 -6.68
N ARG O 435 37.31 47.81 -5.83
CA ARG O 435 38.70 47.46 -6.07
C ARG O 435 38.84 46.40 -7.15
N ASP O 436 39.95 46.46 -7.87
CA ASP O 436 40.26 45.55 -8.96
C ASP O 436 40.95 44.32 -8.37
N LEU O 437 40.24 43.18 -8.36
CA LEU O 437 40.80 41.99 -7.74
C LEU O 437 41.90 41.37 -8.57
N ALA O 438 41.92 41.63 -9.88
CA ALA O 438 43.03 41.17 -10.72
C ALA O 438 44.34 41.81 -10.30
N ARG O 439 44.29 43.07 -9.92
CA ARG O 439 45.50 43.76 -9.55
C ARG O 439 45.75 43.67 -8.05
N GLU O 440 44.74 43.99 -7.25
CA GLU O 440 44.88 44.30 -5.85
C GLU O 440 44.53 43.14 -4.93
N GLY O 441 44.37 41.94 -5.47
CA GLY O 441 43.89 40.84 -4.66
C GLY O 441 44.89 40.35 -3.64
N GLY O 442 46.17 40.35 -4.02
CA GLY O 442 47.23 40.08 -3.06
C GLY O 442 47.27 41.10 -1.94
N ASP O 443 47.03 42.37 -2.27
CA ASP O 443 46.95 43.41 -1.26
C ASP O 443 45.70 43.27 -0.38
N VAL O 444 44.62 42.70 -0.91
CA VAL O 444 43.42 42.45 -0.09
C VAL O 444 43.66 41.35 0.92
N ILE O 445 44.31 40.27 0.50
CA ILE O 445 44.58 39.14 1.38
C ILE O 445 45.57 39.52 2.48
N ARG O 446 46.68 40.19 2.13
CA ARG O 446 47.68 40.62 3.11
C ARG O 446 47.09 41.57 4.16
N SER O 447 46.16 42.41 3.75
CA SER O 447 45.49 43.31 4.66
C SER O 447 44.53 42.56 5.59
N ALA O 448 43.95 41.45 5.15
CA ALA O 448 43.10 40.68 6.04
C ALA O 448 43.93 39.80 6.98
N CYS O 449 45.15 39.44 6.56
CA CYS O 449 46.09 38.71 7.41
C CYS O 449 46.48 39.47 8.67
N LYS O 450 46.43 40.80 8.64
CA LYS O 450 46.84 41.61 9.79
C LYS O 450 45.91 41.39 10.97
N TRP O 451 44.61 41.30 10.75
CA TRP O 451 43.71 41.05 11.85
C TRP O 451 43.25 39.58 11.98
N SER O 452 43.45 38.72 11.01
CA SER O 452 42.97 37.35 11.15
C SER O 452 44.17 36.43 11.37
N PRO O 453 44.35 35.88 12.57
CA PRO O 453 45.47 34.95 12.76
C PRO O 453 45.34 33.66 11.97
N GLU O 454 44.12 33.19 11.70
CA GLU O 454 43.96 31.97 10.91
C GLU O 454 44.39 32.20 9.48
N LEU O 455 43.92 33.29 8.87
CA LEU O 455 44.37 33.63 7.51
C LEU O 455 45.86 33.91 7.45
N ALA O 456 46.42 34.55 8.47
CA ALA O 456 47.86 34.81 8.52
C ALA O 456 48.67 33.50 8.57
N ALA O 457 48.17 32.49 9.30
CA ALA O 457 48.85 31.20 9.33
C ALA O 457 48.70 30.43 8.03
N ALA O 458 47.60 30.62 7.29
CA ALA O 458 47.47 29.96 5.99
C ALA O 458 48.41 30.59 4.97
N CYS O 459 48.65 31.89 5.07
CA CYS O 459 49.52 32.57 4.11
C CYS O 459 50.99 32.41 4.45
N GLU O 460 51.32 31.93 5.65
CA GLU O 460 52.67 31.53 6.00
C GLU O 460 53.12 30.35 5.15
N VAL O 461 52.23 29.37 4.95
CA VAL O 461 52.34 28.35 3.92
C VAL O 461 52.51 28.98 2.55
N MET P 46 -43.10 -5.62 -40.68
CA MET P 46 -42.14 -5.35 -39.62
C MET P 46 -41.24 -6.57 -39.57
N MET P 47 -39.96 -6.37 -39.84
CA MET P 47 -39.00 -7.44 -40.01
C MET P 47 -38.02 -7.43 -38.83
N VAL P 48 -37.29 -8.54 -38.62
CA VAL P 48 -36.36 -8.68 -37.49
C VAL P 48 -34.94 -8.84 -38.03
N TRP P 49 -34.05 -7.92 -37.64
CA TRP P 49 -32.65 -8.03 -37.99
C TRP P 49 -32.07 -9.30 -37.37
N THR P 50 -31.57 -10.20 -38.19
CA THR P 50 -31.25 -11.52 -37.65
C THR P 50 -29.92 -11.50 -36.87
N PRO P 51 -29.88 -12.13 -35.70
CA PRO P 51 -28.62 -12.34 -34.97
C PRO P 51 -27.83 -13.57 -35.41
N VAL P 52 -28.35 -14.39 -36.31
CA VAL P 52 -27.71 -15.66 -36.65
C VAL P 52 -26.90 -15.48 -37.92
N ASN P 53 -25.65 -15.92 -37.90
CA ASN P 53 -24.78 -15.98 -39.07
C ASN P 53 -24.74 -14.67 -39.84
N ASN P 54 -24.68 -13.56 -39.15
CA ASN P 54 -24.90 -12.26 -39.75
C ASN P 54 -23.72 -11.35 -39.42
N LYS P 55 -22.51 -11.87 -39.51
CA LYS P 55 -21.28 -11.11 -39.25
C LYS P 55 -21.02 -9.97 -40.25
N MET P 56 -20.49 -8.86 -39.76
CA MET P 56 -20.16 -7.69 -40.57
C MET P 56 -18.65 -7.43 -40.58
N PHE P 57 -18.16 -6.77 -41.62
CA PHE P 57 -16.72 -6.60 -41.73
C PHE P 57 -16.26 -5.17 -41.89
N GLU P 58 -16.91 -4.32 -41.11
CA GLU P 58 -16.73 -2.87 -41.05
C GLU P 58 -17.23 -2.08 -42.28
N THR P 59 -16.43 -1.15 -42.76
CA THR P 59 -16.92 -0.28 -43.82
C THR P 59 -17.41 -0.98 -45.11
N PHE P 60 -18.61 -0.59 -45.49
CA PHE P 60 -19.38 -1.07 -46.68
C PHE P 60 -20.02 -2.46 -46.52
N SER P 61 -19.84 -3.11 -45.37
CA SER P 61 -20.45 -4.45 -45.20
C SER P 61 -21.98 -4.41 -45.07
N TYR P 62 -22.55 -3.25 -44.88
CA TYR P 62 -24.00 -3.17 -44.84
C TYR P 62 -24.58 -2.87 -46.23
N LEU P 63 -23.74 -2.69 -47.24
CA LEU P 63 -24.15 -2.54 -48.65
C LEU P 63 -24.12 -3.89 -49.33
N PRO P 64 -24.77 -4.05 -50.49
CA PRO P 64 -24.50 -5.24 -51.32
C PRO P 64 -23.02 -5.33 -51.66
N PRO P 65 -22.49 -6.54 -51.92
CA PRO P 65 -21.07 -6.68 -52.28
C PRO P 65 -20.71 -5.82 -53.48
N LEU P 66 -19.60 -5.14 -53.37
CA LEU P 66 -19.26 -4.17 -54.39
C LEU P 66 -18.90 -4.93 -55.66
N SER P 67 -19.52 -4.55 -56.76
CA SER P 67 -19.15 -5.08 -58.06
C SER P 67 -17.77 -4.58 -58.47
N ASP P 68 -17.28 -5.13 -59.59
CA ASP P 68 -15.98 -4.75 -60.10
C ASP P 68 -15.94 -3.27 -60.46
N GLU P 69 -17.05 -2.77 -61.00
CA GLU P 69 -17.19 -1.35 -61.30
C GLU P 69 -17.16 -0.53 -60.00
N GLN P 70 -17.83 -1.03 -58.96
CA GLN P 70 -17.85 -0.34 -57.68
C GLN P 70 -16.48 -0.38 -57.02
N ILE P 71 -15.72 -1.48 -57.17
CA ILE P 71 -14.38 -1.53 -56.62
C ILE P 71 -13.46 -0.57 -57.37
N ALA P 72 -13.61 -0.53 -58.70
CA ALA P 72 -12.79 0.34 -59.55
C ALA P 72 -13.01 1.81 -59.22
N ALA P 73 -14.25 2.19 -58.93
CA ALA P 73 -14.53 3.56 -58.56
C ALA P 73 -13.96 3.93 -57.19
N GLN P 74 -13.99 2.99 -56.22
CA GLN P 74 -13.30 3.22 -54.95
C GLN P 74 -11.80 3.34 -55.14
N VAL P 75 -11.20 2.54 -56.03
CA VAL P 75 -9.77 2.63 -56.31
C VAL P 75 -9.41 3.97 -56.95
N ASP P 76 -10.28 4.48 -57.82
CA ASP P 76 -10.14 5.84 -58.33
C ASP P 76 -10.14 6.88 -57.24
N TYR P 77 -10.96 6.71 -56.21
CA TYR P 77 -10.92 7.61 -55.07
C TYR P 77 -9.59 7.51 -54.34
N ILE P 78 -9.07 6.28 -54.15
CA ILE P 78 -7.77 6.06 -53.53
C ILE P 78 -6.65 6.73 -54.32
N VAL P 79 -6.64 6.55 -55.63
CA VAL P 79 -5.55 7.04 -56.47
C VAL P 79 -5.54 8.56 -56.55
N ALA P 80 -6.71 9.18 -56.75
CA ALA P 80 -6.83 10.64 -56.82
C ALA P 80 -6.33 11.32 -55.57
N ASN P 81 -6.55 10.70 -54.42
CA ASN P 81 -6.07 11.26 -53.18
C ASN P 81 -4.58 11.03 -52.94
N GLY P 82 -3.87 10.35 -53.83
CA GLY P 82 -2.49 9.98 -53.57
C GLY P 82 -2.32 8.87 -52.55
N TRP P 83 -3.35 8.08 -52.31
CA TRP P 83 -3.27 7.05 -51.29
C TRP P 83 -2.69 5.77 -51.86
N ILE P 84 -2.21 4.92 -50.97
CA ILE P 84 -1.56 3.68 -51.38
C ILE P 84 -2.52 2.53 -51.10
N PRO P 85 -3.07 1.89 -52.13
CA PRO P 85 -3.88 0.68 -51.92
C PRO P 85 -3.03 -0.50 -51.49
N CYS P 86 -3.63 -1.40 -50.73
CA CYS P 86 -3.03 -2.66 -50.33
C CYS P 86 -4.15 -3.67 -50.11
N LEU P 87 -3.91 -4.92 -50.38
CA LEU P 87 -4.92 -5.95 -50.09
C LEU P 87 -4.51 -6.74 -48.84
N GLU P 88 -5.49 -7.17 -48.10
CA GLU P 88 -5.32 -8.04 -46.95
C GLU P 88 -6.35 -9.15 -46.96
N PHE P 89 -5.99 -10.28 -46.37
CA PHE P 89 -6.85 -11.44 -46.38
C PHE P 89 -6.74 -12.21 -45.05
N ALA P 90 -7.77 -12.96 -44.76
CA ALA P 90 -7.97 -13.79 -43.58
C ALA P 90 -8.85 -15.00 -43.89
N GLU P 91 -8.50 -16.11 -43.28
CA GLU P 91 -9.35 -17.28 -43.32
C GLU P 91 -10.54 -16.93 -42.38
N SER P 92 -11.66 -17.64 -42.50
CA SER P 92 -12.84 -17.28 -41.72
C SER P 92 -12.66 -17.27 -40.20
N ASP P 93 -11.87 -18.18 -39.66
CA ASP P 93 -11.62 -18.25 -38.22
C ASP P 93 -10.73 -17.10 -37.70
N LYS P 94 -10.15 -16.34 -38.61
CA LYS P 94 -9.32 -15.22 -38.25
C LYS P 94 -9.92 -13.94 -38.73
N ALA P 95 -11.04 -14.01 -39.43
CA ALA P 95 -11.65 -12.83 -40.00
C ALA P 95 -12.26 -11.79 -39.06
N TYR P 96 -12.92 -12.22 -37.99
CA TYR P 96 -13.56 -11.26 -37.09
C TYR P 96 -12.95 -11.18 -35.68
N VAL P 97 -13.20 -10.08 -34.97
CA VAL P 97 -12.58 -9.88 -33.66
C VAL P 97 -12.86 -10.98 -32.65
N SER P 98 -11.81 -11.32 -31.92
CA SER P 98 -11.86 -12.37 -30.90
C SER P 98 -10.99 -11.97 -29.71
N ASN P 99 -11.18 -12.64 -28.58
CA ASN P 99 -10.48 -12.37 -27.33
C ASN P 99 -9.56 -13.48 -26.81
N GLU P 100 -9.12 -14.42 -27.64
CA GLU P 100 -8.51 -15.60 -27.05
C GLU P 100 -7.13 -15.36 -26.42
N SER P 101 -6.32 -14.42 -26.94
CA SER P 101 -5.03 -14.09 -26.31
C SER P 101 -5.14 -13.51 -24.91
N ALA P 102 -6.30 -13.00 -24.52
CA ALA P 102 -6.49 -12.38 -23.21
C ALA P 102 -6.38 -13.35 -22.05
N ILE P 103 -6.38 -14.65 -22.31
CA ILE P 103 -6.11 -15.65 -21.29
C ILE P 103 -4.74 -15.40 -20.64
N ARG P 104 -3.76 -14.90 -21.40
CA ARG P 104 -2.40 -14.66 -20.90
C ARG P 104 -2.28 -13.38 -20.07
N PHE P 105 -3.27 -12.52 -20.10
CA PHE P 105 -3.14 -11.16 -19.61
C PHE P 105 -3.49 -11.04 -18.13
N GLY P 106 -2.89 -10.07 -17.45
CA GLY P 106 -3.48 -9.45 -16.28
C GLY P 106 -4.68 -8.53 -16.61
N SER P 107 -4.85 -7.38 -16.01
CA SER P 107 -6.04 -6.56 -16.29
C SER P 107 -5.86 -5.53 -17.39
N VAL P 108 -5.30 -5.90 -18.52
CA VAL P 108 -5.00 -4.93 -19.56
C VAL P 108 -5.70 -5.33 -20.86
N SER P 109 -6.87 -5.94 -20.78
CA SER P 109 -7.54 -6.28 -22.07
C SER P 109 -8.20 -5.08 -22.79
N CYS P 110 -8.33 -3.93 -22.14
CA CYS P 110 -9.01 -2.75 -22.66
C CYS P 110 -8.53 -2.33 -24.07
N LEU P 111 -9.44 -2.44 -25.05
CA LEU P 111 -9.19 -2.18 -26.46
C LEU P 111 -8.15 -3.12 -27.11
N TYR P 112 -7.77 -4.18 -26.44
CA TYR P 112 -7.07 -5.27 -27.09
C TYR P 112 -8.10 -6.20 -27.75
N TYR P 113 -7.87 -6.55 -29.00
CA TYR P 113 -8.62 -7.66 -29.57
C TYR P 113 -7.74 -8.35 -30.60
N ASP P 114 -7.85 -9.66 -30.69
CA ASP P 114 -7.15 -10.40 -31.71
C ASP P 114 -7.95 -10.32 -33.03
N ASN P 115 -7.27 -10.56 -34.14
CA ASN P 115 -7.74 -10.64 -35.53
C ASN P 115 -8.08 -9.27 -36.16
N ARG P 116 -7.74 -8.15 -35.53
CA ARG P 116 -7.75 -6.88 -36.25
C ARG P 116 -6.74 -6.89 -37.38
N TYR P 117 -5.53 -7.31 -37.10
CA TYR P 117 -4.54 -7.54 -38.15
C TYR P 117 -5.03 -8.70 -39.04
N TRP P 118 -5.05 -8.48 -40.32
CA TRP P 118 -5.11 -9.57 -41.29
C TRP P 118 -3.74 -9.80 -41.95
N THR P 119 -3.65 -10.67 -42.93
CA THR P 119 -2.37 -10.97 -43.59
C THR P 119 -2.28 -10.19 -44.91
N MET P 120 -1.16 -9.49 -45.10
CA MET P 120 -0.94 -8.71 -46.30
C MET P 120 -0.76 -9.57 -47.58
N TRP P 121 -1.38 -9.14 -48.66
CA TRP P 121 -1.21 -9.85 -49.92
C TRP P 121 -0.15 -9.04 -50.65
N LYS P 122 0.99 -9.65 -50.87
CA LYS P 122 2.14 -9.02 -51.53
C LYS P 122 2.51 -7.73 -50.81
N LEU P 123 2.66 -6.65 -51.54
CA LEU P 123 3.04 -5.39 -50.93
C LEU P 123 2.12 -4.22 -51.26
N PRO P 124 2.14 -3.19 -50.41
CA PRO P 124 1.41 -1.96 -50.75
C PRO P 124 1.86 -1.50 -52.11
N MET P 125 0.89 -1.15 -52.92
CA MET P 125 1.11 -0.87 -54.33
C MET P 125 1.55 0.57 -54.48
N PHE P 126 2.82 0.80 -54.17
CA PHE P 126 3.39 2.13 -54.28
C PHE P 126 3.40 2.54 -55.73
N GLY P 127 2.92 3.75 -56.00
CA GLY P 127 2.82 4.29 -57.34
C GLY P 127 1.65 3.79 -58.15
N CYS P 128 0.68 3.14 -57.51
CA CYS P 128 -0.52 2.71 -58.20
C CYS P 128 -1.30 3.92 -58.71
N ARG P 129 -1.50 3.94 -60.01
CA ARG P 129 -2.25 4.97 -60.69
C ARG P 129 -3.42 4.40 -61.45
N ASP P 130 -3.34 3.17 -61.91
CA ASP P 130 -4.39 2.58 -62.68
C ASP P 130 -5.16 1.57 -61.85
N PRO P 131 -6.50 1.59 -61.89
CA PRO P 131 -7.27 0.68 -61.04
C PRO P 131 -7.28 -0.77 -61.47
N MET P 132 -6.76 -1.09 -62.65
CA MET P 132 -6.88 -2.45 -63.16
C MET P 132 -5.86 -3.37 -62.50
N GLN P 133 -4.81 -2.80 -61.95
CA GLN P 133 -3.84 -3.57 -61.17
C GLN P 133 -4.44 -4.11 -59.88
N VAL P 134 -5.23 -3.28 -59.18
CA VAL P 134 -5.88 -3.73 -57.95
C VAL P 134 -6.89 -4.80 -58.27
N LEU P 135 -7.64 -4.63 -59.36
CA LEU P 135 -8.64 -5.61 -59.76
C LEU P 135 -8.00 -6.94 -60.16
N ARG P 136 -6.82 -6.86 -60.77
CA ARG P 136 -6.05 -8.06 -61.08
C ARG P 136 -5.54 -8.74 -59.81
N GLU P 137 -5.03 -7.95 -58.88
CA GLU P 137 -4.54 -8.48 -57.62
C GLU P 137 -5.65 -9.06 -56.76
N ILE P 138 -6.85 -8.50 -56.83
CA ILE P 138 -8.00 -9.06 -56.12
C ILE P 138 -8.31 -10.46 -56.64
N VAL P 139 -8.35 -10.61 -57.97
CA VAL P 139 -8.56 -11.91 -58.59
C VAL P 139 -7.47 -12.89 -58.21
N ALA P 140 -6.21 -12.46 -58.24
CA ALA P 140 -5.10 -13.35 -57.88
C ALA P 140 -5.16 -13.81 -56.42
N CYS P 141 -5.49 -12.91 -55.49
CA CYS P 141 -5.60 -13.29 -54.08
C CYS P 141 -6.72 -14.29 -53.87
N THR P 142 -7.88 -14.05 -54.47
CA THR P 142 -9.01 -14.94 -54.29
C THR P 142 -8.79 -16.27 -54.96
N LYS P 143 -8.02 -16.28 -56.05
CA LYS P 143 -7.65 -17.53 -56.70
C LYS P 143 -6.70 -18.35 -55.83
N ALA P 144 -5.71 -17.70 -55.22
CA ALA P 144 -4.81 -18.41 -54.31
C ALA P 144 -5.52 -18.77 -53.01
N PHE P 145 -6.49 -17.99 -52.58
CA PHE P 145 -7.12 -18.22 -51.27
C PHE P 145 -8.63 -18.20 -51.42
N PRO P 146 -9.22 -19.31 -51.87
CA PRO P 146 -10.67 -19.28 -52.15
C PRO P 146 -11.54 -19.29 -50.90
N ASP P 147 -11.03 -19.77 -49.79
CA ASP P 147 -11.78 -19.76 -48.55
C ASP P 147 -11.53 -18.51 -47.69
N ALA P 148 -10.92 -17.47 -48.25
CA ALA P 148 -10.50 -16.28 -47.51
C ALA P 148 -11.39 -15.06 -47.78
N TYR P 149 -11.72 -14.33 -46.74
CA TYR P 149 -12.17 -12.94 -46.92
C TYR P 149 -11.01 -12.09 -47.45
N VAL P 150 -11.28 -11.11 -48.28
CA VAL P 150 -10.23 -10.22 -48.81
C VAL P 150 -10.68 -8.77 -48.61
N ARG P 151 -9.85 -7.97 -48.02
CA ARG P 151 -10.17 -6.58 -47.83
C ARG P 151 -9.17 -5.69 -48.53
N LEU P 152 -9.65 -4.57 -49.00
CA LEU P 152 -8.84 -3.57 -49.66
C LEU P 152 -8.61 -2.42 -48.70
N VAL P 153 -7.36 -2.14 -48.43
CA VAL P 153 -7.09 -1.07 -47.49
C VAL P 153 -6.36 0.03 -48.25
N ALA P 154 -6.21 1.16 -47.63
CA ALA P 154 -5.49 2.26 -48.22
C ALA P 154 -4.77 3.04 -47.14
N PHE P 155 -3.57 3.48 -47.46
CA PHE P 155 -2.67 4.17 -46.55
C PHE P 155 -2.44 5.57 -47.08
N ASP P 156 -2.44 6.56 -46.21
CA ASP P 156 -2.15 7.93 -46.57
C ASP P 156 -0.80 8.28 -46.00
N ASN P 157 0.18 8.39 -46.90
CA ASN P 157 1.57 8.58 -46.47
C ASN P 157 1.79 9.98 -45.92
N GLN P 158 0.90 10.93 -46.24
CA GLN P 158 0.96 12.23 -45.58
C GLN P 158 0.68 12.11 -44.10
N LYS P 159 -0.48 11.61 -43.74
CA LYS P 159 -0.86 11.48 -42.35
C LYS P 159 -0.26 10.21 -41.73
N GLN P 160 0.51 9.41 -42.50
CA GLN P 160 1.17 8.16 -42.10
C GLN P 160 0.26 7.23 -41.28
N VAL P 161 -0.84 6.79 -41.90
CA VAL P 161 -1.88 6.03 -41.21
C VAL P 161 -2.78 5.34 -42.24
N GLN P 162 -3.23 4.14 -41.91
CA GLN P 162 -4.33 3.53 -42.65
C GLN P 162 -5.55 4.43 -42.68
N ILE P 163 -6.12 4.63 -43.86
CA ILE P 163 -7.19 5.58 -44.05
C ILE P 163 -8.43 4.95 -44.67
N MET P 164 -8.33 3.78 -45.31
CA MET P 164 -9.51 3.04 -45.73
C MET P 164 -9.35 1.56 -45.40
N GLY P 165 -10.48 0.89 -45.41
CA GLY P 165 -10.54 -0.54 -45.33
C GLY P 165 -11.98 -0.99 -45.49
N PHE P 166 -12.23 -1.73 -46.55
CA PHE P 166 -13.53 -2.26 -46.88
C PHE P 166 -13.31 -3.57 -47.58
N LEU P 167 -14.31 -4.40 -47.50
CA LEU P 167 -14.22 -5.76 -47.94
C LEU P 167 -14.51 -5.85 -49.45
N VAL P 168 -13.76 -6.67 -50.16
CA VAL P 168 -14.01 -6.90 -51.57
C VAL P 168 -14.40 -8.32 -51.87
N GLN P 169 -14.22 -9.25 -50.96
CA GLN P 169 -14.58 -10.61 -51.26
C GLN P 169 -14.91 -11.37 -50.00
N ARG P 170 -16.03 -12.05 -50.04
CA ARG P 170 -16.39 -13.02 -49.04
C ARG P 170 -16.22 -14.41 -49.63
N PRO P 171 -15.76 -15.38 -48.86
CA PRO P 171 -15.73 -16.74 -49.37
C PRO P 171 -17.13 -17.34 -49.35
N LYS P 172 -17.47 -18.01 -50.44
CA LYS P 172 -18.71 -18.77 -50.56
C LYS P 172 -18.85 -19.78 -49.41
N SER P 173 -17.76 -20.45 -49.05
CA SER P 173 -17.82 -21.48 -48.02
C SER P 173 -18.02 -20.90 -46.62
N ALA P 174 -17.93 -19.59 -46.45
CA ALA P 174 -18.24 -18.99 -45.16
C ALA P 174 -19.74 -18.99 -44.92
N ARG P 175 -20.14 -19.65 -43.85
CA ARG P 175 -21.52 -19.53 -43.43
C ARG P 175 -21.75 -18.42 -42.41
N ASP P 176 -20.69 -17.73 -41.99
CA ASP P 176 -20.73 -16.69 -40.94
C ASP P 176 -21.54 -15.44 -41.33
N TRP P 177 -21.87 -15.23 -42.59
CA TRP P 177 -22.41 -13.96 -43.05
C TRP P 177 -23.68 -14.13 -43.89
N GLN P 178 -24.44 -13.10 -44.01
CA GLN P 178 -25.72 -13.26 -44.71
C GLN P 178 -25.74 -12.55 -46.03
N PRO P 179 -26.31 -13.20 -47.07
CA PRO P 179 -26.32 -12.68 -48.44
C PRO P 179 -27.38 -11.62 -48.71
N ALA P 180 -27.46 -10.63 -47.83
CA ALA P 180 -28.28 -9.43 -47.98
C ALA P 180 -29.77 -9.71 -48.11
N ASN P 181 -30.19 -10.89 -47.59
CA ASN P 181 -31.53 -11.26 -47.15
C ASN P 181 -31.49 -11.59 -45.67
N LYS P 182 -30.95 -10.63 -44.89
CA LYS P 182 -30.62 -10.59 -43.48
C LYS P 182 -31.66 -9.85 -42.61
N ARG P 183 -32.69 -9.29 -43.21
CA ARG P 183 -33.99 -8.98 -42.61
C ARG P 183 -33.98 -8.15 -41.35
N ALA Q 9 26.99 43.73 -13.44
CA ALA Q 9 27.36 44.56 -12.32
C ALA Q 9 28.13 45.80 -12.79
N VAL Q 10 27.73 46.96 -12.28
CA VAL Q 10 28.37 48.21 -12.65
C VAL Q 10 29.49 48.55 -11.67
N THR Q 11 30.45 49.36 -12.10
CA THR Q 11 31.58 49.77 -11.24
C THR Q 11 31.08 50.73 -10.16
N PRO Q 12 31.23 50.41 -8.85
CA PRO Q 12 30.75 51.28 -7.77
C PRO Q 12 31.53 52.59 -7.68
N SER Q 13 30.98 53.67 -8.22
CA SER Q 13 31.68 54.98 -8.11
C SER Q 13 31.46 55.51 -6.70
N ARG Q 14 32.52 55.99 -6.03
CA ARG Q 14 32.40 56.50 -4.66
C ARG Q 14 31.66 57.83 -4.51
N SER Q 15 31.06 58.01 -3.34
CA SER Q 15 30.29 59.15 -2.95
C SER Q 15 30.92 59.72 -1.67
N ALA Q 16 31.59 60.86 -1.83
CA ALA Q 16 32.19 61.47 -0.68
C ALA Q 16 30.97 61.82 0.14
N LEU Q 17 31.04 61.51 1.42
CA LEU Q 17 29.95 61.82 2.33
C LEU Q 17 30.05 63.30 2.70
N PRO Q 18 28.97 63.86 3.22
CA PRO Q 18 28.99 65.27 3.61
C PRO Q 18 30.02 65.49 4.72
N SER Q 19 30.62 66.67 4.79
CA SER Q 19 31.70 66.93 5.75
C SER Q 19 31.32 66.68 7.22
N ASN Q 20 30.08 66.98 7.58
CA ASN Q 20 29.61 66.77 8.94
C ASN Q 20 28.99 65.38 9.16
N TRP Q 21 29.18 64.44 8.23
CA TRP Q 21 28.58 63.12 8.39
C TRP Q 21 29.01 62.42 9.68
N LYS Q 22 30.27 62.54 10.06
CA LYS Q 22 30.70 61.93 11.31
C LYS Q 22 29.98 62.61 12.47
N GLN Q 23 29.92 63.94 12.40
CA GLN Q 23 29.26 64.76 13.42
C GLN Q 23 27.76 64.53 13.47
N GLU Q 24 27.14 64.41 12.29
CA GLU Q 24 25.70 64.21 12.19
C GLU Q 24 25.31 62.91 12.85
N LEU Q 25 26.11 61.88 12.60
CA LEU Q 25 25.91 60.59 13.20
C LEU Q 25 26.11 60.67 14.71
N GLU Q 26 27.06 61.49 15.17
CA GLU Q 26 27.31 61.52 16.60
C GLU Q 26 26.15 62.17 17.36
N SER Q 27 25.59 63.24 16.81
CA SER Q 27 24.46 63.92 17.44
C SER Q 27 23.24 63.03 17.50
N LEU Q 28 23.00 62.31 16.41
CA LEU Q 28 21.84 61.42 16.31
C LEU Q 28 21.88 60.28 17.30
N ARG Q 29 23.06 59.70 17.49
CA ARG Q 29 23.19 58.57 18.42
C ARG Q 29 22.83 58.97 19.85
N SER Q 30 23.23 60.16 20.25
CA SER Q 30 22.93 60.64 21.59
C SER Q 30 21.43 60.82 21.81
N ALA R 9 -52.08 -7.01 -7.70
CA ALA R 9 -52.41 -7.92 -8.79
C ALA R 9 -53.92 -8.06 -8.95
N VAL R 10 -54.39 -7.95 -10.18
CA VAL R 10 -55.81 -8.08 -10.48
C VAL R 10 -56.16 -9.51 -10.81
N THR R 11 -57.43 -9.87 -10.63
CA THR R 11 -57.91 -11.25 -10.95
C THR R 11 -57.92 -11.45 -12.47
N PRO R 12 -57.18 -12.43 -13.01
CA PRO R 12 -57.12 -12.66 -14.46
C PRO R 12 -58.47 -13.18 -15.02
N SER R 13 -59.27 -12.30 -15.61
CA SER R 13 -60.55 -12.76 -16.20
C SER R 13 -60.23 -13.45 -17.54
N ARG R 14 -60.80 -14.61 -17.80
CA ARG R 14 -60.53 -15.35 -19.04
C ARG R 14 -61.13 -14.74 -20.32
N SER R 15 -60.45 -15.01 -21.43
CA SER R 15 -60.80 -14.56 -22.75
C SER R 15 -60.96 -15.77 -23.64
N ALA R 16 -62.21 -16.06 -23.97
CA ALA R 16 -62.46 -17.19 -24.82
C ALA R 16 -61.80 -16.75 -26.11
N LEU R 17 -61.02 -17.65 -26.68
CA LEU R 17 -60.34 -17.37 -27.93
C LEU R 17 -61.35 -17.52 -29.07
N PRO R 18 -61.03 -16.97 -30.24
CA PRO R 18 -61.95 -17.08 -31.38
C PRO R 18 -62.11 -18.55 -31.76
N SER R 19 -63.28 -18.92 -32.29
CA SER R 19 -63.56 -20.33 -32.60
C SER R 19 -62.54 -21.00 -33.52
N ASN R 20 -62.02 -20.27 -34.50
CA ASN R 20 -61.04 -20.79 -35.43
C ASN R 20 -59.60 -20.61 -34.94
N TRP R 21 -59.38 -20.27 -33.67
CA TRP R 21 -58.01 -20.04 -33.20
C TRP R 21 -57.13 -21.28 -33.37
N LYS R 22 -57.64 -22.48 -33.14
CA LYS R 22 -56.84 -23.67 -33.35
C LYS R 22 -56.51 -23.78 -34.82
N GLN R 23 -57.52 -23.55 -35.66
CA GLN R 23 -57.37 -23.60 -37.11
C GLN R 23 -56.46 -22.52 -37.66
N GLU R 24 -56.59 -21.31 -37.12
CA GLU R 24 -55.80 -20.17 -37.55
C GLU R 24 -54.33 -20.44 -37.30
N LEU R 25 -54.04 -21.00 -36.13
CA LEU R 25 -52.70 -21.37 -35.78
C LEU R 25 -52.19 -22.48 -36.70
N GLU R 26 -53.06 -23.41 -37.10
CA GLU R 26 -52.58 -24.52 -37.92
C GLU R 26 -52.19 -24.05 -39.31
N SER R 27 -52.98 -23.14 -39.90
CA SER R 27 -52.68 -22.62 -41.23
C SER R 27 -51.39 -21.82 -41.23
N LEU R 28 -51.21 -21.02 -40.18
CA LEU R 28 -50.03 -20.17 -40.06
C LEU R 28 -48.74 -20.96 -39.94
N ARG R 29 -48.77 -22.04 -39.18
CA ARG R 29 -47.58 -22.86 -38.98
C ARG R 29 -47.08 -23.46 -40.28
N SER R 30 -48.00 -23.89 -41.14
CA SER R 30 -47.63 -24.47 -42.42
C SER R 30 -46.96 -23.45 -43.33
N ALA S 9 -29.90 40.61 16.67
CA ALA S 9 -29.29 41.40 17.74
C ALA S 9 -30.21 42.54 18.16
N VAL S 10 -30.39 42.69 19.47
CA VAL S 10 -31.24 43.74 20.01
C VAL S 10 -30.43 45.00 20.30
N THR S 11 -31.10 46.14 20.33
CA THR S 11 -30.42 47.43 20.63
C THR S 11 -30.01 47.47 22.11
N PRO S 12 -28.71 47.61 22.43
CA PRO S 12 -28.25 47.64 23.81
C PRO S 12 -28.71 48.89 24.57
N SER S 13 -29.78 48.77 25.38
CA SER S 13 -30.24 49.94 26.15
C SER S 13 -29.30 50.10 27.36
N ARG S 14 -28.84 51.32 27.63
CA ARG S 14 -27.91 51.56 28.74
C ARG S 14 -28.51 51.44 30.15
N SER S 15 -27.64 51.09 31.08
CA SER S 15 -27.95 50.89 32.49
C SER S 15 -27.06 51.82 33.29
N ALA S 16 -27.67 52.86 33.83
CA ALA S 16 -26.91 53.78 34.62
C ALA S 16 -26.51 52.90 35.80
N LEU S 17 -25.24 52.96 36.15
CA LEU S 17 -24.73 52.21 37.26
C LEU S 17 -25.10 52.92 38.55
N PRO S 18 -25.06 52.21 39.68
CA PRO S 18 -25.40 52.84 40.96
C PRO S 18 -24.43 53.98 41.26
N SER S 19 -24.88 55.00 41.96
CA SER S 19 -24.05 56.19 42.20
C SER S 19 -22.70 55.90 42.88
N ASN S 20 -22.67 54.94 43.79
CA ASN S 20 -21.45 54.57 44.47
C ASN S 20 -20.65 53.47 43.75
N TRP S 21 -20.98 53.17 42.49
CA TRP S 21 -20.27 52.11 41.78
C TRP S 21 -18.76 52.36 41.70
N LYS S 22 -18.33 53.60 41.47
CA LYS S 22 -16.91 53.88 41.44
C LYS S 22 -16.33 53.62 42.82
N GLN S 23 -17.04 54.09 43.85
CA GLN S 23 -16.63 53.92 45.24
C GLN S 23 -16.64 52.46 45.68
N GLU S 24 -17.66 51.74 45.26
CA GLU S 24 -17.83 50.33 45.62
C GLU S 24 -16.66 49.53 45.08
N LEU S 25 -16.29 49.82 43.84
CA LEU S 25 -15.15 49.18 43.22
C LEU S 25 -13.87 49.56 43.93
N GLU S 26 -13.76 50.80 44.42
CA GLU S 26 -12.51 51.19 45.05
C GLU S 26 -12.29 50.47 46.38
N SER S 27 -13.36 50.33 47.17
CA SER S 27 -13.26 49.65 48.45
C SER S 27 -12.93 48.18 48.27
N LEU S 28 -13.54 47.56 47.27
CA LEU S 28 -13.33 46.15 47.00
C LEU S 28 -11.90 45.82 46.58
N ARG S 29 -11.32 46.69 45.76
CA ARG S 29 -9.96 46.46 45.27
C ARG S 29 -8.96 46.44 46.42
N SER S 30 -9.14 47.33 47.40
CA SER S 30 -8.25 47.39 48.55
C SER S 30 -8.32 46.12 49.38
N ALA T 9 -9.05 -51.00 11.48
CA ALA T 9 -9.60 -51.78 10.37
C ALA T 9 -9.84 -53.22 10.79
N VAL T 10 -11.02 -53.74 10.46
CA VAL T 10 -11.37 -55.11 10.79
C VAL T 10 -11.01 -56.05 9.65
N THR T 11 -10.82 -57.33 9.97
CA THR T 11 -10.49 -58.35 8.94
C THR T 11 -11.71 -58.61 8.05
N PRO T 12 -11.62 -58.38 6.72
CA PRO T 12 -12.76 -58.59 5.82
C PRO T 12 -13.15 -60.06 5.68
N SER T 13 -14.19 -60.50 6.40
CA SER T 13 -14.62 -61.91 6.27
C SER T 13 -15.41 -62.04 4.96
N ARG T 14 -15.13 -63.06 4.16
CA ARG T 14 -15.81 -63.23 2.87
C ARG T 14 -17.29 -63.67 2.96
N SER T 15 -18.04 -63.29 1.94
CA SER T 15 -19.44 -63.55 1.78
C SER T 15 -19.65 -64.29 0.47
N ALA T 16 -19.94 -65.58 0.59
CA ALA T 16 -20.16 -66.34 -0.60
C ALA T 16 -21.41 -65.70 -1.16
N LEU T 17 -21.38 -65.42 -2.45
CA LEU T 17 -22.52 -64.83 -3.11
C LEU T 17 -23.54 -65.92 -3.38
N PRO T 18 -24.79 -65.52 -3.65
CA PRO T 18 -25.83 -66.53 -3.93
C PRO T 18 -25.47 -67.31 -5.18
N SER T 19 -25.89 -68.57 -5.26
CA SER T 19 -25.49 -69.43 -6.39
C SER T 19 -25.85 -68.88 -7.77
N ASN T 20 -26.99 -68.21 -7.89
CA ASN T 20 -27.42 -67.63 -9.14
C ASN T 20 -26.93 -66.19 -9.34
N TRP T 21 -25.97 -65.73 -8.54
CA TRP T 21 -25.51 -64.34 -8.69
C TRP T 21 -24.96 -64.05 -10.09
N LYS T 22 -24.23 -64.99 -10.70
CA LYS T 22 -23.75 -64.76 -12.04
C LYS T 22 -24.94 -64.66 -12.99
N GLN T 23 -25.89 -65.57 -12.81
CA GLN T 23 -27.10 -65.61 -13.61
C GLN T 23 -28.00 -64.40 -13.41
N GLU T 24 -28.12 -63.97 -12.16
CA GLU T 24 -28.96 -62.84 -11.80
C GLU T 24 -28.45 -61.58 -12.48
N LEU T 25 -27.13 -61.42 -12.45
CA LEU T 25 -26.49 -60.32 -13.12
C LEU T 25 -26.68 -60.40 -14.62
N GLU T 26 -26.68 -61.62 -15.18
CA GLU T 26 -26.80 -61.71 -16.63
C GLU T 26 -28.20 -61.31 -17.11
N SER T 27 -29.23 -61.72 -16.39
CA SER T 27 -30.60 -61.38 -16.74
C SER T 27 -30.84 -59.89 -16.64
N LEU T 28 -30.31 -59.28 -15.58
CA LEU T 28 -30.47 -57.86 -15.35
C LEU T 28 -29.83 -56.99 -16.41
N ARG T 29 -28.64 -57.38 -16.87
CA ARG T 29 -27.94 -56.61 -17.88
C ARG T 29 -28.73 -56.53 -19.19
N SER T 30 -29.36 -57.63 -19.57
CA SER T 30 -30.16 -57.67 -20.79
C SER T 30 -31.36 -56.74 -20.71
N ALA U 9 -8.69 -9.26 51.56
CA ALA U 9 -8.08 -8.28 52.45
C ALA U 9 -8.38 -8.62 53.91
N VAL U 10 -7.34 -8.57 54.73
CA VAL U 10 -7.49 -8.88 56.15
C VAL U 10 -7.75 -7.60 56.94
N THR U 11 -8.37 -7.75 58.11
CA THR U 11 -8.66 -6.58 58.99
C THR U 11 -7.35 -6.05 59.58
N PRO U 12 -7.00 -4.76 59.33
CA PRO U 12 -5.75 -4.18 59.84
C PRO U 12 -5.76 -4.03 61.37
N SER U 13 -5.13 -4.96 62.09
CA SER U 13 -5.08 -4.83 63.57
C SER U 13 -4.01 -3.78 63.91
N ARG U 14 -4.32 -2.84 64.80
CA ARG U 14 -3.37 -1.78 65.16
C ARG U 14 -2.16 -2.23 66.00
N SER U 15 -1.08 -1.48 65.84
CA SER U 15 0.19 -1.69 66.49
C SER U 15 0.54 -0.43 67.25
N ALA U 16 0.42 -0.50 68.57
CA ALA U 16 0.75 0.64 69.36
C ALA U 16 2.23 0.78 69.10
N LEU U 17 2.66 2.00 68.82
CA LEU U 17 4.05 2.28 68.58
C LEU U 17 4.77 2.36 69.90
N PRO U 18 6.11 2.24 69.89
CA PRO U 18 6.86 2.31 71.13
C PRO U 18 6.68 3.68 71.78
N SER U 19 6.73 3.76 73.10
CA SER U 19 6.47 5.02 73.81
C SER U 19 7.34 6.20 73.38
N ASN U 20 8.60 5.93 73.06
CA ASN U 20 9.51 6.98 72.62
C ASN U 20 9.51 7.19 71.11
N TRP U 21 8.52 6.64 70.39
CA TRP U 21 8.51 6.78 68.93
C TRP U 21 8.48 8.25 68.49
N LYS U 22 7.74 9.10 69.17
CA LYS U 22 7.73 10.51 68.80
C LYS U 22 9.12 11.08 69.04
N GLN U 23 9.69 10.73 70.19
CA GLN U 23 11.04 11.19 70.58
C GLN U 23 12.13 10.65 69.67
N GLU U 24 12.00 9.37 69.31
CA GLU U 24 12.99 8.70 68.46
C GLU U 24 13.04 9.38 67.11
N LEU U 25 11.87 9.71 66.58
CA LEU U 25 11.77 10.41 65.33
C LEU U 25 12.35 11.82 65.46
N GLU U 26 12.18 12.46 66.62
CA GLU U 26 12.67 13.82 66.74
C GLU U 26 14.20 13.88 66.74
N SER U 27 14.83 12.93 67.44
CA SER U 27 16.28 12.88 67.51
C SER U 27 16.89 12.58 66.14
N LEU U 28 16.25 11.66 65.41
CA LEU U 28 16.72 11.27 64.10
C LEU U 28 16.68 12.39 63.08
N ARG U 29 15.63 13.18 63.11
CA ARG U 29 15.46 14.27 62.16
C ARG U 29 16.58 15.30 62.31
N SER U 30 16.97 15.59 63.55
CA SER U 30 18.03 16.55 63.80
C SER U 30 19.37 16.07 63.25
N ALA V 9 33.77 -27.42 -30.42
CA ALA V 9 33.12 -28.35 -31.34
C ALA V 9 34.16 -29.10 -32.18
N VAL V 10 33.99 -30.41 -32.27
CA VAL V 10 34.91 -31.24 -33.03
C VAL V 10 34.41 -31.40 -34.47
N THR V 11 35.33 -31.70 -35.38
CA THR V 11 34.98 -31.91 -36.81
C THR V 11 34.18 -33.22 -36.96
N PRO V 12 32.93 -33.19 -37.46
CA PRO V 12 32.12 -34.40 -37.61
C PRO V 12 32.68 -35.35 -38.69
N SER V 13 33.40 -36.40 -38.26
CA SER V 13 33.92 -37.37 -39.27
C SER V 13 32.75 -38.27 -39.68
N ARG V 14 32.58 -38.51 -40.98
CA ARG V 14 31.48 -39.34 -41.48
C ARG V 14 31.61 -40.84 -41.18
N SER V 15 30.45 -41.49 -41.08
CA SER V 15 30.29 -42.89 -40.81
C SER V 15 29.48 -43.51 -41.95
N ALA V 16 30.18 -44.26 -42.78
CA ALA V 16 29.49 -44.90 -43.87
C ALA V 16 28.56 -45.84 -43.14
N LEU V 17 27.30 -45.84 -43.56
CA LEU V 17 26.32 -46.72 -42.96
C LEU V 17 26.51 -48.11 -43.54
N PRO V 18 25.95 -49.12 -42.87
CA PRO V 18 26.07 -50.50 -43.38
C PRO V 18 25.40 -50.61 -44.75
N SER V 19 25.89 -51.49 -45.60
CA SER V 19 25.38 -51.59 -46.98
C SER V 19 23.86 -51.85 -47.07
N ASN V 20 23.32 -52.64 -46.16
CA ASN V 20 21.90 -52.94 -46.14
C ASN V 20 21.08 -51.94 -45.31
N TRP V 21 21.66 -50.79 -44.94
CA TRP V 21 20.91 -49.84 -44.12
C TRP V 21 19.62 -49.37 -44.78
N LYS V 22 19.62 -49.14 -46.09
CA LYS V 22 18.39 -48.75 -46.75
C LYS V 22 17.40 -49.90 -46.67
N GLN V 23 17.89 -51.10 -46.92
CA GLN V 23 17.08 -52.32 -46.86
C GLN V 23 16.56 -52.63 -45.46
N GLU V 24 17.44 -52.44 -44.47
CA GLU V 24 17.11 -52.73 -43.08
C GLU V 24 15.97 -51.83 -42.63
N LEU V 25 16.06 -50.57 -43.02
CA LEU V 25 15.01 -49.61 -42.73
C LEU V 25 13.72 -49.98 -43.45
N GLU V 26 13.82 -50.52 -44.66
CA GLU V 26 12.60 -50.81 -45.40
C GLU V 26 11.84 -51.98 -44.77
N SER V 27 12.56 -53.00 -44.33
CA SER V 27 11.93 -54.16 -43.70
C SER V 27 11.27 -53.78 -42.38
N LEU V 28 11.95 -52.94 -41.62
CA LEU V 28 11.46 -52.50 -40.32
C LEU V 28 10.18 -51.69 -40.41
N ARG V 29 10.10 -50.81 -41.40
CA ARG V 29 8.93 -49.97 -41.57
C ARG V 29 7.67 -50.80 -41.82
N SER V 30 7.80 -51.85 -42.62
CA SER V 30 6.68 -52.72 -42.93
C SER V 30 6.16 -53.43 -41.69
N ALA W 9 48.02 -6.30 21.46
CA ALA W 9 48.39 -5.25 22.41
C ALA W 9 49.80 -5.49 22.97
N VAL W 10 50.61 -4.43 22.97
CA VAL W 10 51.97 -4.52 23.46
C VAL W 10 52.02 -4.16 24.94
N THR W 11 53.05 -4.64 25.63
CA THR W 11 53.24 -4.35 27.08
C THR W 11 53.62 -2.87 27.26
N PRO W 12 52.82 -2.07 28.00
CA PRO W 12 53.12 -0.65 28.20
C PRO W 12 54.37 -0.42 29.04
N SER W 13 55.52 -0.14 28.41
CA SER W 13 56.74 0.14 29.19
C SER W 13 56.64 1.56 29.74
N ARG W 14 56.95 1.76 31.02
CA ARG W 14 56.85 3.08 31.64
C ARG W 14 57.91 4.10 31.20
N SER W 15 57.52 5.37 31.27
CA SER W 15 58.32 6.51 30.91
C SER W 15 58.41 7.43 32.13
N ALA W 16 59.58 7.44 32.73
CA ALA W 16 59.76 8.30 33.87
C ALA W 16 59.61 9.67 33.25
N LEU W 17 58.82 10.50 33.91
CA LEU W 17 58.62 11.85 33.44
C LEU W 17 59.82 12.69 33.85
N PRO W 18 59.99 13.86 33.21
CA PRO W 18 61.12 14.72 33.55
C PRO W 18 61.00 15.17 35.01
N SER W 19 62.13 15.41 35.68
CA SER W 19 62.12 15.74 37.10
C SER W 19 61.27 16.96 37.47
N ASN W 20 61.24 17.96 36.62
CA ASN W 20 60.45 19.16 36.84
C ASN W 20 59.03 19.06 36.29
N TRP W 21 58.56 17.86 35.92
CA TRP W 21 57.22 17.75 35.34
C TRP W 21 56.12 18.26 36.29
N LYS W 22 56.24 18.00 37.59
CA LYS W 22 55.25 18.51 38.51
C LYS W 22 55.32 20.04 38.51
N GLN W 23 56.55 20.55 38.55
CA GLN W 23 56.80 21.98 38.55
C GLN W 23 56.37 22.66 37.25
N GLU W 24 56.66 22.00 36.14
CA GLU W 24 56.34 22.53 34.81
C GLU W 24 54.84 22.70 34.69
N LEU W 25 54.11 21.70 35.16
CA LEU W 25 52.67 21.75 35.15
C LEU W 25 52.17 22.85 36.08
N GLU W 26 52.85 23.08 37.20
CA GLU W 26 52.34 24.08 38.13
C GLU W 26 52.48 25.50 37.55
N SER W 27 53.61 25.78 36.89
CA SER W 27 53.84 27.08 36.29
C SER W 27 52.84 27.35 35.17
N LEU W 28 52.59 26.34 34.36
CA LEU W 28 51.68 26.46 33.23
C LEU W 28 50.25 26.75 33.64
N ARG W 29 49.79 26.10 34.71
CA ARG W 29 48.42 26.29 35.17
C ARG W 29 48.17 27.73 35.60
N SER W 30 49.15 28.34 36.26
CA SER W 30 49.02 29.72 36.70
C SER W 30 48.90 30.68 35.53
N ALA X 9 -9.19 16.58 -49.58
CA ALA X 9 -9.62 15.52 -50.50
C ALA X 9 -9.85 16.07 -51.90
N VAL X 10 -9.31 15.39 -52.89
CA VAL X 10 -9.47 15.81 -54.28
C VAL X 10 -10.69 15.14 -54.90
N THR X 11 -11.23 15.76 -55.95
CA THR X 11 -12.40 15.20 -56.68
C THR X 11 -11.98 13.94 -57.45
N PRO X 12 -12.58 12.77 -57.18
CA PRO X 12 -12.21 11.53 -57.86
C PRO X 12 -12.61 11.53 -59.35
N SER X 13 -11.65 11.82 -60.24
CA SER X 13 -11.98 11.80 -61.69
C SER X 13 -12.03 10.34 -62.13
N ARG X 14 -13.05 9.94 -62.89
CA ARG X 14 -13.21 8.56 -63.34
C ARG X 14 -12.21 8.10 -64.41
N SER X 15 -11.94 6.80 -64.40
CA SER X 15 -11.04 6.13 -65.29
C SER X 15 -11.82 5.02 -66.01
N ALA X 16 -12.08 5.26 -67.28
CA ALA X 16 -12.79 4.27 -68.04
C ALA X 16 -11.81 3.13 -68.03
N LEU X 17 -12.32 1.94 -67.74
CA LEU X 17 -11.49 0.76 -67.75
C LEU X 17 -11.29 0.30 -69.18
N PRO X 18 -10.27 -0.54 -69.42
CA PRO X 18 -10.03 -1.02 -70.77
C PRO X 18 -11.24 -1.83 -71.26
N SER X 19 -11.49 -1.82 -72.57
CA SER X 19 -12.68 -2.48 -73.12
C SER X 19 -12.82 -3.97 -72.76
N ASN X 20 -11.69 -4.68 -72.71
CA ASN X 20 -11.70 -6.09 -72.37
C ASN X 20 -11.57 -6.35 -70.86
N TRP X 21 -11.73 -5.33 -70.02
CA TRP X 21 -11.57 -5.55 -68.58
C TRP X 21 -12.53 -6.60 -68.02
N LYS X 22 -13.76 -6.65 -68.49
CA LYS X 22 -14.68 -7.67 -68.02
C LYS X 22 -14.15 -9.03 -68.48
N GLN X 23 -13.73 -9.09 -69.73
CA GLN X 23 -13.18 -10.32 -70.32
C GLN X 23 -11.87 -10.75 -69.68
N GLU X 24 -11.01 -9.79 -69.39
CA GLU X 24 -9.70 -10.04 -68.80
C GLU X 24 -9.89 -10.69 -67.44
N LEU X 25 -10.82 -10.14 -66.67
CA LEU X 25 -11.15 -10.67 -65.37
C LEU X 25 -11.75 -12.07 -65.51
N GLU X 26 -12.53 -12.32 -66.56
CA GLU X 26 -13.16 -13.63 -66.66
C GLU X 26 -12.13 -14.73 -66.95
N SER X 27 -11.16 -14.43 -67.82
CA SER X 27 -10.13 -15.40 -68.16
C SER X 27 -9.25 -15.71 -66.95
N LEU X 28 -8.91 -14.68 -66.20
CA LEU X 28 -8.06 -14.81 -65.03
C LEU X 28 -8.69 -15.67 -63.93
N ARG X 29 -9.99 -15.49 -63.71
CA ARG X 29 -10.67 -16.24 -62.66
C ARG X 29 -10.63 -17.74 -62.94
N SER X 30 -10.80 -18.12 -64.20
CA SER X 30 -10.77 -19.53 -64.58
C SER X 30 -9.40 -20.16 -64.32
#